data_1XKE
#
_entry.id   1XKE
#
_entity_poly.entity_id   1
_entity_poly.type   'polypeptide(L)'
_entity_poly.pdbx_seq_one_letter_code
;GSGEEDEKVLYSQRVKLFRFDAEVSQWKERGLGNLKILKNEVNGKLRMLMRREQVLKVCANHWITTTMNLKPLSGSDRAW
MWLASDFSDGDAKLEQLAAKFKTPELAEEFKQKFEECQRLLLDIPLQTPK
;
_entity_poly.pdbx_strand_id   A
#
# COMPACT_ATOMS: atom_id res chain seq x y z
N GLY A 1 -13.21 16.15 -1.39
CA GLY A 1 -13.78 16.55 -2.66
C GLY A 1 -12.89 16.16 -3.80
N SER A 2 -13.16 14.98 -4.38
CA SER A 2 -12.42 14.43 -5.50
C SER A 2 -10.97 14.10 -5.09
N GLY A 3 -10.74 13.86 -3.80
CA GLY A 3 -9.39 13.64 -3.34
C GLY A 3 -9.27 12.61 -2.25
N GLU A 4 -10.05 12.79 -1.20
CA GLU A 4 -10.01 11.88 -0.04
C GLU A 4 -11.06 10.80 -0.18
N GLU A 5 -11.78 10.89 -1.25
CA GLU A 5 -12.75 10.02 -1.68
C GLU A 5 -12.52 9.97 -3.15
N ASP A 6 -13.51 9.60 -3.90
CA ASP A 6 -13.47 9.59 -5.40
C ASP A 6 -12.63 8.43 -5.94
N GLU A 7 -12.36 7.52 -5.10
CA GLU A 7 -11.60 6.43 -5.41
C GLU A 7 -12.43 5.21 -5.52
N LYS A 8 -12.06 4.44 -6.45
CA LYS A 8 -12.75 3.25 -6.77
C LYS A 8 -11.83 2.04 -6.59
N VAL A 9 -12.39 0.87 -6.44
CA VAL A 9 -11.62 -0.33 -6.19
C VAL A 9 -11.42 -1.08 -7.49
N LEU A 10 -10.20 -1.26 -7.83
CA LEU A 10 -9.84 -2.03 -9.04
C LEU A 10 -9.24 -3.40 -8.75
N TYR A 11 -8.39 -3.48 -7.77
CA TYR A 11 -7.68 -4.72 -7.53
C TYR A 11 -7.50 -4.97 -6.05
N SER A 12 -7.55 -6.22 -5.67
CA SER A 12 -7.37 -6.65 -4.35
C SER A 12 -6.34 -7.82 -4.28
N GLN A 13 -5.46 -7.86 -3.26
CA GLN A 13 -4.46 -8.96 -3.11
C GLN A 13 -4.12 -9.31 -1.69
N ARG A 14 -3.94 -10.57 -1.43
CA ARG A 14 -3.66 -11.03 -0.11
C ARG A 14 -2.21 -10.77 0.22
N VAL A 15 -2.04 -10.01 1.24
CA VAL A 15 -0.76 -9.49 1.62
C VAL A 15 -0.65 -9.51 3.16
N LYS A 16 0.52 -9.26 3.66
CA LYS A 16 0.74 -9.13 5.08
C LYS A 16 1.06 -7.67 5.32
N LEU A 17 0.47 -7.04 6.34
CA LEU A 17 0.78 -5.67 6.59
C LEU A 17 1.67 -5.65 7.77
N PHE A 18 2.57 -4.74 7.79
CA PHE A 18 3.56 -4.60 8.84
C PHE A 18 3.67 -3.18 9.34
N ARG A 19 3.99 -3.03 10.59
CA ARG A 19 4.28 -1.83 11.22
C ARG A 19 5.68 -1.86 11.68
N PHE A 20 6.23 -0.75 11.65
CA PHE A 20 7.56 -0.56 12.08
C PHE A 20 7.47 -0.28 13.53
N ASP A 21 8.07 -1.07 14.25
CA ASP A 21 8.08 -0.92 15.67
C ASP A 21 9.18 -0.08 16.03
N ALA A 22 8.87 0.94 16.64
CA ALA A 22 9.80 1.91 17.14
C ALA A 22 10.58 1.30 18.27
N GLU A 23 9.90 0.50 19.07
CA GLU A 23 10.49 -0.12 20.21
C GLU A 23 11.28 -1.34 19.78
N VAL A 24 10.86 -1.97 18.69
CA VAL A 24 11.62 -3.13 18.22
C VAL A 24 12.62 -2.69 17.21
N SER A 25 12.43 -1.44 16.83
CA SER A 25 13.05 -0.86 15.69
C SER A 25 12.80 -1.73 14.52
N GLN A 26 11.65 -2.38 14.50
CA GLN A 26 11.57 -3.35 13.48
C GLN A 26 10.18 -3.52 12.95
N TRP A 27 10.08 -3.87 11.71
CA TRP A 27 8.87 -4.18 11.06
C TRP A 27 8.28 -5.50 11.62
N LYS A 28 7.08 -5.41 12.09
CA LYS A 28 6.31 -6.53 12.63
C LYS A 28 4.95 -6.41 12.07
N GLU A 29 4.33 -7.53 11.81
CA GLU A 29 3.13 -7.57 11.13
C GLU A 29 2.02 -6.88 11.87
N ARG A 30 1.23 -6.25 11.14
CA ARG A 30 0.05 -5.61 11.67
C ARG A 30 -1.07 -6.61 11.56
N GLY A 31 -0.91 -7.48 10.58
CA GLY A 31 -1.83 -8.51 10.34
C GLY A 31 -1.64 -9.08 8.96
N LEU A 32 -2.66 -9.68 8.49
CA LEU A 32 -2.75 -10.37 7.22
C LEU A 32 -4.02 -9.87 6.57
N GLY A 33 -4.02 -9.64 5.30
CA GLY A 33 -5.22 -9.19 4.69
C GLY A 33 -5.19 -9.20 3.20
N ASN A 34 -5.91 -8.29 2.66
CA ASN A 34 -6.10 -8.06 1.25
C ASN A 34 -5.88 -6.65 1.03
N LEU A 35 -5.06 -6.41 0.12
CA LEU A 35 -4.73 -5.14 -0.25
C LEU A 35 -5.72 -4.71 -1.27
N LYS A 36 -6.38 -3.70 -0.93
CA LYS A 36 -7.39 -3.16 -1.70
C LYS A 36 -6.81 -1.92 -2.35
N ILE A 37 -7.04 -1.74 -3.60
CA ILE A 37 -6.58 -0.57 -4.26
C ILE A 37 -7.72 0.28 -4.56
N LEU A 38 -7.64 1.46 -4.05
CA LEU A 38 -8.60 2.43 -4.39
C LEU A 38 -7.89 3.45 -5.23
N LYS A 39 -8.47 3.76 -6.31
CA LYS A 39 -7.93 4.67 -7.26
C LYS A 39 -8.88 5.78 -7.52
N ASN A 40 -8.41 6.99 -7.38
CA ASN A 40 -9.21 8.16 -7.72
C ASN A 40 -9.56 8.18 -9.19
N GLU A 41 -10.74 8.68 -9.47
CA GLU A 41 -11.26 8.87 -10.75
C GLU A 41 -10.41 9.89 -11.50
N VAL A 42 -9.75 10.75 -10.74
CA VAL A 42 -8.86 11.74 -11.20
C VAL A 42 -7.52 11.09 -11.55
N ASN A 43 -7.30 9.93 -10.92
CA ASN A 43 -6.08 9.15 -11.04
C ASN A 43 -4.93 9.98 -10.49
N GLY A 44 -5.27 10.77 -9.51
CA GLY A 44 -4.29 11.66 -8.90
C GLY A 44 -3.59 10.96 -7.78
N LYS A 45 -4.38 10.37 -6.93
CA LYS A 45 -3.89 9.59 -5.85
C LYS A 45 -4.56 8.24 -5.89
N LEU A 46 -3.79 7.23 -5.68
CA LEU A 46 -4.29 5.97 -5.52
C LEU A 46 -3.83 5.52 -4.21
N ARG A 47 -4.54 4.65 -3.67
CA ARG A 47 -4.26 4.14 -2.36
C ARG A 47 -4.24 2.65 -2.42
N MET A 48 -3.53 2.14 -1.53
CA MET A 48 -3.47 0.79 -1.22
C MET A 48 -3.87 0.76 0.22
N LEU A 49 -4.90 0.10 0.50
CA LEU A 49 -5.27 -0.14 1.86
C LEU A 49 -5.47 -1.57 2.08
N MET A 50 -5.26 -2.01 3.24
CA MET A 50 -5.37 -3.30 3.51
C MET A 50 -6.09 -3.49 4.76
N ARG A 51 -7.00 -4.23 4.60
CA ARG A 51 -7.93 -4.69 5.57
C ARG A 51 -7.54 -6.07 5.88
N ARG A 52 -7.71 -6.40 7.07
CA ARG A 52 -7.42 -7.63 7.55
C ARG A 52 -8.62 -8.42 7.24
N GLU A 53 -8.39 -9.45 6.56
CA GLU A 53 -9.39 -10.28 5.89
C GLU A 53 -10.37 -10.80 6.80
N GLN A 54 -9.94 -11.62 7.64
CA GLN A 54 -10.87 -12.23 8.51
C GLN A 54 -11.17 -11.30 9.69
N VAL A 55 -10.42 -10.23 9.75
CA VAL A 55 -10.51 -9.26 10.78
C VAL A 55 -11.43 -8.08 10.36
N LEU A 56 -11.91 -8.14 9.10
CA LEU A 56 -12.83 -7.24 8.44
C LEU A 56 -12.41 -5.73 8.53
N LYS A 57 -11.25 -5.50 8.95
CA LYS A 57 -10.82 -4.17 9.22
C LYS A 57 -9.50 -3.68 8.53
N VAL A 58 -9.65 -2.84 7.49
CA VAL A 58 -8.60 -1.90 7.00
C VAL A 58 -7.76 -1.27 8.13
N CYS A 59 -6.48 -1.45 8.01
CA CYS A 59 -5.55 -0.92 8.95
C CYS A 59 -4.65 0.15 8.35
N ALA A 60 -4.40 0.16 7.02
CA ALA A 60 -3.50 1.12 6.48
C ALA A 60 -3.92 1.58 5.17
N ASN A 61 -4.10 2.82 5.07
CA ASN A 61 -4.38 3.49 3.83
C ASN A 61 -3.19 4.25 3.39
N HIS A 62 -2.48 3.65 2.59
CA HIS A 62 -1.30 4.19 1.97
C HIS A 62 -1.57 4.64 0.51
N TRP A 63 -1.20 5.85 0.20
CA TRP A 63 -1.26 6.37 -1.16
C TRP A 63 0.03 5.99 -1.88
N ILE A 64 -0.06 5.54 -3.11
CA ILE A 64 1.05 5.18 -3.85
C ILE A 64 1.42 6.37 -4.74
N THR A 65 2.46 7.03 -4.36
CA THR A 65 2.93 8.17 -5.07
C THR A 65 4.43 8.22 -5.05
N THR A 66 4.95 9.00 -5.96
CA THR A 66 6.36 9.30 -6.10
C THR A 66 6.78 10.29 -5.01
N THR A 67 5.81 10.71 -4.20
CA THR A 67 6.01 11.65 -3.11
C THR A 67 6.56 10.86 -1.90
N MET A 68 6.59 9.58 -2.09
CA MET A 68 6.95 8.64 -1.16
C MET A 68 7.88 7.72 -1.90
N ASN A 69 8.58 6.97 -1.18
CA ASN A 69 9.55 6.02 -1.69
C ASN A 69 9.40 4.69 -0.97
N LEU A 70 9.62 3.63 -1.71
CA LEU A 70 9.63 2.33 -1.25
C LEU A 70 11.02 1.88 -0.99
N LYS A 71 11.17 1.28 0.08
CA LYS A 71 12.44 0.73 0.52
C LYS A 71 12.26 -0.72 0.99
N PRO A 72 13.09 -1.67 0.50
CA PRO A 72 13.02 -3.06 0.94
C PRO A 72 13.48 -3.22 2.40
N LEU A 73 12.85 -4.12 3.12
CA LEU A 73 13.16 -4.41 4.47
C LEU A 73 14.51 -5.08 4.50
N SER A 74 15.18 -5.03 5.61
CA SER A 74 16.43 -5.71 5.71
C SER A 74 16.26 -7.16 5.57
N GLY A 75 17.02 -7.73 4.70
CA GLY A 75 16.97 -9.11 4.58
C GLY A 75 15.94 -9.55 3.54
N SER A 76 15.04 -8.64 3.19
CA SER A 76 14.12 -8.81 2.17
C SER A 76 14.64 -8.07 0.97
N ASP A 77 14.35 -8.57 -0.16
CA ASP A 77 14.78 -7.98 -1.35
C ASP A 77 13.61 -7.45 -2.02
N ARG A 78 12.49 -8.12 -1.87
CA ARG A 78 11.40 -7.70 -2.61
C ARG A 78 10.12 -7.42 -1.83
N ALA A 79 10.25 -7.39 -0.55
CA ALA A 79 9.19 -6.97 0.34
C ALA A 79 9.62 -5.58 0.81
N TRP A 80 8.71 -4.65 0.81
CA TRP A 80 9.06 -3.26 0.90
C TRP A 80 8.19 -2.52 1.86
N MET A 81 8.68 -1.40 2.25
CA MET A 81 8.07 -0.56 3.14
C MET A 81 8.07 0.76 2.53
N TRP A 82 7.19 1.48 2.93
CA TRP A 82 6.92 2.72 2.41
C TRP A 82 6.73 3.62 3.56
N LEU A 83 6.96 4.85 3.42
CA LEU A 83 6.58 5.67 4.51
C LEU A 83 5.27 6.33 4.17
N ALA A 84 4.32 6.14 5.02
CA ALA A 84 3.01 6.72 4.82
C ALA A 84 2.41 7.11 6.11
N SER A 85 1.56 8.05 6.07
CA SER A 85 0.76 8.35 7.14
C SER A 85 -0.52 7.67 7.00
N ASP A 86 -0.62 6.66 7.75
CA ASP A 86 -1.80 5.90 7.74
C ASP A 86 -2.78 6.33 8.81
N PHE A 87 -4.01 6.50 8.41
CA PHE A 87 -5.11 6.72 9.29
C PHE A 87 -6.37 6.35 8.54
N SER A 88 -6.46 5.10 8.16
CA SER A 88 -7.73 4.60 7.56
C SER A 88 -8.73 4.64 8.70
N ASP A 89 -8.12 4.28 9.77
CA ASP A 89 -8.59 4.21 11.09
C ASP A 89 -7.37 3.65 11.79
N GLY A 90 -6.19 4.06 11.28
CA GLY A 90 -4.97 3.47 11.76
C GLY A 90 -4.33 4.37 12.71
N ASP A 91 -4.87 5.59 12.67
CA ASP A 91 -4.48 6.71 13.49
C ASP A 91 -3.25 7.35 12.94
N ALA A 92 -3.34 8.65 12.71
CA ALA A 92 -2.41 9.36 11.88
C ALA A 92 -1.07 9.55 12.51
N LYS A 93 -0.21 8.70 12.09
CA LYS A 93 1.18 8.73 12.36
C LYS A 93 1.82 8.44 11.05
N LEU A 94 3.00 8.90 10.85
CA LEU A 94 3.69 8.50 9.68
C LEU A 94 4.72 7.51 10.06
N GLU A 95 4.66 6.43 9.42
CA GLU A 95 5.37 5.33 9.74
C GLU A 95 5.78 4.72 8.50
N GLN A 96 6.70 3.93 8.64
CA GLN A 96 7.10 3.16 7.62
C GLN A 96 6.48 1.86 7.89
N LEU A 97 5.63 1.54 7.09
CA LEU A 97 4.93 0.34 7.15
C LEU A 97 5.22 -0.47 5.97
N ALA A 98 5.14 -1.73 6.14
CA ALA A 98 5.58 -2.64 5.13
C ALA A 98 4.50 -3.59 4.74
N ALA A 99 4.67 -4.20 3.60
CA ALA A 99 3.81 -5.23 3.16
C ALA A 99 4.63 -6.18 2.37
N LYS A 100 4.35 -7.42 2.51
CA LYS A 100 5.05 -8.37 1.84
C LYS A 100 4.13 -9.35 1.28
N PHE A 101 4.50 -9.74 0.19
CA PHE A 101 3.84 -10.75 -0.56
C PHE A 101 4.53 -12.08 -0.28
N LYS A 102 3.82 -13.17 -0.53
CA LYS A 102 4.27 -14.55 -0.19
C LYS A 102 5.63 -14.90 -0.77
N THR A 103 5.90 -14.37 -1.90
CA THR A 103 7.09 -14.68 -2.63
C THR A 103 7.57 -13.44 -3.33
N PRO A 104 8.90 -13.34 -3.59
CA PRO A 104 9.46 -12.29 -4.44
C PRO A 104 8.84 -12.26 -5.82
N GLU A 105 8.04 -13.19 -6.16
CA GLU A 105 7.32 -13.15 -7.41
C GLU A 105 6.27 -12.06 -7.33
N LEU A 106 5.48 -12.16 -6.27
CA LEU A 106 4.38 -11.27 -6.01
C LEU A 106 4.93 -9.96 -5.58
N ALA A 107 5.94 -10.08 -4.78
CA ALA A 107 6.66 -8.98 -4.24
C ALA A 107 7.43 -8.28 -5.36
N GLU A 108 8.11 -9.05 -6.23
CA GLU A 108 8.95 -8.39 -7.28
C GLU A 108 8.14 -7.72 -8.35
N GLU A 109 7.12 -8.40 -8.83
CA GLU A 109 6.23 -7.82 -9.84
C GLU A 109 5.64 -6.54 -9.34
N PHE A 110 5.18 -6.56 -8.11
CA PHE A 110 4.51 -5.44 -7.55
C PHE A 110 5.49 -4.29 -7.33
N LYS A 111 6.70 -4.61 -6.86
CA LYS A 111 7.75 -3.61 -6.51
C LYS A 111 8.08 -2.75 -7.72
N GLN A 112 8.38 -3.42 -8.80
CA GLN A 112 8.77 -2.79 -10.06
C GLN A 112 7.69 -1.91 -10.60
N LYS A 113 6.52 -2.49 -10.67
CA LYS A 113 5.37 -1.87 -11.19
C LYS A 113 4.97 -0.73 -10.33
N PHE A 114 5.19 -0.90 -9.06
CA PHE A 114 4.85 0.10 -8.04
C PHE A 114 5.60 1.40 -8.31
N GLU A 115 6.92 1.31 -8.41
CA GLU A 115 7.77 2.48 -8.65
C GLU A 115 7.44 3.08 -9.99
N GLU A 116 7.25 2.22 -11.00
CA GLU A 116 6.98 2.70 -12.33
C GLU A 116 5.70 3.51 -12.34
N CYS A 117 4.68 3.01 -11.67
CA CYS A 117 3.47 3.67 -11.54
C CYS A 117 3.65 4.98 -10.82
N GLN A 118 4.56 5.02 -9.83
CA GLN A 118 4.81 6.25 -9.11
C GLN A 118 5.24 7.35 -10.08
N ARG A 119 6.22 7.08 -10.93
CA ARG A 119 6.66 8.09 -11.92
C ARG A 119 5.69 8.31 -13.05
N LEU A 120 5.30 7.26 -13.56
CA LEU A 120 4.53 7.20 -14.76
C LEU A 120 3.07 7.58 -14.67
N LEU A 121 2.36 7.05 -13.66
CA LEU A 121 0.85 7.09 -13.57
C LEU A 121 0.33 8.51 -13.52
N LEU A 122 1.21 9.33 -13.16
CA LEU A 122 1.08 10.73 -13.04
C LEU A 122 0.75 11.43 -14.35
N ASP A 123 1.41 10.98 -15.38
CA ASP A 123 1.30 11.63 -16.68
C ASP A 123 0.46 10.82 -17.60
N ILE A 124 0.51 9.56 -17.38
CA ILE A 124 -0.14 8.63 -18.20
C ILE A 124 -1.52 8.31 -17.65
N PRO A 125 -2.56 8.54 -18.45
CA PRO A 125 -3.92 8.27 -18.05
C PRO A 125 -4.19 6.78 -17.98
N LEU A 126 -4.87 6.37 -16.95
CA LEU A 126 -5.24 4.99 -16.79
C LEU A 126 -6.65 5.00 -16.27
N GLN A 127 -7.58 4.92 -17.15
CA GLN A 127 -8.96 4.93 -16.76
C GLN A 127 -9.60 3.62 -17.10
N THR A 128 -10.20 3.03 -16.13
CA THR A 128 -10.85 1.78 -16.27
C THR A 128 -12.22 1.99 -16.94
N PRO A 129 -12.53 1.19 -17.98
CA PRO A 129 -13.82 1.27 -18.66
C PRO A 129 -14.96 0.98 -17.72
N LYS A 130 -16.09 1.53 -18.02
CA LYS A 130 -17.24 1.37 -17.21
C LYS A 130 -18.40 1.14 -18.14
N GLY A 1 -8.86 12.64 4.14
CA GLY A 1 -9.85 13.07 5.11
C GLY A 1 -11.02 13.70 4.41
N SER A 2 -12.16 13.78 5.11
CA SER A 2 -13.41 14.33 4.59
C SER A 2 -13.99 13.52 3.42
N GLY A 3 -13.45 13.73 2.23
CA GLY A 3 -13.92 13.06 1.06
C GLY A 3 -13.22 11.75 0.90
N GLU A 4 -13.73 10.77 1.56
CA GLU A 4 -13.14 9.45 1.57
C GLU A 4 -13.91 8.50 0.65
N GLU A 5 -14.27 8.99 -0.51
CA GLU A 5 -14.88 8.26 -1.51
C GLU A 5 -14.28 8.76 -2.77
N ASP A 6 -14.79 8.27 -3.85
CA ASP A 6 -14.41 8.61 -5.24
C ASP A 6 -13.28 7.74 -5.75
N GLU A 7 -12.83 6.87 -4.95
CA GLU A 7 -11.82 6.01 -5.34
C GLU A 7 -12.37 4.65 -5.37
N LYS A 8 -11.96 3.99 -6.35
CA LYS A 8 -12.50 2.73 -6.66
C LYS A 8 -11.43 1.66 -6.69
N VAL A 9 -11.89 0.42 -6.60
CA VAL A 9 -11.04 -0.72 -6.56
C VAL A 9 -10.40 -0.96 -7.90
N LEU A 10 -9.13 -0.90 -7.88
CA LEU A 10 -8.31 -1.19 -9.03
C LEU A 10 -7.95 -2.67 -8.99
N TYR A 11 -7.19 -3.04 -8.00
CA TYR A 11 -6.75 -4.42 -7.82
C TYR A 11 -6.66 -4.75 -6.34
N SER A 12 -7.07 -5.95 -6.00
CA SER A 12 -7.08 -6.46 -4.67
C SER A 12 -6.42 -7.87 -4.55
N GLN A 13 -5.45 -8.03 -3.63
CA GLN A 13 -4.85 -9.34 -3.35
C GLN A 13 -4.38 -9.47 -1.90
N ARG A 14 -4.28 -10.69 -1.40
CA ARG A 14 -3.84 -10.93 -0.05
C ARG A 14 -2.35 -10.76 0.08
N VAL A 15 -2.00 -9.93 0.99
CA VAL A 15 -0.68 -9.52 1.29
C VAL A 15 -0.49 -9.68 2.81
N LYS A 16 0.72 -9.45 3.28
CA LYS A 16 0.99 -9.42 4.69
C LYS A 16 1.37 -7.99 5.00
N LEU A 17 0.85 -7.39 6.05
CA LEU A 17 1.17 -6.05 6.32
C LEU A 17 2.12 -6.06 7.47
N PHE A 18 2.99 -5.14 7.48
CA PHE A 18 4.00 -5.02 8.49
C PHE A 18 4.15 -3.58 8.89
N ARG A 19 4.52 -3.33 10.11
CA ARG A 19 4.83 -2.09 10.62
C ARG A 19 6.24 -2.03 10.98
N PHE A 20 6.72 -0.91 10.84
CA PHE A 20 8.03 -0.59 11.18
C PHE A 20 7.92 -0.20 12.60
N ASP A 21 8.65 -0.81 13.37
CA ASP A 21 8.66 -0.49 14.75
C ASP A 21 9.63 0.56 14.97
N ALA A 22 9.16 1.59 15.43
CA ALA A 22 9.96 2.72 15.80
C ALA A 22 10.80 2.39 17.01
N GLU A 23 10.21 1.60 17.90
CA GLU A 23 10.86 1.19 19.09
C GLU A 23 11.79 0.04 18.82
N VAL A 24 11.44 -0.79 17.84
CA VAL A 24 12.31 -1.96 17.56
C VAL A 24 13.21 -1.65 16.42
N SER A 25 12.91 -0.53 15.80
CA SER A 25 13.46 -0.15 14.53
C SER A 25 13.23 -1.24 13.56
N GLN A 26 12.12 -1.96 13.70
CA GLN A 26 12.11 -3.11 12.91
C GLN A 26 10.72 -3.50 12.39
N TRP A 27 10.69 -4.23 11.30
CA TRP A 27 9.53 -4.74 10.70
C TRP A 27 8.84 -5.80 11.57
N LYS A 28 7.62 -5.52 11.89
CA LYS A 28 6.74 -6.36 12.69
C LYS A 28 5.44 -6.46 11.96
N GLU A 29 4.84 -7.63 11.93
CA GLU A 29 3.71 -7.79 11.17
C GLU A 29 2.49 -7.13 11.74
N ARG A 30 1.76 -6.58 10.87
CA ARG A 30 0.56 -5.84 11.19
C ARG A 30 -0.62 -6.76 11.07
N GLY A 31 -0.49 -7.71 10.18
CA GLY A 31 -1.52 -8.63 9.94
C GLY A 31 -1.39 -9.22 8.58
N LEU A 32 -2.48 -9.64 8.08
CA LEU A 32 -2.62 -10.34 6.81
C LEU A 32 -3.92 -9.84 6.20
N GLY A 33 -3.98 -9.75 4.89
CA GLY A 33 -5.22 -9.36 4.32
C GLY A 33 -5.13 -8.96 2.89
N ASN A 34 -6.23 -8.53 2.38
CA ASN A 34 -6.38 -8.11 1.02
C ASN A 34 -6.02 -6.70 0.88
N LEU A 35 -5.08 -6.55 0.09
CA LEU A 35 -4.56 -5.34 -0.28
C LEU A 35 -5.33 -4.89 -1.46
N LYS A 36 -5.94 -3.78 -1.36
CA LYS A 36 -6.58 -3.25 -2.46
C LYS A 36 -6.09 -1.85 -2.71
N ILE A 37 -6.13 -1.48 -3.92
CA ILE A 37 -5.77 -0.18 -4.31
C ILE A 37 -7.00 0.51 -4.71
N LEU A 38 -7.19 1.65 -4.16
CA LEU A 38 -8.27 2.44 -4.56
C LEU A 38 -7.68 3.59 -5.31
N LYS A 39 -8.22 3.82 -6.43
CA LYS A 39 -7.76 4.85 -7.29
C LYS A 39 -8.89 5.78 -7.51
N ASN A 40 -8.66 7.05 -7.33
CA ASN A 40 -9.72 8.03 -7.54
C ASN A 40 -10.20 8.07 -8.96
N GLU A 41 -11.46 8.34 -9.08
CA GLU A 41 -12.17 8.50 -10.29
C GLU A 41 -11.62 9.72 -11.02
N VAL A 42 -11.19 10.68 -10.22
CA VAL A 42 -10.58 11.88 -10.63
C VAL A 42 -9.12 11.59 -10.98
N ASN A 43 -8.65 10.47 -10.43
CA ASN A 43 -7.30 9.99 -10.51
C ASN A 43 -6.38 11.04 -9.94
N GLY A 44 -6.87 11.68 -8.90
CA GLY A 44 -6.14 12.74 -8.25
C GLY A 44 -5.22 12.20 -7.19
N LYS A 45 -5.75 11.27 -6.43
CA LYS A 45 -5.00 10.63 -5.41
C LYS A 45 -5.21 9.13 -5.59
N LEU A 46 -4.28 8.34 -5.16
CA LEU A 46 -4.38 6.95 -5.22
C LEU A 46 -4.07 6.46 -3.83
N ARG A 47 -4.62 5.36 -3.46
CA ARG A 47 -4.32 4.74 -2.15
C ARG A 47 -4.09 3.29 -2.35
N MET A 48 -3.42 2.77 -1.45
CA MET A 48 -3.12 1.44 -1.27
C MET A 48 -3.57 1.16 0.15
N LEU A 49 -4.49 0.30 0.31
CA LEU A 49 -4.86 -0.12 1.63
C LEU A 49 -4.94 -1.59 1.73
N MET A 50 -4.74 -2.07 2.88
CA MET A 50 -4.81 -3.35 3.16
C MET A 50 -5.64 -3.49 4.36
N ARG A 51 -6.53 -4.25 4.17
CA ARG A 51 -7.55 -4.64 5.10
C ARG A 51 -7.24 -6.02 5.53
N ARG A 52 -7.56 -6.29 6.75
CA ARG A 52 -7.30 -7.52 7.34
C ARG A 52 -8.37 -8.43 6.95
N GLU A 53 -7.93 -9.50 6.41
CA GLU A 53 -8.76 -10.54 5.79
C GLU A 53 -9.94 -10.93 6.55
N GLN A 54 -9.80 -11.68 7.55
CA GLN A 54 -10.97 -12.10 8.21
C GLN A 54 -11.46 -11.02 9.19
N VAL A 55 -10.64 -10.01 9.35
CA VAL A 55 -10.88 -8.94 10.26
C VAL A 55 -11.69 -7.76 9.63
N LEU A 56 -11.95 -7.87 8.32
CA LEU A 56 -12.70 -6.97 7.48
C LEU A 56 -12.27 -5.47 7.58
N LYS A 57 -11.20 -5.23 8.19
CA LYS A 57 -10.82 -3.88 8.39
C LYS A 57 -9.43 -3.43 7.90
N VAL A 58 -9.46 -2.68 6.82
CA VAL A 58 -8.38 -1.74 6.42
C VAL A 58 -7.62 -1.16 7.62
N CYS A 59 -6.34 -1.36 7.61
CA CYS A 59 -5.50 -0.87 8.66
C CYS A 59 -4.60 0.23 8.14
N ALA A 60 -4.15 0.10 6.89
CA ALA A 60 -3.23 0.97 6.38
C ALA A 60 -3.76 1.53 5.20
N ASN A 61 -3.66 2.75 5.14
CA ASN A 61 -4.02 3.49 4.01
C ASN A 61 -2.81 4.25 3.59
N HIS A 62 -2.15 3.70 2.69
CA HIS A 62 -0.95 4.27 2.15
C HIS A 62 -1.26 4.84 0.80
N TRP A 63 -0.97 6.06 0.57
CA TRP A 63 -1.06 6.59 -0.75
C TRP A 63 0.23 6.26 -1.44
N ILE A 64 0.10 5.75 -2.61
CA ILE A 64 1.19 5.31 -3.36
C ILE A 64 1.65 6.53 -4.19
N THR A 65 2.76 7.09 -3.81
CA THR A 65 3.27 8.28 -4.43
C THR A 65 4.77 8.27 -4.53
N THR A 66 5.26 9.07 -5.44
CA THR A 66 6.66 9.30 -5.66
C THR A 66 7.24 10.25 -4.58
N THR A 67 6.35 10.73 -3.71
CA THR A 67 6.70 11.63 -2.63
C THR A 67 7.25 10.78 -1.47
N MET A 68 7.05 9.51 -1.61
CA MET A 68 7.43 8.57 -0.72
C MET A 68 8.33 7.61 -1.45
N ASN A 69 9.01 6.89 -0.70
CA ASN A 69 10.00 5.96 -1.15
C ASN A 69 9.84 4.62 -0.44
N LEU A 70 10.05 3.56 -1.19
CA LEU A 70 10.08 2.29 -0.73
C LEU A 70 11.51 1.82 -0.53
N LYS A 71 11.69 1.21 0.54
CA LYS A 71 12.99 0.73 0.97
C LYS A 71 12.85 -0.73 1.37
N PRO A 72 13.85 -1.59 1.11
CA PRO A 72 13.78 -2.99 1.48
C PRO A 72 14.31 -3.25 2.89
N LEU A 73 13.67 -4.17 3.60
CA LEU A 73 14.05 -4.56 4.89
C LEU A 73 15.08 -5.68 4.85
N SER A 74 15.65 -5.98 6.00
CA SER A 74 16.53 -7.11 6.13
C SER A 74 15.77 -8.38 6.03
N GLY A 75 16.38 -9.37 5.47
CA GLY A 75 15.78 -10.65 5.47
C GLY A 75 14.69 -10.79 4.40
N SER A 76 14.41 -9.70 3.76
CA SER A 76 13.48 -9.60 2.68
C SER A 76 14.07 -10.08 1.43
N ASP A 77 13.20 -10.45 0.59
CA ASP A 77 13.47 -10.86 -0.68
C ASP A 77 13.06 -9.75 -1.54
N ARG A 78 11.81 -9.42 -1.44
CA ARG A 78 11.18 -8.37 -2.20
C ARG A 78 9.99 -7.76 -1.47
N ALA A 79 10.14 -7.62 -0.22
CA ALA A 79 9.20 -6.95 0.63
C ALA A 79 9.85 -5.61 0.98
N TRP A 80 9.10 -4.53 0.91
CA TRP A 80 9.65 -3.21 1.07
C TRP A 80 8.71 -2.47 1.98
N MET A 81 9.17 -1.39 2.55
CA MET A 81 8.43 -0.58 3.40
C MET A 81 8.50 0.77 2.87
N TRP A 82 7.47 1.41 3.05
CA TRP A 82 7.28 2.68 2.57
C TRP A 82 6.70 3.51 3.66
N LEU A 83 6.96 4.76 3.68
CA LEU A 83 6.43 5.52 4.75
C LEU A 83 5.30 6.43 4.27
N ALA A 84 4.20 6.35 4.93
CA ALA A 84 3.03 7.12 4.57
C ALA A 84 2.32 7.52 5.81
N SER A 85 1.46 8.47 5.71
CA SER A 85 0.60 8.75 6.76
C SER A 85 -0.54 7.83 6.64
N ASP A 86 -0.41 6.90 7.47
CA ASP A 86 -1.16 5.77 7.48
C ASP A 86 -1.91 5.49 8.77
N PHE A 87 -3.23 5.35 8.58
CA PHE A 87 -4.19 4.75 9.42
C PHE A 87 -5.56 5.32 9.05
N SER A 88 -6.32 4.47 8.47
CA SER A 88 -7.59 4.78 7.87
C SER A 88 -8.58 5.09 8.93
N ASP A 89 -8.49 4.35 10.03
CA ASP A 89 -9.44 4.52 11.07
C ASP A 89 -8.71 4.80 12.36
N GLY A 90 -7.42 4.81 12.21
CA GLY A 90 -6.57 5.01 13.28
C GLY A 90 -5.93 6.33 13.16
N ASP A 91 -6.24 6.97 12.03
CA ASP A 91 -5.85 8.38 11.74
C ASP A 91 -4.47 8.49 11.14
N ALA A 92 -4.38 9.26 10.07
CA ALA A 92 -3.21 9.30 9.24
C ALA A 92 -2.05 10.06 9.87
N LYS A 93 -1.14 9.29 10.39
CA LYS A 93 0.10 9.70 10.95
C LYS A 93 1.13 8.88 10.24
N LEU A 94 2.32 9.35 10.10
CA LEU A 94 3.24 8.60 9.30
C LEU A 94 3.83 7.42 10.02
N GLU A 95 3.71 6.34 9.36
CA GLU A 95 4.03 5.07 9.73
C GLU A 95 4.69 4.53 8.57
N GLN A 96 5.51 3.68 8.83
CA GLN A 96 6.20 3.09 7.87
C GLN A 96 5.79 1.67 7.97
N LEU A 97 5.17 1.25 6.99
CA LEU A 97 4.68 -0.04 6.94
C LEU A 97 5.23 -0.76 5.74
N ALA A 98 5.36 -2.03 5.87
CA ALA A 98 5.90 -2.87 4.85
C ALA A 98 4.88 -3.84 4.41
N ALA A 99 5.04 -4.36 3.24
CA ALA A 99 4.16 -5.38 2.77
C ALA A 99 4.92 -6.41 1.97
N LYS A 100 4.72 -7.63 2.34
CA LYS A 100 5.36 -8.71 1.76
C LYS A 100 4.31 -9.55 1.17
N PHE A 101 4.68 -10.06 0.14
CA PHE A 101 3.91 -10.99 -0.61
C PHE A 101 4.50 -12.37 -0.45
N LYS A 102 3.68 -13.38 -0.74
CA LYS A 102 4.03 -14.80 -0.57
C LYS A 102 5.42 -15.14 -1.09
N THR A 103 5.68 -14.74 -2.29
CA THR A 103 6.91 -15.08 -2.96
C THR A 103 7.49 -13.82 -3.53
N PRO A 104 8.81 -13.79 -3.89
CA PRO A 104 9.42 -12.66 -4.58
C PRO A 104 8.79 -12.40 -5.92
N GLU A 105 7.97 -13.24 -6.35
CA GLU A 105 7.23 -13.07 -7.57
C GLU A 105 6.22 -11.98 -7.34
N LEU A 106 5.45 -12.20 -6.31
CA LEU A 106 4.39 -11.32 -5.95
C LEU A 106 4.97 -10.11 -5.30
N ALA A 107 5.97 -10.37 -4.52
CA ALA A 107 6.69 -9.35 -3.84
C ALA A 107 7.44 -8.52 -4.84
N GLU A 108 8.13 -9.15 -5.79
CA GLU A 108 8.94 -8.32 -6.71
C GLU A 108 8.09 -7.56 -7.70
N GLU A 109 7.21 -8.25 -8.38
CA GLU A 109 6.44 -7.63 -9.44
C GLU A 109 5.54 -6.54 -8.94
N PHE A 110 4.97 -6.73 -7.77
CA PHE A 110 4.09 -5.71 -7.24
C PHE A 110 4.91 -4.50 -6.85
N LYS A 111 6.04 -4.73 -6.21
CA LYS A 111 6.89 -3.63 -5.75
C LYS A 111 7.56 -2.83 -6.87
N GLN A 112 8.03 -3.53 -7.88
CA GLN A 112 8.57 -2.88 -9.08
C GLN A 112 7.51 -1.97 -9.67
N LYS A 113 6.33 -2.55 -9.83
CA LYS A 113 5.20 -1.88 -10.39
C LYS A 113 4.77 -0.77 -9.48
N PHE A 114 5.04 -0.96 -8.22
CA PHE A 114 4.63 -0.01 -7.18
C PHE A 114 5.37 1.31 -7.33
N GLU A 115 6.70 1.25 -7.41
CA GLU A 115 7.47 2.45 -7.61
C GLU A 115 7.21 3.02 -8.99
N GLU A 116 6.95 2.14 -9.98
CA GLU A 116 6.62 2.58 -11.30
C GLU A 116 5.35 3.41 -11.26
N CYS A 117 4.35 2.89 -10.56
CA CYS A 117 3.13 3.52 -10.35
C CYS A 117 3.30 4.83 -9.63
N GLN A 118 4.29 4.91 -8.75
CA GLN A 118 4.59 6.16 -8.08
C GLN A 118 4.82 7.24 -9.12
N ARG A 119 5.65 6.95 -10.12
CA ARG A 119 5.81 7.89 -11.24
C ARG A 119 4.62 7.95 -12.16
N LEU A 120 4.22 6.83 -12.53
CA LEU A 120 3.24 6.62 -13.57
C LEU A 120 1.79 6.87 -13.27
N LEU A 121 1.29 6.32 -12.15
CA LEU A 121 -0.20 6.17 -11.85
C LEU A 121 -0.86 7.54 -11.81
N LEU A 122 -0.03 8.45 -11.61
CA LEU A 122 -0.30 9.83 -11.50
C LEU A 122 -0.89 10.44 -12.76
N ASP A 123 -0.36 10.05 -13.88
CA ASP A 123 -0.70 10.69 -15.14
C ASP A 123 -1.49 9.76 -16.01
N ILE A 124 -1.10 8.54 -15.94
CA ILE A 124 -1.60 7.52 -16.82
C ILE A 124 -2.96 6.96 -16.41
N PRO A 125 -3.95 6.99 -17.31
CA PRO A 125 -5.19 6.32 -17.05
C PRO A 125 -5.02 4.79 -17.10
N LEU A 126 -5.53 4.12 -16.10
CA LEU A 126 -5.53 2.65 -16.05
C LEU A 126 -6.92 2.14 -16.30
N GLN A 127 -7.66 2.97 -16.96
CA GLN A 127 -9.01 2.70 -17.37
C GLN A 127 -9.04 3.00 -18.84
N THR A 128 -9.90 2.38 -19.56
CA THR A 128 -10.06 2.77 -20.93
C THR A 128 -11.04 3.95 -20.94
N PRO A 129 -10.61 5.11 -21.43
CA PRO A 129 -11.37 6.34 -21.35
C PRO A 129 -12.59 6.39 -22.26
N LYS A 130 -13.69 6.77 -21.68
CA LYS A 130 -14.92 7.04 -22.37
C LYS A 130 -15.64 8.10 -21.57
N GLY A 1 -14.98 16.80 -2.26
CA GLY A 1 -13.58 16.40 -2.10
C GLY A 1 -13.49 14.96 -1.73
N SER A 2 -12.75 14.20 -2.51
CA SER A 2 -12.57 12.78 -2.33
C SER A 2 -12.00 12.48 -0.94
N GLY A 3 -12.79 11.85 -0.10
CA GLY A 3 -12.32 11.50 1.21
C GLY A 3 -12.14 10.02 1.31
N GLU A 4 -13.22 9.30 1.19
CA GLU A 4 -13.23 7.86 1.28
C GLU A 4 -14.12 7.31 0.18
N GLU A 5 -14.40 8.16 -0.78
CA GLU A 5 -15.19 7.92 -1.85
C GLU A 5 -14.58 8.65 -2.95
N ASP A 6 -15.09 8.38 -4.09
CA ASP A 6 -14.62 8.89 -5.41
C ASP A 6 -13.46 8.05 -5.88
N GLU A 7 -13.19 7.07 -5.11
CA GLU A 7 -12.15 6.21 -5.33
C GLU A 7 -12.72 4.87 -5.47
N LYS A 8 -12.18 4.16 -6.37
CA LYS A 8 -12.72 2.91 -6.70
C LYS A 8 -11.72 1.80 -6.58
N VAL A 9 -12.21 0.57 -6.47
CA VAL A 9 -11.38 -0.58 -6.32
C VAL A 9 -10.85 -0.94 -7.67
N LEU A 10 -9.59 -0.91 -7.78
CA LEU A 10 -8.92 -1.29 -8.99
C LEU A 10 -8.42 -2.72 -8.89
N TYR A 11 -7.77 -3.03 -7.82
CA TYR A 11 -7.22 -4.36 -7.63
C TYR A 11 -7.18 -4.69 -6.17
N SER A 12 -7.50 -5.91 -5.87
CA SER A 12 -7.52 -6.43 -4.56
C SER A 12 -6.75 -7.76 -4.49
N GLN A 13 -5.73 -7.83 -3.65
CA GLN A 13 -4.98 -9.08 -3.46
C GLN A 13 -4.45 -9.20 -2.06
N ARG A 14 -4.43 -10.41 -1.55
CA ARG A 14 -4.05 -10.64 -0.20
C ARG A 14 -2.54 -10.58 -0.06
N VAL A 15 -2.14 -9.74 0.80
CA VAL A 15 -0.78 -9.41 1.03
C VAL A 15 -0.52 -9.58 2.53
N LYS A 16 0.70 -9.45 2.94
CA LYS A 16 1.05 -9.47 4.33
C LYS A 16 1.44 -8.05 4.66
N LEU A 17 0.86 -7.45 5.69
CA LEU A 17 1.15 -6.08 5.94
C LEU A 17 2.08 -6.01 7.07
N PHE A 18 2.92 -5.05 7.05
CA PHE A 18 3.93 -4.84 8.03
C PHE A 18 4.02 -3.37 8.38
N ARG A 19 4.34 -3.09 9.60
CA ARG A 19 4.67 -1.78 10.04
C ARG A 19 5.99 -1.82 10.65
N PHE A 20 6.58 -0.79 10.50
CA PHE A 20 7.85 -0.52 11.00
C PHE A 20 7.59 0.23 12.24
N ASP A 21 7.94 -0.34 13.30
CA ASP A 21 7.72 0.31 14.54
C ASP A 21 8.84 1.16 14.83
N ALA A 22 8.54 2.34 14.97
CA ALA A 22 9.48 3.36 15.32
C ALA A 22 9.92 3.16 16.75
N GLU A 23 8.98 2.72 17.57
CA GLU A 23 9.20 2.53 18.97
C GLU A 23 9.86 1.19 19.22
N VAL A 24 9.65 0.24 18.30
CA VAL A 24 10.31 -1.07 18.44
C VAL A 24 11.51 -1.12 17.56
N SER A 25 11.60 -0.10 16.74
CA SER A 25 12.48 -0.05 15.63
C SER A 25 12.30 -1.25 14.79
N GLN A 26 11.09 -1.79 14.74
CA GLN A 26 11.09 -3.03 14.07
C GLN A 26 9.96 -3.22 13.07
N TRP A 27 10.26 -3.92 12.02
CA TRP A 27 9.38 -4.28 11.02
C TRP A 27 8.57 -5.50 11.49
N LYS A 28 7.33 -5.29 11.73
CA LYS A 28 6.46 -6.34 12.21
C LYS A 28 5.19 -6.35 11.46
N GLU A 29 4.75 -7.55 11.17
CA GLU A 29 3.59 -7.75 10.49
C GLU A 29 2.40 -7.19 11.21
N ARG A 30 1.65 -6.52 10.45
CA ARG A 30 0.48 -5.83 10.91
C ARG A 30 -0.69 -6.74 10.76
N GLY A 31 -0.53 -7.69 9.88
CA GLY A 31 -1.52 -8.64 9.64
C GLY A 31 -1.37 -9.18 8.26
N LEU A 32 -2.40 -9.71 7.79
CA LEU A 32 -2.50 -10.37 6.52
C LEU A 32 -3.87 -9.99 5.97
N GLY A 33 -3.94 -9.65 4.74
CA GLY A 33 -5.22 -9.28 4.21
C GLY A 33 -5.15 -8.80 2.80
N ASN A 34 -6.27 -8.44 2.29
CA ASN A 34 -6.46 -8.03 0.94
C ASN A 34 -6.16 -6.63 0.82
N LEU A 35 -5.21 -6.42 0.03
CA LEU A 35 -4.80 -5.15 -0.30
C LEU A 35 -5.61 -4.73 -1.45
N LYS A 36 -6.30 -3.70 -1.25
CA LYS A 36 -7.12 -3.17 -2.23
C LYS A 36 -6.66 -1.79 -2.57
N ILE A 37 -6.92 -1.40 -3.75
CA ILE A 37 -6.56 -0.12 -4.22
C ILE A 37 -7.78 0.67 -4.38
N LEU A 38 -7.83 1.80 -3.74
CA LEU A 38 -8.88 2.72 -4.10
C LEU A 38 -8.21 3.85 -4.79
N LYS A 39 -8.74 4.24 -5.88
CA LYS A 39 -8.17 5.32 -6.60
C LYS A 39 -9.20 6.32 -6.99
N ASN A 40 -8.90 7.54 -6.68
CA ASN A 40 -9.77 8.68 -6.97
C ASN A 40 -9.98 8.85 -8.45
N GLU A 41 -11.15 9.32 -8.81
CA GLU A 41 -11.50 9.68 -10.10
C GLU A 41 -10.77 10.96 -10.47
N VAL A 42 -10.35 11.70 -9.43
CA VAL A 42 -9.54 12.82 -9.54
C VAL A 42 -8.12 12.32 -9.76
N ASN A 43 -7.93 11.06 -9.33
CA ASN A 43 -6.71 10.30 -9.40
C ASN A 43 -5.64 11.04 -8.64
N GLY A 44 -6.10 11.73 -7.61
CA GLY A 44 -5.20 12.49 -6.78
C GLY A 44 -4.55 11.58 -5.79
N LYS A 45 -5.34 10.92 -5.01
CA LYS A 45 -4.87 9.97 -4.07
C LYS A 45 -5.22 8.59 -4.55
N LEU A 46 -4.23 7.77 -4.65
CA LEU A 46 -4.42 6.43 -4.94
C LEU A 46 -3.94 5.73 -3.74
N ARG A 47 -4.69 4.86 -3.28
CA ARG A 47 -4.41 4.16 -2.04
C ARG A 47 -4.42 2.69 -2.16
N MET A 48 -3.59 2.11 -1.40
CA MET A 48 -3.56 0.74 -1.13
C MET A 48 -3.93 0.62 0.30
N LEU A 49 -4.96 -0.02 0.57
CA LEU A 49 -5.24 -0.35 1.91
C LEU A 49 -5.53 -1.78 2.02
N MET A 50 -5.14 -2.33 3.08
CA MET A 50 -5.24 -3.63 3.30
C MET A 50 -5.97 -3.80 4.53
N ARG A 51 -6.92 -4.49 4.36
CA ARG A 51 -7.87 -4.91 5.34
C ARG A 51 -7.58 -6.32 5.61
N ARG A 52 -7.81 -6.68 6.79
CA ARG A 52 -7.58 -7.94 7.23
C ARG A 52 -8.82 -8.67 6.86
N GLU A 53 -8.63 -9.69 6.14
CA GLU A 53 -9.70 -10.48 5.51
C GLU A 53 -10.67 -11.03 6.42
N GLN A 54 -10.28 -11.89 7.26
CA GLN A 54 -11.26 -12.44 8.12
C GLN A 54 -11.54 -11.51 9.30
N VAL A 55 -10.74 -10.48 9.39
CA VAL A 55 -10.80 -9.53 10.43
C VAL A 55 -11.65 -8.28 10.02
N LEU A 56 -12.12 -8.28 8.75
CA LEU A 56 -12.98 -7.28 8.12
C LEU A 56 -12.46 -5.81 8.25
N LYS A 57 -11.28 -5.68 8.67
CA LYS A 57 -10.75 -4.38 8.97
C LYS A 57 -9.44 -3.94 8.29
N VAL A 58 -9.56 -3.05 7.31
CA VAL A 58 -8.49 -2.12 6.88
C VAL A 58 -7.54 -1.78 8.02
N CYS A 59 -6.35 -2.17 7.83
CA CYS A 59 -5.35 -1.97 8.78
C CYS A 59 -4.52 -0.75 8.41
N ALA A 60 -4.19 -0.56 7.12
CA ALA A 60 -3.34 0.49 6.73
C ALA A 60 -3.76 1.00 5.46
N ASN A 61 -3.71 2.24 5.38
CA ASN A 61 -3.86 2.96 4.17
C ASN A 61 -2.56 3.55 3.74
N HIS A 62 -2.07 3.02 2.74
CA HIS A 62 -0.88 3.50 2.09
C HIS A 62 -1.18 4.05 0.67
N TRP A 63 -0.84 5.28 0.40
CA TRP A 63 -0.93 5.84 -0.93
C TRP A 63 0.33 5.51 -1.70
N ILE A 64 0.20 5.29 -2.96
CA ILE A 64 1.29 4.94 -3.77
C ILE A 64 1.66 6.17 -4.59
N THR A 65 2.76 6.78 -4.21
CA THR A 65 3.24 7.96 -4.85
C THR A 65 4.75 8.00 -4.94
N THR A 66 5.21 8.82 -5.85
CA THR A 66 6.60 9.13 -6.04
C THR A 66 7.09 10.11 -4.95
N THR A 67 6.15 10.56 -4.13
CA THR A 67 6.43 11.48 -3.03
C THR A 67 6.95 10.65 -1.84
N MET A 68 6.92 9.37 -2.04
CA MET A 68 7.31 8.44 -1.14
C MET A 68 8.28 7.53 -1.86
N ASN A 69 8.92 6.77 -1.12
CA ASN A 69 10.02 5.96 -1.53
C ASN A 69 9.89 4.59 -0.92
N LEU A 70 10.19 3.59 -1.70
CA LEU A 70 10.23 2.30 -1.28
C LEU A 70 11.65 1.89 -0.95
N LYS A 71 11.76 1.27 0.13
CA LYS A 71 13.06 0.85 0.65
C LYS A 71 12.95 -0.58 1.23
N PRO A 72 13.86 -1.50 0.91
CA PRO A 72 13.79 -2.88 1.42
C PRO A 72 14.32 -3.02 2.85
N LEU A 73 13.60 -3.79 3.66
CA LEU A 73 13.94 -4.05 5.02
C LEU A 73 14.87 -5.23 5.16
N SER A 74 15.26 -5.50 6.40
CA SER A 74 15.97 -6.70 6.72
C SER A 74 15.06 -7.85 6.60
N GLY A 75 15.58 -8.95 6.20
CA GLY A 75 14.80 -10.12 6.18
C GLY A 75 13.88 -10.19 4.98
N SER A 76 13.95 -9.18 4.15
CA SER A 76 13.24 -9.12 2.92
C SER A 76 13.93 -9.94 1.87
N ASP A 77 13.14 -10.32 0.97
CA ASP A 77 13.48 -10.98 -0.18
C ASP A 77 13.21 -10.01 -1.26
N ARG A 78 11.96 -9.63 -1.32
CA ARG A 78 11.42 -8.73 -2.30
C ARG A 78 10.25 -7.93 -1.71
N ALA A 79 10.40 -7.62 -0.49
CA ALA A 79 9.48 -6.83 0.25
C ALA A 79 10.12 -5.43 0.46
N TRP A 80 9.32 -4.41 0.49
CA TRP A 80 9.82 -3.05 0.62
C TRP A 80 8.93 -2.37 1.58
N MET A 81 9.40 -1.30 2.10
CA MET A 81 8.71 -0.55 3.00
C MET A 81 8.58 0.74 2.39
N TRP A 82 7.62 1.36 2.78
CA TRP A 82 7.23 2.55 2.25
C TRP A 82 6.93 3.43 3.40
N LEU A 83 7.05 4.67 3.27
CA LEU A 83 6.58 5.44 4.35
C LEU A 83 5.21 5.99 3.97
N ALA A 84 4.27 5.75 4.82
CA ALA A 84 2.90 6.01 4.52
C ALA A 84 2.19 6.60 5.67
N SER A 85 1.28 7.44 5.39
CA SER A 85 0.41 7.90 6.33
C SER A 85 -0.79 7.07 6.37
N ASP A 86 -0.83 6.31 7.40
CA ASP A 86 -1.91 5.44 7.62
C ASP A 86 -2.75 5.94 8.74
N PHE A 87 -3.99 6.16 8.46
CA PHE A 87 -4.85 6.75 9.39
C PHE A 87 -6.19 6.14 9.32
N SER A 88 -6.21 4.96 8.79
CA SER A 88 -7.42 4.19 8.62
C SER A 88 -7.87 3.84 9.97
N ASP A 89 -6.86 3.60 10.79
CA ASP A 89 -7.04 3.29 12.13
C ASP A 89 -5.77 3.73 12.85
N GLY A 90 -4.90 4.48 12.14
CA GLY A 90 -3.67 4.80 12.71
C GLY A 90 -3.61 6.21 13.03
N ASP A 91 -4.65 6.93 12.56
CA ASP A 91 -4.77 8.39 12.73
C ASP A 91 -3.73 9.06 11.84
N ALA A 92 -3.85 10.32 11.48
CA ALA A 92 -2.97 10.79 10.43
C ALA A 92 -1.55 11.00 10.93
N LYS A 93 -0.78 9.98 10.71
CA LYS A 93 0.59 9.94 11.02
C LYS A 93 1.31 9.23 9.90
N LEU A 94 2.58 9.51 9.73
CA LEU A 94 3.34 8.76 8.77
C LEU A 94 4.25 7.79 9.50
N GLU A 95 4.24 6.59 9.02
CA GLU A 95 4.85 5.50 9.56
C GLU A 95 5.39 4.79 8.41
N GLN A 96 6.23 3.95 8.69
CA GLN A 96 6.83 3.23 7.75
C GLN A 96 6.11 1.93 7.76
N LEU A 97 5.60 1.68 6.70
CA LEU A 97 4.77 0.55 6.46
C LEU A 97 5.46 -0.34 5.46
N ALA A 98 5.19 -1.58 5.48
CA ALA A 98 5.83 -2.49 4.59
C ALA A 98 4.88 -3.57 4.20
N ALA A 99 5.17 -4.25 3.13
CA ALA A 99 4.37 -5.37 2.73
C ALA A 99 5.18 -6.37 1.96
N LYS A 100 4.96 -7.62 2.21
CA LYS A 100 5.59 -8.60 1.52
C LYS A 100 4.59 -9.51 1.00
N PHE A 101 4.92 -9.95 -0.07
CA PHE A 101 4.13 -10.91 -0.77
C PHE A 101 4.65 -12.31 -0.44
N LYS A 102 3.92 -13.34 -0.84
CA LYS A 102 4.28 -14.71 -0.47
C LYS A 102 5.65 -15.10 -1.00
N THR A 103 5.88 -14.82 -2.23
CA THR A 103 7.07 -15.20 -2.91
C THR A 103 7.69 -13.96 -3.50
N PRO A 104 9.00 -13.96 -3.83
CA PRO A 104 9.65 -12.85 -4.53
C PRO A 104 9.08 -12.65 -5.91
N GLU A 105 8.25 -13.47 -6.32
CA GLU A 105 7.54 -13.34 -7.57
C GLU A 105 6.57 -12.20 -7.43
N LEU A 106 5.76 -12.37 -6.40
CA LEU A 106 4.66 -11.51 -6.11
C LEU A 106 5.21 -10.27 -5.56
N ALA A 107 6.20 -10.47 -4.73
CA ALA A 107 6.90 -9.43 -4.11
C ALA A 107 7.74 -8.68 -5.12
N GLU A 108 8.47 -9.38 -5.99
CA GLU A 108 9.38 -8.62 -6.90
C GLU A 108 8.61 -7.87 -7.96
N GLU A 109 7.70 -8.54 -8.61
CA GLU A 109 6.90 -7.94 -9.67
C GLU A 109 6.13 -6.74 -9.20
N PHE A 110 5.54 -6.85 -8.02
CA PHE A 110 4.76 -5.78 -7.49
C PHE A 110 5.61 -4.55 -7.25
N LYS A 111 6.76 -4.74 -6.64
CA LYS A 111 7.61 -3.60 -6.21
C LYS A 111 8.23 -2.82 -7.37
N GLN A 112 8.67 -3.52 -8.38
CA GLN A 112 9.23 -2.89 -9.59
C GLN A 112 8.17 -2.05 -10.25
N LYS A 113 7.02 -2.67 -10.38
CA LYS A 113 5.88 -2.08 -11.02
C LYS A 113 5.37 -0.96 -10.15
N PHE A 114 5.63 -1.12 -8.88
CA PHE A 114 5.21 -0.16 -7.85
C PHE A 114 5.89 1.19 -8.05
N GLU A 115 7.22 1.20 -8.16
CA GLU A 115 7.93 2.45 -8.38
C GLU A 115 7.52 3.03 -9.74
N GLU A 116 7.25 2.14 -10.72
CA GLU A 116 6.79 2.58 -12.01
C GLU A 116 5.47 3.33 -11.85
N CYS A 117 4.55 2.72 -11.11
CA CYS A 117 3.31 3.25 -10.79
C CYS A 117 3.45 4.56 -10.05
N GLN A 118 4.49 4.69 -9.24
CA GLN A 118 4.74 5.93 -8.53
C GLN A 118 4.83 7.08 -9.51
N ARG A 119 5.62 6.91 -10.57
CA ARG A 119 5.68 7.95 -11.61
C ARG A 119 4.43 8.01 -12.47
N LEU A 120 4.09 6.88 -12.87
CA LEU A 120 3.09 6.65 -13.87
C LEU A 120 1.64 6.79 -13.49
N LEU A 121 1.22 6.20 -12.36
CA LEU A 121 -0.24 6.02 -11.99
C LEU A 121 -0.94 7.35 -11.86
N LEU A 122 -0.14 8.28 -11.64
CA LEU A 122 -0.45 9.65 -11.46
C LEU A 122 -1.03 10.33 -12.70
N ASP A 123 -0.45 10.03 -13.81
CA ASP A 123 -0.73 10.77 -15.03
C ASP A 123 -1.58 9.98 -15.95
N ILE A 124 -1.31 8.73 -15.94
CA ILE A 124 -1.92 7.81 -16.81
C ILE A 124 -3.39 7.54 -16.45
N PRO A 125 -4.27 7.53 -17.43
CA PRO A 125 -5.63 7.08 -17.22
C PRO A 125 -5.61 5.59 -16.97
N LEU A 126 -6.30 5.13 -15.96
CA LEU A 126 -6.32 3.71 -15.69
C LEU A 126 -7.71 3.14 -15.92
N GLN A 127 -8.70 4.00 -15.92
CA GLN A 127 -10.05 3.57 -16.15
C GLN A 127 -10.36 3.79 -17.60
N THR A 128 -11.46 3.26 -18.03
CA THR A 128 -11.88 3.45 -19.39
C THR A 128 -12.60 4.80 -19.44
N PRO A 129 -12.17 5.73 -20.30
CA PRO A 129 -12.78 7.04 -20.41
C PRO A 129 -14.21 6.92 -20.87
N LYS A 130 -15.04 7.71 -20.29
CA LYS A 130 -16.43 7.65 -20.56
C LYS A 130 -16.85 8.87 -21.32
N GLY A 1 -10.81 8.31 2.93
CA GLY A 1 -9.81 8.42 1.87
C GLY A 1 -9.59 9.85 1.55
N SER A 2 -9.61 10.18 0.28
CA SER A 2 -9.53 11.55 -0.15
C SER A 2 -10.79 12.26 0.32
N GLY A 3 -11.91 11.66 0.01
CA GLY A 3 -13.14 12.02 0.58
C GLY A 3 -13.57 10.83 1.37
N GLU A 4 -14.78 10.41 1.25
CA GLU A 4 -15.13 9.12 1.81
C GLU A 4 -14.65 8.09 0.81
N GLU A 5 -14.79 8.45 -0.42
CA GLU A 5 -14.34 7.74 -1.52
C GLU A 5 -13.59 8.76 -2.34
N ASP A 6 -13.70 8.64 -3.65
CA ASP A 6 -13.04 9.45 -4.68
C ASP A 6 -11.91 8.68 -5.30
N GLU A 7 -11.74 7.52 -4.80
CA GLU A 7 -10.84 6.59 -5.28
C GLU A 7 -11.49 5.27 -5.31
N LYS A 8 -11.22 4.54 -6.35
CA LYS A 8 -11.91 3.32 -6.59
C LYS A 8 -11.01 2.08 -6.60
N VAL A 9 -11.62 0.92 -6.37
CA VAL A 9 -10.94 -0.35 -6.28
C VAL A 9 -10.37 -0.71 -7.62
N LEU A 10 -9.11 -0.85 -7.64
CA LEU A 10 -8.45 -1.33 -8.82
C LEU A 10 -8.27 -2.85 -8.69
N TYR A 11 -7.42 -3.25 -7.79
CA TYR A 11 -7.13 -4.68 -7.58
C TYR A 11 -6.95 -5.01 -6.11
N SER A 12 -7.27 -6.24 -5.74
CA SER A 12 -7.18 -6.74 -4.42
C SER A 12 -6.34 -8.06 -4.36
N GLN A 13 -5.33 -8.12 -3.47
CA GLN A 13 -4.51 -9.33 -3.35
C GLN A 13 -3.96 -9.62 -1.96
N ARG A 14 -3.61 -10.88 -1.76
CA ARG A 14 -3.26 -11.42 -0.46
C ARG A 14 -1.84 -11.01 -0.12
N VAL A 15 -1.72 -10.31 0.97
CA VAL A 15 -0.48 -9.72 1.41
C VAL A 15 -0.38 -9.86 2.94
N LYS A 16 0.75 -9.48 3.46
CA LYS A 16 0.96 -9.39 4.88
C LYS A 16 1.36 -7.93 5.14
N LEU A 17 0.76 -7.26 6.16
CA LEU A 17 1.03 -5.87 6.37
C LEU A 17 1.90 -5.77 7.56
N PHE A 18 2.78 -4.81 7.55
CA PHE A 18 3.74 -4.63 8.57
C PHE A 18 3.88 -3.16 8.97
N ARG A 19 4.23 -2.96 10.21
CA ARG A 19 4.55 -1.74 10.78
C ARG A 19 5.97 -1.72 11.22
N PHE A 20 6.46 -0.60 11.15
CA PHE A 20 7.78 -0.31 11.53
C PHE A 20 7.69 0.08 12.97
N ASP A 21 8.50 -0.49 13.73
CA ASP A 21 8.54 -0.19 15.15
C ASP A 21 9.43 0.93 15.37
N ALA A 22 8.91 1.90 15.92
CA ALA A 22 9.66 3.10 16.24
C ALA A 22 10.66 2.82 17.34
N GLU A 23 10.25 2.03 18.29
CA GLU A 23 11.09 1.67 19.38
C GLU A 23 11.98 0.49 19.07
N VAL A 24 11.56 -0.34 18.12
CA VAL A 24 12.40 -1.49 17.79
C VAL A 24 13.15 -1.24 16.54
N SER A 25 12.76 -0.17 15.90
CA SER A 25 13.15 0.14 14.56
C SER A 25 12.83 -1.01 13.70
N GLN A 26 11.76 -1.72 14.02
CA GLN A 26 11.72 -2.94 13.34
C GLN A 26 10.42 -3.26 12.64
N TRP A 27 10.59 -3.92 11.55
CA TRP A 27 9.58 -4.49 10.73
C TRP A 27 8.79 -5.59 11.52
N LYS A 28 7.63 -5.21 11.99
CA LYS A 28 6.70 -6.08 12.70
C LYS A 28 5.44 -6.10 11.93
N GLU A 29 4.61 -7.04 12.15
CA GLU A 29 3.51 -7.19 11.37
C GLU A 29 2.38 -6.37 11.89
N ARG A 30 1.47 -6.15 11.04
CA ARG A 30 0.25 -5.52 11.42
C ARG A 30 -0.85 -6.51 11.26
N GLY A 31 -0.68 -7.39 10.30
CA GLY A 31 -1.63 -8.38 10.04
C GLY A 31 -1.38 -9.06 8.74
N LEU A 32 -2.40 -9.68 8.27
CA LEU A 32 -2.42 -10.50 7.07
C LEU A 32 -3.73 -10.18 6.37
N GLY A 33 -3.78 -10.23 5.06
CA GLY A 33 -5.05 -10.01 4.43
C GLY A 33 -4.98 -9.72 2.96
N ASN A 34 -5.83 -8.83 2.55
CA ASN A 34 -6.03 -8.45 1.17
C ASN A 34 -5.77 -7.03 1.05
N LEU A 35 -4.91 -6.77 0.19
CA LEU A 35 -4.54 -5.50 -0.16
C LEU A 35 -5.36 -5.04 -1.30
N LYS A 36 -6.08 -4.00 -1.13
CA LYS A 36 -6.76 -3.46 -2.21
C LYS A 36 -6.27 -2.06 -2.46
N ILE A 37 -6.26 -1.68 -3.68
CA ILE A 37 -5.78 -0.41 -4.07
C ILE A 37 -6.92 0.41 -4.49
N LEU A 38 -7.05 1.58 -3.92
CA LEU A 38 -8.04 2.44 -4.45
C LEU A 38 -7.30 3.55 -5.13
N LYS A 39 -7.67 3.88 -6.31
CA LYS A 39 -7.00 4.92 -7.05
C LYS A 39 -7.91 6.05 -7.32
N ASN A 40 -7.43 7.24 -7.15
CA ASN A 40 -8.26 8.44 -7.29
C ASN A 40 -8.78 8.61 -8.67
N GLU A 41 -9.98 9.12 -8.74
CA GLU A 41 -10.64 9.44 -9.91
C GLU A 41 -10.14 10.79 -10.43
N VAL A 42 -9.31 11.43 -9.61
CA VAL A 42 -8.58 12.58 -9.95
C VAL A 42 -7.38 12.07 -10.76
N ASN A 43 -7.13 10.78 -10.51
CA ASN A 43 -6.13 9.98 -11.11
C ASN A 43 -4.75 10.49 -10.75
N GLY A 44 -4.64 10.91 -9.52
CA GLY A 44 -3.36 11.35 -9.03
C GLY A 44 -2.76 10.38 -8.05
N LYS A 45 -3.42 10.21 -6.93
CA LYS A 45 -2.96 9.34 -5.88
C LYS A 45 -3.64 7.99 -5.98
N LEU A 46 -3.02 7.00 -5.39
CA LEU A 46 -3.60 5.77 -5.21
C LEU A 46 -3.35 5.42 -3.78
N ARG A 47 -4.18 4.63 -3.24
CA ARG A 47 -3.99 4.09 -1.92
C ARG A 47 -3.96 2.62 -1.93
N MET A 48 -3.16 2.13 -1.08
CA MET A 48 -3.07 0.77 -0.74
C MET A 48 -3.70 0.70 0.60
N LEU A 49 -4.71 -0.02 0.72
CA LEU A 49 -5.13 -0.37 2.02
C LEU A 49 -5.28 -1.82 2.14
N MET A 50 -4.99 -2.30 3.28
CA MET A 50 -5.02 -3.60 3.54
C MET A 50 -5.74 -3.78 4.79
N ARG A 51 -6.64 -4.54 4.63
CA ARG A 51 -7.56 -5.03 5.61
C ARG A 51 -7.22 -6.44 5.86
N ARG A 52 -7.47 -6.80 7.02
CA ARG A 52 -7.26 -8.09 7.44
C ARG A 52 -8.47 -8.84 7.06
N GLU A 53 -8.24 -9.85 6.32
CA GLU A 53 -9.25 -10.65 5.62
C GLU A 53 -10.36 -11.09 6.45
N GLN A 54 -10.11 -11.95 7.34
CA GLN A 54 -11.20 -12.36 8.14
C GLN A 54 -11.46 -11.40 9.29
N VAL A 55 -10.58 -10.45 9.46
CA VAL A 55 -10.64 -9.51 10.52
C VAL A 55 -11.48 -8.25 10.10
N LEU A 56 -11.86 -8.22 8.83
CA LEU A 56 -12.70 -7.27 8.17
C LEU A 56 -12.29 -5.78 8.39
N LYS A 57 -11.17 -5.58 8.93
CA LYS A 57 -10.74 -4.25 9.17
C LYS A 57 -9.37 -3.84 8.60
N VAL A 58 -9.42 -3.06 7.51
CA VAL A 58 -8.33 -2.19 7.05
C VAL A 58 -7.46 -1.66 8.21
N CYS A 59 -6.20 -1.92 8.10
CA CYS A 59 -5.26 -1.54 9.08
C CYS A 59 -4.37 -0.40 8.59
N ALA A 60 -4.11 -0.31 7.28
CA ALA A 60 -3.26 0.70 6.79
C ALA A 60 -3.72 1.19 5.52
N ASN A 61 -3.93 2.41 5.49
CA ASN A 61 -4.25 3.14 4.33
C ASN A 61 -3.05 3.94 3.91
N HIS A 62 -2.33 3.39 3.06
CA HIS A 62 -1.13 3.98 2.53
C HIS A 62 -1.32 4.48 1.07
N TRP A 63 -1.06 5.74 0.84
CA TRP A 63 -1.04 6.26 -0.52
C TRP A 63 0.32 6.06 -1.14
N ILE A 64 0.31 5.75 -2.40
CA ILE A 64 1.48 5.51 -3.14
C ILE A 64 1.67 6.67 -4.09
N THR A 65 2.77 7.34 -3.92
CA THR A 65 3.11 8.48 -4.68
C THR A 65 4.57 8.50 -4.96
N THR A 66 4.94 9.27 -5.94
CA THR A 66 6.32 9.50 -6.33
C THR A 66 6.99 10.43 -5.32
N THR A 67 6.18 10.94 -4.42
CA THR A 67 6.56 11.86 -3.39
C THR A 67 7.15 11.06 -2.21
N MET A 68 7.19 9.77 -2.40
CA MET A 68 7.63 8.88 -1.49
C MET A 68 8.41 7.83 -2.26
N ASN A 69 9.07 7.03 -1.53
CA ASN A 69 9.99 6.06 -2.02
C ASN A 69 9.87 4.77 -1.21
N LEU A 70 10.04 3.66 -1.89
CA LEU A 70 10.09 2.41 -1.35
C LEU A 70 11.51 2.03 -0.97
N LYS A 71 11.61 1.49 0.15
CA LYS A 71 12.88 1.17 0.81
C LYS A 71 12.83 -0.32 1.25
N PRO A 72 13.93 -1.09 1.14
CA PRO A 72 13.94 -2.50 1.51
C PRO A 72 14.18 -2.75 3.01
N LEU A 73 13.62 -3.83 3.49
CA LEU A 73 13.71 -4.27 4.83
C LEU A 73 14.54 -5.52 4.97
N SER A 74 14.59 -6.00 6.18
CA SER A 74 15.13 -7.28 6.49
C SER A 74 14.06 -8.30 6.30
N GLY A 75 14.45 -9.49 5.99
CA GLY A 75 13.48 -10.54 5.90
C GLY A 75 12.65 -10.42 4.62
N SER A 76 13.07 -9.52 3.77
CA SER A 76 12.50 -9.28 2.49
C SER A 76 12.97 -10.31 1.49
N ASP A 77 12.03 -10.72 0.70
CA ASP A 77 12.23 -11.57 -0.41
C ASP A 77 12.34 -10.60 -1.52
N ARG A 78 11.34 -9.74 -1.54
CA ARG A 78 11.26 -8.61 -2.41
C ARG A 78 10.14 -7.72 -1.93
N ALA A 79 10.20 -7.48 -0.66
CA ALA A 79 9.23 -6.75 0.09
C ALA A 79 9.85 -5.40 0.42
N TRP A 80 9.07 -4.36 0.42
CA TRP A 80 9.59 -3.03 0.59
C TRP A 80 8.67 -2.31 1.50
N MET A 81 9.15 -1.24 2.03
CA MET A 81 8.44 -0.45 2.89
C MET A 81 8.40 0.84 2.28
N TRP A 82 7.35 1.39 2.44
CA TRP A 82 7.03 2.58 1.84
C TRP A 82 6.41 3.42 2.91
N LEU A 83 6.54 4.70 2.86
CA LEU A 83 6.05 5.47 3.97
C LEU A 83 4.83 6.34 3.65
N ALA A 84 3.83 6.23 4.47
CA ALA A 84 2.61 7.03 4.33
C ALA A 84 2.06 7.39 5.63
N SER A 85 1.22 8.33 5.63
CA SER A 85 0.42 8.56 6.70
C SER A 85 -0.78 7.72 6.58
N ASP A 86 -0.79 6.79 7.47
CA ASP A 86 -1.79 5.85 7.53
C ASP A 86 -2.79 6.24 8.57
N PHE A 87 -3.98 6.40 8.13
CA PHE A 87 -5.08 6.59 8.93
C PHE A 87 -6.29 6.09 8.24
N SER A 88 -6.41 4.80 8.30
CA SER A 88 -7.47 4.10 7.65
C SER A 88 -8.75 4.44 8.32
N ASP A 89 -8.61 4.53 9.63
CA ASP A 89 -9.63 4.78 10.60
C ASP A 89 -8.99 4.34 11.90
N GLY A 90 -7.70 4.59 12.03
CA GLY A 90 -7.02 4.02 13.15
C GLY A 90 -6.50 5.04 14.00
N ASP A 91 -5.82 5.89 13.39
CA ASP A 91 -5.14 7.00 14.03
C ASP A 91 -4.44 7.74 12.98
N ALA A 92 -4.36 9.05 13.10
CA ALA A 92 -3.63 9.82 12.12
C ALA A 92 -2.19 9.60 12.40
N LYS A 93 -1.60 8.71 11.66
CA LYS A 93 -0.25 8.30 11.96
C LYS A 93 0.55 8.26 10.71
N LEU A 94 1.81 8.42 10.85
CA LEU A 94 2.69 8.19 9.75
C LEU A 94 3.42 6.92 10.02
N GLU A 95 3.53 6.11 9.05
CA GLU A 95 4.02 4.86 9.18
C GLU A 95 4.79 4.55 8.01
N GLN A 96 5.81 3.94 8.26
CA GLN A 96 6.56 3.41 7.30
C GLN A 96 6.12 2.00 7.42
N LEU A 97 5.49 1.58 6.46
CA LEU A 97 4.94 0.30 6.49
C LEU A 97 5.42 -0.54 5.40
N ALA A 98 5.50 -1.76 5.68
CA ALA A 98 6.01 -2.70 4.75
C ALA A 98 4.96 -3.69 4.42
N ALA A 99 5.10 -4.27 3.30
CA ALA A 99 4.21 -5.33 2.94
C ALA A 99 4.99 -6.32 2.17
N LYS A 100 4.77 -7.58 2.42
CA LYS A 100 5.42 -8.54 1.72
C LYS A 100 4.49 -9.52 1.23
N PHE A 101 4.81 -9.91 0.12
CA PHE A 101 4.13 -10.91 -0.58
C PHE A 101 4.82 -12.24 -0.34
N LYS A 102 4.21 -13.29 -0.76
CA LYS A 102 4.66 -14.64 -0.43
C LYS A 102 5.92 -15.03 -1.18
N THR A 103 6.04 -14.58 -2.38
CA THR A 103 7.19 -14.87 -3.20
C THR A 103 7.68 -13.56 -3.78
N PRO A 104 8.97 -13.46 -4.22
CA PRO A 104 9.46 -12.27 -4.93
C PRO A 104 8.77 -12.06 -6.24
N GLU A 105 7.98 -12.97 -6.63
CA GLU A 105 7.19 -12.82 -7.81
C GLU A 105 6.13 -11.78 -7.52
N LEU A 106 5.43 -12.04 -6.44
CA LEU A 106 4.33 -11.22 -6.01
C LEU A 106 4.87 -9.95 -5.45
N ALA A 107 5.95 -10.12 -4.76
CA ALA A 107 6.66 -9.05 -4.15
C ALA A 107 7.39 -8.20 -5.21
N GLU A 108 8.10 -8.84 -6.17
CA GLU A 108 8.86 -8.02 -7.17
C GLU A 108 7.91 -7.34 -8.13
N GLU A 109 6.89 -8.04 -8.59
CA GLU A 109 5.92 -7.45 -9.52
C GLU A 109 5.21 -6.27 -8.89
N PHE A 110 4.91 -6.39 -7.60
CA PHE A 110 4.25 -5.33 -6.89
C PHE A 110 5.15 -4.14 -6.79
N LYS A 111 6.41 -4.41 -6.48
CA LYS A 111 7.45 -3.37 -6.35
C LYS A 111 7.55 -2.57 -7.62
N GLN A 112 7.72 -3.29 -8.69
CA GLN A 112 7.86 -2.71 -10.02
C GLN A 112 6.71 -1.82 -10.36
N LYS A 113 5.53 -2.39 -10.17
CA LYS A 113 4.28 -1.74 -10.47
C LYS A 113 4.16 -0.54 -9.61
N PHE A 114 4.58 -0.71 -8.41
CA PHE A 114 4.45 0.31 -7.35
C PHE A 114 5.22 1.58 -7.71
N GLU A 115 6.51 1.45 -8.02
CA GLU A 115 7.35 2.60 -8.39
C GLU A 115 6.87 3.17 -9.72
N GLU A 116 6.49 2.26 -10.63
CA GLU A 116 6.10 2.64 -11.96
C GLU A 116 4.86 3.50 -11.91
N CYS A 117 3.86 3.04 -11.17
CA CYS A 117 2.65 3.71 -10.98
C CYS A 117 2.86 5.05 -10.35
N GLN A 118 3.88 5.15 -9.49
CA GLN A 118 4.20 6.40 -8.84
C GLN A 118 4.42 7.47 -9.90
N ARG A 119 5.24 7.20 -10.90
CA ARG A 119 5.38 8.16 -12.01
C ARG A 119 4.22 8.16 -12.97
N LEU A 120 3.92 7.01 -13.33
CA LEU A 120 3.07 6.71 -14.43
C LEU A 120 1.60 6.90 -14.28
N LEU A 121 1.01 6.43 -13.16
CA LEU A 121 -0.49 6.22 -13.04
C LEU A 121 -1.22 7.53 -13.25
N LEU A 122 -0.48 8.52 -13.07
CA LEU A 122 -0.85 9.88 -13.10
C LEU A 122 -1.43 10.30 -14.44
N ASP A 123 -0.89 9.78 -15.50
CA ASP A 123 -1.34 10.18 -16.80
C ASP A 123 -2.00 9.03 -17.52
N ILE A 124 -1.67 7.87 -17.09
CA ILE A 124 -2.01 6.68 -17.82
C ILE A 124 -3.14 5.83 -17.21
N PRO A 125 -4.09 5.39 -18.04
CA PRO A 125 -5.07 4.36 -17.68
C PRO A 125 -4.37 2.99 -17.62
N LEU A 126 -4.87 2.08 -16.82
CA LEU A 126 -4.32 0.74 -16.75
C LEU A 126 -5.44 -0.27 -16.81
N GLN A 127 -5.08 -1.50 -16.94
CA GLN A 127 -6.04 -2.56 -16.95
C GLN A 127 -6.12 -3.12 -15.54
N THR A 128 -7.16 -3.84 -15.24
CA THR A 128 -7.28 -4.44 -13.96
C THR A 128 -6.63 -5.83 -13.99
N PRO A 129 -5.61 -6.07 -13.16
CA PRO A 129 -4.98 -7.35 -13.07
C PRO A 129 -5.85 -8.38 -12.36
N LYS A 130 -5.76 -9.57 -12.81
CA LYS A 130 -6.48 -10.70 -12.26
C LYS A 130 -5.86 -11.92 -12.92
N GLY A 1 -19.15 9.40 3.31
CA GLY A 1 -18.55 10.40 4.17
C GLY A 1 -18.60 11.75 3.52
N SER A 2 -17.72 12.63 3.91
CA SER A 2 -17.69 13.96 3.37
C SER A 2 -16.68 14.09 2.21
N GLY A 3 -15.52 13.53 2.40
CA GLY A 3 -14.51 13.52 1.39
C GLY A 3 -13.49 12.48 1.72
N GLU A 4 -14.00 11.33 2.09
CA GLU A 4 -13.16 10.23 2.53
C GLU A 4 -13.20 9.13 1.49
N GLU A 5 -13.83 9.42 0.38
CA GLU A 5 -14.01 8.55 -0.64
C GLU A 5 -13.92 9.34 -1.89
N ASP A 6 -13.88 8.57 -2.93
CA ASP A 6 -13.83 8.94 -4.37
C ASP A 6 -13.02 7.92 -5.13
N GLU A 7 -12.36 7.14 -4.40
CA GLU A 7 -11.54 6.16 -4.93
C GLU A 7 -12.27 4.88 -4.91
N LYS A 8 -12.04 4.20 -5.94
CA LYS A 8 -12.76 3.00 -6.22
C LYS A 8 -11.86 1.78 -6.13
N VAL A 9 -12.47 0.62 -5.89
CA VAL A 9 -11.76 -0.61 -5.72
C VAL A 9 -11.35 -1.13 -7.06
N LEU A 10 -10.09 -1.23 -7.22
CA LEU A 10 -9.51 -1.76 -8.43
C LEU A 10 -9.37 -3.29 -8.29
N TYR A 11 -8.55 -3.70 -7.36
CA TYR A 11 -8.27 -5.13 -7.14
C TYR A 11 -7.87 -5.36 -5.70
N SER A 12 -8.16 -6.53 -5.20
CA SER A 12 -7.87 -6.93 -3.87
C SER A 12 -7.15 -8.32 -3.84
N GLN A 13 -5.97 -8.39 -3.16
CA GLN A 13 -5.20 -9.67 -3.03
C GLN A 13 -4.39 -9.70 -1.72
N ARG A 14 -4.05 -10.89 -1.23
CA ARG A 14 -3.47 -11.03 0.10
C ARG A 14 -2.02 -10.61 0.18
N VAL A 15 -1.75 -9.91 1.24
CA VAL A 15 -0.47 -9.33 1.55
C VAL A 15 -0.27 -9.40 3.08
N LYS A 16 0.93 -9.09 3.54
CA LYS A 16 1.22 -9.02 4.96
C LYS A 16 1.63 -7.60 5.26
N LEU A 17 1.10 -6.98 6.33
CA LEU A 17 1.46 -5.63 6.63
C LEU A 17 2.27 -5.66 7.86
N PHE A 18 3.21 -4.79 7.92
CA PHE A 18 4.12 -4.71 9.01
C PHE A 18 4.20 -3.28 9.50
N ARG A 19 4.59 -3.14 10.72
CA ARG A 19 4.89 -1.89 11.33
C ARG A 19 6.30 -1.92 11.67
N PHE A 20 6.81 -0.82 11.58
CA PHE A 20 8.18 -0.57 11.82
C PHE A 20 8.25 -0.05 13.19
N ASP A 21 8.85 -0.75 14.01
CA ASP A 21 9.02 -0.28 15.34
C ASP A 21 10.43 -0.09 15.59
N ALA A 22 10.75 1.06 15.87
CA ALA A 22 12.08 1.47 16.24
C ALA A 22 12.45 0.87 17.60
N GLU A 23 11.44 0.70 18.45
CA GLU A 23 11.63 0.05 19.72
C GLU A 23 11.85 -1.42 19.52
N VAL A 24 11.29 -1.96 18.43
CA VAL A 24 11.50 -3.38 18.12
C VAL A 24 12.66 -3.48 17.18
N SER A 25 13.06 -2.32 16.72
CA SER A 25 13.96 -2.12 15.61
C SER A 25 13.50 -2.90 14.44
N GLN A 26 12.19 -3.11 14.34
CA GLN A 26 11.87 -4.04 13.35
C GLN A 26 10.54 -3.79 12.68
N TRP A 27 10.44 -4.27 11.46
CA TRP A 27 9.26 -4.37 10.72
C TRP A 27 8.56 -5.67 11.14
N LYS A 28 7.54 -5.55 11.93
CA LYS A 28 6.85 -6.71 12.48
C LYS A 28 5.41 -6.59 12.09
N GLU A 29 4.80 -7.72 11.75
CA GLU A 29 3.50 -7.77 11.25
C GLU A 29 2.49 -7.02 12.04
N ARG A 30 1.77 -6.27 11.32
CA ARG A 30 0.77 -5.38 11.88
C ARG A 30 -0.53 -6.07 11.73
N GLY A 31 -0.62 -6.72 10.62
CA GLY A 31 -1.77 -7.44 10.23
C GLY A 31 -1.56 -8.03 8.87
N LEU A 32 -2.06 -9.17 8.67
CA LEU A 32 -1.97 -9.86 7.41
C LEU A 32 -3.37 -9.82 6.83
N GLY A 33 -3.49 -9.69 5.54
CA GLY A 33 -4.80 -9.63 4.98
C GLY A 33 -4.81 -9.51 3.49
N ASN A 34 -5.63 -8.63 3.02
CA ASN A 34 -5.94 -8.40 1.64
C ASN A 34 -5.67 -7.01 1.35
N LEU A 35 -4.93 -6.85 0.35
CA LEU A 35 -4.58 -5.61 -0.09
C LEU A 35 -5.62 -5.18 -1.07
N LYS A 36 -6.22 -4.12 -0.75
CA LYS A 36 -7.25 -3.56 -1.49
C LYS A 36 -6.72 -2.29 -2.13
N ILE A 37 -7.03 -2.08 -3.37
CA ILE A 37 -6.58 -0.90 -4.02
C ILE A 37 -7.72 -0.01 -4.31
N LEU A 38 -7.58 1.19 -3.86
CA LEU A 38 -8.50 2.20 -4.20
C LEU A 38 -7.80 3.22 -5.11
N LYS A 39 -8.45 3.56 -6.19
CA LYS A 39 -7.91 4.56 -7.11
C LYS A 39 -8.96 5.63 -7.32
N ASN A 40 -8.57 6.89 -7.13
CA ASN A 40 -9.50 8.05 -7.23
C ASN A 40 -10.09 8.26 -8.60
N GLU A 41 -11.33 8.73 -8.60
CA GLU A 41 -12.02 9.12 -9.73
C GLU A 41 -11.46 10.42 -10.27
N VAL A 42 -10.79 11.15 -9.38
CA VAL A 42 -10.08 12.32 -9.70
C VAL A 42 -8.79 11.89 -10.40
N ASN A 43 -8.43 10.64 -10.15
CA ASN A 43 -7.21 9.98 -10.59
C ASN A 43 -6.05 10.78 -10.05
N GLY A 44 -6.26 11.26 -8.83
CA GLY A 44 -5.26 12.05 -8.16
C GLY A 44 -4.16 11.17 -7.65
N LYS A 45 -4.50 10.33 -6.72
CA LYS A 45 -3.58 9.39 -6.16
C LYS A 45 -4.25 8.05 -6.09
N LEU A 46 -3.48 7.05 -5.89
CA LEU A 46 -3.97 5.75 -5.66
C LEU A 46 -3.53 5.35 -4.33
N ARG A 47 -4.29 4.54 -3.80
CA ARG A 47 -4.04 4.03 -2.46
C ARG A 47 -3.97 2.54 -2.52
N MET A 48 -3.20 2.06 -1.70
CA MET A 48 -3.04 0.71 -1.44
C MET A 48 -3.31 0.59 0.03
N LEU A 49 -4.30 -0.12 0.33
CA LEU A 49 -4.64 -0.41 1.69
C LEU A 49 -4.77 -1.85 1.90
N MET A 50 -4.53 -2.24 3.06
CA MET A 50 -4.62 -3.50 3.42
C MET A 50 -5.50 -3.54 4.59
N ARG A 51 -6.38 -4.29 4.42
CA ARG A 51 -7.45 -4.64 5.29
C ARG A 51 -7.24 -6.04 5.65
N ARG A 52 -7.62 -6.34 6.80
CA ARG A 52 -7.53 -7.63 7.27
C ARG A 52 -8.79 -8.24 6.84
N GLU A 53 -8.61 -9.29 6.11
CA GLU A 53 -9.64 -10.01 5.36
C GLU A 53 -10.82 -10.28 6.15
N GLN A 54 -10.68 -11.16 7.00
CA GLN A 54 -11.79 -11.58 7.74
C GLN A 54 -12.06 -10.64 8.91
N VAL A 55 -11.14 -9.73 9.09
CA VAL A 55 -11.17 -8.76 10.14
C VAL A 55 -11.90 -7.46 9.65
N LEU A 56 -12.29 -7.46 8.36
CA LEU A 56 -13.03 -6.44 7.66
C LEU A 56 -12.43 -5.01 7.79
N LYS A 57 -11.29 -4.92 8.31
CA LYS A 57 -10.72 -3.63 8.54
C LYS A 57 -9.30 -3.32 8.00
N VAL A 58 -9.25 -2.55 6.94
CA VAL A 58 -8.10 -1.72 6.57
C VAL A 58 -7.29 -1.23 7.78
N CYS A 59 -6.03 -1.51 7.73
CA CYS A 59 -5.12 -1.13 8.73
C CYS A 59 -4.31 0.07 8.28
N ALA A 60 -3.97 0.13 6.98
CA ALA A 60 -3.14 1.15 6.48
C ALA A 60 -3.62 1.48 5.17
N ASN A 61 -3.75 2.69 4.97
CA ASN A 61 -4.00 3.24 3.68
C ASN A 61 -2.83 4.03 3.26
N HIS A 62 -2.08 3.45 2.42
CA HIS A 62 -0.92 4.08 1.85
C HIS A 62 -1.24 4.57 0.44
N TRP A 63 -0.93 5.78 0.19
CA TRP A 63 -0.97 6.34 -1.12
C TRP A 63 0.35 6.00 -1.78
N ILE A 64 0.31 5.65 -3.01
CA ILE A 64 1.48 5.35 -3.71
C ILE A 64 1.83 6.57 -4.55
N THR A 65 2.89 7.19 -4.17
CA THR A 65 3.36 8.36 -4.82
C THR A 65 4.86 8.38 -4.85
N THR A 66 5.38 9.19 -5.72
CA THR A 66 6.80 9.46 -5.82
C THR A 66 7.25 10.39 -4.69
N THR A 67 6.28 10.83 -3.90
CA THR A 67 6.49 11.71 -2.77
C THR A 67 6.90 10.84 -1.56
N MET A 68 6.97 9.59 -1.84
CA MET A 68 7.28 8.62 -0.93
C MET A 68 8.19 7.68 -1.66
N ASN A 69 8.80 6.87 -0.97
CA ASN A 69 9.77 5.94 -1.46
C ASN A 69 9.62 4.63 -0.74
N LEU A 70 9.81 3.57 -1.48
CA LEU A 70 9.87 2.31 -0.99
C LEU A 70 11.29 1.96 -0.77
N LYS A 71 11.51 1.46 0.31
CA LYS A 71 12.81 1.10 0.72
C LYS A 71 12.80 -0.36 1.17
N PRO A 72 13.60 -1.21 0.54
CA PRO A 72 13.63 -2.62 0.89
C PRO A 72 14.24 -2.86 2.27
N LEU A 73 13.61 -3.74 3.02
CA LEU A 73 14.07 -4.13 4.31
C LEU A 73 15.27 -5.01 4.18
N SER A 74 16.01 -5.14 5.25
CA SER A 74 17.06 -6.09 5.29
C SER A 74 16.47 -7.46 5.26
N GLY A 75 16.91 -8.26 4.36
CA GLY A 75 16.46 -9.58 4.39
C GLY A 75 15.09 -9.73 3.76
N SER A 76 14.83 -8.86 2.81
CA SER A 76 13.66 -8.86 2.04
C SER A 76 13.73 -9.92 0.98
N ASP A 77 12.61 -10.55 0.78
CA ASP A 77 12.43 -11.55 -0.22
C ASP A 77 12.45 -10.75 -1.45
N ARG A 78 11.61 -9.73 -1.35
CA ARG A 78 11.40 -8.64 -2.26
C ARG A 78 10.29 -7.78 -1.73
N ALA A 79 10.39 -7.57 -0.46
CA ALA A 79 9.42 -6.85 0.29
C ALA A 79 10.02 -5.52 0.61
N TRP A 80 9.20 -4.55 0.81
CA TRP A 80 9.63 -3.21 0.94
C TRP A 80 8.83 -2.50 1.99
N MET A 81 9.37 -1.42 2.45
CA MET A 81 8.79 -0.66 3.42
C MET A 81 8.67 0.70 2.91
N TRP A 82 7.56 1.19 3.13
CA TRP A 82 7.08 2.34 2.54
C TRP A 82 6.47 3.16 3.61
N LEU A 83 6.89 4.36 3.70
CA LEU A 83 6.44 5.15 4.78
C LEU A 83 5.35 6.11 4.35
N ALA A 84 4.26 6.04 5.02
CA ALA A 84 3.13 6.87 4.69
C ALA A 84 2.40 7.24 5.91
N SER A 85 1.59 8.23 5.83
CA SER A 85 0.66 8.45 6.79
C SER A 85 -0.51 7.67 6.45
N ASP A 86 -0.64 6.66 7.19
CA ASP A 86 -1.57 5.73 6.96
C ASP A 86 -2.80 6.03 7.76
N PHE A 87 -3.88 6.22 7.07
CA PHE A 87 -5.11 6.41 7.59
C PHE A 87 -6.10 6.30 6.49
N SER A 88 -6.84 5.23 6.52
CA SER A 88 -7.91 5.06 5.53
C SER A 88 -8.94 6.12 5.82
N ASP A 89 -9.13 6.29 7.12
CA ASP A 89 -9.93 7.28 7.79
C ASP A 89 -10.17 6.70 9.17
N GLY A 90 -9.11 6.19 9.74
CA GLY A 90 -9.24 5.54 10.97
C GLY A 90 -8.52 6.30 11.94
N ASP A 91 -7.30 6.36 11.67
CA ASP A 91 -6.41 7.08 12.52
C ASP A 91 -5.22 7.59 11.76
N ALA A 92 -5.06 8.91 11.79
CA ALA A 92 -4.01 9.58 11.05
C ALA A 92 -2.70 9.36 11.72
N LYS A 93 -1.98 8.45 11.19
CA LYS A 93 -0.70 8.09 11.77
C LYS A 93 0.31 7.95 10.68
N LEU A 94 1.50 8.34 10.93
CA LEU A 94 2.56 8.13 9.97
C LEU A 94 3.47 7.07 10.47
N GLU A 95 3.65 6.07 9.71
CA GLU A 95 4.36 5.00 10.09
C GLU A 95 5.05 4.52 8.91
N GLN A 96 5.99 3.79 9.14
CA GLN A 96 6.71 3.25 8.16
C GLN A 96 6.32 1.84 8.24
N LEU A 97 5.72 1.41 7.27
CA LEU A 97 5.17 0.16 7.25
C LEU A 97 5.80 -0.65 6.18
N ALA A 98 5.84 -1.93 6.36
CA ALA A 98 6.36 -2.80 5.36
C ALA A 98 5.27 -3.69 4.90
N ALA A 99 5.44 -4.28 3.77
CA ALA A 99 4.52 -5.24 3.26
C ALA A 99 5.26 -6.22 2.44
N LYS A 100 4.88 -7.46 2.51
CA LYS A 100 5.44 -8.42 1.74
C LYS A 100 4.41 -9.24 1.16
N PHE A 101 4.70 -9.60 0.05
CA PHE A 101 3.94 -10.52 -0.69
C PHE A 101 4.55 -11.89 -0.46
N LYS A 102 3.78 -12.93 -0.72
CA LYS A 102 4.18 -14.32 -0.41
C LYS A 102 5.56 -14.71 -0.93
N THR A 103 5.80 -14.43 -2.17
CA THR A 103 7.04 -14.82 -2.78
C THR A 103 7.65 -13.58 -3.37
N PRO A 104 8.99 -13.54 -3.66
CA PRO A 104 9.59 -12.44 -4.38
C PRO A 104 9.01 -12.26 -5.74
N GLU A 105 8.31 -13.17 -6.20
CA GLU A 105 7.65 -13.09 -7.47
C GLU A 105 6.52 -12.07 -7.34
N LEU A 106 5.78 -12.24 -6.27
CA LEU A 106 4.64 -11.41 -5.98
C LEU A 106 5.17 -10.09 -5.49
N ALA A 107 6.13 -10.20 -4.64
CA ALA A 107 6.81 -9.09 -4.03
C ALA A 107 7.62 -8.30 -5.06
N GLU A 108 8.37 -8.99 -5.94
CA GLU A 108 9.23 -8.25 -6.91
C GLU A 108 8.38 -7.52 -7.94
N GLU A 109 7.40 -8.21 -8.49
CA GLU A 109 6.52 -7.63 -9.53
C GLU A 109 5.81 -6.39 -9.03
N PHE A 110 5.29 -6.46 -7.82
CA PHE A 110 4.60 -5.38 -7.25
C PHE A 110 5.53 -4.21 -6.92
N LYS A 111 6.78 -4.51 -6.55
CA LYS A 111 7.78 -3.46 -6.23
C LYS A 111 7.97 -2.58 -7.44
N GLN A 112 8.26 -3.23 -8.52
CA GLN A 112 8.51 -2.59 -9.83
C GLN A 112 7.36 -1.71 -10.21
N LYS A 113 6.18 -2.33 -10.16
CA LYS A 113 4.95 -1.73 -10.59
C LYS A 113 4.68 -0.54 -9.75
N PHE A 114 5.01 -0.69 -8.51
CA PHE A 114 4.76 0.32 -7.50
C PHE A 114 5.57 1.58 -7.79
N GLU A 115 6.87 1.41 -7.98
CA GLU A 115 7.76 2.53 -8.27
C GLU A 115 7.37 3.16 -9.61
N GLU A 116 6.99 2.32 -10.58
CA GLU A 116 6.56 2.79 -11.87
C GLU A 116 5.34 3.68 -11.72
N CYS A 117 4.34 3.19 -11.00
CA CYS A 117 3.17 3.87 -10.71
C CYS A 117 3.43 5.17 -9.99
N GLN A 118 4.47 5.20 -9.16
CA GLN A 118 4.82 6.41 -8.43
C GLN A 118 5.02 7.56 -9.41
N ARG A 119 5.81 7.31 -10.46
CA ARG A 119 5.96 8.31 -11.53
C ARG A 119 4.73 8.44 -12.39
N LEU A 120 4.26 7.34 -12.75
CA LEU A 120 3.24 7.18 -13.75
C LEU A 120 1.82 7.55 -13.40
N LEU A 121 1.33 7.14 -12.22
CA LEU A 121 -0.14 7.17 -11.83
C LEU A 121 -0.67 8.59 -11.88
N LEU A 122 0.24 9.41 -11.78
CA LEU A 122 0.11 10.82 -11.77
C LEU A 122 -0.42 11.41 -13.09
N ASP A 123 0.09 10.88 -14.15
CA ASP A 123 -0.18 11.43 -15.47
C ASP A 123 -1.13 10.55 -16.23
N ILE A 124 -1.16 9.34 -15.84
CA ILE A 124 -1.85 8.34 -16.56
C ILE A 124 -3.23 7.98 -15.98
N PRO A 125 -4.27 8.11 -16.79
CA PRO A 125 -5.60 7.65 -16.44
C PRO A 125 -5.65 6.12 -16.47
N LEU A 126 -6.39 5.52 -15.57
CA LEU A 126 -6.54 4.08 -15.58
C LEU A 126 -7.64 3.71 -16.53
N GLN A 127 -7.25 3.56 -17.75
CA GLN A 127 -8.11 3.23 -18.81
C GLN A 127 -7.47 2.08 -19.56
N THR A 128 -8.09 0.94 -19.52
CA THR A 128 -7.57 -0.22 -20.17
C THR A 128 -7.82 -0.17 -21.67
N PRO A 129 -6.85 -0.61 -22.48
CA PRO A 129 -7.00 -0.63 -23.91
C PRO A 129 -8.02 -1.68 -24.33
N LYS A 130 -8.71 -1.39 -25.38
CA LYS A 130 -9.74 -2.25 -25.86
C LYS A 130 -9.20 -2.99 -27.07
N GLY A 1 -16.48 15.29 6.45
CA GLY A 1 -15.33 14.74 7.14
C GLY A 1 -14.38 14.15 6.14
N SER A 2 -14.25 12.86 6.15
CA SER A 2 -13.42 12.16 5.22
C SER A 2 -13.95 10.74 5.02
N GLY A 3 -14.88 10.60 4.09
CA GLY A 3 -15.41 9.29 3.78
C GLY A 3 -14.47 8.56 2.85
N GLU A 4 -13.62 9.35 2.20
CA GLU A 4 -12.61 8.95 1.30
C GLU A 4 -13.13 7.98 0.25
N GLU A 5 -13.92 8.53 -0.64
CA GLU A 5 -14.44 7.83 -1.69
C GLU A 5 -13.98 8.52 -2.92
N ASP A 6 -14.58 8.17 -3.99
CA ASP A 6 -14.20 8.62 -5.37
C ASP A 6 -12.94 7.91 -5.82
N GLU A 7 -12.54 7.00 -5.04
CA GLU A 7 -11.43 6.24 -5.30
C GLU A 7 -11.87 4.85 -5.46
N LYS A 8 -11.28 4.25 -6.38
CA LYS A 8 -11.74 3.02 -6.90
C LYS A 8 -10.79 1.89 -6.61
N VAL A 9 -11.30 0.68 -6.59
CA VAL A 9 -10.52 -0.48 -6.32
C VAL A 9 -9.90 -0.93 -7.62
N LEU A 10 -8.62 -0.92 -7.65
CA LEU A 10 -7.87 -1.32 -8.83
C LEU A 10 -7.46 -2.78 -8.79
N TYR A 11 -6.79 -3.16 -7.74
CA TYR A 11 -6.25 -4.51 -7.59
C TYR A 11 -6.31 -4.89 -6.12
N SER A 12 -6.61 -6.13 -5.88
CA SER A 12 -6.74 -6.68 -4.59
C SER A 12 -5.90 -7.99 -4.42
N GLN A 13 -5.02 -8.03 -3.43
CA GLN A 13 -4.22 -9.24 -3.16
C GLN A 13 -3.88 -9.42 -1.71
N ARG A 14 -3.74 -10.66 -1.31
CA ARG A 14 -3.45 -10.98 0.05
C ARG A 14 -1.99 -10.76 0.33
N VAL A 15 -1.76 -9.90 1.24
CA VAL A 15 -0.48 -9.43 1.60
C VAL A 15 -0.45 -9.40 3.14
N LYS A 16 0.67 -9.10 3.69
CA LYS A 16 0.72 -8.83 5.10
C LYS A 16 1.35 -7.49 5.28
N LEU A 17 0.78 -6.67 6.16
CA LEU A 17 1.25 -5.32 6.26
C LEU A 17 2.05 -5.24 7.51
N PHE A 18 3.01 -4.42 7.50
CA PHE A 18 3.95 -4.25 8.58
C PHE A 18 4.07 -2.80 9.01
N ARG A 19 4.33 -2.61 10.28
CA ARG A 19 4.63 -1.38 10.87
C ARG A 19 6.01 -1.42 11.36
N PHE A 20 6.56 -0.31 11.32
CA PHE A 20 7.87 -0.11 11.74
C PHE A 20 7.81 0.45 13.11
N ASP A 21 8.49 -0.15 13.95
CA ASP A 21 8.64 0.37 15.25
C ASP A 21 9.93 1.04 15.32
N ALA A 22 9.88 2.23 15.59
CA ALA A 22 11.03 3.08 15.80
C ALA A 22 11.71 2.67 17.09
N GLU A 23 10.89 2.31 18.05
CA GLU A 23 11.35 1.90 19.36
C GLU A 23 11.88 0.50 19.30
N VAL A 24 11.32 -0.32 18.41
CA VAL A 24 11.81 -1.71 18.33
C VAL A 24 12.80 -1.81 17.23
N SER A 25 12.86 -0.72 16.48
CA SER A 25 13.53 -0.66 15.22
C SER A 25 13.06 -1.78 14.39
N GLN A 26 11.79 -2.13 14.51
CA GLN A 26 11.48 -3.32 13.83
C GLN A 26 10.19 -3.25 13.05
N TRP A 27 10.15 -3.94 11.94
CA TRP A 27 9.02 -4.09 11.18
C TRP A 27 8.25 -5.33 11.66
N LYS A 28 7.06 -5.10 12.14
CA LYS A 28 6.19 -6.15 12.64
C LYS A 28 4.84 -5.96 12.00
N GLU A 29 4.04 -7.01 11.92
CA GLU A 29 2.90 -6.96 11.13
C GLU A 29 1.81 -6.12 11.74
N ARG A 30 1.16 -5.45 10.88
CA ARG A 30 0.03 -4.63 11.22
C ARG A 30 -1.22 -5.42 10.98
N GLY A 31 -1.14 -6.27 9.99
CA GLY A 31 -2.24 -7.06 9.62
C GLY A 31 -1.84 -8.01 8.54
N LEU A 32 -2.79 -8.74 8.12
CA LEU A 32 -2.71 -9.80 7.13
C LEU A 32 -4.00 -9.70 6.33
N GLY A 33 -3.95 -9.80 5.03
CA GLY A 33 -5.18 -9.79 4.28
C GLY A 33 -5.05 -9.20 2.92
N ASN A 34 -6.16 -8.87 2.32
CA ASN A 34 -6.25 -8.36 0.99
C ASN A 34 -6.04 -6.92 0.97
N LEU A 35 -5.04 -6.61 0.28
CA LEU A 35 -4.69 -5.31 0.00
C LEU A 35 -5.40 -4.89 -1.23
N LYS A 36 -6.17 -3.89 -1.12
CA LYS A 36 -6.80 -3.36 -2.22
C LYS A 36 -6.26 -1.97 -2.46
N ILE A 37 -6.34 -1.52 -3.65
CA ILE A 37 -5.85 -0.23 -4.01
C ILE A 37 -7.00 0.65 -4.32
N LEU A 38 -7.01 1.81 -3.72
CA LEU A 38 -7.96 2.79 -4.14
C LEU A 38 -7.21 3.91 -4.82
N LYS A 39 -7.71 4.27 -5.93
CA LYS A 39 -7.19 5.36 -6.71
C LYS A 39 -8.29 6.32 -6.94
N ASN A 40 -8.07 7.58 -6.64
CA ASN A 40 -9.10 8.57 -6.97
C ASN A 40 -9.29 8.67 -8.46
N GLU A 41 -10.55 8.63 -8.84
CA GLU A 41 -11.02 8.67 -10.15
C GLU A 41 -10.67 9.96 -10.83
N VAL A 42 -10.58 11.02 -10.04
CA VAL A 42 -10.29 12.31 -10.59
C VAL A 42 -8.87 12.31 -11.07
N ASN A 43 -8.00 11.77 -10.20
CA ASN A 43 -6.52 11.68 -10.38
C ASN A 43 -5.80 11.64 -9.03
N GLY A 44 -6.54 11.97 -7.97
CA GLY A 44 -5.91 12.42 -6.72
C GLY A 44 -5.06 11.44 -5.97
N LYS A 45 -5.62 10.92 -4.93
CA LYS A 45 -4.91 10.11 -4.01
C LYS A 45 -4.95 8.67 -4.42
N LEU A 46 -3.83 8.03 -4.32
CA LEU A 46 -3.72 6.68 -4.61
C LEU A 46 -3.30 6.04 -3.33
N ARG A 47 -3.95 5.02 -3.00
CA ARG A 47 -3.67 4.27 -1.74
C ARG A 47 -3.66 2.78 -1.94
N MET A 48 -2.99 2.17 -1.02
CA MET A 48 -2.98 0.78 -0.78
C MET A 48 -3.56 0.62 0.61
N LEU A 49 -4.62 -0.07 0.71
CA LEU A 49 -5.17 -0.40 2.00
C LEU A 49 -5.40 -1.86 2.12
N MET A 50 -5.22 -2.34 3.29
CA MET A 50 -5.25 -3.64 3.57
C MET A 50 -6.14 -3.85 4.70
N ARG A 51 -6.98 -4.66 4.41
CA ARG A 51 -8.01 -5.19 5.25
C ARG A 51 -7.64 -6.56 5.61
N ARG A 52 -8.04 -6.90 6.74
CA ARG A 52 -7.85 -8.16 7.23
C ARG A 52 -9.02 -8.90 6.75
N GLU A 53 -8.73 -9.93 6.05
CA GLU A 53 -9.70 -10.70 5.26
C GLU A 53 -10.92 -11.07 5.95
N GLN A 54 -10.85 -12.00 6.81
CA GLN A 54 -12.03 -12.36 7.45
C GLN A 54 -12.41 -11.44 8.60
N VAL A 55 -11.50 -10.54 8.88
CA VAL A 55 -11.69 -9.55 9.87
C VAL A 55 -12.48 -8.33 9.26
N LEU A 56 -12.69 -8.38 7.94
CA LEU A 56 -13.42 -7.46 7.11
C LEU A 56 -13.03 -5.97 7.30
N LYS A 57 -12.03 -5.74 8.00
CA LYS A 57 -11.65 -4.39 8.25
C LYS A 57 -10.21 -4.01 7.90
N VAL A 58 -10.08 -3.26 6.79
CA VAL A 58 -8.94 -2.38 6.54
C VAL A 58 -8.37 -1.74 7.80
N CYS A 59 -7.09 -1.92 7.98
CA CYS A 59 -6.38 -1.38 9.09
C CYS A 59 -5.64 -0.12 8.69
N ALA A 60 -5.14 -0.07 7.44
CA ALA A 60 -4.29 0.94 7.06
C ALA A 60 -4.57 1.30 5.70
N ASN A 61 -4.53 2.51 5.50
CA ASN A 61 -4.62 3.12 4.21
C ASN A 61 -3.39 3.91 3.99
N HIS A 62 -2.53 3.35 3.29
CA HIS A 62 -1.30 4.00 2.95
C HIS A 62 -1.30 4.43 1.49
N TRP A 63 -0.84 5.60 1.26
CA TRP A 63 -0.72 6.21 -0.08
C TRP A 63 0.55 5.72 -0.75
N ILE A 64 0.50 5.61 -2.05
CA ILE A 64 1.62 5.25 -2.84
C ILE A 64 1.91 6.42 -3.77
N THR A 65 3.04 7.05 -3.58
CA THR A 65 3.42 8.17 -4.39
C THR A 65 4.91 8.21 -4.67
N THR A 66 5.27 8.94 -5.70
CA THR A 66 6.65 9.20 -6.08
C THR A 66 7.25 10.30 -5.18
N THR A 67 6.42 10.84 -4.32
CA THR A 67 6.77 11.82 -3.30
C THR A 67 7.35 11.05 -2.09
N MET A 68 7.48 9.78 -2.30
CA MET A 68 7.89 8.85 -1.41
C MET A 68 8.68 7.87 -2.23
N ASN A 69 9.34 7.02 -1.58
CA ASN A 69 10.15 6.00 -2.19
C ASN A 69 10.02 4.70 -1.43
N LEU A 70 10.10 3.61 -2.16
CA LEU A 70 10.11 2.35 -1.64
C LEU A 70 11.52 1.90 -1.37
N LYS A 71 11.68 1.39 -0.27
CA LYS A 71 12.94 0.93 0.21
C LYS A 71 12.83 -0.59 0.45
N PRO A 72 13.72 -1.40 -0.16
CA PRO A 72 13.69 -2.85 0.02
C PRO A 72 13.97 -3.26 1.47
N LEU A 73 13.23 -4.22 1.96
CA LEU A 73 13.30 -4.61 3.35
C LEU A 73 14.60 -5.26 3.66
N SER A 74 15.03 -5.11 4.87
CA SER A 74 16.14 -5.82 5.34
C SER A 74 15.74 -7.21 5.61
N GLY A 75 16.49 -8.11 5.08
CA GLY A 75 16.23 -9.44 5.41
C GLY A 75 15.13 -10.10 4.58
N SER A 76 14.44 -9.30 3.74
CA SER A 76 13.45 -9.84 2.86
C SER A 76 14.06 -10.33 1.59
N ASP A 77 13.26 -11.09 0.94
CA ASP A 77 13.51 -11.68 -0.28
C ASP A 77 13.17 -10.66 -1.26
N ARG A 78 12.01 -10.06 -1.05
CA ARG A 78 11.58 -9.04 -1.95
C ARG A 78 10.38 -8.21 -1.47
N ALA A 79 10.37 -7.89 -0.22
CA ALA A 79 9.34 -7.06 0.34
C ALA A 79 9.96 -5.69 0.52
N TRP A 80 9.15 -4.70 0.58
CA TRP A 80 9.56 -3.33 0.51
C TRP A 80 8.76 -2.53 1.48
N MET A 81 9.26 -1.38 1.80
CA MET A 81 8.64 -0.51 2.66
C MET A 81 8.56 0.78 2.01
N TRP A 82 7.55 1.42 2.28
CA TRP A 82 7.30 2.68 1.76
C TRP A 82 6.83 3.49 2.90
N LEU A 83 7.02 4.75 2.88
CA LEU A 83 6.56 5.47 4.03
C LEU A 83 5.31 6.29 3.72
N ALA A 84 4.30 6.10 4.51
CA ALA A 84 3.03 6.77 4.30
C ALA A 84 2.36 7.12 5.59
N SER A 85 1.52 8.09 5.53
CA SER A 85 0.65 8.39 6.54
C SER A 85 -0.61 7.64 6.42
N ASP A 86 -0.76 6.78 7.35
CA ASP A 86 -1.94 6.03 7.50
C ASP A 86 -2.97 6.70 8.41
N PHE A 87 -4.20 6.48 8.04
CA PHE A 87 -5.40 6.70 8.80
C PHE A 87 -6.52 6.35 7.87
N SER A 88 -6.80 5.06 7.74
CA SER A 88 -7.95 4.66 6.93
C SER A 88 -9.17 5.17 7.66
N ASP A 89 -9.02 5.06 8.95
CA ASP A 89 -9.90 5.52 9.98
C ASP A 89 -9.30 4.92 11.20
N GLY A 90 -7.97 4.78 11.17
CA GLY A 90 -7.41 3.93 12.15
C GLY A 90 -6.69 4.64 13.15
N ASP A 91 -5.59 4.99 12.76
CA ASP A 91 -4.62 5.58 13.60
C ASP A 91 -3.80 6.52 12.80
N ALA A 92 -3.55 7.67 13.34
CA ALA A 92 -2.82 8.67 12.61
C ALA A 92 -1.36 8.46 12.81
N LYS A 93 -0.76 7.85 11.85
CA LYS A 93 0.59 7.51 11.87
C LYS A 93 1.24 7.83 10.59
N LEU A 94 2.40 8.36 10.65
CA LEU A 94 3.21 8.36 9.48
C LEU A 94 4.20 7.30 9.76
N GLU A 95 4.27 6.40 8.91
CA GLU A 95 4.83 5.20 9.17
C GLU A 95 5.54 4.79 8.00
N GLN A 96 6.57 4.20 8.26
CA GLN A 96 7.33 3.64 7.31
C GLN A 96 6.89 2.24 7.46
N LEU A 97 6.28 1.78 6.53
CA LEU A 97 5.68 0.52 6.64
C LEU A 97 6.04 -0.38 5.56
N ALA A 98 5.90 -1.61 5.81
CA ALA A 98 6.32 -2.61 4.88
C ALA A 98 5.19 -3.54 4.55
N ALA A 99 5.33 -4.24 3.46
CA ALA A 99 4.42 -5.27 3.08
C ALA A 99 5.18 -6.33 2.38
N LYS A 100 4.75 -7.55 2.50
CA LYS A 100 5.38 -8.62 1.88
C LYS A 100 4.36 -9.49 1.30
N PHE A 101 4.72 -9.94 0.23
CA PHE A 101 4.01 -10.90 -0.55
C PHE A 101 4.70 -12.22 -0.36
N LYS A 102 3.94 -13.27 -0.49
CA LYS A 102 4.35 -14.65 -0.21
C LYS A 102 5.70 -15.02 -0.84
N THR A 103 5.82 -14.75 -2.10
CA THR A 103 6.97 -15.14 -2.87
C THR A 103 7.59 -13.90 -3.44
N PRO A 104 8.88 -13.91 -3.84
CA PRO A 104 9.51 -12.77 -4.53
C PRO A 104 8.91 -12.58 -5.90
N GLU A 105 8.07 -13.42 -6.28
CA GLU A 105 7.33 -13.25 -7.50
C GLU A 105 6.35 -12.15 -7.28
N LEU A 106 5.56 -12.32 -6.23
CA LEU A 106 4.50 -11.42 -5.88
C LEU A 106 5.11 -10.17 -5.32
N ALA A 107 6.12 -10.39 -4.53
CA ALA A 107 6.87 -9.36 -3.91
C ALA A 107 7.69 -8.60 -4.96
N GLU A 108 8.40 -9.31 -5.86
CA GLU A 108 9.24 -8.57 -6.84
C GLU A 108 8.42 -7.85 -7.91
N GLU A 109 7.43 -8.53 -8.45
CA GLU A 109 6.61 -7.95 -9.51
C GLU A 109 5.87 -6.74 -9.04
N PHE A 110 5.35 -6.79 -7.85
CA PHE A 110 4.60 -5.69 -7.31
C PHE A 110 5.53 -4.53 -7.03
N LYS A 111 6.76 -4.84 -6.64
CA LYS A 111 7.83 -3.82 -6.36
C LYS A 111 8.04 -2.97 -7.60
N GLN A 112 8.24 -3.65 -8.67
CA GLN A 112 8.46 -3.07 -10.01
C GLN A 112 7.30 -2.19 -10.41
N LYS A 113 6.13 -2.74 -10.29
CA LYS A 113 4.94 -2.13 -10.63
C LYS A 113 4.70 -0.94 -9.77
N PHE A 114 5.04 -1.11 -8.54
CA PHE A 114 4.84 -0.09 -7.49
C PHE A 114 5.52 1.23 -7.86
N GLU A 115 6.81 1.17 -8.16
CA GLU A 115 7.56 2.38 -8.51
C GLU A 115 7.09 2.93 -9.85
N GLU A 116 6.72 2.04 -10.76
CA GLU A 116 6.22 2.42 -12.06
C GLU A 116 4.92 3.19 -11.86
N CYS A 117 4.05 2.62 -11.05
CA CYS A 117 2.81 3.14 -10.69
C CYS A 117 2.94 4.47 -10.02
N GLN A 118 4.02 4.68 -9.28
CA GLN A 118 4.23 5.94 -8.62
C GLN A 118 4.17 7.07 -9.67
N ARG A 119 4.93 6.93 -10.75
CA ARG A 119 4.84 7.89 -11.85
C ARG A 119 3.57 7.77 -12.68
N LEU A 120 3.35 6.59 -13.04
CA LEU A 120 2.35 6.19 -14.01
C LEU A 120 0.90 6.19 -13.61
N LEU A 121 0.60 5.61 -12.44
CA LEU A 121 -0.80 5.26 -11.99
C LEU A 121 -1.67 6.49 -11.92
N LEU A 122 -1.00 7.56 -11.84
CA LEU A 122 -1.53 8.87 -11.67
C LEU A 122 -2.40 9.38 -12.81
N ASP A 123 -1.97 9.18 -14.03
CA ASP A 123 -2.65 9.82 -15.15
C ASP A 123 -3.50 8.85 -15.88
N ILE A 124 -3.06 7.66 -15.84
CA ILE A 124 -3.60 6.62 -16.61
C ILE A 124 -4.82 5.96 -15.96
N PRO A 125 -5.93 5.81 -16.73
CA PRO A 125 -7.13 5.17 -16.24
C PRO A 125 -6.93 3.68 -16.03
N LEU A 126 -7.36 3.21 -14.90
CA LEU A 126 -7.29 1.81 -14.55
C LEU A 126 -8.65 1.42 -14.03
N GLN A 127 -8.98 0.14 -14.20
CA GLN A 127 -10.23 -0.46 -13.83
C GLN A 127 -11.39 0.31 -14.46
N THR A 128 -11.57 0.09 -15.72
CA THR A 128 -12.57 0.76 -16.47
C THR A 128 -13.82 -0.10 -16.57
N PRO A 129 -14.99 0.53 -16.78
CA PRO A 129 -16.21 -0.21 -16.98
C PRO A 129 -16.18 -0.94 -18.31
N LYS A 130 -16.74 -2.09 -18.36
CA LYS A 130 -16.73 -2.85 -19.56
C LYS A 130 -18.12 -3.41 -19.78
N GLY A 1 -18.48 12.10 -4.69
CA GLY A 1 -18.48 10.89 -3.90
C GLY A 1 -19.12 11.16 -2.57
N SER A 2 -18.68 10.46 -1.56
CA SER A 2 -19.22 10.63 -0.23
C SER A 2 -18.06 10.80 0.77
N GLY A 3 -17.02 10.02 0.60
CA GLY A 3 -15.88 10.10 1.47
C GLY A 3 -14.68 9.37 0.94
N GLU A 4 -14.76 8.05 0.90
CA GLU A 4 -13.62 7.22 0.55
C GLU A 4 -13.73 6.62 -0.86
N GLU A 5 -14.62 7.12 -1.67
CA GLU A 5 -14.71 6.72 -2.97
C GLU A 5 -14.37 7.89 -3.80
N ASP A 6 -14.74 7.82 -5.04
CA ASP A 6 -14.25 8.71 -6.15
C ASP A 6 -12.89 8.17 -6.60
N GLU A 7 -12.59 7.06 -6.03
CA GLU A 7 -11.49 6.27 -6.27
C GLU A 7 -11.98 4.89 -6.21
N LYS A 8 -11.49 4.11 -7.07
CA LYS A 8 -12.08 2.85 -7.29
C LYS A 8 -11.12 1.70 -7.03
N VAL A 9 -11.69 0.52 -6.80
CA VAL A 9 -10.93 -0.67 -6.58
C VAL A 9 -10.64 -1.29 -7.90
N LEU A 10 -9.41 -1.40 -8.20
CA LEU A 10 -8.99 -2.10 -9.43
C LEU A 10 -8.54 -3.51 -9.12
N TYR A 11 -7.68 -3.65 -8.17
CA TYR A 11 -7.11 -4.94 -7.82
C TYR A 11 -6.99 -5.11 -6.32
N SER A 12 -7.34 -6.28 -5.88
CA SER A 12 -7.31 -6.68 -4.52
C SER A 12 -6.57 -8.03 -4.38
N GLN A 13 -5.58 -8.10 -3.48
CA GLN A 13 -4.78 -9.32 -3.33
C GLN A 13 -4.24 -9.56 -1.91
N ARG A 14 -3.93 -10.81 -1.60
CA ARG A 14 -3.53 -11.21 -0.28
C ARG A 14 -2.08 -10.82 -0.06
N VAL A 15 -1.89 -10.03 0.95
CA VAL A 15 -0.62 -9.46 1.28
C VAL A 15 -0.46 -9.53 2.80
N LYS A 16 0.73 -9.26 3.28
CA LYS A 16 0.97 -9.07 4.68
C LYS A 16 1.28 -7.64 4.91
N LEU A 17 0.78 -7.07 5.97
CA LEU A 17 1.11 -5.73 6.28
C LEU A 17 2.08 -5.81 7.40
N PHE A 18 2.94 -4.87 7.46
CA PHE A 18 3.99 -4.79 8.45
C PHE A 18 4.10 -3.37 8.94
N ARG A 19 4.22 -3.20 10.23
CA ARG A 19 4.46 -1.91 10.78
C ARG A 19 5.75 -1.91 11.46
N PHE A 20 6.30 -0.82 11.38
CA PHE A 20 7.55 -0.51 11.94
C PHE A 20 7.33 -0.36 13.39
N ASP A 21 7.96 -1.15 14.09
CA ASP A 21 7.95 -1.07 15.50
C ASP A 21 9.02 -0.18 15.85
N ALA A 22 8.67 0.81 16.47
CA ALA A 22 9.58 1.81 16.94
C ALA A 22 10.41 1.25 18.05
N GLU A 23 9.77 0.43 18.86
CA GLU A 23 10.41 -0.17 19.98
C GLU A 23 11.24 -1.36 19.55
N VAL A 24 10.84 -2.00 18.45
CA VAL A 24 11.65 -3.14 17.98
C VAL A 24 12.56 -2.70 16.90
N SER A 25 12.31 -1.49 16.48
CA SER A 25 12.85 -0.96 15.26
C SER A 25 12.60 -1.91 14.15
N GLN A 26 11.45 -2.58 14.18
CA GLN A 26 11.37 -3.57 13.17
C GLN A 26 10.08 -3.52 12.40
N TRP A 27 10.13 -3.86 11.13
CA TRP A 27 9.01 -4.02 10.36
C TRP A 27 8.42 -5.38 10.69
N LYS A 28 7.46 -5.35 11.57
CA LYS A 28 6.80 -6.52 12.11
C LYS A 28 5.42 -6.56 11.59
N GLU A 29 5.02 -7.75 11.18
CA GLU A 29 3.81 -7.94 10.56
C GLU A 29 2.66 -7.47 11.39
N ARG A 30 1.78 -6.92 10.70
CA ARG A 30 0.56 -6.46 11.24
C ARG A 30 -0.46 -7.51 11.01
N GLY A 31 -0.25 -8.28 9.98
CA GLY A 31 -1.11 -9.34 9.66
C GLY A 31 -1.17 -9.57 8.24
N LEU A 32 -2.29 -9.96 7.84
CA LEU A 32 -2.53 -10.52 6.58
C LEU A 32 -3.87 -10.04 6.12
N GLY A 33 -4.01 -9.85 4.84
CA GLY A 33 -5.27 -9.44 4.33
C GLY A 33 -5.22 -9.18 2.88
N ASN A 34 -6.23 -8.55 2.42
CA ASN A 34 -6.41 -8.20 1.05
C ASN A 34 -6.07 -6.80 0.89
N LEU A 35 -5.16 -6.62 0.07
CA LEU A 35 -4.71 -5.37 -0.30
C LEU A 35 -5.55 -4.92 -1.43
N LYS A 36 -6.22 -3.84 -1.26
CA LYS A 36 -6.92 -3.29 -2.30
C LYS A 36 -6.40 -1.92 -2.61
N ILE A 37 -6.49 -1.56 -3.83
CA ILE A 37 -6.02 -0.31 -4.29
C ILE A 37 -7.16 0.53 -4.67
N LEU A 38 -7.16 1.75 -4.19
CA LEU A 38 -8.13 2.68 -4.71
C LEU A 38 -7.36 3.68 -5.52
N LYS A 39 -7.83 3.95 -6.69
CA LYS A 39 -7.23 4.94 -7.55
C LYS A 39 -8.26 5.98 -7.83
N ASN A 40 -7.95 7.23 -7.55
CA ASN A 40 -8.90 8.32 -7.87
C ASN A 40 -9.14 8.44 -9.35
N GLU A 41 -10.37 8.73 -9.70
CA GLU A 41 -10.79 9.01 -11.00
C GLU A 41 -10.20 10.36 -11.41
N VAL A 42 -9.87 11.14 -10.42
CA VAL A 42 -9.24 12.39 -10.52
C VAL A 42 -7.75 12.17 -10.79
N ASN A 43 -7.29 10.97 -10.38
CA ASN A 43 -5.90 10.55 -10.40
C ASN A 43 -5.12 11.47 -9.47
N GLY A 44 -5.80 11.86 -8.41
CA GLY A 44 -5.21 12.70 -7.43
C GLY A 44 -4.44 11.90 -6.43
N LYS A 45 -5.13 11.14 -5.63
CA LYS A 45 -4.49 10.33 -4.63
C LYS A 45 -4.90 8.89 -4.86
N LEU A 46 -3.93 8.03 -4.95
CA LEU A 46 -4.17 6.67 -5.14
C LEU A 46 -3.63 5.99 -3.92
N ARG A 47 -4.22 4.92 -3.55
CA ARG A 47 -3.85 4.21 -2.30
C ARG A 47 -3.86 2.72 -2.38
N MET A 48 -3.10 2.16 -1.49
CA MET A 48 -3.11 0.78 -1.13
C MET A 48 -3.64 0.72 0.26
N LEU A 49 -4.70 0.05 0.43
CA LEU A 49 -5.14 -0.26 1.76
C LEU A 49 -5.30 -1.71 1.93
N MET A 50 -5.13 -2.11 3.11
CA MET A 50 -5.22 -3.37 3.48
C MET A 50 -5.90 -3.45 4.75
N ARG A 51 -6.82 -4.18 4.69
CA ARG A 51 -7.64 -4.60 5.76
C ARG A 51 -7.23 -5.99 6.03
N ARG A 52 -7.34 -6.32 7.22
CA ARG A 52 -7.03 -7.58 7.64
C ARG A 52 -8.27 -8.32 7.46
N GLU A 53 -8.15 -9.34 6.70
CA GLU A 53 -9.25 -10.15 6.21
C GLU A 53 -10.18 -10.66 7.21
N GLN A 54 -9.73 -11.47 8.09
CA GLN A 54 -10.66 -11.96 9.03
C GLN A 54 -10.84 -10.95 10.16
N VAL A 55 -10.02 -9.93 10.14
CA VAL A 55 -9.97 -8.95 11.16
C VAL A 55 -10.86 -7.72 10.81
N LEU A 56 -11.44 -7.75 9.59
CA LEU A 56 -12.39 -6.82 9.03
C LEU A 56 -11.95 -5.32 9.13
N LYS A 57 -10.77 -5.12 9.47
CA LYS A 57 -10.31 -3.79 9.65
C LYS A 57 -9.07 -3.41 8.83
N VAL A 58 -9.28 -2.63 7.76
CA VAL A 58 -8.28 -1.73 7.17
C VAL A 58 -7.30 -1.24 8.23
N CYS A 59 -6.10 -1.68 8.08
CA CYS A 59 -5.10 -1.36 8.99
C CYS A 59 -4.23 -0.26 8.41
N ALA A 60 -4.05 -0.24 7.07
CA ALA A 60 -3.20 0.67 6.50
C ALA A 60 -3.77 1.19 5.27
N ASN A 61 -3.64 2.43 5.16
CA ASN A 61 -3.95 3.18 4.01
C ASN A 61 -2.75 3.98 3.57
N HIS A 62 -2.04 3.44 2.69
CA HIS A 62 -0.86 4.09 2.13
C HIS A 62 -1.10 4.52 0.70
N TRP A 63 -0.83 5.76 0.42
CA TRP A 63 -0.93 6.30 -0.92
C TRP A 63 0.33 6.02 -1.69
N ILE A 64 0.15 5.69 -2.94
CA ILE A 64 1.18 5.37 -3.81
C ILE A 64 1.44 6.59 -4.66
N THR A 65 2.51 7.25 -4.35
CA THR A 65 2.92 8.41 -5.07
C THR A 65 4.40 8.45 -5.18
N THR A 66 4.86 9.18 -6.13
CA THR A 66 6.25 9.44 -6.38
C THR A 66 6.80 10.43 -5.35
N THR A 67 5.90 10.92 -4.50
CA THR A 67 6.20 11.88 -3.45
C THR A 67 6.73 11.08 -2.23
N MET A 68 6.88 9.83 -2.46
CA MET A 68 7.26 8.91 -1.55
C MET A 68 8.13 7.94 -2.31
N ASN A 69 8.80 7.17 -1.62
CA ASN A 69 9.70 6.19 -2.14
C ASN A 69 9.50 4.91 -1.39
N LEU A 70 9.59 3.81 -2.10
CA LEU A 70 9.54 2.57 -1.54
C LEU A 70 10.95 2.12 -1.19
N LYS A 71 11.06 1.72 -0.04
CA LYS A 71 12.33 1.36 0.56
C LYS A 71 12.30 -0.08 1.07
N PRO A 72 13.28 -0.91 0.72
CA PRO A 72 13.33 -2.30 1.14
C PRO A 72 13.83 -2.46 2.60
N LEU A 73 13.24 -3.38 3.32
CA LEU A 73 13.57 -3.67 4.66
C LEU A 73 14.58 -4.78 4.77
N SER A 74 15.04 -4.99 5.96
CA SER A 74 15.82 -6.14 6.29
C SER A 74 14.91 -7.30 6.37
N GLY A 75 15.39 -8.43 5.96
CA GLY A 75 14.60 -9.58 6.07
C GLY A 75 13.58 -9.67 4.92
N SER A 76 13.77 -8.79 3.96
CA SER A 76 13.03 -8.74 2.74
C SER A 76 13.55 -9.78 1.77
N ASP A 77 12.64 -10.30 1.06
CA ASP A 77 12.88 -11.14 -0.05
C ASP A 77 12.77 -10.27 -1.23
N ARG A 78 11.70 -9.53 -1.22
CA ARG A 78 11.42 -8.53 -2.18
C ARG A 78 10.24 -7.72 -1.67
N ALA A 79 10.33 -7.40 -0.42
CA ALA A 79 9.34 -6.71 0.36
C ALA A 79 9.81 -5.28 0.58
N TRP A 80 8.89 -4.35 0.58
CA TRP A 80 9.19 -2.94 0.57
C TRP A 80 8.29 -2.20 1.54
N MET A 81 8.71 -1.04 1.89
CA MET A 81 8.13 -0.21 2.83
C MET A 81 8.00 1.10 2.22
N TRP A 82 7.10 1.77 2.69
CA TRP A 82 6.76 3.03 2.17
C TRP A 82 6.61 3.89 3.37
N LEU A 83 6.87 5.14 3.27
CA LEU A 83 6.54 5.92 4.40
C LEU A 83 5.29 6.76 4.09
N ALA A 84 4.31 6.60 4.90
CA ALA A 84 3.02 7.25 4.70
C ALA A 84 2.35 7.58 5.98
N SER A 85 1.39 8.44 5.91
CA SER A 85 0.51 8.62 6.96
C SER A 85 -0.60 7.67 6.86
N ASP A 86 -0.44 6.71 7.65
CA ASP A 86 -1.28 5.62 7.73
C ASP A 86 -2.12 5.64 9.04
N PHE A 87 -3.17 4.80 9.08
CA PHE A 87 -4.19 4.67 9.99
C PHE A 87 -5.43 5.44 9.61
N SER A 88 -6.09 4.87 8.67
CA SER A 88 -7.28 5.36 8.06
C SER A 88 -8.41 5.22 9.02
N ASP A 89 -8.33 4.15 9.77
CA ASP A 89 -9.33 3.73 10.69
C ASP A 89 -8.60 3.45 11.97
N GLY A 90 -7.71 4.37 12.23
CA GLY A 90 -6.81 4.26 13.32
C GLY A 90 -6.19 5.56 13.68
N ASP A 91 -6.21 6.45 12.70
CA ASP A 91 -5.78 7.87 12.79
C ASP A 91 -4.38 8.04 12.31
N ALA A 92 -4.21 8.91 11.35
CA ALA A 92 -3.01 8.96 10.55
C ALA A 92 -1.78 9.54 11.22
N LYS A 93 -0.85 8.66 11.49
CA LYS A 93 0.45 8.96 11.91
C LYS A 93 1.34 8.61 10.73
N LEU A 94 2.37 9.35 10.49
CA LEU A 94 3.27 8.94 9.47
C LEU A 94 4.19 7.93 10.04
N GLU A 95 4.19 6.84 9.41
CA GLU A 95 4.77 5.71 9.83
C GLU A 95 5.30 5.05 8.63
N GLN A 96 6.11 4.19 8.86
CA GLN A 96 6.72 3.49 7.90
C GLN A 96 6.19 2.10 8.03
N LEU A 97 5.51 1.70 7.07
CA LEU A 97 4.98 0.42 7.02
C LEU A 97 5.42 -0.30 5.80
N ALA A 98 5.43 -1.57 5.91
CA ALA A 98 5.92 -2.43 4.89
C ALA A 98 4.89 -3.45 4.54
N ALA A 99 5.06 -4.05 3.42
CA ALA A 99 4.24 -5.14 3.02
C ALA A 99 5.11 -6.16 2.38
N LYS A 100 4.73 -7.38 2.51
CA LYS A 100 5.43 -8.43 1.97
C LYS A 100 4.45 -9.33 1.39
N PHE A 101 4.85 -9.84 0.39
CA PHE A 101 4.13 -10.80 -0.35
C PHE A 101 4.76 -12.16 -0.11
N LYS A 102 4.04 -13.20 -0.48
CA LYS A 102 4.43 -14.59 -0.25
C LYS A 102 5.87 -14.90 -0.67
N THR A 103 6.22 -14.50 -1.87
CA THR A 103 7.52 -14.77 -2.44
C THR A 103 7.95 -13.55 -3.21
N PRO A 104 9.24 -13.45 -3.68
CA PRO A 104 9.66 -12.37 -4.56
C PRO A 104 8.95 -12.39 -5.89
N GLU A 105 8.18 -13.34 -6.11
CA GLU A 105 7.37 -13.40 -7.29
C GLU A 105 6.30 -12.34 -7.15
N LEU A 106 5.63 -12.42 -6.03
CA LEU A 106 4.55 -11.53 -5.71
C LEU A 106 5.12 -10.21 -5.32
N ALA A 107 6.14 -10.30 -4.52
CA ALA A 107 6.83 -9.19 -3.99
C ALA A 107 7.62 -8.43 -5.08
N GLU A 108 8.27 -9.15 -6.02
CA GLU A 108 9.05 -8.40 -7.07
C GLU A 108 8.12 -7.69 -8.05
N GLU A 109 7.08 -8.40 -8.47
CA GLU A 109 6.15 -7.92 -9.51
C GLU A 109 5.48 -6.65 -9.06
N PHE A 110 5.06 -6.69 -7.85
CA PHE A 110 4.40 -5.61 -7.25
C PHE A 110 5.29 -4.41 -7.01
N LYS A 111 6.58 -4.62 -6.68
CA LYS A 111 7.52 -3.49 -6.45
C LYS A 111 7.60 -2.65 -7.69
N GLN A 112 7.87 -3.36 -8.75
CA GLN A 112 8.01 -2.81 -10.10
C GLN A 112 6.81 -2.00 -10.48
N LYS A 113 5.65 -2.63 -10.31
CA LYS A 113 4.37 -2.04 -10.69
C LYS A 113 4.13 -0.85 -9.85
N PHE A 114 4.51 -0.97 -8.62
CA PHE A 114 4.28 0.10 -7.62
C PHE A 114 5.05 1.36 -7.99
N GLU A 115 6.35 1.21 -8.19
CA GLU A 115 7.19 2.34 -8.55
C GLU A 115 6.85 2.84 -9.95
N GLU A 116 6.41 1.92 -10.82
CA GLU A 116 6.03 2.25 -12.15
C GLU A 116 4.86 3.19 -12.12
N CYS A 117 3.84 2.81 -11.36
CA CYS A 117 2.71 3.59 -11.19
C CYS A 117 3.05 4.93 -10.59
N GLN A 118 4.04 4.96 -9.70
CA GLN A 118 4.46 6.21 -9.11
C GLN A 118 4.95 7.13 -10.20
N ARG A 119 5.83 6.61 -11.05
CA ARG A 119 6.41 7.40 -12.13
C ARG A 119 5.45 7.73 -13.24
N LEU A 120 4.84 6.73 -13.65
CA LEU A 120 3.99 6.71 -14.83
C LEU A 120 2.61 7.31 -14.72
N LEU A 121 1.91 7.02 -13.64
CA LEU A 121 0.48 7.37 -13.46
C LEU A 121 0.27 8.89 -13.45
N LEU A 122 1.32 9.54 -13.21
CA LEU A 122 1.43 10.98 -13.08
C LEU A 122 1.16 11.78 -14.35
N ASP A 123 1.69 11.32 -15.45
CA ASP A 123 1.72 12.14 -16.66
C ASP A 123 0.53 11.88 -17.49
N ILE A 124 -0.08 10.83 -17.17
CA ILE A 124 -1.14 10.31 -17.89
C ILE A 124 -2.45 10.43 -17.10
N PRO A 125 -3.57 10.74 -17.74
CA PRO A 125 -4.86 10.77 -17.07
C PRO A 125 -5.28 9.35 -16.72
N LEU A 126 -5.99 9.17 -15.63
CA LEU A 126 -6.40 7.85 -15.27
C LEU A 126 -7.65 7.45 -16.03
N GLN A 127 -7.42 6.77 -17.10
CA GLN A 127 -8.45 6.27 -17.96
C GLN A 127 -8.26 4.78 -18.09
N THR A 128 -9.21 4.13 -18.66
CA THR A 128 -9.08 2.74 -18.96
C THR A 128 -8.36 2.67 -20.32
N PRO A 129 -7.20 2.00 -20.39
CA PRO A 129 -6.39 2.00 -21.59
C PRO A 129 -7.11 1.44 -22.81
N LYS A 130 -7.03 2.19 -23.84
CA LYS A 130 -7.61 1.89 -25.10
C LYS A 130 -6.80 2.68 -26.10
N GLY A 1 -20.29 9.35 2.19
CA GLY A 1 -20.95 9.48 0.90
C GLY A 1 -19.95 9.66 -0.21
N SER A 2 -20.35 9.34 -1.43
CA SER A 2 -19.50 9.43 -2.60
C SER A 2 -19.08 10.88 -2.86
N GLY A 3 -17.80 11.10 -2.81
CA GLY A 3 -17.25 12.40 -3.04
C GLY A 3 -16.33 12.81 -1.93
N GLU A 4 -16.49 12.16 -0.80
CA GLU A 4 -15.63 12.38 0.34
C GLU A 4 -14.38 11.54 0.18
N GLU A 5 -14.57 10.38 -0.37
CA GLU A 5 -13.50 9.47 -0.61
C GLU A 5 -12.98 9.68 -1.99
N ASP A 6 -13.89 9.57 -2.86
CA ASP A 6 -13.71 9.65 -4.29
C ASP A 6 -12.82 8.58 -4.92
N GLU A 7 -12.35 7.67 -4.14
CA GLU A 7 -11.58 6.65 -4.69
C GLU A 7 -12.25 5.35 -4.59
N LYS A 8 -12.09 4.63 -5.63
CA LYS A 8 -12.78 3.38 -5.79
C LYS A 8 -11.82 2.19 -5.99
N VAL A 9 -12.32 0.98 -5.77
CA VAL A 9 -11.53 -0.22 -5.82
C VAL A 9 -11.14 -0.58 -7.23
N LEU A 10 -9.88 -0.62 -7.43
CA LEU A 10 -9.30 -1.03 -8.70
C LEU A 10 -9.01 -2.54 -8.69
N TYR A 11 -8.08 -2.95 -7.88
CA TYR A 11 -7.72 -4.37 -7.75
C TYR A 11 -7.43 -4.70 -6.29
N SER A 12 -7.70 -5.94 -5.89
CA SER A 12 -7.55 -6.42 -4.56
C SER A 12 -6.75 -7.75 -4.51
N GLN A 13 -5.71 -7.80 -3.68
CA GLN A 13 -4.90 -9.03 -3.50
C GLN A 13 -4.28 -9.16 -2.11
N ARG A 14 -4.01 -10.38 -1.68
CA ARG A 14 -3.55 -10.62 -0.33
C ARG A 14 -2.07 -10.31 -0.16
N VAL A 15 -1.82 -9.47 0.78
CA VAL A 15 -0.53 -8.98 1.13
C VAL A 15 -0.34 -9.21 2.64
N LYS A 16 0.83 -8.96 3.12
CA LYS A 16 1.08 -8.92 4.53
C LYS A 16 1.46 -7.50 4.85
N LEU A 17 0.88 -6.93 5.88
CA LEU A 17 1.13 -5.56 6.20
C LEU A 17 2.07 -5.53 7.36
N PHE A 18 2.96 -4.59 7.39
CA PHE A 18 3.99 -4.46 8.43
C PHE A 18 4.15 -3.03 8.89
N ARG A 19 4.35 -2.85 10.18
CA ARG A 19 4.71 -1.63 10.73
C ARG A 19 6.04 -1.68 11.37
N PHE A 20 6.63 -0.59 11.31
CA PHE A 20 7.89 -0.32 11.87
C PHE A 20 7.65 0.17 13.25
N ASP A 21 8.27 -0.41 14.15
CA ASP A 21 8.26 0.05 15.50
C ASP A 21 9.37 0.99 15.65
N ALA A 22 9.03 2.11 16.00
CA ALA A 22 9.96 3.18 16.28
C ALA A 22 10.72 2.84 17.55
N GLU A 23 10.03 2.23 18.48
CA GLU A 23 10.58 1.89 19.76
C GLU A 23 11.37 0.60 19.69
N VAL A 24 11.01 -0.25 18.72
CA VAL A 24 11.76 -1.51 18.58
C VAL A 24 12.73 -1.37 17.47
N SER A 25 12.56 -0.27 16.76
CA SER A 25 13.18 -0.06 15.50
C SER A 25 12.92 -1.22 14.64
N GLN A 26 11.72 -1.79 14.72
CA GLN A 26 11.65 -2.97 13.96
C GLN A 26 10.39 -3.12 13.13
N TRP A 27 10.52 -3.70 11.96
CA TRP A 27 9.49 -3.92 11.08
C TRP A 27 8.87 -5.30 11.36
N LYS A 28 7.59 -5.32 11.60
CA LYS A 28 6.89 -6.58 11.80
C LYS A 28 5.47 -6.46 11.39
N GLU A 29 4.93 -7.57 10.94
CA GLU A 29 3.67 -7.65 10.41
C GLU A 29 2.59 -7.21 11.33
N ARG A 30 1.69 -6.57 10.72
CA ARG A 30 0.52 -6.04 11.34
C ARG A 30 -0.58 -7.02 11.15
N GLY A 31 -0.43 -7.82 10.13
CA GLY A 31 -1.38 -8.80 9.82
C GLY A 31 -1.21 -9.26 8.40
N LEU A 32 -2.28 -9.67 7.85
CA LEU A 32 -2.40 -10.28 6.55
C LEU A 32 -3.67 -9.70 5.97
N GLY A 33 -3.82 -9.70 4.68
CA GLY A 33 -5.08 -9.28 4.17
C GLY A 33 -5.04 -8.83 2.75
N ASN A 34 -6.17 -8.39 2.30
CA ASN A 34 -6.40 -7.94 0.98
C ASN A 34 -6.06 -6.54 0.85
N LEU A 35 -5.13 -6.35 0.04
CA LEU A 35 -4.68 -5.12 -0.34
C LEU A 35 -5.46 -4.72 -1.53
N LYS A 36 -6.12 -3.65 -1.43
CA LYS A 36 -6.82 -3.17 -2.51
C LYS A 36 -6.39 -1.78 -2.82
N ILE A 37 -6.60 -1.39 -4.02
CA ILE A 37 -6.24 -0.10 -4.47
C ILE A 37 -7.47 0.68 -4.64
N LEU A 38 -7.43 1.85 -4.12
CA LEU A 38 -8.47 2.77 -4.42
C LEU A 38 -7.86 3.83 -5.32
N LYS A 39 -8.58 4.13 -6.35
CA LYS A 39 -8.15 5.05 -7.39
C LYS A 39 -9.13 6.22 -7.39
N ASN A 40 -8.64 7.44 -7.13
CA ASN A 40 -9.53 8.63 -7.14
C ASN A 40 -10.11 8.98 -8.50
N GLU A 41 -11.37 9.36 -8.50
CA GLU A 41 -12.10 9.77 -9.61
C GLU A 41 -11.73 11.22 -9.97
N VAL A 42 -11.27 11.92 -8.97
CA VAL A 42 -10.77 13.28 -9.07
C VAL A 42 -9.37 13.23 -9.66
N ASN A 43 -8.82 12.01 -9.59
CA ASN A 43 -7.48 11.66 -10.06
C ASN A 43 -6.48 12.30 -9.09
N GLY A 44 -6.90 12.32 -7.83
CA GLY A 44 -6.13 12.94 -6.79
C GLY A 44 -4.94 12.10 -6.42
N LYS A 45 -5.20 11.01 -5.75
CA LYS A 45 -4.16 10.10 -5.33
C LYS A 45 -4.68 8.70 -5.50
N LEU A 46 -3.83 7.74 -5.37
CA LEU A 46 -4.19 6.41 -5.40
C LEU A 46 -3.69 5.81 -4.14
N ARG A 47 -4.41 4.90 -3.63
CA ARG A 47 -4.02 4.26 -2.36
C ARG A 47 -4.09 2.78 -2.46
N MET A 48 -3.36 2.19 -1.61
CA MET A 48 -3.36 0.81 -1.32
C MET A 48 -3.76 0.72 0.12
N LEU A 49 -4.80 0.08 0.35
CA LEU A 49 -5.20 -0.24 1.69
C LEU A 49 -5.35 -1.69 1.85
N MET A 50 -5.15 -2.16 3.03
CA MET A 50 -5.21 -3.47 3.30
C MET A 50 -5.92 -3.67 4.57
N ARG A 51 -6.80 -4.43 4.42
CA ARG A 51 -7.76 -4.92 5.39
C ARG A 51 -7.41 -6.31 5.69
N ARG A 52 -7.67 -6.67 6.86
CA ARG A 52 -7.52 -7.96 7.28
C ARG A 52 -8.78 -8.59 6.85
N GLU A 53 -8.63 -9.59 6.08
CA GLU A 53 -9.71 -10.26 5.36
C GLU A 53 -10.80 -10.75 6.19
N GLN A 54 -10.54 -11.67 7.01
CA GLN A 54 -11.62 -12.21 7.75
C GLN A 54 -11.93 -11.29 8.94
N VAL A 55 -10.99 -10.43 9.18
CA VAL A 55 -11.05 -9.50 10.25
C VAL A 55 -11.84 -8.20 9.84
N LEU A 56 -12.25 -8.15 8.55
CA LEU A 56 -13.06 -7.12 7.93
C LEU A 56 -12.52 -5.68 8.12
N LYS A 57 -11.36 -5.59 8.58
CA LYS A 57 -10.85 -4.30 8.87
C LYS A 57 -9.52 -3.88 8.20
N VAL A 58 -9.64 -3.04 7.17
CA VAL A 58 -8.60 -2.11 6.73
C VAL A 58 -7.78 -1.55 7.88
N CYS A 59 -6.51 -1.73 7.78
CA CYS A 59 -5.60 -1.28 8.76
C CYS A 59 -4.65 -0.22 8.20
N ALA A 60 -4.37 -0.26 6.88
CA ALA A 60 -3.34 0.56 6.34
C ALA A 60 -3.77 1.22 5.16
N ASN A 61 -3.70 2.44 5.22
CA ASN A 61 -3.78 3.27 4.06
C ASN A 61 -2.41 3.71 3.63
N HIS A 62 -1.98 3.17 2.60
CA HIS A 62 -0.75 3.61 1.95
C HIS A 62 -1.07 4.18 0.58
N TRP A 63 -0.67 5.38 0.30
CA TRP A 63 -0.77 5.94 -1.02
C TRP A 63 0.44 5.53 -1.79
N ILE A 64 0.29 5.37 -3.06
CA ILE A 64 1.34 4.96 -3.88
C ILE A 64 1.69 6.17 -4.76
N THR A 65 2.73 6.83 -4.37
CA THR A 65 3.16 8.02 -5.04
C THR A 65 4.68 8.13 -5.06
N THR A 66 5.16 8.98 -5.94
CA THR A 66 6.56 9.34 -6.03
C THR A 66 6.95 10.30 -4.89
N THR A 67 5.95 10.68 -4.13
CA THR A 67 6.11 11.60 -3.01
C THR A 67 6.60 10.78 -1.80
N MET A 68 6.84 9.53 -2.06
CA MET A 68 7.21 8.59 -1.16
C MET A 68 8.21 7.72 -1.89
N ASN A 69 8.88 6.94 -1.17
CA ASN A 69 9.89 6.05 -1.66
C ASN A 69 9.80 4.73 -0.93
N LEU A 70 10.07 3.65 -1.65
CA LEU A 70 10.18 2.39 -1.16
C LEU A 70 11.64 2.03 -0.91
N LYS A 71 11.83 1.46 0.17
CA LYS A 71 13.13 1.11 0.73
C LYS A 71 13.12 -0.37 1.13
N PRO A 72 14.19 -1.13 0.87
CA PRO A 72 14.25 -2.54 1.24
C PRO A 72 14.74 -2.76 2.68
N LEU A 73 14.18 -3.76 3.33
CA LEU A 73 14.58 -4.17 4.62
C LEU A 73 15.62 -5.26 4.52
N SER A 74 16.00 -5.79 5.66
CA SER A 74 16.85 -6.94 5.72
C SER A 74 16.02 -8.16 5.75
N GLY A 75 16.50 -9.19 5.13
CA GLY A 75 15.87 -10.45 5.27
C GLY A 75 14.66 -10.62 4.38
N SER A 76 14.34 -9.60 3.62
CA SER A 76 13.28 -9.61 2.69
C SER A 76 13.66 -10.33 1.42
N ASP A 77 12.68 -10.99 0.90
CA ASP A 77 12.76 -11.71 -0.31
C ASP A 77 12.64 -10.71 -1.35
N ARG A 78 11.61 -9.93 -1.18
CA ARG A 78 11.38 -8.79 -2.00
C ARG A 78 10.26 -7.94 -1.40
N ALA A 79 10.45 -7.68 -0.18
CA ALA A 79 9.58 -6.90 0.60
C ALA A 79 10.26 -5.56 0.83
N TRP A 80 9.52 -4.49 0.78
CA TRP A 80 10.05 -3.14 0.84
C TRP A 80 9.14 -2.38 1.75
N MET A 81 9.60 -1.28 2.23
CA MET A 81 8.93 -0.47 3.12
C MET A 81 8.93 0.88 2.59
N TRP A 82 7.92 1.50 2.81
CA TRP A 82 7.66 2.76 2.31
C TRP A 82 7.12 3.55 3.43
N LEU A 83 7.30 4.81 3.42
CA LEU A 83 6.78 5.53 4.52
C LEU A 83 5.48 6.17 4.10
N ALA A 84 4.46 5.94 4.85
CA ALA A 84 3.13 6.37 4.44
C ALA A 84 2.32 6.81 5.60
N SER A 85 1.34 7.62 5.30
CA SER A 85 0.36 7.95 6.20
C SER A 85 -0.74 6.98 6.16
N ASP A 86 -0.63 6.16 7.10
CA ASP A 86 -1.38 5.01 7.31
C ASP A 86 -2.27 5.22 8.54
N PHE A 87 -3.22 4.30 8.74
CA PHE A 87 -4.30 4.33 9.60
C PHE A 87 -5.52 4.94 8.95
N SER A 88 -6.16 4.11 8.22
CA SER A 88 -7.30 4.40 7.40
C SER A 88 -8.47 4.66 8.25
N ASP A 89 -8.52 3.90 9.31
CA ASP A 89 -9.67 3.90 10.14
C ASP A 89 -9.21 4.13 11.55
N GLY A 90 -7.93 4.41 11.64
CA GLY A 90 -7.31 4.69 12.84
C GLY A 90 -6.74 6.05 12.79
N ASP A 91 -6.88 6.64 11.59
CA ASP A 91 -6.52 8.03 11.29
C ASP A 91 -5.04 8.17 11.02
N ALA A 92 -4.73 8.86 9.96
CA ALA A 92 -3.44 8.79 9.37
C ALA A 92 -2.34 9.49 10.13
N LYS A 93 -1.29 8.73 10.29
CA LYS A 93 -0.03 9.16 10.82
C LYS A 93 0.97 8.54 9.87
N LEU A 94 2.16 8.96 9.88
CA LEU A 94 3.12 8.39 9.00
C LEU A 94 4.02 7.48 9.76
N GLU A 95 4.22 6.35 9.21
CA GLU A 95 4.95 5.32 9.74
C GLU A 95 5.62 4.74 8.58
N GLN A 96 6.56 4.01 8.85
CA GLN A 96 7.28 3.39 7.89
C GLN A 96 6.73 2.01 7.92
N LEU A 97 6.14 1.68 6.91
CA LEU A 97 5.44 0.50 6.80
C LEU A 97 5.95 -0.35 5.69
N ALA A 98 5.91 -1.62 5.90
CA ALA A 98 6.39 -2.55 4.94
C ALA A 98 5.28 -3.46 4.52
N ALA A 99 5.47 -4.11 3.43
CA ALA A 99 4.53 -5.10 2.97
C ALA A 99 5.28 -6.14 2.20
N LYS A 100 4.94 -7.36 2.41
CA LYS A 100 5.55 -8.40 1.78
C LYS A 100 4.56 -9.30 1.28
N PHE A 101 4.90 -9.82 0.23
CA PHE A 101 4.12 -10.82 -0.40
C PHE A 101 4.70 -12.18 -0.10
N LYS A 102 3.91 -13.20 -0.38
CA LYS A 102 4.24 -14.60 -0.08
C LYS A 102 5.57 -15.06 -0.65
N THR A 103 5.79 -14.74 -1.89
CA THR A 103 6.97 -15.15 -2.59
C THR A 103 7.59 -13.93 -3.24
N PRO A 104 8.91 -13.95 -3.62
CA PRO A 104 9.50 -12.88 -4.39
C PRO A 104 8.86 -12.71 -5.75
N GLU A 105 7.98 -13.54 -6.10
CA GLU A 105 7.22 -13.38 -7.31
C GLU A 105 6.30 -12.23 -7.12
N LEU A 106 5.53 -12.33 -6.05
CA LEU A 106 4.53 -11.37 -5.72
C LEU A 106 5.18 -10.17 -5.17
N ALA A 107 6.20 -10.42 -4.44
CA ALA A 107 6.98 -9.41 -3.85
C ALA A 107 7.82 -8.70 -4.91
N GLU A 108 8.46 -9.43 -5.83
CA GLU A 108 9.32 -8.74 -6.83
C GLU A 108 8.49 -7.97 -7.85
N GLU A 109 7.52 -8.64 -8.42
CA GLU A 109 6.68 -8.06 -9.46
C GLU A 109 5.94 -6.86 -8.98
N PHE A 110 5.38 -6.95 -7.79
CA PHE A 110 4.59 -5.88 -7.26
C PHE A 110 5.43 -4.68 -6.96
N LYS A 111 6.60 -4.91 -6.40
CA LYS A 111 7.46 -3.78 -6.02
C LYS A 111 8.03 -3.00 -7.19
N GLN A 112 8.42 -3.71 -8.21
CA GLN A 112 8.88 -3.08 -9.46
C GLN A 112 7.74 -2.26 -10.02
N LYS A 113 6.57 -2.89 -10.05
CA LYS A 113 5.36 -2.31 -10.56
C LYS A 113 5.02 -1.11 -9.69
N PHE A 114 5.35 -1.23 -8.44
CA PHE A 114 4.98 -0.22 -7.41
C PHE A 114 5.67 1.09 -7.69
N GLU A 115 6.99 1.07 -7.82
CA GLU A 115 7.72 2.29 -8.07
C GLU A 115 7.40 2.81 -9.46
N GLU A 116 7.13 1.88 -10.39
CA GLU A 116 6.77 2.24 -11.73
C GLU A 116 5.49 3.03 -11.69
N CYS A 117 4.51 2.48 -10.98
CA CYS A 117 3.28 3.07 -10.76
C CYS A 117 3.41 4.40 -10.06
N GLN A 118 4.42 4.54 -9.20
CA GLN A 118 4.65 5.81 -8.53
C GLN A 118 4.80 6.89 -9.58
N ARG A 119 5.64 6.65 -10.58
CA ARG A 119 5.74 7.62 -11.66
C ARG A 119 4.55 7.60 -12.60
N LEU A 120 4.26 6.44 -12.99
CA LEU A 120 3.35 6.13 -14.05
C LEU A 120 1.88 6.24 -13.79
N LEU A 121 1.37 5.69 -12.67
CA LEU A 121 -0.11 5.45 -12.42
C LEU A 121 -0.87 6.75 -12.45
N LEU A 122 -0.12 7.72 -12.22
CA LEU A 122 -0.46 9.10 -12.20
C LEU A 122 -0.87 9.69 -13.55
N ASP A 123 -0.17 9.30 -14.58
CA ASP A 123 -0.31 9.96 -15.88
C ASP A 123 -1.01 9.07 -16.84
N ILE A 124 -0.79 7.83 -16.65
CA ILE A 124 -1.22 6.81 -17.52
C ILE A 124 -2.73 6.57 -17.47
N PRO A 125 -3.34 6.26 -18.62
CA PRO A 125 -4.74 5.89 -18.69
C PRO A 125 -4.97 4.51 -18.06
N LEU A 126 -6.15 4.29 -17.53
CA LEU A 126 -6.47 3.02 -16.94
C LEU A 126 -6.78 2.03 -18.02
N GLN A 127 -6.03 0.99 -18.01
CA GLN A 127 -6.11 -0.05 -18.93
C GLN A 127 -7.44 -0.80 -18.83
N THR A 128 -8.17 -0.75 -19.88
CA THR A 128 -9.38 -1.47 -20.04
C THR A 128 -9.20 -2.37 -21.26
N PRO A 129 -9.44 -3.68 -21.14
CA PRO A 129 -9.17 -4.60 -22.23
C PRO A 129 -10.13 -4.45 -23.42
N LYS A 130 -9.54 -4.35 -24.57
CA LYS A 130 -10.18 -4.24 -25.85
C LYS A 130 -9.11 -3.88 -26.83
N GLY A 1 -17.50 12.04 2.53
CA GLY A 1 -16.55 12.83 3.29
C GLY A 1 -15.61 13.56 2.38
N SER A 2 -14.34 13.56 2.71
CA SER A 2 -13.35 14.18 1.88
C SER A 2 -12.16 13.24 1.70
N GLY A 3 -12.19 12.48 0.65
CA GLY A 3 -11.11 11.59 0.35
C GLY A 3 -11.39 10.22 0.89
N GLU A 4 -12.64 9.82 0.82
CA GLU A 4 -13.07 8.52 1.27
C GLU A 4 -14.14 8.03 0.29
N GLU A 5 -14.05 8.54 -0.91
CA GLU A 5 -14.92 8.34 -1.93
C GLU A 5 -14.24 8.79 -3.15
N ASP A 6 -14.61 8.13 -4.21
CA ASP A 6 -14.18 8.38 -5.60
C ASP A 6 -13.06 7.49 -6.05
N GLU A 7 -12.63 6.68 -5.17
CA GLU A 7 -11.61 5.77 -5.43
C GLU A 7 -12.18 4.42 -5.52
N LYS A 8 -11.66 3.71 -6.43
CA LYS A 8 -12.18 2.43 -6.71
C LYS A 8 -11.12 1.35 -6.65
N VAL A 9 -11.57 0.11 -6.46
CA VAL A 9 -10.69 -1.02 -6.38
C VAL A 9 -10.44 -1.52 -7.76
N LEU A 10 -9.23 -1.48 -8.14
CA LEU A 10 -8.83 -2.01 -9.44
C LEU A 10 -8.26 -3.43 -9.28
N TYR A 11 -7.72 -3.70 -8.12
CA TYR A 11 -7.15 -4.99 -7.80
C TYR A 11 -7.04 -5.17 -6.29
N SER A 12 -7.34 -6.37 -5.86
CA SER A 12 -7.31 -6.75 -4.50
C SER A 12 -6.49 -8.04 -4.33
N GLN A 13 -5.50 -8.05 -3.45
CA GLN A 13 -4.72 -9.26 -3.22
C GLN A 13 -4.20 -9.38 -1.80
N ARG A 14 -4.05 -10.60 -1.33
CA ARG A 14 -3.65 -10.86 0.03
C ARG A 14 -2.17 -10.61 0.17
N VAL A 15 -1.88 -9.73 1.05
CA VAL A 15 -0.57 -9.26 1.33
C VAL A 15 -0.35 -9.39 2.85
N LYS A 16 0.84 -9.12 3.29
CA LYS A 16 1.15 -9.05 4.68
C LYS A 16 1.43 -7.60 4.95
N LEU A 17 0.91 -7.05 6.04
CA LEU A 17 1.19 -5.69 6.33
C LEU A 17 2.20 -5.67 7.40
N PHE A 18 3.04 -4.72 7.37
CA PHE A 18 4.08 -4.53 8.33
C PHE A 18 4.08 -3.10 8.74
N ARG A 19 4.18 -2.83 10.00
CA ARG A 19 4.40 -1.50 10.44
C ARG A 19 5.54 -1.48 11.34
N PHE A 20 6.17 -0.44 11.25
CA PHE A 20 7.38 -0.17 11.93
C PHE A 20 7.06 0.09 13.35
N ASP A 21 7.56 -0.72 14.12
CA ASP A 21 7.42 -0.65 15.52
C ASP A 21 8.52 0.17 16.01
N ALA A 22 8.19 1.16 16.63
CA ALA A 22 9.12 2.06 17.25
C ALA A 22 9.82 1.36 18.41
N GLU A 23 9.08 0.52 19.10
CA GLU A 23 9.61 -0.21 20.21
C GLU A 23 10.37 -1.42 19.75
N VAL A 24 10.06 -1.92 18.56
CA VAL A 24 10.85 -3.02 18.04
C VAL A 24 11.93 -2.47 17.17
N SER A 25 11.77 -1.18 16.92
CA SER A 25 12.48 -0.46 15.93
C SER A 25 12.38 -1.20 14.65
N GLN A 26 11.25 -1.86 14.41
CA GLN A 26 11.32 -2.67 13.26
C GLN A 26 10.01 -2.79 12.52
N TRP A 27 10.10 -3.00 11.22
CA TRP A 27 9.03 -3.31 10.37
C TRP A 27 8.44 -4.67 10.78
N LYS A 28 7.39 -4.66 11.52
CA LYS A 28 6.85 -5.88 12.01
C LYS A 28 5.52 -6.12 11.43
N GLU A 29 5.33 -7.34 10.98
CA GLU A 29 4.15 -7.75 10.40
C GLU A 29 3.02 -7.49 11.31
N ARG A 30 2.08 -6.89 10.76
CA ARG A 30 0.91 -6.51 11.47
C ARG A 30 -0.14 -7.54 11.28
N GLY A 31 -0.08 -8.18 10.15
CA GLY A 31 -0.99 -9.20 9.85
C GLY A 31 -1.00 -9.48 8.39
N LEU A 32 -2.13 -9.90 7.95
CA LEU A 32 -2.38 -10.35 6.61
C LEU A 32 -3.61 -9.63 6.16
N GLY A 33 -3.86 -9.64 4.91
CA GLY A 33 -5.07 -9.07 4.43
C GLY A 33 -5.03 -8.81 2.98
N ASN A 34 -6.15 -8.56 2.43
CA ASN A 34 -6.28 -8.24 1.07
C ASN A 34 -6.08 -6.82 0.93
N LEU A 35 -5.19 -6.55 0.13
CA LEU A 35 -4.80 -5.28 -0.16
C LEU A 35 -5.66 -4.81 -1.28
N LYS A 36 -6.36 -3.79 -1.03
CA LYS A 36 -7.14 -3.18 -1.99
C LYS A 36 -6.47 -1.92 -2.42
N ILE A 37 -6.50 -1.67 -3.66
CA ILE A 37 -5.96 -0.47 -4.17
C ILE A 37 -7.07 0.34 -4.61
N LEU A 38 -7.13 1.49 -4.06
CA LEU A 38 -8.10 2.37 -4.47
C LEU A 38 -7.42 3.48 -5.22
N LYS A 39 -7.93 3.78 -6.35
CA LYS A 39 -7.44 4.85 -7.17
C LYS A 39 -8.59 5.79 -7.38
N ASN A 40 -8.41 7.03 -7.01
CA ASN A 40 -9.45 8.03 -7.27
C ASN A 40 -9.64 8.24 -8.75
N GLU A 41 -10.88 8.46 -9.14
CA GLU A 41 -11.28 8.71 -10.46
C GLU A 41 -10.82 10.10 -10.86
N VAL A 42 -10.61 10.93 -9.87
CA VAL A 42 -10.12 12.23 -10.00
C VAL A 42 -8.61 12.16 -10.22
N ASN A 43 -8.05 11.02 -9.80
CA ASN A 43 -6.63 10.73 -9.79
C ASN A 43 -5.97 11.73 -8.86
N GLY A 44 -6.68 12.02 -7.78
CA GLY A 44 -6.19 12.98 -6.82
C GLY A 44 -5.26 12.31 -5.88
N LYS A 45 -5.75 11.29 -5.24
CA LYS A 45 -4.95 10.49 -4.37
C LYS A 45 -5.11 9.05 -4.80
N LEU A 46 -4.08 8.28 -4.64
CA LEU A 46 -4.13 6.92 -4.87
C LEU A 46 -3.75 6.27 -3.59
N ARG A 47 -4.25 5.12 -3.37
CA ARG A 47 -4.05 4.43 -2.10
C ARG A 47 -3.91 2.95 -2.28
N MET A 48 -3.28 2.40 -1.33
CA MET A 48 -3.12 1.03 -1.08
C MET A 48 -3.56 0.87 0.35
N LEU A 49 -4.55 0.11 0.56
CA LEU A 49 -4.95 -0.24 1.91
C LEU A 49 -5.18 -1.69 2.08
N MET A 50 -4.98 -2.13 3.24
CA MET A 50 -5.08 -3.42 3.57
C MET A 50 -5.89 -3.53 4.78
N ARG A 51 -6.79 -4.29 4.61
CA ARG A 51 -7.75 -4.72 5.59
C ARG A 51 -7.49 -6.15 5.81
N ARG A 52 -7.59 -6.54 7.00
CA ARG A 52 -7.36 -7.84 7.37
C ARG A 52 -8.63 -8.51 7.09
N GLU A 53 -8.55 -9.47 6.27
CA GLU A 53 -9.71 -10.15 5.67
C GLU A 53 -10.67 -10.65 6.61
N GLN A 54 -10.28 -11.53 7.41
CA GLN A 54 -11.24 -12.08 8.26
C GLN A 54 -11.43 -11.18 9.47
N VAL A 55 -10.47 -10.30 9.66
CA VAL A 55 -10.43 -9.39 10.75
C VAL A 55 -11.26 -8.10 10.45
N LEU A 56 -11.79 -8.03 9.22
CA LEU A 56 -12.63 -7.00 8.66
C LEU A 56 -12.05 -5.55 8.81
N LYS A 57 -10.86 -5.45 9.19
CA LYS A 57 -10.35 -4.13 9.45
C LYS A 57 -9.04 -3.68 8.72
N VAL A 58 -9.23 -2.83 7.71
CA VAL A 58 -8.19 -1.92 7.16
C VAL A 58 -7.33 -1.29 8.25
N CYS A 59 -6.06 -1.55 8.15
CA CYS A 59 -5.12 -1.08 9.11
C CYS A 59 -4.21 0.00 8.55
N ALA A 60 -3.98 0.01 7.24
CA ALA A 60 -3.04 0.90 6.70
C ALA A 60 -3.57 1.37 5.45
N ASN A 61 -3.39 2.59 5.27
CA ASN A 61 -3.65 3.26 4.04
C ASN A 61 -2.42 3.98 3.59
N HIS A 62 -1.78 3.41 2.68
CA HIS A 62 -0.62 4.00 2.04
C HIS A 62 -0.98 4.60 0.68
N TRP A 63 -0.67 5.84 0.51
CA TRP A 63 -0.79 6.51 -0.77
C TRP A 63 0.46 6.20 -1.55
N ILE A 64 0.32 5.77 -2.76
CA ILE A 64 1.43 5.43 -3.55
C ILE A 64 1.83 6.66 -4.36
N THR A 65 2.96 7.22 -4.02
CA THR A 65 3.41 8.41 -4.67
C THR A 65 4.89 8.42 -4.87
N THR A 66 5.30 9.23 -5.81
CA THR A 66 6.69 9.49 -6.15
C THR A 66 7.31 10.42 -5.11
N THR A 67 6.48 10.87 -4.21
CA THR A 67 6.84 11.78 -3.14
C THR A 67 7.46 10.94 -2.01
N MET A 68 7.36 9.67 -2.19
CA MET A 68 7.79 8.74 -1.33
C MET A 68 8.62 7.78 -2.14
N ASN A 69 9.34 7.03 -1.47
CA ASN A 69 10.26 6.10 -1.99
C ASN A 69 10.17 4.81 -1.21
N LEU A 70 10.14 3.72 -1.91
CA LEU A 70 10.15 2.48 -1.38
C LEU A 70 11.58 1.99 -1.18
N LYS A 71 11.76 1.46 -0.08
CA LYS A 71 13.07 1.10 0.46
C LYS A 71 13.08 -0.39 0.81
N PRO A 72 14.13 -1.13 0.44
CA PRO A 72 14.23 -2.54 0.79
C PRO A 72 14.74 -2.74 2.23
N LEU A 73 14.06 -3.60 2.96
CA LEU A 73 14.41 -3.96 4.27
C LEU A 73 15.38 -5.13 4.27
N SER A 74 15.72 -5.58 5.44
CA SER A 74 16.52 -6.75 5.61
C SER A 74 15.64 -7.96 5.62
N GLY A 75 16.13 -9.02 5.06
CA GLY A 75 15.46 -10.25 5.21
C GLY A 75 14.28 -10.45 4.25
N SER A 76 13.95 -9.42 3.52
CA SER A 76 12.92 -9.44 2.57
C SER A 76 13.36 -10.09 1.29
N ASP A 77 12.44 -10.79 0.71
CA ASP A 77 12.62 -11.44 -0.53
C ASP A 77 12.44 -10.43 -1.54
N ARG A 78 11.37 -9.70 -1.35
CA ARG A 78 11.06 -8.59 -2.15
C ARG A 78 9.90 -7.80 -1.54
N ALA A 79 10.06 -7.56 -0.30
CA ALA A 79 9.16 -6.77 0.45
C ALA A 79 9.89 -5.47 0.70
N TRP A 80 9.24 -4.36 0.51
CA TRP A 80 9.84 -3.07 0.60
C TRP A 80 8.95 -2.25 1.47
N MET A 81 9.48 -1.18 1.97
CA MET A 81 8.82 -0.38 2.88
C MET A 81 8.78 0.96 2.36
N TRP A 82 7.78 1.56 2.64
CA TRP A 82 7.48 2.80 2.14
C TRP A 82 7.00 3.66 3.27
N LEU A 83 7.20 4.91 3.20
CA LEU A 83 6.71 5.69 4.27
C LEU A 83 5.43 6.39 3.87
N ALA A 84 4.44 6.29 4.68
CA ALA A 84 3.14 6.82 4.36
C ALA A 84 2.47 7.35 5.56
N SER A 85 1.48 8.16 5.32
CA SER A 85 0.59 8.50 6.30
C SER A 85 -0.48 7.50 6.31
N ASP A 86 -0.33 6.70 7.27
CA ASP A 86 -1.00 5.53 7.38
C ASP A 86 -1.87 5.39 8.64
N PHE A 87 -3.17 5.16 8.38
CA PHE A 87 -4.18 4.62 9.26
C PHE A 87 -5.54 5.14 8.81
N SER A 88 -6.24 4.32 8.16
CA SER A 88 -7.49 4.64 7.54
C SER A 88 -8.55 4.78 8.58
N ASP A 89 -8.43 3.93 9.59
CA ASP A 89 -9.49 3.74 10.50
C ASP A 89 -9.13 4.40 11.78
N GLY A 90 -7.87 4.72 11.86
CA GLY A 90 -7.31 5.18 13.01
C GLY A 90 -6.65 6.47 12.80
N ASP A 91 -6.74 6.94 11.56
CA ASP A 91 -6.26 8.29 11.17
C ASP A 91 -4.77 8.28 10.93
N ALA A 92 -4.39 8.92 9.86
CA ALA A 92 -3.09 8.75 9.30
C ALA A 92 -1.97 9.44 10.06
N LYS A 93 -1.10 8.63 10.58
CA LYS A 93 0.14 9.06 11.17
C LYS A 93 1.15 8.69 10.13
N LEU A 94 2.30 9.23 10.14
CA LEU A 94 3.24 8.81 9.13
C LEU A 94 4.19 7.85 9.72
N GLU A 95 4.26 6.74 9.10
CA GLU A 95 4.95 5.64 9.51
C GLU A 95 5.52 5.04 8.33
N GLN A 96 6.40 4.26 8.59
CA GLN A 96 7.06 3.57 7.65
C GLN A 96 6.50 2.18 7.75
N LEU A 97 5.87 1.82 6.77
CA LEU A 97 5.25 0.54 6.69
C LEU A 97 5.79 -0.25 5.57
N ALA A 98 5.62 -1.51 5.65
CA ALA A 98 6.14 -2.40 4.66
C ALA A 98 5.09 -3.40 4.29
N ALA A 99 5.25 -4.03 3.17
CA ALA A 99 4.33 -5.07 2.78
C ALA A 99 5.05 -6.14 2.01
N LYS A 100 4.77 -7.36 2.36
CA LYS A 100 5.37 -8.45 1.79
C LYS A 100 4.32 -9.28 1.22
N PHE A 101 4.68 -9.80 0.21
CA PHE A 101 3.90 -10.74 -0.50
C PHE A 101 4.53 -12.09 -0.31
N LYS A 102 3.75 -13.09 -0.54
CA LYS A 102 4.09 -14.51 -0.37
C LYS A 102 5.50 -14.88 -0.81
N THR A 103 5.82 -14.63 -2.05
CA THR A 103 7.10 -15.00 -2.63
C THR A 103 7.62 -13.79 -3.35
N PRO A 104 8.93 -13.76 -3.75
CA PRO A 104 9.46 -12.66 -4.55
C PRO A 104 8.76 -12.52 -5.88
N GLU A 105 7.95 -13.42 -6.22
CA GLU A 105 7.16 -13.29 -7.41
C GLU A 105 6.13 -12.21 -7.17
N LEU A 106 5.38 -12.39 -6.12
CA LEU A 106 4.30 -11.51 -5.78
C LEU A 106 4.88 -10.26 -5.23
N ALA A 107 5.89 -10.46 -4.45
CA ALA A 107 6.60 -9.43 -3.84
C ALA A 107 7.34 -8.62 -4.88
N GLU A 108 8.06 -9.28 -5.80
CA GLU A 108 8.84 -8.49 -6.77
C GLU A 108 7.99 -7.78 -7.80
N GLU A 109 7.09 -8.53 -8.42
CA GLU A 109 6.24 -7.99 -9.49
C GLU A 109 5.46 -6.79 -9.05
N PHE A 110 4.92 -6.84 -7.85
CA PHE A 110 4.18 -5.79 -7.35
C PHE A 110 5.01 -4.58 -6.96
N LYS A 111 6.22 -4.78 -6.41
CA LYS A 111 7.05 -3.62 -6.00
C LYS A 111 7.43 -2.76 -7.18
N GLN A 112 7.77 -3.41 -8.25
CA GLN A 112 8.09 -2.78 -9.52
C GLN A 112 6.93 -1.96 -9.99
N LYS A 113 5.78 -2.61 -9.95
CA LYS A 113 4.53 -2.05 -10.41
C LYS A 113 4.22 -0.82 -9.58
N PHE A 114 4.59 -0.87 -8.33
CA PHE A 114 4.28 0.24 -7.41
C PHE A 114 5.11 1.49 -7.68
N GLU A 115 6.43 1.32 -7.74
CA GLU A 115 7.33 2.44 -8.02
C GLU A 115 7.14 2.93 -9.46
N GLU A 116 6.74 2.01 -10.35
CA GLU A 116 6.40 2.35 -11.71
C GLU A 116 5.26 3.34 -11.70
N CYS A 117 4.21 2.99 -10.97
CA CYS A 117 3.09 3.79 -10.82
C CYS A 117 3.44 5.11 -10.21
N GLN A 118 4.42 5.14 -9.31
CA GLN A 118 4.81 6.40 -8.71
C GLN A 118 5.17 7.40 -9.80
N ARG A 119 6.01 6.98 -10.73
CA ARG A 119 6.34 7.84 -11.88
C ARG A 119 5.21 7.99 -12.89
N LEU A 120 4.68 6.91 -13.20
CA LEU A 120 3.70 6.76 -14.25
C LEU A 120 2.29 7.24 -14.00
N LEU A 121 1.74 6.92 -12.83
CA LEU A 121 0.28 7.08 -12.47
C LEU A 121 -0.13 8.55 -12.56
N LEU A 122 0.85 9.33 -12.47
CA LEU A 122 0.77 10.74 -12.41
C LEU A 122 0.21 11.43 -13.66
N ASP A 123 0.62 10.98 -14.82
CA ASP A 123 0.23 11.67 -16.07
C ASP A 123 -0.86 10.94 -16.74
N ILE A 124 -0.80 9.68 -16.57
CA ILE A 124 -1.55 8.74 -17.30
C ILE A 124 -3.04 8.78 -16.99
N PRO A 125 -3.89 8.54 -17.99
CA PRO A 125 -5.31 8.43 -17.79
C PRO A 125 -5.66 7.17 -17.02
N LEU A 126 -6.49 7.28 -16.03
CA LEU A 126 -6.93 6.12 -15.32
C LEU A 126 -8.10 5.54 -16.03
N GLN A 127 -8.42 4.35 -15.69
CA GLN A 127 -9.46 3.61 -16.38
C GLN A 127 -10.81 3.98 -15.81
N THR A 128 -11.17 5.20 -16.05
CA THR A 128 -12.43 5.75 -15.64
C THR A 128 -13.43 5.55 -16.79
N PRO A 129 -14.60 4.93 -16.52
CA PRO A 129 -15.59 4.60 -17.55
C PRO A 129 -16.09 5.83 -18.29
N LYS A 130 -16.13 5.70 -19.57
CA LYS A 130 -16.55 6.75 -20.44
C LYS A 130 -17.82 6.27 -21.09
N GLY A 1 -11.91 16.59 5.50
CA GLY A 1 -13.32 16.34 5.82
C GLY A 1 -14.07 15.89 4.60
N SER A 2 -14.87 14.82 4.75
CA SER A 2 -15.67 14.20 3.69
C SER A 2 -14.79 13.49 2.65
N GLY A 3 -14.90 12.19 2.59
CA GLY A 3 -14.11 11.44 1.67
C GLY A 3 -13.83 10.06 2.17
N GLU A 4 -14.88 9.32 2.41
CA GLU A 4 -14.76 7.93 2.83
C GLU A 4 -14.95 7.07 1.60
N GLU A 5 -15.16 7.74 0.51
CA GLU A 5 -15.40 7.22 -0.73
C GLU A 5 -15.05 8.33 -1.66
N ASP A 6 -14.67 7.91 -2.80
CA ASP A 6 -14.33 8.71 -4.01
C ASP A 6 -13.43 7.90 -4.85
N GLU A 7 -12.70 7.16 -4.20
CA GLU A 7 -11.73 6.37 -4.78
C GLU A 7 -12.25 5.01 -4.99
N LYS A 8 -11.88 4.52 -6.10
CA LYS A 8 -12.42 3.31 -6.62
C LYS A 8 -11.39 2.18 -6.67
N VAL A 9 -11.84 0.94 -6.66
CA VAL A 9 -10.98 -0.22 -6.58
C VAL A 9 -10.29 -0.46 -7.89
N LEU A 10 -9.03 -0.41 -7.83
CA LEU A 10 -8.19 -0.70 -8.97
C LEU A 10 -7.82 -2.19 -8.96
N TYR A 11 -7.38 -2.67 -7.82
CA TYR A 11 -6.95 -4.08 -7.69
C TYR A 11 -6.93 -4.47 -6.22
N SER A 12 -7.21 -5.74 -5.94
CA SER A 12 -7.19 -6.26 -4.63
C SER A 12 -6.36 -7.58 -4.54
N GLN A 13 -5.48 -7.69 -3.53
CA GLN A 13 -4.69 -8.93 -3.33
C GLN A 13 -4.32 -9.25 -1.89
N ARG A 14 -4.16 -10.55 -1.64
CA ARG A 14 -3.85 -11.06 -0.33
C ARG A 14 -2.38 -10.84 -0.06
N VAL A 15 -2.14 -10.12 0.99
CA VAL A 15 -0.85 -9.65 1.35
C VAL A 15 -0.72 -9.64 2.90
N LYS A 16 0.45 -9.33 3.39
CA LYS A 16 0.71 -9.15 4.81
C LYS A 16 1.29 -7.76 4.99
N LEU A 17 0.74 -6.95 5.93
CA LEU A 17 1.29 -5.62 6.10
C LEU A 17 1.95 -5.59 7.42
N PHE A 18 2.94 -4.80 7.50
CA PHE A 18 3.74 -4.61 8.65
C PHE A 18 4.04 -3.14 8.81
N ARG A 19 4.18 -2.69 10.02
CA ARG A 19 4.59 -1.42 10.31
C ARG A 19 5.88 -1.47 11.02
N PHE A 20 6.60 -0.53 10.77
CA PHE A 20 7.92 -0.39 11.23
C PHE A 20 7.84 0.26 12.56
N ASP A 21 8.48 -0.30 13.45
CA ASP A 21 8.59 0.25 14.76
C ASP A 21 9.72 1.15 14.79
N ALA A 22 9.45 2.29 15.09
CA ALA A 22 10.44 3.34 15.24
C ALA A 22 11.29 3.04 16.48
N GLU A 23 10.62 2.49 17.48
CA GLU A 23 11.23 2.15 18.72
C GLU A 23 11.94 0.82 18.65
N VAL A 24 11.47 -0.06 17.77
CA VAL A 24 12.10 -1.40 17.69
C VAL A 24 12.89 -1.54 16.44
N SER A 25 12.73 -0.55 15.61
CA SER A 25 13.18 -0.57 14.26
C SER A 25 12.63 -1.75 13.58
N GLN A 26 11.41 -2.17 13.95
CA GLN A 26 11.07 -3.41 13.33
C GLN A 26 9.69 -3.44 12.71
N TRP A 27 9.58 -4.15 11.62
CA TRP A 27 8.39 -4.36 10.93
C TRP A 27 7.54 -5.45 11.61
N LYS A 28 6.46 -5.01 12.19
CA LYS A 28 5.49 -5.86 12.87
C LYS A 28 4.15 -5.67 12.23
N GLU A 29 3.39 -6.74 12.14
CA GLU A 29 2.21 -6.80 11.40
C GLU A 29 1.20 -5.72 11.68
N ARG A 30 0.75 -5.20 10.60
CA ARG A 30 -0.22 -4.13 10.56
C ARG A 30 -1.57 -4.75 10.29
N GLY A 31 -1.51 -5.84 9.58
CA GLY A 31 -2.66 -6.58 9.24
C GLY A 31 -2.38 -7.43 8.06
N LEU A 32 -2.92 -8.59 8.06
CA LEU A 32 -2.79 -9.52 6.98
C LEU A 32 -4.15 -9.60 6.30
N GLY A 33 -4.19 -9.57 5.00
CA GLY A 33 -5.47 -9.60 4.33
C GLY A 33 -5.38 -9.32 2.86
N ASN A 34 -6.18 -8.40 2.41
CA ASN A 34 -6.33 -8.04 1.01
C ASN A 34 -6.11 -6.62 0.90
N LEU A 35 -5.21 -6.32 0.08
CA LEU A 35 -4.90 -5.06 -0.20
C LEU A 35 -5.78 -4.60 -1.29
N LYS A 36 -6.36 -3.50 -1.13
CA LYS A 36 -7.06 -2.95 -2.17
C LYS A 36 -6.43 -1.63 -2.51
N ILE A 37 -6.47 -1.29 -3.74
CA ILE A 37 -6.01 -0.05 -4.17
C ILE A 37 -7.18 0.72 -4.55
N LEU A 38 -7.33 1.84 -3.96
CA LEU A 38 -8.36 2.69 -4.37
C LEU A 38 -7.70 3.86 -5.05
N LYS A 39 -8.20 4.22 -6.17
CA LYS A 39 -7.71 5.34 -6.91
C LYS A 39 -8.80 6.34 -6.97
N ASN A 40 -8.45 7.55 -6.68
CA ASN A 40 -9.40 8.64 -6.58
C ASN A 40 -10.13 8.95 -7.84
N GLU A 41 -11.35 9.39 -7.68
CA GLU A 41 -12.22 9.80 -8.76
C GLU A 41 -11.67 11.12 -9.31
N VAL A 42 -10.84 11.77 -8.48
CA VAL A 42 -10.14 12.93 -8.82
C VAL A 42 -9.00 12.50 -9.76
N ASN A 43 -8.71 11.19 -9.66
CA ASN A 43 -7.75 10.47 -10.47
C ASN A 43 -6.35 10.93 -10.12
N GLY A 44 -6.26 11.58 -8.99
CA GLY A 44 -5.02 12.18 -8.58
C GLY A 44 -4.09 11.21 -7.91
N LYS A 45 -4.45 10.77 -6.74
CA LYS A 45 -3.64 9.85 -6.00
C LYS A 45 -4.36 8.55 -5.84
N LEU A 46 -3.67 7.59 -5.31
CA LEU A 46 -4.19 6.35 -5.06
C LEU A 46 -3.81 5.98 -3.69
N ARG A 47 -4.58 5.15 -3.17
CA ARG A 47 -4.39 4.58 -1.88
C ARG A 47 -4.28 3.12 -2.03
N MET A 48 -3.54 2.58 -1.20
CA MET A 48 -3.37 1.23 -1.03
C MET A 48 -3.74 1.01 0.41
N LEU A 49 -4.74 0.28 0.60
CA LEU A 49 -5.23 -0.04 1.93
C LEU A 49 -5.60 -1.45 2.01
N MET A 50 -5.54 -1.98 3.16
CA MET A 50 -5.84 -3.25 3.34
C MET A 50 -6.61 -3.41 4.57
N ARG A 51 -7.47 -4.22 4.39
CA ARG A 51 -8.41 -4.74 5.33
C ARG A 51 -7.95 -6.13 5.58
N ARG A 52 -8.13 -6.55 6.75
CA ARG A 52 -7.78 -7.80 7.14
C ARG A 52 -8.92 -8.64 6.72
N GLU A 53 -8.57 -9.64 5.96
CA GLU A 53 -9.50 -10.55 5.25
C GLU A 53 -10.58 -11.02 6.10
N GLN A 54 -10.27 -11.93 6.91
CA GLN A 54 -11.30 -12.51 7.69
C GLN A 54 -11.60 -11.66 8.91
N VAL A 55 -10.78 -10.67 9.10
CA VAL A 55 -10.87 -9.79 10.19
C VAL A 55 -11.77 -8.57 9.83
N LEU A 56 -12.22 -8.55 8.54
CA LEU A 56 -13.15 -7.61 7.96
C LEU A 56 -12.77 -6.11 8.16
N LYS A 57 -11.61 -5.89 8.60
CA LYS A 57 -11.22 -4.56 8.97
C LYS A 57 -9.92 -3.98 8.33
N VAL A 58 -10.07 -3.09 7.35
CA VAL A 58 -9.05 -2.07 6.95
C VAL A 58 -8.30 -1.47 8.13
N CYS A 59 -7.02 -1.34 7.96
CA CYS A 59 -6.18 -0.77 8.96
C CYS A 59 -5.35 0.38 8.40
N ALA A 60 -4.85 0.24 7.19
CA ALA A 60 -3.83 1.13 6.74
C ALA A 60 -4.14 1.60 5.41
N ASN A 61 -4.24 2.84 5.32
CA ASN A 61 -4.35 3.53 4.06
C ASN A 61 -3.05 4.21 3.71
N HIS A 62 -2.35 3.61 2.89
CA HIS A 62 -1.11 4.12 2.34
C HIS A 62 -1.28 4.60 0.88
N TRP A 63 -0.89 5.81 0.58
CA TRP A 63 -0.92 6.31 -0.79
C TRP A 63 0.34 5.89 -1.48
N ILE A 64 0.22 5.47 -2.69
CA ILE A 64 1.31 5.02 -3.42
C ILE A 64 1.68 6.13 -4.42
N THR A 65 2.74 6.81 -4.10
CA THR A 65 3.23 7.92 -4.88
C THR A 65 4.75 7.95 -4.90
N THR A 66 5.29 8.70 -5.82
CA THR A 66 6.73 8.93 -5.94
C THR A 66 7.21 9.92 -4.88
N THR A 67 6.27 10.40 -4.11
CA THR A 67 6.50 11.31 -3.01
C THR A 67 6.96 10.48 -1.78
N MET A 68 7.03 9.21 -2.00
CA MET A 68 7.39 8.27 -1.08
C MET A 68 8.47 7.42 -1.71
N ASN A 69 9.14 6.78 -0.87
CA ASN A 69 10.27 5.91 -1.16
C ASN A 69 9.98 4.54 -0.66
N LEU A 70 10.31 3.60 -1.46
CA LEU A 70 10.20 2.29 -1.16
C LEU A 70 11.56 1.69 -1.05
N LYS A 71 11.72 1.02 -0.02
CA LYS A 71 12.98 0.44 0.38
C LYS A 71 12.75 -1.00 0.86
N PRO A 72 13.64 -1.96 0.55
CA PRO A 72 13.53 -3.33 1.03
C PRO A 72 14.03 -3.48 2.48
N LEU A 73 13.39 -4.38 3.24
CA LEU A 73 13.68 -4.63 4.62
C LEU A 73 15.02 -5.32 4.74
N SER A 74 15.47 -5.50 5.96
CA SER A 74 16.65 -6.29 6.21
C SER A 74 16.41 -7.67 5.77
N GLY A 75 17.22 -8.14 4.89
CA GLY A 75 17.12 -9.50 4.54
C GLY A 75 16.09 -9.78 3.45
N SER A 76 15.22 -8.81 3.20
CA SER A 76 14.27 -8.86 2.19
C SER A 76 14.79 -8.06 1.03
N ASP A 77 14.47 -8.49 -0.13
CA ASP A 77 14.85 -7.86 -1.31
C ASP A 77 13.66 -7.46 -2.01
N ARG A 78 12.71 -8.33 -1.95
CA ARG A 78 11.58 -8.18 -2.73
C ARG A 78 10.35 -7.83 -1.92
N ALA A 79 10.53 -7.74 -0.63
CA ALA A 79 9.51 -7.29 0.27
C ALA A 79 9.98 -5.90 0.67
N TRP A 80 9.09 -4.94 0.67
CA TRP A 80 9.46 -3.59 0.71
C TRP A 80 8.54 -2.78 1.56
N MET A 81 9.00 -1.63 1.93
CA MET A 81 8.36 -0.77 2.81
C MET A 81 8.36 0.55 2.22
N TRP A 82 7.38 1.23 2.54
CA TRP A 82 7.12 2.49 1.99
C TRP A 82 6.78 3.34 3.16
N LEU A 83 7.04 4.59 3.11
CA LEU A 83 6.64 5.37 4.23
C LEU A 83 5.39 6.18 3.91
N ALA A 84 4.41 6.06 4.75
CA ALA A 84 3.16 6.76 4.60
C ALA A 84 2.59 7.10 5.93
N SER A 85 1.70 8.01 5.96
CA SER A 85 0.89 8.15 7.04
C SER A 85 -0.28 7.30 6.89
N ASP A 86 -0.21 6.26 7.59
CA ASP A 86 -1.10 5.27 7.46
C ASP A 86 -1.88 5.01 8.75
N PHE A 87 -3.21 4.89 8.58
CA PHE A 87 -4.17 4.36 9.52
C PHE A 87 -5.56 4.89 9.14
N SER A 88 -6.29 4.08 8.50
CA SER A 88 -7.61 4.36 8.01
C SER A 88 -8.56 4.43 9.15
N ASP A 89 -8.28 3.54 10.09
CA ASP A 89 -9.22 3.23 11.11
C ASP A 89 -8.73 3.80 12.39
N GLY A 90 -7.52 4.21 12.34
CA GLY A 90 -6.87 4.66 13.45
C GLY A 90 -6.33 6.02 13.25
N ASP A 91 -6.55 6.53 12.03
CA ASP A 91 -6.16 7.92 11.67
C ASP A 91 -4.67 7.97 11.40
N ALA A 92 -4.30 8.68 10.40
CA ALA A 92 -2.97 8.52 9.84
C ALA A 92 -1.83 9.08 10.69
N LYS A 93 -0.94 8.16 11.06
CA LYS A 93 0.30 8.41 11.71
C LYS A 93 1.35 8.08 10.67
N LEU A 94 2.51 8.72 10.66
CA LEU A 94 3.46 8.36 9.63
C LEU A 94 4.35 7.28 10.12
N GLU A 95 4.33 6.23 9.39
CA GLU A 95 4.90 5.04 9.68
C GLU A 95 5.45 4.52 8.43
N GLN A 96 6.24 3.63 8.61
CA GLN A 96 6.86 3.01 7.60
C GLN A 96 6.24 1.65 7.57
N LEU A 97 5.60 1.39 6.56
CA LEU A 97 4.90 0.16 6.41
C LEU A 97 5.43 -0.68 5.32
N ALA A 98 5.47 -1.92 5.60
CA ALA A 98 6.04 -2.92 4.74
C ALA A 98 5.03 -3.95 4.41
N ALA A 99 5.13 -4.47 3.25
CA ALA A 99 4.28 -5.54 2.84
C ALA A 99 5.11 -6.55 2.16
N LYS A 100 4.74 -7.78 2.29
CA LYS A 100 5.41 -8.79 1.68
C LYS A 100 4.45 -9.74 1.13
N PHE A 101 4.84 -10.21 0.07
CA PHE A 101 4.14 -11.24 -0.62
C PHE A 101 4.72 -12.58 -0.28
N LYS A 102 4.02 -13.59 -0.74
CA LYS A 102 4.34 -15.01 -0.54
C LYS A 102 5.82 -15.29 -0.78
N THR A 103 6.26 -14.96 -1.96
CA THR A 103 7.58 -15.28 -2.43
C THR A 103 8.09 -14.07 -3.17
N PRO A 104 9.41 -13.99 -3.46
CA PRO A 104 9.97 -12.92 -4.31
C PRO A 104 9.39 -12.91 -5.70
N GLU A 105 8.55 -13.81 -6.01
CA GLU A 105 7.83 -13.77 -7.26
C GLU A 105 6.83 -12.66 -7.17
N LEU A 106 6.00 -12.79 -6.15
CA LEU A 106 4.91 -11.88 -5.90
C LEU A 106 5.44 -10.61 -5.38
N ALA A 107 6.39 -10.77 -4.51
CA ALA A 107 7.07 -9.69 -3.92
C ALA A 107 7.85 -8.94 -4.98
N GLU A 108 8.57 -9.65 -5.88
CA GLU A 108 9.37 -8.91 -6.85
C GLU A 108 8.53 -8.20 -7.90
N GLU A 109 7.51 -8.89 -8.41
CA GLU A 109 6.64 -8.32 -9.44
C GLU A 109 5.99 -7.04 -8.96
N PHE A 110 5.51 -7.07 -7.75
CA PHE A 110 4.87 -5.97 -7.17
C PHE A 110 5.82 -4.85 -6.80
N LYS A 111 7.04 -5.16 -6.36
CA LYS A 111 8.02 -4.12 -5.97
C LYS A 111 8.27 -3.19 -7.13
N GLN A 112 8.62 -3.81 -8.23
CA GLN A 112 8.92 -3.15 -9.51
C GLN A 112 7.76 -2.31 -9.95
N LYS A 113 6.61 -2.95 -9.92
CA LYS A 113 5.38 -2.39 -10.35
C LYS A 113 5.09 -1.20 -9.52
N PHE A 114 5.35 -1.36 -8.26
CA PHE A 114 5.07 -0.31 -7.27
C PHE A 114 5.85 0.98 -7.51
N GLU A 115 7.17 0.89 -7.64
CA GLU A 115 7.96 2.07 -7.96
C GLU A 115 7.58 2.66 -9.33
N GLU A 116 7.18 1.81 -10.28
CA GLU A 116 6.70 2.29 -11.56
C GLU A 116 5.41 3.07 -11.36
N CYS A 117 4.49 2.47 -10.63
CA CYS A 117 3.25 3.01 -10.29
C CYS A 117 3.40 4.29 -9.54
N GLN A 118 4.47 4.40 -8.75
CA GLN A 118 4.73 5.61 -8.03
C GLN A 118 4.77 6.76 -8.99
N ARG A 119 5.49 6.62 -10.10
CA ARG A 119 5.43 7.66 -11.13
C ARG A 119 4.12 7.65 -11.89
N LEU A 120 3.81 6.51 -12.31
CA LEU A 120 2.76 6.25 -13.29
C LEU A 120 1.34 6.27 -12.85
N LEU A 121 1.00 5.61 -11.76
CA LEU A 121 -0.41 5.41 -11.35
C LEU A 121 -1.12 6.72 -11.07
N LEU A 122 -0.33 7.65 -10.79
CA LEU A 122 -0.71 9.00 -10.52
C LEU A 122 -1.28 9.76 -11.72
N ASP A 123 -0.63 9.58 -12.84
CA ASP A 123 -0.85 10.47 -13.98
C ASP A 123 -1.83 9.88 -14.90
N ILE A 124 -1.83 8.62 -14.88
CA ILE A 124 -2.62 7.83 -15.73
C ILE A 124 -4.11 7.92 -15.38
N PRO A 125 -4.96 8.27 -16.35
CA PRO A 125 -6.38 8.29 -16.15
C PRO A 125 -6.94 6.89 -16.07
N LEU A 126 -7.75 6.66 -15.11
CA LEU A 126 -8.43 5.42 -14.97
C LEU A 126 -9.88 5.73 -14.83
N GLN A 127 -10.71 4.92 -15.38
CA GLN A 127 -12.12 5.13 -15.27
C GLN A 127 -12.72 4.03 -14.45
N THR A 128 -14.00 4.06 -14.27
CA THR A 128 -14.66 3.05 -13.51
C THR A 128 -14.80 1.80 -14.40
N PRO A 129 -14.35 0.64 -13.92
CA PRO A 129 -14.39 -0.59 -14.70
C PRO A 129 -15.81 -1.13 -14.93
N LYS A 130 -15.96 -1.86 -16.00
CA LYS A 130 -17.20 -2.49 -16.38
C LYS A 130 -16.83 -3.88 -16.86
N GLY A 1 -12.37 12.72 5.68
CA GLY A 1 -12.27 14.03 5.01
C GLY A 1 -10.97 14.18 4.24
N SER A 2 -10.44 13.07 3.75
CA SER A 2 -9.17 13.10 3.02
C SER A 2 -9.05 11.94 2.03
N GLY A 3 -10.16 11.27 1.79
CA GLY A 3 -10.19 10.15 0.89
C GLY A 3 -11.46 9.40 1.11
N GLU A 4 -12.54 9.92 0.58
CA GLU A 4 -13.86 9.39 0.87
C GLU A 4 -14.32 8.45 -0.22
N GLU A 5 -14.50 9.01 -1.37
CA GLU A 5 -14.90 8.34 -2.51
C GLU A 5 -14.44 9.16 -3.64
N ASP A 6 -13.89 8.49 -4.56
CA ASP A 6 -13.36 8.98 -5.86
C ASP A 6 -12.34 8.04 -6.37
N GLU A 7 -11.81 7.32 -5.50
CA GLU A 7 -10.89 6.37 -5.79
C GLU A 7 -11.57 5.08 -5.84
N LYS A 8 -11.16 4.33 -6.75
CA LYS A 8 -11.81 3.10 -7.04
C LYS A 8 -10.88 1.91 -6.83
N VAL A 9 -11.47 0.75 -6.63
CA VAL A 9 -10.73 -0.47 -6.43
C VAL A 9 -10.46 -1.07 -7.77
N LEU A 10 -9.23 -1.20 -8.09
CA LEU A 10 -8.85 -1.85 -9.33
C LEU A 10 -8.40 -3.28 -9.09
N TYR A 11 -7.55 -3.45 -8.11
CA TYR A 11 -6.97 -4.75 -7.82
C TYR A 11 -6.91 -5.04 -6.34
N SER A 12 -7.28 -6.25 -5.99
CA SER A 12 -7.32 -6.73 -4.66
C SER A 12 -6.58 -8.07 -4.51
N GLN A 13 -5.57 -8.13 -3.66
CA GLN A 13 -4.85 -9.38 -3.42
C GLN A 13 -4.30 -9.47 -2.01
N ARG A 14 -4.07 -10.67 -1.53
CA ARG A 14 -3.61 -10.88 -0.20
C ARG A 14 -2.14 -10.57 -0.06
N VAL A 15 -1.88 -9.69 0.85
CA VAL A 15 -0.60 -9.17 1.18
C VAL A 15 -0.43 -9.35 2.71
N LYS A 16 0.74 -9.08 3.22
CA LYS A 16 0.96 -9.08 4.65
C LYS A 16 1.58 -7.74 5.02
N LEU A 17 1.03 -7.05 6.03
CA LEU A 17 1.51 -5.74 6.36
C LEU A 17 2.34 -5.83 7.59
N PHE A 18 3.28 -4.99 7.69
CA PHE A 18 4.17 -4.91 8.82
C PHE A 18 4.17 -3.51 9.35
N ARG A 19 4.33 -3.38 10.65
CA ARG A 19 4.44 -2.19 11.26
C ARG A 19 5.77 -2.05 11.89
N PHE A 20 6.19 -0.89 11.86
CA PHE A 20 7.49 -0.52 12.24
C PHE A 20 7.51 -0.19 13.69
N ASP A 21 8.39 -0.79 14.32
CA ASP A 21 8.63 -0.55 15.70
C ASP A 21 9.58 0.53 15.83
N ALA A 22 9.19 1.49 16.46
CA ALA A 22 10.02 2.63 16.76
C ALA A 22 11.09 2.24 17.76
N GLU A 23 10.70 1.39 18.68
CA GLU A 23 11.59 0.93 19.71
C GLU A 23 12.44 -0.19 19.22
N VAL A 24 11.93 -0.98 18.30
CA VAL A 24 12.72 -2.12 17.83
C VAL A 24 13.34 -1.81 16.52
N SER A 25 12.91 -0.70 15.99
CA SER A 25 13.17 -0.32 14.66
C SER A 25 12.80 -1.42 13.76
N GLN A 26 11.70 -2.11 14.07
CA GLN A 26 11.52 -3.24 13.22
C GLN A 26 10.09 -3.44 12.70
N TRP A 27 10.02 -3.97 11.51
CA TRP A 27 8.84 -4.28 10.79
C TRP A 27 8.22 -5.64 11.25
N LYS A 28 7.19 -5.57 12.06
CA LYS A 28 6.46 -6.78 12.47
C LYS A 28 5.02 -6.69 12.07
N GLU A 29 4.43 -7.84 11.74
CA GLU A 29 3.14 -7.91 11.17
C GLU A 29 2.05 -7.11 11.81
N ARG A 30 1.43 -6.41 10.97
CA ARG A 30 0.42 -5.41 11.27
C ARG A 30 -0.90 -6.01 10.94
N GLY A 31 -0.88 -6.77 9.91
CA GLY A 31 -2.02 -7.41 9.42
C GLY A 31 -1.63 -8.30 8.31
N LEU A 32 -2.54 -9.05 7.88
CA LEU A 32 -2.41 -10.02 6.83
C LEU A 32 -3.73 -9.95 6.10
N GLY A 33 -3.73 -9.92 4.80
CA GLY A 33 -5.00 -9.91 4.16
C GLY A 33 -5.03 -9.27 2.81
N ASN A 34 -6.16 -8.80 2.45
CA ASN A 34 -6.48 -8.26 1.16
C ASN A 34 -6.12 -6.86 1.07
N LEU A 35 -5.27 -6.69 0.17
CA LEU A 35 -4.86 -5.46 -0.26
C LEU A 35 -5.72 -4.98 -1.38
N LYS A 36 -6.32 -3.87 -1.16
CA LYS A 36 -7.03 -3.20 -2.16
C LYS A 36 -6.31 -1.91 -2.48
N ILE A 37 -6.21 -1.61 -3.71
CA ILE A 37 -5.67 -0.36 -4.12
C ILE A 37 -6.76 0.45 -4.67
N LEU A 38 -6.80 1.64 -4.21
CA LEU A 38 -7.73 2.57 -4.69
C LEU A 38 -6.94 3.59 -5.49
N LYS A 39 -7.40 3.89 -6.65
CA LYS A 39 -6.81 4.94 -7.46
C LYS A 39 -7.83 6.03 -7.67
N ASN A 40 -7.49 7.27 -7.27
CA ASN A 40 -8.41 8.39 -7.43
C ASN A 40 -8.67 8.73 -8.88
N GLU A 41 -9.89 9.13 -9.15
CA GLU A 41 -10.33 9.60 -10.38
C GLU A 41 -9.82 11.03 -10.54
N VAL A 42 -9.41 11.64 -9.43
CA VAL A 42 -8.81 12.90 -9.38
C VAL A 42 -7.42 12.78 -9.99
N ASN A 43 -6.89 11.53 -9.92
CA ASN A 43 -5.54 11.19 -10.34
C ASN A 43 -4.57 11.87 -9.37
N GLY A 44 -5.08 12.04 -8.14
CA GLY A 44 -4.33 12.74 -7.12
C GLY A 44 -3.31 11.84 -6.50
N LYS A 45 -3.78 10.93 -5.71
CA LYS A 45 -2.96 9.96 -5.08
C LYS A 45 -3.69 8.68 -5.20
N LEU A 46 -3.04 7.61 -4.94
CA LEU A 46 -3.64 6.38 -4.93
C LEU A 46 -3.49 5.87 -3.52
N ARG A 47 -4.33 5.00 -3.11
CA ARG A 47 -4.25 4.47 -1.76
C ARG A 47 -4.08 3.00 -1.85
N MET A 48 -3.49 2.52 -0.89
CA MET A 48 -3.20 1.19 -0.69
C MET A 48 -3.80 0.86 0.65
N LEU A 49 -4.74 0.02 0.67
CA LEU A 49 -5.24 -0.49 1.94
C LEU A 49 -5.31 -1.96 2.03
N MET A 50 -5.21 -2.45 3.21
CA MET A 50 -5.22 -3.76 3.45
C MET A 50 -6.00 -4.02 4.66
N ARG A 51 -6.83 -4.85 4.45
CA ARG A 51 -7.78 -5.40 5.37
C ARG A 51 -7.32 -6.75 5.75
N ARG A 52 -7.61 -7.08 6.93
CA ARG A 52 -7.33 -8.32 7.43
C ARG A 52 -8.42 -9.18 6.92
N GLU A 53 -8.02 -10.17 6.24
CA GLU A 53 -8.86 -11.10 5.49
C GLU A 53 -9.98 -11.64 6.23
N GLN A 54 -9.72 -12.46 7.15
CA GLN A 54 -10.79 -13.09 7.80
C GLN A 54 -11.33 -12.13 8.89
N VAL A 55 -10.56 -11.10 9.16
CA VAL A 55 -10.86 -10.14 10.16
C VAL A 55 -11.75 -8.97 9.61
N LEU A 56 -12.01 -9.00 8.29
CA LEU A 56 -12.86 -8.11 7.53
C LEU A 56 -12.56 -6.59 7.73
N LYS A 57 -11.51 -6.30 8.35
CA LYS A 57 -11.21 -4.94 8.60
C LYS A 57 -9.84 -4.40 8.11
N VAL A 58 -9.90 -3.63 7.02
CA VAL A 58 -8.87 -2.62 6.65
C VAL A 58 -8.22 -1.97 7.87
N CYS A 59 -6.92 -2.07 7.92
CA CYS A 59 -6.16 -1.52 8.99
C CYS A 59 -5.34 -0.30 8.54
N ALA A 60 -4.89 -0.30 7.29
CA ALA A 60 -3.97 0.64 6.84
C ALA A 60 -4.35 1.11 5.56
N ASN A 61 -4.53 2.33 5.50
CA ASN A 61 -4.74 2.99 4.28
C ASN A 61 -3.61 3.91 4.04
N HIS A 62 -2.75 3.46 3.26
CA HIS A 62 -1.57 4.19 2.88
C HIS A 62 -1.76 4.79 1.51
N TRP A 63 -1.52 6.04 1.37
CA TRP A 63 -1.49 6.60 0.05
C TRP A 63 -0.13 6.40 -0.56
N ILE A 64 -0.19 5.80 -1.69
CA ILE A 64 0.91 5.44 -2.48
C ILE A 64 1.06 6.53 -3.55
N THR A 65 2.15 7.23 -3.46
CA THR A 65 2.43 8.36 -4.32
C THR A 65 3.89 8.43 -4.64
N THR A 66 4.22 9.22 -5.63
CA THR A 66 5.58 9.50 -6.06
C THR A 66 6.26 10.43 -5.07
N THR A 67 5.44 10.92 -4.17
CA THR A 67 5.82 11.84 -3.14
C THR A 67 6.41 11.02 -1.98
N MET A 68 6.43 9.73 -2.20
CA MET A 68 6.87 8.80 -1.34
C MET A 68 7.66 7.80 -2.16
N ASN A 69 8.43 7.08 -1.48
CA ASN A 69 9.36 6.15 -2.02
C ASN A 69 9.40 4.88 -1.19
N LEU A 70 9.45 3.75 -1.88
CA LEU A 70 9.62 2.51 -1.34
C LEU A 70 11.09 2.15 -1.23
N LYS A 71 11.38 1.65 -0.15
CA LYS A 71 12.72 1.31 0.29
C LYS A 71 12.71 -0.13 0.82
N PRO A 72 13.71 -0.95 0.51
CA PRO A 72 13.73 -2.35 0.94
C PRO A 72 14.26 -2.53 2.38
N LEU A 73 13.73 -3.54 3.05
CA LEU A 73 14.20 -3.91 4.33
C LEU A 73 15.32 -4.92 4.20
N SER A 74 15.78 -5.38 5.32
CA SER A 74 16.73 -6.44 5.34
C SER A 74 16.03 -7.74 5.43
N GLY A 75 16.58 -8.73 4.78
CA GLY A 75 16.07 -10.03 4.96
C GLY A 75 14.83 -10.33 4.13
N SER A 76 14.37 -9.35 3.41
CA SER A 76 13.25 -9.45 2.56
C SER A 76 13.60 -10.14 1.27
N ASP A 77 12.64 -10.84 0.78
CA ASP A 77 12.70 -11.55 -0.42
C ASP A 77 12.51 -10.55 -1.44
N ARG A 78 11.48 -9.74 -1.20
CA ARG A 78 11.23 -8.59 -2.00
C ARG A 78 10.06 -7.78 -1.47
N ALA A 79 10.16 -7.51 -0.23
CA ALA A 79 9.20 -6.75 0.48
C ALA A 79 9.87 -5.41 0.75
N TRP A 80 9.12 -4.36 0.64
CA TRP A 80 9.64 -3.01 0.73
C TRP A 80 8.78 -2.26 1.69
N MET A 81 9.28 -1.18 2.15
CA MET A 81 8.64 -0.39 3.08
C MET A 81 8.63 0.95 2.55
N TRP A 82 7.62 1.57 2.82
CA TRP A 82 7.36 2.83 2.31
C TRP A 82 6.86 3.64 3.43
N LEU A 83 7.08 4.90 3.42
CA LEU A 83 6.54 5.63 4.48
C LEU A 83 5.32 6.34 4.02
N ALA A 84 4.26 6.16 4.72
CA ALA A 84 3.01 6.71 4.31
C ALA A 84 2.19 7.12 5.46
N SER A 85 1.22 7.91 5.18
CA SER A 85 0.27 8.24 6.08
C SER A 85 -0.79 7.24 6.10
N ASP A 86 -0.72 6.53 7.13
CA ASP A 86 -1.61 5.51 7.46
C ASP A 86 -2.47 5.95 8.64
N PHE A 87 -3.53 5.21 8.89
CA PHE A 87 -4.50 5.42 9.82
C PHE A 87 -5.58 6.40 9.36
N SER A 88 -6.24 6.02 8.34
CA SER A 88 -7.39 6.67 7.80
C SER A 88 -8.52 6.43 8.75
N ASP A 89 -8.35 5.31 9.43
CA ASP A 89 -9.25 4.80 10.36
C ASP A 89 -8.40 4.51 11.54
N GLY A 90 -7.82 5.55 12.02
CA GLY A 90 -6.92 5.43 13.09
C GLY A 90 -6.28 6.72 13.43
N ASP A 91 -6.22 7.54 12.41
CA ASP A 91 -5.71 8.95 12.40
C ASP A 91 -4.32 9.03 11.83
N ALA A 92 -4.21 9.82 10.78
CA ALA A 92 -3.06 9.76 9.92
C ALA A 92 -1.80 10.35 10.49
N LYS A 93 -0.83 9.51 10.54
CA LYS A 93 0.50 9.84 10.86
C LYS A 93 1.31 9.11 9.83
N LEU A 94 2.53 9.41 9.70
CA LEU A 94 3.35 8.71 8.77
C LEU A 94 4.22 7.76 9.50
N GLU A 95 4.24 6.59 9.03
CA GLU A 95 4.86 5.51 9.57
C GLU A 95 5.41 4.84 8.41
N GLN A 96 6.33 4.06 8.64
CA GLN A 96 6.96 3.43 7.64
C GLN A 96 6.55 2.04 7.83
N LEU A 97 5.81 1.56 6.97
CA LEU A 97 5.34 0.28 7.05
C LEU A 97 5.79 -0.53 5.89
N ALA A 98 5.88 -1.80 6.09
CA ALA A 98 6.33 -2.70 5.07
C ALA A 98 5.24 -3.65 4.70
N ALA A 99 5.27 -4.16 3.51
CA ALA A 99 4.31 -5.17 3.10
C ALA A 99 4.99 -6.15 2.19
N LYS A 100 4.67 -7.41 2.36
CA LYS A 100 5.27 -8.41 1.64
C LYS A 100 4.27 -9.31 1.08
N PHE A 101 4.62 -9.77 0.02
CA PHE A 101 3.92 -10.80 -0.65
C PHE A 101 4.59 -12.14 -0.35
N LYS A 102 3.92 -13.23 -0.68
CA LYS A 102 4.36 -14.58 -0.30
C LYS A 102 5.74 -14.97 -0.84
N THR A 103 6.02 -14.58 -2.06
CA THR A 103 7.26 -14.94 -2.71
C THR A 103 7.81 -13.70 -3.36
N PRO A 104 9.13 -13.66 -3.73
CA PRO A 104 9.70 -12.51 -4.45
C PRO A 104 9.06 -12.32 -5.81
N GLU A 105 8.27 -13.21 -6.21
CA GLU A 105 7.56 -13.05 -7.44
C GLU A 105 6.51 -12.00 -7.25
N LEU A 106 5.70 -12.24 -6.23
CA LEU A 106 4.59 -11.40 -5.93
C LEU A 106 5.10 -10.16 -5.31
N ALA A 107 6.08 -10.35 -4.49
CA ALA A 107 6.73 -9.30 -3.82
C ALA A 107 7.50 -8.45 -4.82
N GLU A 108 8.28 -9.08 -5.71
CA GLU A 108 9.11 -8.25 -6.60
C GLU A 108 8.33 -7.55 -7.68
N GLU A 109 7.50 -8.28 -8.37
CA GLU A 109 6.77 -7.75 -9.49
C GLU A 109 5.79 -6.69 -9.05
N PHE A 110 5.10 -6.95 -7.95
CA PHE A 110 4.11 -6.02 -7.48
C PHE A 110 4.79 -4.77 -6.97
N LYS A 111 5.94 -4.93 -6.33
CA LYS A 111 6.66 -3.75 -5.81
C LYS A 111 7.14 -2.82 -6.91
N GLN A 112 7.64 -3.38 -7.97
CA GLN A 112 8.07 -2.60 -9.13
C GLN A 112 6.90 -1.93 -9.74
N LYS A 113 5.84 -2.70 -9.98
CA LYS A 113 4.60 -2.23 -10.60
C LYS A 113 3.98 -1.16 -9.74
N PHE A 114 4.25 -1.29 -8.50
CA PHE A 114 3.73 -0.35 -7.47
C PHE A 114 4.38 1.03 -7.65
N GLU A 115 5.69 1.03 -7.67
CA GLU A 115 6.53 2.19 -7.91
C GLU A 115 6.35 2.65 -9.38
N GLU A 116 6.08 1.70 -10.28
CA GLU A 116 5.79 1.98 -11.66
C GLU A 116 4.55 2.80 -11.76
N CYS A 117 3.49 2.38 -11.05
CA CYS A 117 2.28 3.07 -11.03
C CYS A 117 2.46 4.44 -10.51
N GLN A 118 3.36 4.60 -9.55
CA GLN A 118 3.60 5.92 -9.01
C GLN A 118 4.11 6.80 -10.15
N ARG A 119 5.11 6.32 -10.86
CA ARG A 119 5.75 7.10 -11.91
C ARG A 119 4.90 7.31 -13.12
N LEU A 120 4.31 6.29 -13.49
CA LEU A 120 3.52 6.22 -14.67
C LEU A 120 2.17 6.91 -14.59
N LEU A 121 1.43 6.69 -13.48
CA LEU A 121 -0.01 7.10 -13.32
C LEU A 121 -0.19 8.60 -13.47
N LEU A 122 0.87 9.24 -13.30
CA LEU A 122 1.01 10.66 -13.37
C LEU A 122 0.69 11.25 -14.75
N ASP A 123 1.17 10.60 -15.77
CA ASP A 123 1.09 11.19 -17.11
C ASP A 123 0.15 10.43 -17.95
N ILE A 124 0.14 9.17 -17.73
CA ILE A 124 -0.63 8.28 -18.48
C ILE A 124 -2.11 8.43 -18.14
N PRO A 125 -2.99 8.27 -19.12
CA PRO A 125 -4.43 8.40 -18.90
C PRO A 125 -4.97 7.34 -17.95
N LEU A 126 -6.03 7.68 -17.24
CA LEU A 126 -6.69 6.77 -16.30
C LEU A 126 -7.35 5.63 -17.06
N GLN A 127 -7.53 5.86 -18.34
CA GLN A 127 -8.06 4.89 -19.26
C GLN A 127 -7.07 3.73 -19.31
N THR A 128 -7.49 2.64 -18.76
CA THR A 128 -6.64 1.49 -18.63
C THR A 128 -6.55 0.73 -19.97
N PRO A 129 -5.32 0.54 -20.48
CA PRO A 129 -5.09 -0.10 -21.78
C PRO A 129 -5.40 -1.59 -21.75
N LYS A 130 -6.11 -2.01 -22.75
CA LYS A 130 -6.57 -3.37 -22.95
C LYS A 130 -7.40 -3.35 -24.21
N GLY A 1 -19.39 13.23 -1.28
CA GLY A 1 -19.04 14.02 -0.08
C GLY A 1 -17.56 14.26 0.03
N SER A 2 -16.89 13.45 0.82
CA SER A 2 -15.47 13.60 1.02
C SER A 2 -14.68 12.65 0.13
N GLY A 3 -13.38 12.87 0.04
CA GLY A 3 -12.49 12.03 -0.72
C GLY A 3 -12.17 10.75 0.04
N GLU A 4 -13.20 10.05 0.42
CA GLU A 4 -13.09 8.79 1.10
C GLU A 4 -13.89 7.74 0.36
N GLU A 5 -14.59 8.19 -0.68
CA GLU A 5 -15.40 7.34 -1.48
C GLU A 5 -15.46 7.84 -2.87
N ASP A 6 -14.40 7.65 -3.46
CA ASP A 6 -14.17 8.19 -4.78
C ASP A 6 -13.00 7.50 -5.44
N GLU A 7 -12.60 6.48 -4.86
CA GLU A 7 -11.52 5.73 -5.30
C GLU A 7 -11.94 4.33 -5.38
N LYS A 8 -11.48 3.71 -6.37
CA LYS A 8 -11.90 2.41 -6.64
C LYS A 8 -10.74 1.45 -6.74
N VAL A 9 -11.02 0.19 -6.50
CA VAL A 9 -10.01 -0.82 -6.40
C VAL A 9 -9.56 -1.27 -7.76
N LEU A 10 -8.33 -1.07 -8.00
CA LEU A 10 -7.66 -1.51 -9.20
C LEU A 10 -7.41 -3.00 -9.13
N TYR A 11 -6.58 -3.37 -8.22
CA TYR A 11 -6.22 -4.75 -8.02
C TYR A 11 -6.05 -4.99 -6.54
N SER A 12 -6.50 -6.13 -6.11
CA SER A 12 -6.49 -6.51 -4.75
C SER A 12 -5.87 -7.92 -4.55
N GLN A 13 -4.83 -8.00 -3.72
CA GLN A 13 -4.21 -9.31 -3.41
C GLN A 13 -3.61 -9.34 -2.01
N ARG A 14 -3.49 -10.55 -1.46
CA ARG A 14 -3.14 -10.74 -0.09
C ARG A 14 -1.67 -10.55 0.18
N VAL A 15 -1.44 -9.79 1.21
CA VAL A 15 -0.15 -9.31 1.63
C VAL A 15 -0.08 -9.37 3.18
N LYS A 16 1.06 -9.09 3.74
CA LYS A 16 1.22 -8.90 5.17
C LYS A 16 1.59 -7.45 5.38
N LEU A 17 1.14 -6.82 6.46
CA LEU A 17 1.49 -5.46 6.71
C LEU A 17 2.41 -5.46 7.86
N PHE A 18 3.29 -4.53 7.88
CA PHE A 18 4.30 -4.42 8.90
C PHE A 18 4.41 -2.99 9.39
N ARG A 19 4.79 -2.84 10.63
CA ARG A 19 5.08 -1.63 11.25
C ARG A 19 6.49 -1.59 11.60
N PHE A 20 6.97 -0.48 11.55
CA PHE A 20 8.29 -0.23 11.93
C PHE A 20 8.24 0.04 13.37
N ASP A 21 8.88 -0.76 14.07
CA ASP A 21 8.93 -0.59 15.47
C ASP A 21 10.04 0.27 15.78
N ALA A 22 9.73 1.29 16.37
CA ALA A 22 10.67 2.25 16.82
C ALA A 22 11.49 1.68 17.95
N GLU A 23 10.84 0.91 18.77
CA GLU A 23 11.47 0.33 19.91
C GLU A 23 12.22 -0.91 19.49
N VAL A 24 11.71 -1.60 18.47
CA VAL A 24 12.41 -2.83 18.03
C VAL A 24 13.34 -2.50 16.93
N SER A 25 13.19 -1.28 16.47
CA SER A 25 13.78 -0.81 15.26
C SER A 25 13.44 -1.75 14.17
N GLN A 26 12.23 -2.33 14.23
CA GLN A 26 12.07 -3.33 13.24
C GLN A 26 10.69 -3.36 12.61
N TRP A 27 10.67 -3.71 11.35
CA TRP A 27 9.51 -3.96 10.58
C TRP A 27 8.87 -5.27 11.07
N LYS A 28 7.89 -5.15 11.92
CA LYS A 28 7.18 -6.27 12.51
C LYS A 28 5.77 -6.21 12.02
N GLU A 29 5.17 -7.35 11.82
CA GLU A 29 3.92 -7.44 11.25
C GLU A 29 2.80 -6.76 12.01
N ARG A 30 2.05 -6.05 11.26
CA ARG A 30 0.88 -5.33 11.76
C ARG A 30 -0.30 -6.20 11.58
N GLY A 31 -0.23 -7.00 10.56
CA GLY A 31 -1.24 -7.92 10.28
C GLY A 31 -1.06 -8.50 8.93
N LEU A 32 -2.11 -9.03 8.43
CA LEU A 32 -2.16 -9.64 7.12
C LEU A 32 -3.45 -9.22 6.48
N GLY A 33 -3.57 -9.40 5.21
CA GLY A 33 -4.80 -9.10 4.56
C GLY A 33 -4.66 -9.03 3.08
N ASN A 34 -5.49 -8.24 2.49
CA ASN A 34 -5.59 -8.03 1.08
C ASN A 34 -5.31 -6.63 0.83
N LEU A 35 -4.41 -6.45 -0.03
CA LEU A 35 -4.00 -5.19 -0.41
C LEU A 35 -4.82 -4.74 -1.57
N LYS A 36 -5.47 -3.66 -1.37
CA LYS A 36 -6.24 -3.06 -2.36
C LYS A 36 -5.59 -1.76 -2.76
N ILE A 37 -5.61 -1.46 -4.00
CA ILE A 37 -5.20 -0.18 -4.46
C ILE A 37 -6.39 0.53 -4.93
N LEU A 38 -6.66 1.63 -4.32
CA LEU A 38 -7.75 2.40 -4.78
C LEU A 38 -7.20 3.66 -5.40
N LYS A 39 -7.69 3.98 -6.54
CA LYS A 39 -7.31 5.20 -7.18
C LYS A 39 -8.52 6.09 -7.29
N ASN A 40 -8.34 7.33 -6.90
CA ASN A 40 -9.39 8.34 -6.95
C ASN A 40 -9.83 8.66 -8.34
N GLU A 41 -11.10 8.95 -8.45
CA GLU A 41 -11.75 9.35 -9.62
C GLU A 41 -11.44 10.79 -9.96
N VAL A 42 -10.79 11.47 -9.01
CA VAL A 42 -10.25 12.77 -9.21
C VAL A 42 -9.01 12.55 -10.06
N ASN A 43 -8.57 11.29 -9.99
CA ASN A 43 -7.45 10.76 -10.70
C ASN A 43 -6.24 11.54 -10.26
N GLY A 44 -6.24 11.78 -8.97
CA GLY A 44 -5.18 12.51 -8.38
C GLY A 44 -4.57 11.75 -7.26
N LYS A 45 -5.38 11.33 -6.32
CA LYS A 45 -4.89 10.63 -5.19
C LYS A 45 -4.98 9.13 -5.42
N LEU A 46 -3.96 8.43 -5.02
CA LEU A 46 -3.89 7.06 -5.13
C LEU A 46 -3.71 6.53 -3.73
N ARG A 47 -4.18 5.36 -3.48
CA ARG A 47 -4.04 4.71 -2.19
C ARG A 47 -3.84 3.24 -2.33
N MET A 48 -3.15 2.74 -1.39
CA MET A 48 -2.88 1.40 -1.17
C MET A 48 -3.34 1.14 0.24
N LEU A 49 -4.27 0.32 0.39
CA LEU A 49 -4.67 -0.13 1.70
C LEU A 49 -4.70 -1.58 1.78
N MET A 50 -4.49 -2.06 2.92
CA MET A 50 -4.55 -3.35 3.20
C MET A 50 -5.48 -3.49 4.29
N ARG A 51 -6.35 -4.24 4.02
CA ARG A 51 -7.47 -4.65 4.84
C ARG A 51 -7.29 -6.06 5.15
N ARG A 52 -7.74 -6.41 6.25
CA ARG A 52 -7.69 -7.70 6.71
C ARG A 52 -8.88 -8.35 6.12
N GLU A 53 -8.61 -9.40 5.44
CA GLU A 53 -9.55 -10.17 4.60
C GLU A 53 -10.77 -10.49 5.28
N GLN A 54 -10.68 -11.42 6.13
CA GLN A 54 -11.85 -11.87 6.73
C GLN A 54 -12.24 -10.97 7.89
N VAL A 55 -11.37 -10.06 8.20
CA VAL A 55 -11.55 -9.12 9.25
C VAL A 55 -12.28 -7.85 8.70
N LEU A 56 -12.49 -7.83 7.36
CA LEU A 56 -13.16 -6.83 6.58
C LEU A 56 -12.65 -5.38 6.82
N LYS A 57 -11.60 -5.28 7.48
CA LYS A 57 -11.11 -4.00 7.85
C LYS A 57 -9.66 -3.64 7.47
N VAL A 58 -9.53 -2.78 6.47
CA VAL A 58 -8.37 -1.87 6.27
C VAL A 58 -7.58 -1.60 7.59
N CYS A 59 -6.34 -1.85 7.50
CA CYS A 59 -5.43 -1.68 8.56
C CYS A 59 -4.61 -0.41 8.33
N ALA A 60 -4.20 -0.15 7.07
CA ALA A 60 -3.37 0.96 6.74
C ALA A 60 -3.81 1.43 5.47
N ASN A 61 -3.82 2.65 5.37
CA ASN A 61 -4.04 3.32 4.17
C ASN A 61 -2.84 4.14 3.83
N HIS A 62 -2.16 3.67 2.91
CA HIS A 62 -1.02 4.33 2.32
C HIS A 62 -1.46 4.96 1.02
N TRP A 63 -0.99 6.09 0.72
CA TRP A 63 -1.04 6.62 -0.60
C TRP A 63 0.17 6.08 -1.33
N ILE A 64 0.02 5.69 -2.55
CA ILE A 64 1.08 5.14 -3.27
C ILE A 64 1.50 6.21 -4.29
N THR A 65 2.60 6.86 -4.03
CA THR A 65 3.04 7.95 -4.86
C THR A 65 4.53 7.97 -5.02
N THR A 66 4.97 8.69 -6.03
CA THR A 66 6.36 8.95 -6.30
C THR A 66 6.90 9.99 -5.35
N THR A 67 6.02 10.51 -4.52
CA THR A 67 6.32 11.52 -3.53
C THR A 67 6.89 10.81 -2.28
N MET A 68 7.02 9.54 -2.43
CA MET A 68 7.42 8.66 -1.48
C MET A 68 8.23 7.65 -2.26
N ASN A 69 8.86 6.80 -1.58
CA ASN A 69 9.68 5.78 -2.15
C ASN A 69 9.47 4.51 -1.38
N LEU A 70 9.66 3.40 -2.02
CA LEU A 70 9.65 2.18 -1.44
C LEU A 70 11.08 1.75 -1.15
N LYS A 71 11.25 1.29 -0.01
CA LYS A 71 12.56 0.91 0.52
C LYS A 71 12.43 -0.46 1.17
N PRO A 72 13.43 -1.36 1.03
CA PRO A 72 13.32 -2.72 1.52
C PRO A 72 13.53 -2.84 3.03
N LEU A 73 12.98 -3.89 3.59
CA LEU A 73 13.16 -4.20 4.95
C LEU A 73 14.26 -5.20 5.14
N SER A 74 14.50 -5.51 6.38
CA SER A 74 15.35 -6.59 6.73
C SER A 74 14.67 -7.85 6.39
N GLY A 75 15.37 -8.72 5.77
CA GLY A 75 14.78 -9.97 5.53
C GLY A 75 13.85 -9.92 4.32
N SER A 76 14.02 -8.86 3.54
CA SER A 76 13.31 -8.69 2.30
C SER A 76 13.95 -9.52 1.22
N ASP A 77 13.08 -10.09 0.48
CA ASP A 77 13.38 -10.79 -0.69
C ASP A 77 13.08 -9.85 -1.80
N ARG A 78 11.88 -9.35 -1.75
CA ARG A 78 11.36 -8.36 -2.63
C ARG A 78 10.18 -7.65 -1.96
N ALA A 79 10.39 -7.37 -0.70
CA ALA A 79 9.42 -6.75 0.18
C ALA A 79 9.85 -5.31 0.44
N TRP A 80 8.93 -4.38 0.57
CA TRP A 80 9.27 -2.98 0.64
C TRP A 80 8.41 -2.31 1.64
N MET A 81 8.84 -1.19 2.06
CA MET A 81 8.17 -0.38 2.92
C MET A 81 8.09 0.90 2.29
N TRP A 82 7.16 1.57 2.67
CA TRP A 82 6.87 2.82 2.17
C TRP A 82 6.67 3.64 3.37
N LEU A 83 7.09 4.82 3.38
CA LEU A 83 6.78 5.57 4.52
C LEU A 83 5.63 6.44 4.19
N ALA A 84 4.62 6.34 4.97
CA ALA A 84 3.40 7.00 4.66
C ALA A 84 2.75 7.46 5.87
N SER A 85 1.90 8.39 5.73
CA SER A 85 1.02 8.68 6.69
C SER A 85 -0.12 7.82 6.46
N ASP A 86 -0.24 6.93 7.33
CA ASP A 86 -1.28 6.06 7.28
C ASP A 86 -2.29 6.59 8.22
N PHE A 87 -3.56 6.50 7.87
CA PHE A 87 -4.66 7.07 8.63
C PHE A 87 -5.88 6.88 7.79
N SER A 88 -6.42 5.68 7.87
CA SER A 88 -7.56 5.30 7.08
C SER A 88 -8.72 6.13 7.54
N ASP A 89 -8.76 6.38 8.85
CA ASP A 89 -9.69 7.23 9.39
C ASP A 89 -9.14 7.70 10.70
N GLY A 90 -7.84 7.43 10.98
CA GLY A 90 -7.40 7.90 12.23
C GLY A 90 -6.91 6.92 13.21
N ASP A 91 -6.94 5.70 12.87
CA ASP A 91 -6.43 4.64 13.80
C ASP A 91 -4.99 4.41 13.52
N ALA A 92 -4.76 4.79 12.41
CA ALA A 92 -3.61 4.73 11.65
C ALA A 92 -2.86 6.09 11.74
N LYS A 93 -1.54 6.04 11.73
CA LYS A 93 -0.65 7.15 12.03
C LYS A 93 0.49 7.06 11.00
N LEU A 94 1.38 8.02 10.95
CA LEU A 94 2.47 7.96 9.98
C LEU A 94 3.59 7.14 10.52
N GLU A 95 3.90 6.16 9.77
CA GLU A 95 4.78 5.17 10.06
C GLU A 95 5.47 4.81 8.84
N GLN A 96 6.46 4.14 9.03
CA GLN A 96 7.15 3.59 8.02
C GLN A 96 6.61 2.20 8.06
N LEU A 97 5.95 1.87 7.07
CA LEU A 97 5.17 0.68 7.04
C LEU A 97 5.57 -0.19 5.90
N ALA A 98 5.66 -1.45 6.15
CA ALA A 98 6.10 -2.38 5.16
C ALA A 98 5.05 -3.36 4.82
N ALA A 99 5.21 -4.01 3.70
CA ALA A 99 4.36 -5.06 3.31
C ALA A 99 5.19 -6.09 2.60
N LYS A 100 4.86 -7.32 2.77
CA LYS A 100 5.56 -8.35 2.20
C LYS A 100 4.60 -9.34 1.71
N PHE A 101 4.98 -9.85 0.68
CA PHE A 101 4.31 -10.87 0.00
C PHE A 101 5.08 -12.15 0.25
N LYS A 102 4.40 -13.24 0.13
CA LYS A 102 4.94 -14.53 0.53
C LYS A 102 6.15 -14.97 -0.28
N THR A 103 6.11 -14.75 -1.55
CA THR A 103 7.17 -15.15 -2.43
C THR A 103 7.66 -13.92 -3.17
N PRO A 104 8.91 -13.90 -3.71
CA PRO A 104 9.38 -12.80 -4.56
C PRO A 104 8.60 -12.73 -5.84
N GLU A 105 7.80 -13.65 -6.07
CA GLU A 105 6.94 -13.66 -7.21
C GLU A 105 5.90 -12.59 -6.99
N LEU A 106 5.33 -12.63 -5.80
CA LEU A 106 4.34 -11.71 -5.40
C LEU A 106 4.99 -10.40 -5.10
N ALA A 107 6.04 -10.51 -4.36
CA ALA A 107 6.83 -9.40 -3.93
C ALA A 107 7.54 -8.71 -5.10
N GLU A 108 8.10 -9.48 -6.06
CA GLU A 108 8.82 -8.80 -7.18
C GLU A 108 7.85 -8.08 -8.09
N GLU A 109 6.81 -8.78 -8.50
CA GLU A 109 5.79 -8.22 -9.39
C GLU A 109 5.17 -6.96 -8.82
N PHE A 110 4.86 -7.00 -7.54
CA PHE A 110 4.27 -5.90 -6.89
C PHE A 110 5.21 -4.73 -6.76
N LYS A 111 6.51 -4.97 -6.59
CA LYS A 111 7.52 -3.89 -6.50
C LYS A 111 7.42 -3.03 -7.73
N GLN A 112 7.50 -3.73 -8.81
CA GLN A 112 7.46 -3.18 -10.15
C GLN A 112 6.20 -2.39 -10.35
N LYS A 113 5.08 -3.02 -10.02
CA LYS A 113 3.79 -2.49 -10.14
C LYS A 113 3.65 -1.26 -9.29
N PHE A 114 4.23 -1.31 -8.14
CA PHE A 114 4.14 -0.18 -7.20
C PHE A 114 4.90 1.03 -7.66
N GLU A 115 6.17 0.85 -8.00
CA GLU A 115 6.97 1.97 -8.50
C GLU A 115 6.38 2.48 -9.82
N GLU A 116 5.78 1.54 -10.58
CA GLU A 116 5.15 1.85 -11.83
C GLU A 116 4.02 2.81 -11.61
N CYS A 117 3.12 2.42 -10.73
CA CYS A 117 2.02 3.17 -10.36
C CYS A 117 2.42 4.50 -9.79
N GLN A 118 3.56 4.56 -9.11
CA GLN A 118 4.01 5.81 -8.55
C GLN A 118 4.15 6.87 -9.63
N ARG A 119 4.84 6.56 -10.70
CA ARG A 119 4.90 7.49 -11.82
C ARG A 119 3.63 7.56 -12.65
N LEU A 120 3.21 6.43 -12.98
CA LEU A 120 2.15 6.20 -13.93
C LEU A 120 0.73 6.45 -13.49
N LEU A 121 0.37 5.92 -12.31
CA LEU A 121 -1.06 5.79 -11.82
C LEU A 121 -1.73 7.13 -11.70
N LEU A 122 -0.90 8.08 -11.66
CA LEU A 122 -1.17 9.45 -11.46
C LEU A 122 -2.06 10.07 -12.51
N ASP A 123 -1.82 9.72 -13.74
CA ASP A 123 -2.54 10.36 -14.83
C ASP A 123 -3.49 9.41 -15.49
N ILE A 124 -3.18 8.18 -15.35
CA ILE A 124 -3.82 7.16 -16.11
C ILE A 124 -5.00 6.44 -15.43
N PRO A 125 -6.22 6.59 -15.98
CA PRO A 125 -7.35 5.82 -15.53
C PRO A 125 -7.19 4.36 -15.98
N LEU A 126 -7.38 3.45 -15.07
CA LEU A 126 -7.31 2.02 -15.41
C LEU A 126 -8.64 1.37 -15.13
N GLN A 127 -9.53 2.15 -14.58
CA GLN A 127 -10.86 1.73 -14.29
C GLN A 127 -11.77 2.72 -14.93
N THR A 128 -12.46 2.28 -15.89
CA THR A 128 -13.34 3.10 -16.68
C THR A 128 -14.77 2.58 -16.56
N PRO A 129 -15.74 3.45 -16.22
CA PRO A 129 -17.13 3.05 -16.07
C PRO A 129 -17.73 2.62 -17.40
N LYS A 130 -18.35 1.49 -17.39
CA LYS A 130 -18.94 0.87 -18.56
C LYS A 130 -19.55 -0.44 -18.11
N GLY A 1 -10.95 14.50 5.00
CA GLY A 1 -11.97 14.98 5.90
C GLY A 1 -13.07 13.96 6.05
N SER A 2 -14.27 14.39 5.85
CA SER A 2 -15.41 13.53 5.91
C SER A 2 -15.90 13.26 4.50
N GLY A 3 -15.90 12.01 4.10
CA GLY A 3 -16.30 11.67 2.76
C GLY A 3 -15.11 11.33 1.91
N GLU A 4 -14.33 10.39 2.38
CA GLU A 4 -13.12 9.96 1.72
C GLU A 4 -13.48 8.79 0.82
N GLU A 5 -14.42 9.05 -0.04
CA GLU A 5 -14.98 8.07 -0.94
C GLU A 5 -14.99 8.53 -2.36
N ASP A 6 -13.93 8.35 -2.92
CA ASP A 6 -13.71 8.84 -4.27
C ASP A 6 -12.65 8.03 -4.99
N GLU A 7 -12.28 6.98 -4.36
CA GLU A 7 -11.35 6.07 -4.85
C GLU A 7 -11.96 4.73 -4.88
N LYS A 8 -11.64 4.06 -5.89
CA LYS A 8 -12.24 2.79 -6.15
C LYS A 8 -11.21 1.67 -6.29
N VAL A 9 -11.69 0.43 -6.18
CA VAL A 9 -10.86 -0.75 -6.14
C VAL A 9 -10.38 -1.15 -7.51
N LEU A 10 -9.10 -1.14 -7.64
CA LEU A 10 -8.44 -1.59 -8.84
C LEU A 10 -8.29 -3.12 -8.79
N TYR A 11 -7.48 -3.58 -7.87
CA TYR A 11 -7.25 -5.01 -7.67
C TYR A 11 -7.14 -5.31 -6.19
N SER A 12 -7.53 -6.51 -5.81
CA SER A 12 -7.51 -6.94 -4.47
C SER A 12 -6.80 -8.32 -4.33
N GLN A 13 -5.79 -8.40 -3.45
CA GLN A 13 -5.10 -9.68 -3.18
C GLN A 13 -4.57 -9.77 -1.77
N ARG A 14 -4.38 -10.98 -1.32
CA ARG A 14 -3.98 -11.23 0.04
C ARG A 14 -2.49 -10.94 0.18
N VAL A 15 -2.18 -10.05 1.06
CA VAL A 15 -0.85 -9.59 1.31
C VAL A 15 -0.60 -9.69 2.81
N LYS A 16 0.60 -9.43 3.23
CA LYS A 16 0.93 -9.39 4.62
C LYS A 16 1.31 -7.96 4.92
N LEU A 17 0.79 -7.39 6.00
CA LEU A 17 1.06 -6.03 6.30
C LEU A 17 2.02 -6.05 7.42
N PHE A 18 2.92 -5.21 7.37
CA PHE A 18 3.95 -5.09 8.34
C PHE A 18 4.02 -3.69 8.83
N ARG A 19 4.41 -3.52 10.05
CA ARG A 19 4.61 -2.26 10.66
C ARG A 19 5.98 -2.20 11.16
N PHE A 20 6.42 -1.07 11.15
CA PHE A 20 7.73 -0.74 11.57
C PHE A 20 7.56 -0.32 12.97
N ASP A 21 8.11 -1.03 13.82
CA ASP A 21 8.05 -0.67 15.17
C ASP A 21 9.16 0.18 15.48
N ALA A 22 8.85 1.31 15.86
CA ALA A 22 9.80 2.29 16.31
C ALA A 22 10.39 1.83 17.61
N GLU A 23 9.54 1.20 18.43
CA GLU A 23 9.91 0.74 19.73
C GLU A 23 10.61 -0.59 19.66
N VAL A 24 10.40 -1.33 18.58
CA VAL A 24 11.16 -2.56 18.39
C VAL A 24 12.27 -2.31 17.45
N SER A 25 12.20 -1.14 16.86
CA SER A 25 12.97 -0.77 15.72
C SER A 25 12.84 -1.81 14.68
N GLN A 26 11.67 -2.44 14.60
CA GLN A 26 11.70 -3.54 13.72
C GLN A 26 10.45 -3.68 12.87
N TRP A 27 10.61 -4.23 11.69
CA TRP A 27 9.57 -4.59 10.87
C TRP A 27 8.89 -5.85 11.45
N LYS A 28 7.65 -5.74 11.77
CA LYS A 28 6.89 -6.84 12.32
C LYS A 28 5.57 -6.82 11.67
N GLU A 29 4.99 -7.97 11.46
CA GLU A 29 3.80 -8.07 10.78
C GLU A 29 2.70 -7.47 11.57
N ARG A 30 1.91 -6.80 10.89
CA ARG A 30 0.84 -6.06 11.49
C ARG A 30 -0.35 -6.93 11.40
N GLY A 31 -0.43 -7.56 10.28
CA GLY A 31 -1.46 -8.46 10.00
C GLY A 31 -1.34 -8.94 8.61
N LEU A 32 -2.37 -9.49 8.13
CA LEU A 32 -2.47 -10.05 6.80
C LEU A 32 -3.87 -9.74 6.33
N GLY A 33 -4.05 -9.55 5.06
CA GLY A 33 -5.35 -9.24 4.56
C GLY A 33 -5.32 -8.97 3.09
N ASN A 34 -6.45 -8.63 2.56
CA ASN A 34 -6.60 -8.32 1.18
C ASN A 34 -6.25 -6.93 0.97
N LEU A 35 -5.30 -6.80 0.17
CA LEU A 35 -4.79 -5.61 -0.24
C LEU A 35 -5.56 -5.17 -1.40
N LYS A 36 -6.15 -4.07 -1.29
CA LYS A 36 -6.80 -3.51 -2.36
C LYS A 36 -6.25 -2.14 -2.64
N ILE A 37 -6.35 -1.76 -3.85
CA ILE A 37 -5.87 -0.48 -4.28
C ILE A 37 -7.03 0.35 -4.55
N LEU A 38 -7.04 1.49 -3.98
CA LEU A 38 -8.04 2.41 -4.30
C LEU A 38 -7.39 3.50 -5.09
N LYS A 39 -7.98 3.83 -6.18
CA LYS A 39 -7.48 4.87 -7.04
C LYS A 39 -8.53 5.93 -7.15
N ASN A 40 -8.20 7.13 -6.74
CA ASN A 40 -9.15 8.24 -6.78
C ASN A 40 -9.56 8.64 -8.15
N GLU A 41 -10.82 9.04 -8.27
CA GLU A 41 -11.42 9.54 -9.43
C GLU A 41 -10.77 10.87 -9.79
N VAL A 42 -10.25 11.53 -8.76
CA VAL A 42 -9.56 12.74 -8.86
C VAL A 42 -8.14 12.46 -9.34
N ASN A 43 -7.68 11.22 -9.05
CA ASN A 43 -6.31 10.79 -9.22
C ASN A 43 -5.47 11.77 -8.41
N GLY A 44 -5.96 12.03 -7.23
CA GLY A 44 -5.28 12.92 -6.33
C GLY A 44 -4.20 12.19 -5.64
N LYS A 45 -4.53 11.00 -5.21
CA LYS A 45 -3.64 10.12 -4.58
C LYS A 45 -4.18 8.75 -4.91
N LEU A 46 -3.35 7.76 -4.91
CA LEU A 46 -3.79 6.45 -5.05
C LEU A 46 -3.31 5.73 -3.83
N ARG A 47 -3.97 4.70 -3.45
CA ARG A 47 -3.65 3.99 -2.19
C ARG A 47 -3.73 2.49 -2.31
N MET A 48 -3.02 1.86 -1.43
CA MET A 48 -3.14 0.46 -1.09
C MET A 48 -3.62 0.42 0.32
N LEU A 49 -4.71 -0.18 0.54
CA LEU A 49 -5.09 -0.46 1.89
C LEU A 49 -5.31 -1.88 2.05
N MET A 50 -5.09 -2.29 3.21
CA MET A 50 -5.28 -3.53 3.59
C MET A 50 -6.07 -3.49 4.81
N ARG A 51 -7.05 -4.12 4.69
CA ARG A 51 -8.03 -4.39 5.67
C ARG A 51 -7.91 -5.81 5.95
N ARG A 52 -8.17 -6.13 7.13
CA ARG A 52 -8.08 -7.45 7.51
C ARG A 52 -9.45 -7.95 7.47
N GLU A 53 -9.63 -8.94 6.70
CA GLU A 53 -10.93 -9.53 6.39
C GLU A 53 -11.65 -10.02 7.53
N GLN A 54 -11.03 -10.76 8.35
CA GLN A 54 -11.78 -11.23 9.45
C GLN A 54 -11.83 -10.16 10.56
N VAL A 55 -11.05 -9.12 10.37
CA VAL A 55 -10.87 -8.10 11.34
C VAL A 55 -11.67 -6.81 10.96
N LEU A 56 -12.29 -6.85 9.77
CA LEU A 56 -13.11 -5.84 9.14
C LEU A 56 -12.45 -4.43 9.08
N LYS A 57 -11.24 -4.38 9.40
CA LYS A 57 -10.59 -3.12 9.49
C LYS A 57 -9.32 -2.92 8.68
N VAL A 58 -9.45 -2.15 7.61
CA VAL A 58 -8.34 -1.40 7.03
C VAL A 58 -7.39 -0.89 8.10
N CYS A 59 -6.24 -1.45 8.10
CA CYS A 59 -5.26 -1.16 9.07
C CYS A 59 -4.34 -0.06 8.54
N ALA A 60 -4.08 -0.05 7.22
CA ALA A 60 -3.22 0.89 6.66
C ALA A 60 -3.73 1.25 5.37
N ASN A 61 -3.93 2.47 5.20
CA ASN A 61 -4.19 3.01 3.93
C ASN A 61 -2.97 3.77 3.50
N HIS A 62 -2.21 3.14 2.72
CA HIS A 62 -0.96 3.71 2.24
C HIS A 62 -1.11 4.22 0.85
N TRP A 63 -0.76 5.44 0.67
CA TRP A 63 -0.80 6.10 -0.60
C TRP A 63 0.48 5.78 -1.36
N ILE A 64 0.32 5.43 -2.60
CA ILE A 64 1.39 5.13 -3.44
C ILE A 64 1.70 6.36 -4.23
N THR A 65 2.83 6.92 -3.97
CA THR A 65 3.24 8.08 -4.65
C THR A 65 4.73 8.09 -4.91
N THR A 66 5.08 8.87 -5.87
CA THR A 66 6.42 9.13 -6.28
C THR A 66 7.08 10.11 -5.30
N THR A 67 6.24 10.66 -4.44
CA THR A 67 6.63 11.64 -3.44
C THR A 67 7.22 10.88 -2.25
N MET A 68 7.08 9.61 -2.32
CA MET A 68 7.47 8.74 -1.37
C MET A 68 8.46 7.79 -2.03
N ASN A 69 9.04 6.99 -1.27
CA ASN A 69 10.09 6.11 -1.66
C ASN A 69 9.92 4.76 -1.01
N LEU A 70 9.96 3.75 -1.81
CA LEU A 70 9.93 2.45 -1.39
C LEU A 70 11.33 1.97 -1.14
N LYS A 71 11.48 1.45 -0.04
CA LYS A 71 12.74 0.99 0.46
C LYS A 71 12.60 -0.43 1.01
N PRO A 72 13.47 -1.35 0.59
CA PRO A 72 13.44 -2.72 1.10
C PRO A 72 13.94 -2.82 2.55
N LEU A 73 13.44 -3.79 3.28
CA LEU A 73 13.80 -4.03 4.61
C LEU A 73 15.10 -4.84 4.66
N SER A 74 15.35 -5.39 5.81
CA SER A 74 16.33 -6.40 5.95
C SER A 74 15.71 -7.67 5.57
N GLY A 75 16.33 -8.42 4.73
CA GLY A 75 15.80 -9.69 4.46
C GLY A 75 14.76 -9.63 3.33
N SER A 76 13.89 -8.66 3.38
CA SER A 76 12.96 -8.43 2.38
C SER A 76 13.58 -7.43 1.42
N ASP A 77 13.74 -7.86 0.20
CA ASP A 77 14.37 -7.09 -0.79
C ASP A 77 13.33 -6.74 -1.75
N ARG A 78 12.56 -7.77 -2.07
CA ARG A 78 11.50 -7.58 -2.98
C ARG A 78 10.18 -7.35 -2.30
N ALA A 79 10.26 -7.33 -1.03
CA ALA A 79 9.18 -6.96 -0.17
C ALA A 79 9.66 -5.62 0.35
N TRP A 80 8.80 -4.66 0.36
CA TRP A 80 9.20 -3.30 0.47
C TRP A 80 8.42 -2.55 1.49
N MET A 81 8.97 -1.45 1.86
CA MET A 81 8.46 -0.60 2.86
C MET A 81 8.44 0.73 2.31
N TRP A 82 7.45 1.34 2.61
CA TRP A 82 7.13 2.57 2.10
C TRP A 82 6.63 3.43 3.22
N LEU A 83 6.80 4.71 3.15
CA LEU A 83 6.30 5.47 4.25
C LEU A 83 5.13 6.37 3.84
N ALA A 84 4.05 6.24 4.56
CA ALA A 84 2.84 7.00 4.30
C ALA A 84 2.15 7.27 5.58
N SER A 85 1.26 8.19 5.58
CA SER A 85 0.40 8.34 6.62
C SER A 85 -0.79 7.48 6.44
N ASP A 86 -0.78 6.48 7.21
CA ASP A 86 -1.71 5.50 7.16
C ASP A 86 -2.53 5.32 8.41
N PHE A 87 -3.84 5.15 8.17
CA PHE A 87 -4.85 4.60 9.04
C PHE A 87 -6.18 5.25 8.65
N SER A 88 -6.95 4.53 7.98
CA SER A 88 -8.18 4.96 7.42
C SER A 88 -9.20 5.12 8.51
N ASP A 89 -9.10 4.24 9.48
CA ASP A 89 -10.13 4.09 10.45
C ASP A 89 -9.64 4.66 11.74
N GLY A 90 -8.40 4.98 11.71
CA GLY A 90 -7.76 5.41 12.83
C GLY A 90 -7.06 6.68 12.59
N ASP A 91 -7.22 7.17 11.36
CA ASP A 91 -6.71 8.48 10.95
C ASP A 91 -5.23 8.37 10.67
N ALA A 92 -4.76 9.06 9.71
CA ALA A 92 -3.47 8.81 9.15
C ALA A 92 -2.31 9.28 10.03
N LYS A 93 -1.56 8.32 10.52
CA LYS A 93 -0.34 8.53 11.24
C LYS A 93 0.75 8.18 10.27
N LEU A 94 1.86 8.87 10.27
CA LEU A 94 2.89 8.49 9.32
C LEU A 94 3.80 7.50 9.91
N GLU A 95 3.88 6.42 9.25
CA GLU A 95 4.56 5.32 9.59
C GLU A 95 5.10 4.77 8.37
N GLN A 96 5.99 3.99 8.55
CA GLN A 96 6.67 3.46 7.54
C GLN A 96 6.40 2.03 7.69
N LEU A 97 5.77 1.48 6.76
CA LEU A 97 5.40 0.12 6.86
C LEU A 97 5.69 -0.66 5.65
N ALA A 98 5.73 -1.93 5.83
CA ALA A 98 6.08 -2.82 4.79
C ALA A 98 4.95 -3.73 4.44
N ALA A 99 5.03 -4.30 3.29
CA ALA A 99 4.12 -5.31 2.87
C ALA A 99 4.88 -6.27 2.03
N LYS A 100 4.54 -7.51 2.09
CA LYS A 100 5.19 -8.46 1.37
C LYS A 100 4.25 -9.42 0.81
N PHE A 101 4.60 -9.79 -0.30
CA PHE A 101 4.00 -10.83 -1.01
C PHE A 101 4.79 -12.07 -0.65
N LYS A 102 4.14 -13.21 -0.70
CA LYS A 102 4.71 -14.47 -0.16
C LYS A 102 6.07 -14.85 -0.74
N THR A 103 6.27 -14.53 -1.98
CA THR A 103 7.48 -14.87 -2.67
C THR A 103 7.98 -13.66 -3.43
N PRO A 104 9.33 -13.52 -3.63
CA PRO A 104 9.92 -12.52 -4.52
C PRO A 104 9.39 -12.58 -5.94
N GLU A 105 8.64 -13.55 -6.26
CA GLU A 105 8.01 -13.64 -7.55
C GLU A 105 6.93 -12.56 -7.61
N LEU A 106 6.11 -12.57 -6.58
CA LEU A 106 5.02 -11.65 -6.41
C LEU A 106 5.58 -10.34 -6.04
N ALA A 107 6.47 -10.41 -5.10
CA ALA A 107 7.15 -9.30 -4.55
C ALA A 107 8.01 -8.62 -5.60
N GLU A 108 8.74 -9.38 -6.43
CA GLU A 108 9.65 -8.70 -7.41
C GLU A 108 8.89 -7.97 -8.50
N GLU A 109 7.86 -8.60 -9.03
CA GLU A 109 7.04 -7.96 -10.07
C GLU A 109 6.34 -6.74 -9.52
N PHE A 110 5.80 -6.86 -8.33
CA PHE A 110 5.14 -5.81 -7.70
C PHE A 110 6.08 -4.70 -7.26
N LYS A 111 7.32 -5.03 -6.90
CA LYS A 111 8.33 -4.01 -6.50
C LYS A 111 8.48 -3.04 -7.68
N GLN A 112 8.75 -3.62 -8.81
CA GLN A 112 8.94 -2.90 -10.06
C GLN A 112 7.71 -2.16 -10.46
N LYS A 113 6.60 -2.85 -10.41
CA LYS A 113 5.33 -2.33 -10.81
C LYS A 113 4.97 -1.19 -9.91
N PHE A 114 5.42 -1.29 -8.70
CA PHE A 114 5.03 -0.33 -7.67
C PHE A 114 5.67 1.03 -7.88
N GLU A 115 6.99 1.06 -8.03
CA GLU A 115 7.69 2.31 -8.33
C GLU A 115 7.27 2.80 -9.73
N GLU A 116 6.95 1.84 -10.62
CA GLU A 116 6.49 2.14 -11.96
C GLU A 116 5.25 2.97 -11.90
N CYS A 117 4.26 2.49 -11.15
CA CYS A 117 3.04 3.12 -10.96
C CYS A 117 3.23 4.47 -10.35
N GLN A 118 4.22 4.62 -9.48
CA GLN A 118 4.48 5.89 -8.85
C GLN A 118 4.70 6.96 -9.90
N ARG A 119 5.59 6.72 -10.85
CA ARG A 119 5.78 7.69 -11.93
C ARG A 119 4.65 7.72 -12.92
N LEU A 120 4.29 6.59 -13.31
CA LEU A 120 3.38 6.33 -14.40
C LEU A 120 1.89 6.60 -14.17
N LEU A 121 1.35 6.15 -13.05
CA LEU A 121 -0.12 6.18 -12.75
C LEU A 121 -0.65 7.64 -12.75
N LEU A 122 0.26 8.50 -12.56
CA LEU A 122 0.11 9.93 -12.55
C LEU A 122 -0.20 10.56 -13.92
N ASP A 123 0.47 10.08 -14.94
CA ASP A 123 0.49 10.77 -16.26
C ASP A 123 -0.56 10.21 -17.14
N ILE A 124 -0.74 8.97 -16.94
CA ILE A 124 -1.60 8.18 -17.69
C ILE A 124 -3.06 8.53 -17.40
N PRO A 125 -3.93 8.45 -18.40
CA PRO A 125 -5.34 8.70 -18.22
C PRO A 125 -5.94 7.61 -17.34
N LEU A 126 -6.69 8.01 -16.36
CA LEU A 126 -7.29 7.06 -15.49
C LEU A 126 -8.70 6.83 -15.96
N GLN A 127 -8.83 5.97 -16.93
CA GLN A 127 -10.11 5.63 -17.46
C GLN A 127 -10.54 4.30 -16.96
N THR A 128 -11.62 4.30 -16.28
CA THR A 128 -12.16 3.10 -15.72
C THR A 128 -13.39 2.69 -16.54
N PRO A 129 -13.62 1.37 -16.74
CA PRO A 129 -14.82 0.90 -17.42
C PRO A 129 -16.08 1.33 -16.65
N LYS A 130 -17.05 1.76 -17.37
CA LYS A 130 -18.28 2.28 -16.81
C LYS A 130 -19.38 1.26 -16.96
N GLY A 1 -14.03 12.69 5.36
CA GLY A 1 -12.63 12.66 4.96
C GLY A 1 -12.48 12.29 3.51
N SER A 2 -11.26 12.13 3.07
CA SER A 2 -10.98 11.73 1.73
C SER A 2 -10.76 10.22 1.75
N GLY A 3 -11.09 9.55 0.71
CA GLY A 3 -11.03 8.11 0.69
C GLY A 3 -12.30 7.58 1.25
N GLU A 4 -13.36 8.30 1.02
CA GLU A 4 -14.63 8.00 1.59
C GLU A 4 -15.65 7.73 0.47
N GLU A 5 -15.28 8.09 -0.76
CA GLU A 5 -16.02 7.95 -1.92
C GLU A 5 -15.20 8.48 -3.01
N ASP A 6 -15.44 7.92 -4.14
CA ASP A 6 -14.85 8.31 -5.44
C ASP A 6 -13.65 7.51 -5.86
N GLU A 7 -13.14 6.77 -4.98
CA GLU A 7 -12.10 5.94 -5.32
C GLU A 7 -12.58 4.57 -5.24
N LYS A 8 -12.17 3.85 -6.19
CA LYS A 8 -12.66 2.56 -6.36
C LYS A 8 -11.56 1.54 -6.35
N VAL A 9 -11.89 0.35 -5.97
CA VAL A 9 -10.99 -0.73 -5.88
C VAL A 9 -10.77 -1.28 -7.25
N LEU A 10 -9.56 -1.22 -7.65
CA LEU A 10 -9.17 -1.77 -8.93
C LEU A 10 -8.82 -3.24 -8.74
N TYR A 11 -7.95 -3.49 -7.82
CA TYR A 11 -7.52 -4.84 -7.51
C TYR A 11 -7.25 -5.01 -6.02
N SER A 12 -7.61 -6.17 -5.49
CA SER A 12 -7.47 -6.52 -4.12
C SER A 12 -6.77 -7.87 -3.98
N GLN A 13 -5.71 -7.95 -3.19
CA GLN A 13 -5.03 -9.24 -2.95
C GLN A 13 -4.38 -9.38 -1.59
N ARG A 14 -4.21 -10.60 -1.18
CA ARG A 14 -3.76 -10.96 0.14
C ARG A 14 -2.25 -10.77 0.29
N VAL A 15 -1.91 -9.98 1.25
CA VAL A 15 -0.56 -9.59 1.58
C VAL A 15 -0.40 -9.65 3.13
N LYS A 16 0.80 -9.44 3.60
CA LYS A 16 1.11 -9.33 5.02
C LYS A 16 1.54 -7.90 5.24
N LEU A 17 0.97 -7.16 6.20
CA LEU A 17 1.38 -5.79 6.37
C LEU A 17 2.27 -5.75 7.58
N PHE A 18 3.21 -4.89 7.56
CA PHE A 18 4.19 -4.72 8.61
C PHE A 18 4.12 -3.35 9.20
N ARG A 19 4.34 -3.29 10.48
CA ARG A 19 4.54 -2.08 11.16
C ARG A 19 5.90 -2.08 11.71
N PHE A 20 6.38 -0.97 11.75
CA PHE A 20 7.66 -0.64 12.17
C PHE A 20 7.57 -0.45 13.64
N ASP A 21 8.41 -1.06 14.30
CA ASP A 21 8.40 -1.06 15.71
C ASP A 21 9.13 0.09 16.17
N ALA A 22 8.48 0.84 16.86
CA ALA A 22 9.02 2.04 17.42
C ALA A 22 10.03 1.68 18.47
N GLU A 23 9.72 0.65 19.20
CA GLU A 23 10.55 0.21 20.26
C GLU A 23 11.66 -0.67 19.74
N VAL A 24 11.39 -1.40 18.66
CA VAL A 24 12.40 -2.36 18.19
C VAL A 24 13.07 -1.89 16.95
N SER A 25 12.53 -0.82 16.43
CA SER A 25 12.86 -0.35 15.11
C SER A 25 12.65 -1.43 14.14
N GLN A 26 11.65 -2.26 14.38
CA GLN A 26 11.65 -3.38 13.55
C GLN A 26 10.37 -3.53 12.74
N TRP A 27 10.52 -4.02 11.56
CA TRP A 27 9.46 -4.28 10.70
C TRP A 27 8.85 -5.64 11.05
N LYS A 28 7.74 -5.61 11.72
CA LYS A 28 7.04 -6.82 12.11
C LYS A 28 5.64 -6.79 11.62
N GLU A 29 5.16 -7.94 11.19
CA GLU A 29 3.92 -8.04 10.60
C GLU A 29 2.83 -7.68 11.54
N ARG A 30 1.97 -6.93 11.02
CA ARG A 30 0.83 -6.39 11.72
C ARG A 30 -0.21 -7.44 11.66
N GLY A 31 -0.30 -7.99 10.49
CA GLY A 31 -1.15 -9.08 10.25
C GLY A 31 -1.29 -9.42 8.80
N LEU A 32 -2.49 -9.50 8.40
CA LEU A 32 -2.91 -9.96 7.10
C LEU A 32 -3.61 -8.83 6.45
N GLY A 33 -3.47 -8.70 5.20
CA GLY A 33 -4.13 -7.67 4.55
C GLY A 33 -4.49 -7.98 3.15
N ASN A 34 -5.66 -7.62 2.80
CA ASN A 34 -6.08 -7.57 1.44
C ASN A 34 -5.72 -6.25 1.02
N LEU A 35 -4.78 -6.24 0.21
CA LEU A 35 -4.27 -5.09 -0.28
C LEU A 35 -5.05 -4.70 -1.46
N LYS A 36 -5.63 -3.59 -1.37
CA LYS A 36 -6.34 -3.08 -2.43
C LYS A 36 -5.98 -1.66 -2.69
N ILE A 37 -6.07 -1.30 -3.91
CA ILE A 37 -5.80 0.01 -4.35
C ILE A 37 -7.08 0.64 -4.74
N LEU A 38 -7.32 1.78 -4.20
CA LEU A 38 -8.44 2.52 -4.63
C LEU A 38 -7.93 3.68 -5.41
N LYS A 39 -8.49 3.87 -6.53
CA LYS A 39 -8.14 4.95 -7.39
C LYS A 39 -9.30 5.85 -7.54
N ASN A 40 -9.08 7.12 -7.34
CA ASN A 40 -10.13 8.12 -7.51
C ASN A 40 -10.53 8.13 -8.97
N GLU A 41 -11.79 8.37 -9.24
CA GLU A 41 -12.32 8.46 -10.53
C GLU A 41 -11.82 9.72 -11.24
N VAL A 42 -11.39 10.70 -10.45
CA VAL A 42 -10.75 11.87 -10.92
C VAL A 42 -9.28 11.50 -11.20
N ASN A 43 -8.89 10.44 -10.52
CA ASN A 43 -7.57 9.88 -10.49
C ASN A 43 -6.60 10.93 -9.99
N GLY A 44 -7.06 11.65 -8.97
CA GLY A 44 -6.25 12.69 -8.36
C GLY A 44 -5.11 12.08 -7.57
N LYS A 45 -5.48 11.21 -6.66
CA LYS A 45 -4.57 10.44 -5.89
C LYS A 45 -5.09 9.06 -5.87
N LEU A 46 -4.26 8.12 -5.59
CA LEU A 46 -4.66 6.81 -5.48
C LEU A 46 -4.26 6.38 -4.10
N ARG A 47 -4.95 5.43 -3.59
CA ARG A 47 -4.65 4.93 -2.26
C ARG A 47 -4.33 3.50 -2.36
N MET A 48 -3.64 3.08 -1.43
CA MET A 48 -3.26 1.78 -1.19
C MET A 48 -3.67 1.50 0.23
N LEU A 49 -4.53 0.59 0.41
CA LEU A 49 -4.80 0.14 1.75
C LEU A 49 -4.84 -1.34 1.85
N MET A 50 -4.49 -1.79 2.98
CA MET A 50 -4.54 -3.06 3.33
C MET A 50 -5.38 -3.08 4.53
N ARG A 51 -6.28 -3.82 4.39
CA ARG A 51 -7.37 -4.13 5.27
C ARG A 51 -7.20 -5.51 5.68
N ARG A 52 -7.61 -5.78 6.85
CA ARG A 52 -7.53 -7.04 7.40
C ARG A 52 -8.49 -7.87 6.63
N GLU A 53 -7.94 -8.90 6.12
CA GLU A 53 -8.53 -9.83 5.17
C GLU A 53 -9.94 -10.17 5.46
N GLN A 54 -10.17 -11.07 6.31
CA GLN A 54 -11.53 -11.38 6.57
C GLN A 54 -12.14 -10.40 7.59
N VAL A 55 -11.30 -9.57 8.16
CA VAL A 55 -11.65 -8.67 9.22
C VAL A 55 -12.26 -7.33 8.69
N LEU A 56 -12.32 -7.20 7.36
CA LEU A 56 -12.92 -6.14 6.61
C LEU A 56 -12.45 -4.70 6.98
N LYS A 57 -11.45 -4.60 7.73
CA LYS A 57 -10.97 -3.30 8.08
C LYS A 57 -9.51 -2.96 7.77
N VAL A 58 -9.33 -2.14 6.76
CA VAL A 58 -8.16 -1.26 6.54
C VAL A 58 -7.32 -0.96 7.81
N CYS A 59 -6.05 -1.17 7.68
CA CYS A 59 -5.10 -0.86 8.69
C CYS A 59 -4.34 0.40 8.31
N ALA A 60 -3.98 0.53 7.04
CA ALA A 60 -3.18 1.60 6.60
C ALA A 60 -3.66 2.00 5.30
N ASN A 61 -4.02 3.19 5.22
CA ASN A 61 -4.37 3.76 3.98
C ASN A 61 -3.30 4.69 3.58
N HIS A 62 -2.55 4.26 2.73
CA HIS A 62 -1.51 5.04 2.12
C HIS A 62 -1.96 5.51 0.76
N TRP A 63 -1.45 6.61 0.34
CA TRP A 63 -1.53 7.02 -1.04
C TRP A 63 -0.32 6.39 -1.72
N ILE A 64 -0.47 5.95 -2.94
CA ILE A 64 0.61 5.37 -3.63
C ILE A 64 1.19 6.49 -4.52
N THR A 65 2.30 7.03 -4.10
CA THR A 65 2.90 8.12 -4.81
C THR A 65 4.40 8.07 -4.78
N THR A 66 4.98 8.76 -5.74
CA THR A 66 6.41 8.97 -5.89
C THR A 66 6.91 10.01 -4.88
N THR A 67 5.96 10.55 -4.14
CA THR A 67 6.18 11.54 -3.11
C THR A 67 6.63 10.77 -1.84
N MET A 68 6.78 9.51 -2.04
CA MET A 68 7.06 8.58 -1.10
C MET A 68 8.08 7.69 -1.76
N ASN A 69 8.66 6.88 -1.01
CA ASN A 69 9.74 6.03 -1.44
C ASN A 69 9.61 4.68 -0.82
N LEU A 70 9.91 3.68 -1.61
CA LEU A 70 10.00 2.39 -1.21
C LEU A 70 11.44 1.99 -1.11
N LYS A 71 11.73 1.45 -0.03
CA LYS A 71 13.05 1.04 0.36
C LYS A 71 13.01 -0.41 0.84
N PRO A 72 13.92 -1.27 0.35
CA PRO A 72 14.04 -2.63 0.84
C PRO A 72 14.62 -2.67 2.26
N LEU A 73 14.06 -3.51 3.08
CA LEU A 73 14.50 -3.73 4.40
C LEU A 73 15.54 -4.83 4.43
N SER A 74 15.88 -5.28 5.60
CA SER A 74 16.70 -6.42 5.76
C SER A 74 15.86 -7.57 6.10
N GLY A 75 16.26 -8.72 5.66
CA GLY A 75 15.54 -9.87 6.04
C GLY A 75 14.40 -10.18 5.07
N SER A 76 14.13 -9.24 4.22
CA SER A 76 13.24 -9.36 3.16
C SER A 76 13.91 -10.08 2.05
N ASP A 77 13.14 -10.79 1.34
CA ASP A 77 13.55 -11.48 0.22
C ASP A 77 13.36 -10.54 -0.88
N ARG A 78 12.16 -10.04 -0.93
CA ARG A 78 11.72 -9.09 -1.88
C ARG A 78 10.56 -8.26 -1.38
N ALA A 79 10.64 -7.96 -0.14
CA ALA A 79 9.66 -7.18 0.54
C ALA A 79 10.26 -5.79 0.73
N TRP A 80 9.43 -4.80 0.79
CA TRP A 80 9.82 -3.43 0.76
C TRP A 80 8.96 -2.65 1.71
N MET A 81 9.43 -1.49 2.09
CA MET A 81 8.78 -0.65 2.98
C MET A 81 8.80 0.67 2.42
N TRP A 82 7.85 1.36 2.71
CA TRP A 82 7.67 2.65 2.22
C TRP A 82 7.26 3.49 3.34
N LEU A 83 7.59 4.72 3.31
CA LEU A 83 7.17 5.50 4.41
C LEU A 83 6.11 6.45 3.97
N ALA A 84 5.00 6.37 4.63
CA ALA A 84 3.86 7.18 4.27
C ALA A 84 3.04 7.51 5.46
N SER A 85 2.21 8.47 5.32
CA SER A 85 1.21 8.69 6.22
C SER A 85 0.01 7.92 5.89
N ASP A 86 -0.23 7.03 6.74
CA ASP A 86 -1.39 6.33 6.74
C ASP A 86 -2.20 6.78 7.91
N PHE A 87 -3.54 6.77 7.77
CA PHE A 87 -4.48 7.17 8.86
C PHE A 87 -5.88 7.18 8.28
N SER A 88 -6.45 5.98 8.09
CA SER A 88 -7.75 5.83 7.49
C SER A 88 -8.76 6.39 8.44
N ASP A 89 -8.48 6.19 9.73
CA ASP A 89 -9.27 6.70 10.74
C ASP A 89 -8.39 6.81 11.96
N GLY A 90 -7.07 6.74 11.75
CA GLY A 90 -6.28 6.92 12.89
C GLY A 90 -5.73 5.70 13.51
N ASP A 91 -5.96 4.59 12.90
CA ASP A 91 -5.36 3.33 13.39
C ASP A 91 -3.99 3.22 12.79
N ALA A 92 -3.95 3.93 11.79
CA ALA A 92 -2.88 4.19 10.94
C ALA A 92 -2.26 5.55 11.35
N LYS A 93 -0.97 5.65 11.25
CA LYS A 93 -0.14 6.75 11.74
C LYS A 93 0.86 6.96 10.64
N LEU A 94 1.70 7.96 10.68
CA LEU A 94 2.70 7.97 9.62
C LEU A 94 3.83 7.14 10.08
N GLU A 95 4.07 6.15 9.32
CA GLU A 95 4.91 5.13 9.61
C GLU A 95 5.54 4.66 8.41
N GLN A 96 6.50 3.95 8.66
CA GLN A 96 7.18 3.32 7.69
C GLN A 96 6.63 1.94 7.82
N LEU A 97 5.94 1.56 6.88
CA LEU A 97 5.31 0.33 6.87
C LEU A 97 5.84 -0.52 5.76
N ALA A 98 5.84 -1.80 5.98
CA ALA A 98 6.37 -2.74 5.02
C ALA A 98 5.32 -3.77 4.65
N ALA A 99 5.53 -4.45 3.57
CA ALA A 99 4.66 -5.56 3.19
C ALA A 99 5.47 -6.61 2.51
N LYS A 100 5.07 -7.85 2.66
CA LYS A 100 5.69 -8.92 2.04
C LYS A 100 4.68 -9.69 1.38
N PHE A 101 5.03 -10.10 0.30
CA PHE A 101 4.23 -10.93 -0.51
C PHE A 101 4.63 -12.38 -0.36
N LYS A 102 3.77 -13.25 -0.85
CA LYS A 102 3.89 -14.72 -0.76
C LYS A 102 5.25 -15.23 -1.22
N THR A 103 5.73 -14.69 -2.30
CA THR A 103 7.00 -15.09 -2.87
C THR A 103 7.63 -13.82 -3.40
N PRO A 104 8.96 -13.81 -3.68
CA PRO A 104 9.62 -12.67 -4.34
C PRO A 104 9.07 -12.38 -5.69
N GLU A 105 8.28 -13.21 -6.18
CA GLU A 105 7.62 -12.99 -7.42
C GLU A 105 6.59 -11.91 -7.21
N LEU A 106 5.79 -12.13 -6.18
CA LEU A 106 4.73 -11.22 -5.83
C LEU A 106 5.33 -10.03 -5.19
N ALA A 107 6.35 -10.28 -4.44
CA ALA A 107 7.07 -9.27 -3.73
C ALA A 107 7.91 -8.43 -4.70
N GLU A 108 8.67 -9.09 -5.60
CA GLU A 108 9.56 -8.30 -6.51
C GLU A 108 8.75 -7.54 -7.55
N GLU A 109 7.85 -8.25 -8.19
CA GLU A 109 7.03 -7.65 -9.23
C GLU A 109 6.19 -6.51 -8.72
N PHE A 110 5.64 -6.66 -7.53
CA PHE A 110 4.79 -5.63 -6.99
C PHE A 110 5.61 -4.40 -6.67
N LYS A 111 6.84 -4.58 -6.23
CA LYS A 111 7.76 -3.46 -5.91
C LYS A 111 7.91 -2.58 -7.13
N GLN A 112 8.27 -3.23 -8.17
CA GLN A 112 8.52 -2.63 -9.48
C GLN A 112 7.26 -1.97 -9.99
N LYS A 113 6.17 -2.72 -9.93
CA LYS A 113 4.85 -2.31 -10.37
C LYS A 113 4.45 -1.09 -9.59
N PHE A 114 4.84 -1.12 -8.37
CA PHE A 114 4.49 -0.07 -7.41
C PHE A 114 5.21 1.24 -7.78
N GLU A 115 6.53 1.16 -7.94
CA GLU A 115 7.36 2.31 -8.40
C GLU A 115 6.80 2.81 -9.73
N GLU A 116 6.46 1.88 -10.62
CA GLU A 116 5.93 2.19 -11.93
C GLU A 116 4.68 3.03 -11.78
N CYS A 117 3.76 2.57 -10.97
CA CYS A 117 2.56 3.20 -10.70
C CYS A 117 2.76 4.56 -10.10
N GLN A 118 3.82 4.71 -9.32
CA GLN A 118 4.08 5.98 -8.68
C GLN A 118 4.19 7.07 -9.76
N ARG A 119 5.02 6.84 -10.76
CA ARG A 119 5.13 7.77 -11.88
C ARG A 119 3.95 7.74 -12.84
N LEU A 120 3.61 6.59 -13.16
CA LEU A 120 2.65 6.31 -14.20
C LEU A 120 1.18 6.50 -13.88
N LEU A 121 0.73 6.00 -12.72
CA LEU A 121 -0.73 5.81 -12.35
C LEU A 121 -1.46 7.14 -12.36
N LEU A 122 -0.68 8.12 -12.32
CA LEU A 122 -1.04 9.49 -12.26
C LEU A 122 -1.85 9.95 -13.46
N ASP A 123 -1.49 9.51 -14.62
CA ASP A 123 -2.18 9.99 -15.80
C ASP A 123 -2.87 8.86 -16.53
N ILE A 124 -2.45 7.69 -16.22
CA ILE A 124 -2.85 6.55 -16.94
C ILE A 124 -3.92 5.72 -16.22
N PRO A 125 -4.97 5.35 -16.96
CA PRO A 125 -5.96 4.43 -16.45
C PRO A 125 -5.38 3.01 -16.34
N LEU A 126 -5.59 2.36 -15.20
CA LEU A 126 -5.12 0.98 -15.00
C LEU A 126 -5.87 0.04 -15.90
N GLN A 127 -7.16 0.14 -15.86
CA GLN A 127 -8.01 -0.56 -16.76
C GLN A 127 -8.58 0.44 -17.69
N THR A 128 -8.06 0.42 -18.86
CA THR A 128 -8.41 1.38 -19.86
C THR A 128 -9.77 1.03 -20.45
N PRO A 129 -10.74 1.97 -20.39
CA PRO A 129 -12.09 1.74 -20.86
C PRO A 129 -12.16 1.50 -22.35
N LYS A 130 -13.12 0.72 -22.72
CA LYS A 130 -13.38 0.34 -24.07
C LYS A 130 -14.73 -0.34 -24.09
N GLY A 1 -10.34 17.86 -6.90
CA GLY A 1 -10.30 17.45 -5.50
C GLY A 1 -11.68 17.48 -4.89
N SER A 2 -11.73 17.68 -3.57
CA SER A 2 -12.98 17.76 -2.80
C SER A 2 -13.65 16.37 -2.72
N GLY A 3 -12.86 15.33 -2.90
CA GLY A 3 -13.35 13.99 -2.89
C GLY A 3 -12.50 13.11 -2.04
N GLU A 4 -12.96 12.86 -0.82
CA GLU A 4 -12.21 12.05 0.12
C GLU A 4 -12.53 10.56 0.00
N GLU A 5 -13.43 10.25 -0.88
CA GLU A 5 -13.68 8.95 -1.31
C GLU A 5 -13.15 8.95 -2.70
N ASP A 6 -13.92 8.50 -3.65
CA ASP A 6 -13.64 8.72 -5.08
C ASP A 6 -12.54 7.84 -5.63
N GLU A 7 -12.13 6.94 -4.86
CA GLU A 7 -11.12 6.08 -5.23
C GLU A 7 -11.72 4.75 -5.46
N LYS A 8 -11.23 4.13 -6.46
CA LYS A 8 -11.75 2.86 -6.82
C LYS A 8 -10.69 1.77 -6.82
N VAL A 9 -11.14 0.53 -6.84
CA VAL A 9 -10.30 -0.63 -6.66
C VAL A 9 -9.73 -1.10 -7.97
N LEU A 10 -8.46 -1.08 -8.04
CA LEU A 10 -7.73 -1.63 -9.19
C LEU A 10 -7.53 -3.12 -9.03
N TYR A 11 -6.90 -3.48 -7.96
CA TYR A 11 -6.60 -4.86 -7.66
C TYR A 11 -6.59 -5.08 -6.17
N SER A 12 -7.02 -6.23 -5.76
CA SER A 12 -7.07 -6.64 -4.42
C SER A 12 -6.41 -8.02 -4.27
N GLN A 13 -5.38 -8.13 -3.44
CA GLN A 13 -4.70 -9.41 -3.26
C GLN A 13 -4.14 -9.57 -1.85
N ARG A 14 -3.99 -10.79 -1.42
CA ARG A 14 -3.56 -11.07 -0.08
C ARG A 14 -2.07 -10.89 0.06
N VAL A 15 -1.73 -10.02 0.94
CA VAL A 15 -0.42 -9.60 1.23
C VAL A 15 -0.22 -9.73 2.74
N LYS A 16 0.97 -9.50 3.20
CA LYS A 16 1.24 -9.46 4.62
C LYS A 16 1.53 -8.01 4.91
N LEU A 17 0.95 -7.43 5.97
CA LEU A 17 1.24 -6.05 6.24
C LEU A 17 2.18 -6.03 7.36
N PHE A 18 3.03 -5.10 7.36
CA PHE A 18 4.02 -4.90 8.37
C PHE A 18 4.05 -3.46 8.77
N ARG A 19 4.11 -3.21 10.04
CA ARG A 19 4.27 -1.90 10.55
C ARG A 19 5.54 -1.85 11.30
N PHE A 20 6.06 -0.76 11.23
CA PHE A 20 7.32 -0.44 11.80
C PHE A 20 7.05 0.05 13.17
N ASP A 21 7.53 -0.65 14.07
CA ASP A 21 7.46 -0.22 15.42
C ASP A 21 8.73 0.42 15.72
N ALA A 22 8.66 1.59 16.04
CA ALA A 22 9.79 2.41 16.40
C ALA A 22 10.37 1.94 17.71
N GLU A 23 9.51 1.41 18.55
CA GLU A 23 9.89 0.87 19.83
C GLU A 23 10.42 -0.53 19.68
N VAL A 24 10.10 -1.18 18.56
CA VAL A 24 10.73 -2.47 18.27
C VAL A 24 11.89 -2.20 17.37
N SER A 25 11.90 -0.97 16.91
CA SER A 25 12.71 -0.52 15.83
C SER A 25 12.53 -1.43 14.68
N GLN A 26 11.34 -1.99 14.51
CA GLN A 26 11.33 -2.95 13.49
C GLN A 26 10.00 -3.04 12.78
N TRP A 27 10.03 -3.46 11.53
CA TRP A 27 8.91 -3.80 10.80
C TRP A 27 8.39 -5.15 11.32
N LYS A 28 7.23 -5.15 11.84
CA LYS A 28 6.63 -6.33 12.38
C LYS A 28 5.34 -6.51 11.69
N GLU A 29 5.01 -7.73 11.42
CA GLU A 29 3.88 -8.05 10.72
C GLU A 29 2.66 -7.63 11.46
N ARG A 30 1.83 -7.04 10.73
CA ARG A 30 0.56 -6.57 11.19
C ARG A 30 -0.41 -7.69 11.06
N GLY A 31 -0.16 -8.51 10.06
CA GLY A 31 -0.96 -9.65 9.80
C GLY A 31 -0.90 -10.03 8.35
N LEU A 32 -2.03 -10.39 7.86
CA LEU A 32 -2.28 -10.88 6.51
C LEU A 32 -3.52 -10.21 6.05
N GLY A 33 -3.67 -9.98 4.78
CA GLY A 33 -4.89 -9.42 4.32
C GLY A 33 -4.86 -9.02 2.88
N ASN A 34 -5.95 -8.52 2.42
CA ASN A 34 -6.16 -8.11 1.08
C ASN A 34 -5.76 -6.72 0.93
N LEU A 35 -4.81 -6.60 0.14
CA LEU A 35 -4.32 -5.39 -0.24
C LEU A 35 -4.99 -4.93 -1.46
N LYS A 36 -5.62 -3.81 -1.36
CA LYS A 36 -6.20 -3.24 -2.47
C LYS A 36 -5.71 -1.82 -2.64
N ILE A 37 -5.63 -1.42 -3.86
CA ILE A 37 -5.23 -0.11 -4.19
C ILE A 37 -6.39 0.61 -4.68
N LEU A 38 -6.58 1.73 -4.12
CA LEU A 38 -7.63 2.57 -4.54
C LEU A 38 -7.02 3.79 -5.24
N LYS A 39 -7.55 4.11 -6.36
CA LYS A 39 -7.11 5.27 -7.15
C LYS A 39 -8.22 6.28 -7.23
N ASN A 40 -7.96 7.51 -6.80
CA ASN A 40 -8.94 8.58 -6.93
C ASN A 40 -9.24 8.93 -8.37
N GLU A 41 -10.48 9.25 -8.64
CA GLU A 41 -10.99 9.68 -9.86
C GLU A 41 -10.76 11.18 -10.00
N VAL A 42 -10.37 11.79 -8.88
CA VAL A 42 -9.95 13.15 -8.76
C VAL A 42 -8.55 13.23 -9.35
N ASN A 43 -7.96 12.04 -9.49
CA ASN A 43 -6.64 11.83 -10.04
C ASN A 43 -5.64 12.48 -9.10
N GLY A 44 -6.01 12.42 -7.83
CA GLY A 44 -5.21 13.04 -6.81
C GLY A 44 -4.11 12.12 -6.38
N LYS A 45 -4.43 11.26 -5.47
CA LYS A 45 -3.49 10.33 -4.97
C LYS A 45 -4.11 8.98 -5.00
N LEU A 46 -3.33 8.00 -4.72
CA LEU A 46 -3.77 6.70 -4.71
C LEU A 46 -3.60 6.21 -3.31
N ARG A 47 -4.34 5.28 -2.92
CA ARG A 47 -4.21 4.69 -1.61
C ARG A 47 -3.90 3.25 -1.79
N MET A 48 -3.29 2.76 -0.84
CA MET A 48 -2.97 1.44 -0.66
C MET A 48 -3.52 1.09 0.70
N LEU A 49 -4.43 0.19 0.73
CA LEU A 49 -4.89 -0.31 2.02
C LEU A 49 -4.95 -1.77 2.04
N MET A 50 -4.78 -2.28 3.19
CA MET A 50 -4.83 -3.56 3.45
C MET A 50 -5.66 -3.76 4.63
N ARG A 51 -6.53 -4.52 4.40
CA ARG A 51 -7.51 -5.02 5.32
C ARG A 51 -7.18 -6.42 5.55
N ARG A 52 -7.45 -6.81 6.69
CA ARG A 52 -7.25 -8.10 7.06
C ARG A 52 -8.59 -8.68 6.83
N GLU A 53 -8.60 -9.67 6.05
CA GLU A 53 -9.82 -10.26 5.51
C GLU A 53 -10.61 -10.99 6.46
N GLN A 54 -9.99 -11.79 7.23
CA GLN A 54 -10.76 -12.50 8.15
C GLN A 54 -11.02 -11.60 9.35
N VAL A 55 -10.17 -10.65 9.48
CA VAL A 55 -10.21 -9.67 10.50
C VAL A 55 -11.16 -8.48 10.09
N LEU A 56 -11.68 -8.54 8.84
CA LEU A 56 -12.62 -7.64 8.19
C LEU A 56 -12.20 -6.14 8.24
N LYS A 57 -11.05 -5.90 8.66
CA LYS A 57 -10.64 -4.57 8.88
C LYS A 57 -9.35 -4.06 8.22
N VAL A 58 -9.50 -3.25 7.17
CA VAL A 58 -8.49 -2.27 6.77
C VAL A 58 -7.76 -1.70 7.98
N CYS A 59 -6.48 -1.93 8.01
CA CYS A 59 -5.68 -1.48 9.11
C CYS A 59 -4.86 -0.27 8.73
N ALA A 60 -4.53 -0.14 7.46
CA ALA A 60 -3.71 0.90 7.04
C ALA A 60 -4.17 1.32 5.73
N ASN A 61 -4.40 2.53 5.62
CA ASN A 61 -4.68 3.16 4.39
C ASN A 61 -3.65 4.16 4.17
N HIS A 62 -2.73 3.78 3.47
CA HIS A 62 -1.65 4.64 3.12
C HIS A 62 -1.87 5.13 1.73
N TRP A 63 -1.47 6.31 1.47
CA TRP A 63 -1.40 6.80 0.14
C TRP A 63 -0.08 6.35 -0.44
N ILE A 64 -0.15 5.86 -1.61
CA ILE A 64 0.97 5.36 -2.29
C ILE A 64 1.28 6.39 -3.35
N THR A 65 2.39 7.03 -3.20
CA THR A 65 2.77 8.09 -4.08
C THR A 65 4.24 8.06 -4.36
N THR A 66 4.64 8.74 -5.39
CA THR A 66 6.03 8.88 -5.79
C THR A 66 6.75 9.87 -4.86
N THR A 67 5.98 10.46 -3.97
CA THR A 67 6.43 11.40 -2.96
C THR A 67 6.98 10.57 -1.78
N MET A 68 6.82 9.29 -1.93
CA MET A 68 7.17 8.33 -1.03
C MET A 68 8.13 7.43 -1.76
N ASN A 69 8.82 6.71 -1.05
CA ASN A 69 9.84 5.83 -1.56
C ASN A 69 9.83 4.47 -0.88
N LEU A 70 9.98 3.44 -1.69
CA LEU A 70 10.09 2.15 -1.28
C LEU A 70 11.55 1.71 -1.16
N LYS A 71 11.78 1.06 -0.11
CA LYS A 71 13.10 0.62 0.34
C LYS A 71 12.99 -0.82 0.84
N PRO A 72 13.97 -1.70 0.54
CA PRO A 72 13.93 -3.09 0.97
C PRO A 72 14.27 -3.26 2.45
N LEU A 73 13.66 -4.24 3.09
CA LEU A 73 13.90 -4.55 4.43
C LEU A 73 15.19 -5.32 4.48
N SER A 74 15.82 -5.36 5.63
CA SER A 74 16.96 -6.22 5.81
C SER A 74 16.51 -7.62 5.67
N GLY A 75 17.18 -8.35 4.89
CA GLY A 75 16.86 -9.69 4.80
C GLY A 75 15.84 -9.99 3.71
N SER A 76 15.12 -8.97 3.28
CA SER A 76 14.21 -9.06 2.24
C SER A 76 14.84 -8.59 0.96
N ASP A 77 14.38 -9.17 -0.08
CA ASP A 77 14.81 -8.94 -1.38
C ASP A 77 13.73 -8.31 -2.12
N ARG A 78 12.55 -8.81 -1.89
CA ARG A 78 11.47 -8.43 -2.69
C ARG A 78 10.25 -7.97 -1.93
N ALA A 79 10.43 -7.84 -0.66
CA ALA A 79 9.48 -7.23 0.23
C ALA A 79 10.11 -5.90 0.61
N TRP A 80 9.35 -4.83 0.55
CA TRP A 80 9.89 -3.49 0.68
C TRP A 80 8.97 -2.69 1.57
N MET A 81 9.47 -1.61 2.05
CA MET A 81 8.81 -0.77 2.94
C MET A 81 8.85 0.56 2.38
N TRP A 82 7.87 1.22 2.63
CA TRP A 82 7.70 2.50 2.16
C TRP A 82 7.18 3.34 3.26
N LEU A 83 7.45 4.58 3.28
CA LEU A 83 6.93 5.32 4.36
C LEU A 83 5.77 6.16 3.90
N ALA A 84 4.67 6.02 4.54
CA ALA A 84 3.47 6.67 4.08
C ALA A 84 2.64 7.14 5.18
N SER A 85 1.77 8.02 4.88
CA SER A 85 0.81 8.40 5.75
C SER A 85 -0.38 7.54 5.68
N ASP A 86 -0.59 6.94 6.78
CA ASP A 86 -1.76 6.19 7.00
C ASP A 86 -2.84 7.07 7.59
N PHE A 87 -4.07 6.74 7.25
CA PHE A 87 -5.30 7.29 7.76
C PHE A 87 -6.39 6.68 6.95
N SER A 88 -6.88 5.53 7.37
CA SER A 88 -8.01 4.94 6.70
C SER A 88 -9.19 5.85 6.99
N ASP A 89 -9.13 6.33 8.21
CA ASP A 89 -9.98 7.33 8.81
C ASP A 89 -9.61 7.32 10.26
N GLY A 90 -8.36 6.99 10.52
CA GLY A 90 -8.07 6.65 11.88
C GLY A 90 -7.16 7.57 12.50
N ASP A 91 -6.01 7.41 12.12
CA ASP A 91 -4.89 8.12 12.64
C ASP A 91 -4.05 8.57 11.54
N ALA A 92 -3.78 9.84 11.51
CA ALA A 92 -2.97 10.38 10.46
C ALA A 92 -1.55 10.48 10.94
N LYS A 93 -0.78 9.54 10.55
CA LYS A 93 0.61 9.49 10.89
C LYS A 93 1.36 9.09 9.67
N LEU A 94 2.62 9.29 9.67
CA LEU A 94 3.44 8.71 8.66
C LEU A 94 4.13 7.56 9.31
N GLU A 95 4.00 6.45 8.72
CA GLU A 95 4.34 5.27 9.26
C GLU A 95 4.98 4.52 8.21
N GLN A 96 5.83 3.75 8.62
CA GLN A 96 6.61 3.02 7.82
C GLN A 96 5.98 1.68 7.82
N LEU A 97 5.57 1.32 6.73
CA LEU A 97 4.98 0.04 6.56
C LEU A 97 5.70 -0.71 5.54
N ALA A 98 5.53 -1.94 5.60
CA ALA A 98 6.13 -2.83 4.70
C ALA A 98 5.10 -3.82 4.31
N ALA A 99 5.23 -4.36 3.15
CA ALA A 99 4.35 -5.38 2.75
C ALA A 99 5.10 -6.36 1.95
N LYS A 100 4.79 -7.58 2.13
CA LYS A 100 5.43 -8.58 1.47
C LYS A 100 4.46 -9.54 1.03
N PHE A 101 4.75 -10.03 -0.04
CA PHE A 101 3.97 -11.02 -0.65
C PHE A 101 4.53 -12.38 -0.35
N LYS A 102 3.77 -13.35 -0.71
CA LYS A 102 3.99 -14.78 -0.47
C LYS A 102 5.41 -15.21 -0.89
N THR A 103 5.77 -14.90 -2.09
CA THR A 103 7.06 -15.23 -2.63
C THR A 103 7.60 -13.99 -3.29
N PRO A 104 8.92 -13.89 -3.59
CA PRO A 104 9.49 -12.77 -4.35
C PRO A 104 8.89 -12.62 -5.70
N GLU A 105 8.15 -13.54 -6.11
CA GLU A 105 7.46 -13.47 -7.35
C GLU A 105 6.36 -12.45 -7.22
N LEU A 106 5.56 -12.65 -6.19
CA LEU A 106 4.43 -11.81 -5.91
C LEU A 106 4.93 -10.53 -5.34
N ALA A 107 5.95 -10.67 -4.53
CA ALA A 107 6.61 -9.58 -3.91
C ALA A 107 7.30 -8.75 -4.96
N GLU A 108 8.03 -9.38 -5.86
CA GLU A 108 8.78 -8.58 -6.83
C GLU A 108 7.88 -7.91 -7.86
N GLU A 109 6.96 -8.66 -8.44
CA GLU A 109 6.09 -8.12 -9.49
C GLU A 109 5.29 -6.93 -9.00
N PHE A 110 4.72 -7.06 -7.82
CA PHE A 110 3.95 -6.04 -7.28
C PHE A 110 4.80 -4.86 -6.82
N LYS A 111 6.00 -5.12 -6.33
CA LYS A 111 6.94 -4.07 -5.85
C LYS A 111 7.25 -3.15 -7.02
N GLN A 112 7.62 -3.77 -8.10
CA GLN A 112 7.92 -3.12 -9.37
C GLN A 112 6.74 -2.31 -9.83
N LYS A 113 5.58 -2.92 -9.77
CA LYS A 113 4.38 -2.30 -10.20
C LYS A 113 4.09 -1.15 -9.29
N PHE A 114 4.47 -1.27 -8.04
CA PHE A 114 4.17 -0.21 -7.04
C PHE A 114 4.88 1.10 -7.38
N GLU A 115 6.17 1.02 -7.58
CA GLU A 115 6.97 2.20 -7.94
C GLU A 115 6.55 2.72 -9.31
N GLU A 116 6.23 1.81 -10.24
CA GLU A 116 5.81 2.19 -11.54
C GLU A 116 4.46 2.92 -11.47
N CYS A 117 3.51 2.33 -10.72
CA CYS A 117 2.24 2.86 -10.50
C CYS A 117 2.29 4.21 -9.84
N GLN A 118 3.31 4.43 -9.01
CA GLN A 118 3.48 5.71 -8.35
C GLN A 118 3.51 6.81 -9.42
N ARG A 119 4.35 6.64 -10.43
CA ARG A 119 4.39 7.58 -11.54
C ARG A 119 3.20 7.47 -12.47
N LEU A 120 2.98 6.28 -12.79
CA LEU A 120 2.09 5.90 -13.85
C LEU A 120 0.63 5.98 -13.62
N LEU A 121 0.13 5.51 -12.46
CA LEU A 121 -1.34 5.31 -12.21
C LEU A 121 -2.07 6.65 -12.33
N LEU A 122 -1.31 7.66 -12.16
CA LEU A 122 -1.68 9.04 -12.27
C LEU A 122 -1.95 9.53 -13.69
N ASP A 123 -1.12 9.14 -14.60
CA ASP A 123 -1.08 9.74 -15.94
C ASP A 123 -1.90 8.97 -16.89
N ILE A 124 -1.94 7.74 -16.63
CA ILE A 124 -2.53 6.77 -17.47
C ILE A 124 -4.07 6.83 -17.50
N PRO A 125 -4.67 6.73 -18.69
CA PRO A 125 -6.09 6.52 -18.81
C PRO A 125 -6.39 5.11 -18.34
N LEU A 126 -7.40 4.92 -17.49
CA LEU A 126 -7.68 3.60 -16.94
C LEU A 126 -8.04 2.58 -18.02
N GLN A 127 -8.62 3.06 -19.10
CA GLN A 127 -8.88 2.21 -20.23
C GLN A 127 -7.63 2.17 -21.08
N THR A 128 -6.69 1.42 -20.60
CA THR A 128 -5.42 1.29 -21.23
C THR A 128 -5.45 0.14 -22.23
N PRO A 129 -5.00 0.35 -23.46
CA PRO A 129 -4.87 -0.70 -24.44
C PRO A 129 -3.74 -1.65 -24.05
N LYS A 130 -3.81 -2.88 -24.46
CA LYS A 130 -2.82 -3.83 -24.08
C LYS A 130 -1.87 -4.02 -25.26
N GLY A 1 -12.52 17.67 1.39
CA GLY A 1 -13.98 17.61 1.30
C GLY A 1 -14.45 16.18 1.37
N SER A 2 -14.87 15.63 0.26
CA SER A 2 -15.27 14.26 0.21
C SER A 2 -14.16 13.44 -0.40
N GLY A 3 -13.27 12.97 0.42
CA GLY A 3 -12.17 12.19 -0.05
C GLY A 3 -12.20 10.80 0.49
N GLU A 4 -13.38 10.35 0.86
CA GLU A 4 -13.56 9.01 1.39
C GLU A 4 -14.16 8.12 0.32
N GLU A 5 -14.31 8.68 -0.85
CA GLU A 5 -14.82 8.08 -1.96
C GLU A 5 -14.32 8.86 -3.10
N ASP A 6 -13.98 8.12 -4.11
CA ASP A 6 -13.51 8.57 -5.47
C ASP A 6 -12.49 7.60 -6.00
N GLU A 7 -12.04 6.79 -5.14
CA GLU A 7 -11.10 5.84 -5.48
C GLU A 7 -11.77 4.54 -5.63
N LYS A 8 -11.32 3.87 -6.60
CA LYS A 8 -11.94 2.70 -7.09
C LYS A 8 -11.14 1.43 -6.78
N VAL A 9 -11.84 0.32 -6.66
CA VAL A 9 -11.23 -0.93 -6.31
C VAL A 9 -10.90 -1.66 -7.59
N LEU A 10 -9.67 -1.92 -7.79
CA LEU A 10 -9.27 -2.68 -8.96
C LEU A 10 -8.84 -4.08 -8.59
N TYR A 11 -7.98 -4.18 -7.62
CA TYR A 11 -7.45 -5.47 -7.23
C TYR A 11 -7.33 -5.61 -5.73
N SER A 12 -7.68 -6.78 -5.26
CA SER A 12 -7.66 -7.14 -3.90
C SER A 12 -6.93 -8.49 -3.72
N GLN A 13 -5.90 -8.50 -2.89
CA GLN A 13 -5.13 -9.72 -2.68
C GLN A 13 -4.56 -9.79 -1.28
N ARG A 14 -4.31 -10.99 -0.80
CA ARG A 14 -3.83 -11.18 0.53
C ARG A 14 -2.35 -10.88 0.64
N VAL A 15 -2.09 -9.96 1.51
CA VAL A 15 -0.80 -9.41 1.76
C VAL A 15 -0.53 -9.53 3.28
N LYS A 16 0.65 -9.16 3.69
CA LYS A 16 0.97 -9.04 5.08
C LYS A 16 1.45 -7.62 5.26
N LEU A 17 0.89 -6.87 6.20
CA LEU A 17 1.30 -5.50 6.33
C LEU A 17 2.05 -5.42 7.58
N PHE A 18 3.11 -4.78 7.51
CA PHE A 18 4.02 -4.64 8.59
C PHE A 18 4.19 -3.22 8.93
N ARG A 19 4.33 -2.93 10.20
CA ARG A 19 4.61 -1.68 10.67
C ARG A 19 5.91 -1.69 11.29
N PHE A 20 6.51 -0.63 11.20
CA PHE A 20 7.79 -0.46 11.75
C PHE A 20 7.58 -0.02 13.13
N ASP A 21 7.96 -0.81 14.01
CA ASP A 21 7.87 -0.49 15.38
C ASP A 21 9.15 0.04 15.77
N ALA A 22 9.14 1.18 16.19
CA ALA A 22 10.30 1.88 16.71
C ALA A 22 10.76 1.21 17.98
N GLU A 23 9.80 0.67 18.72
CA GLU A 23 10.06 -0.02 19.95
C GLU A 23 10.57 -1.41 19.67
N VAL A 24 10.23 -1.95 18.49
CA VAL A 24 10.80 -3.25 18.14
C VAL A 24 12.01 -3.00 17.28
N SER A 25 12.09 -1.73 16.91
CA SER A 25 12.95 -1.26 15.85
C SER A 25 12.74 -2.08 14.65
N GLN A 26 11.52 -2.58 14.46
CA GLN A 26 11.47 -3.54 13.43
C GLN A 26 10.14 -3.54 12.71
N TRP A 27 10.11 -4.12 11.52
CA TRP A 27 8.95 -4.32 10.79
C TRP A 27 8.19 -5.56 11.35
N LYS A 28 7.14 -5.29 12.05
CA LYS A 28 6.31 -6.29 12.70
C LYS A 28 4.94 -6.17 12.12
N GLU A 29 4.27 -7.29 11.90
CA GLU A 29 3.05 -7.26 11.26
C GLU A 29 2.01 -6.49 11.96
N ARG A 30 1.32 -5.83 11.16
CA ARG A 30 0.31 -4.93 11.61
C ARG A 30 -0.98 -5.53 11.28
N GLY A 31 -1.00 -6.01 10.09
CA GLY A 31 -2.14 -6.59 9.55
C GLY A 31 -1.77 -7.65 8.59
N LEU A 32 -2.74 -8.36 8.24
CA LEU A 32 -2.69 -9.46 7.31
C LEU A 32 -4.00 -9.39 6.56
N GLY A 33 -4.12 -10.05 5.47
CA GLY A 33 -5.39 -10.12 4.82
C GLY A 33 -5.38 -9.53 3.46
N ASN A 34 -6.53 -9.14 3.02
CA ASN A 34 -6.76 -8.65 1.70
C ASN A 34 -6.47 -7.22 1.59
N LEU A 35 -5.55 -7.00 0.78
CA LEU A 35 -5.15 -5.76 0.40
C LEU A 35 -5.95 -5.31 -0.77
N LYS A 36 -6.63 -4.25 -0.62
CA LYS A 36 -7.31 -3.71 -1.70
C LYS A 36 -6.63 -2.42 -2.08
N ILE A 37 -6.56 -2.18 -3.32
CA ILE A 37 -6.01 -0.98 -3.79
C ILE A 37 -7.09 -0.16 -4.34
N LEU A 38 -7.13 1.03 -3.88
CA LEU A 38 -8.06 1.94 -4.40
C LEU A 38 -7.29 2.96 -5.20
N LYS A 39 -7.75 3.22 -6.36
CA LYS A 39 -7.14 4.20 -7.24
C LYS A 39 -8.12 5.32 -7.49
N ASN A 40 -7.74 6.54 -7.17
CA ASN A 40 -8.63 7.69 -7.34
C ASN A 40 -8.99 7.97 -8.78
N GLU A 41 -10.22 8.41 -8.99
CA GLU A 41 -10.73 8.83 -10.22
C GLU A 41 -10.14 10.20 -10.58
N VAL A 42 -9.51 10.82 -9.57
CA VAL A 42 -8.79 12.02 -9.70
C VAL A 42 -7.50 11.69 -10.43
N ASN A 43 -7.14 10.39 -10.33
CA ASN A 43 -5.93 9.84 -10.92
C ASN A 43 -4.74 10.51 -10.25
N GLY A 44 -4.96 10.86 -9.00
CA GLY A 44 -3.94 11.61 -8.28
C GLY A 44 -3.38 10.88 -7.11
N LYS A 45 -4.19 10.05 -6.51
CA LYS A 45 -3.81 9.33 -5.33
C LYS A 45 -4.31 7.93 -5.48
N LEU A 46 -3.58 6.99 -4.97
CA LEU A 46 -4.00 5.68 -4.92
C LEU A 46 -3.72 5.25 -3.53
N ARG A 47 -4.47 4.36 -3.03
CA ARG A 47 -4.26 3.85 -1.69
C ARG A 47 -4.11 2.39 -1.73
N MET A 48 -3.51 1.92 -0.75
CA MET A 48 -3.36 0.57 -0.41
C MET A 48 -3.96 0.45 0.94
N LEU A 49 -4.94 -0.32 1.06
CA LEU A 49 -5.38 -0.68 2.38
C LEU A 49 -5.59 -2.14 2.51
N MET A 50 -5.29 -2.62 3.65
CA MET A 50 -5.34 -3.90 3.95
C MET A 50 -6.10 -4.02 5.18
N ARG A 51 -7.02 -4.77 5.03
CA ARG A 51 -8.00 -5.17 6.01
C ARG A 51 -7.89 -6.63 6.21
N ARG A 52 -8.18 -7.00 7.39
CA ARG A 52 -8.20 -8.32 7.76
C ARG A 52 -9.58 -8.76 7.39
N GLU A 53 -9.61 -9.75 6.59
CA GLU A 53 -10.82 -10.29 5.94
C GLU A 53 -11.95 -10.54 6.83
N GLN A 54 -11.90 -11.54 7.61
CA GLN A 54 -13.06 -11.83 8.38
C GLN A 54 -13.03 -10.90 9.62
N VAL A 55 -11.90 -10.30 9.83
CA VAL A 55 -11.72 -9.42 10.93
C VAL A 55 -12.29 -8.00 10.60
N LEU A 56 -12.75 -7.84 9.34
CA LEU A 56 -13.41 -6.70 8.77
C LEU A 56 -12.70 -5.35 9.01
N LYS A 57 -11.54 -5.40 9.46
CA LYS A 57 -10.87 -4.20 9.81
C LYS A 57 -9.49 -3.96 9.13
N VAL A 58 -9.51 -3.09 8.13
CA VAL A 58 -8.36 -2.31 7.67
C VAL A 58 -7.40 -1.93 8.81
N CYS A 59 -6.16 -2.21 8.59
CA CYS A 59 -5.15 -1.90 9.53
C CYS A 59 -4.33 -0.71 9.02
N ALA A 60 -4.19 -0.57 7.69
CA ALA A 60 -3.42 0.44 7.14
C ALA A 60 -4.03 0.90 5.89
N ASN A 61 -4.10 2.14 5.74
CA ASN A 61 -4.50 2.81 4.54
C ASN A 61 -3.41 3.76 4.15
N HIS A 62 -2.60 3.32 3.32
CA HIS A 62 -1.49 4.15 2.81
C HIS A 62 -1.69 4.52 1.35
N TRP A 63 -1.45 5.76 1.03
CA TRP A 63 -1.41 6.22 -0.35
C TRP A 63 -0.03 6.00 -0.91
N ILE A 64 0.04 5.69 -2.18
CA ILE A 64 1.28 5.46 -2.86
C ILE A 64 1.60 6.69 -3.68
N THR A 65 2.73 7.27 -3.42
CA THR A 65 3.13 8.48 -4.07
C THR A 65 4.63 8.51 -4.32
N THR A 66 5.02 9.38 -5.21
CA THR A 66 6.39 9.65 -5.54
C THR A 66 7.06 10.51 -4.44
N THR A 67 6.24 10.89 -3.48
CA THR A 67 6.64 11.64 -2.31
C THR A 67 7.20 10.65 -1.27
N MET A 68 7.29 9.45 -1.70
CA MET A 68 7.66 8.37 -0.95
C MET A 68 8.70 7.64 -1.74
N ASN A 69 9.35 6.83 -1.08
CA ASN A 69 10.37 5.98 -1.59
C ASN A 69 10.24 4.62 -0.92
N LEU A 70 10.32 3.60 -1.70
CA LEU A 70 10.35 2.32 -1.25
C LEU A 70 11.76 1.84 -1.05
N LYS A 71 11.91 1.25 0.02
CA LYS A 71 13.16 0.84 0.60
C LYS A 71 13.06 -0.65 0.92
N PRO A 72 14.04 -1.47 0.59
CA PRO A 72 13.97 -2.88 0.87
C PRO A 72 14.30 -3.18 2.31
N LEU A 73 13.78 -4.27 2.84
CA LEU A 73 14.10 -4.70 4.13
C LEU A 73 15.50 -5.25 4.05
N SER A 74 16.15 -5.37 5.16
CA SER A 74 17.40 -6.04 5.19
C SER A 74 17.21 -7.43 4.74
N GLY A 75 17.89 -7.78 3.72
CA GLY A 75 17.84 -9.13 3.33
C GLY A 75 16.62 -9.49 2.48
N SER A 76 15.79 -8.50 2.10
CA SER A 76 14.67 -8.80 1.26
C SER A 76 14.90 -8.20 -0.12
N ASP A 77 14.48 -8.92 -1.13
CA ASP A 77 14.55 -8.52 -2.50
C ASP A 77 13.20 -8.12 -2.87
N ARG A 78 12.31 -8.68 -2.15
CA ARG A 78 11.03 -8.82 -2.57
C ARG A 78 10.01 -7.99 -1.76
N ALA A 79 10.25 -7.83 -0.51
CA ALA A 79 9.37 -7.08 0.34
C ALA A 79 10.06 -5.78 0.66
N TRP A 80 9.35 -4.69 0.57
CA TRP A 80 9.91 -3.37 0.69
C TRP A 80 9.02 -2.57 1.58
N MET A 81 9.54 -1.52 2.06
CA MET A 81 8.91 -0.68 2.94
C MET A 81 8.96 0.63 2.36
N TRP A 82 7.97 1.30 2.56
CA TRP A 82 7.79 2.54 2.00
C TRP A 82 7.29 3.44 3.04
N LEU A 83 7.57 4.68 2.95
CA LEU A 83 7.11 5.48 3.99
C LEU A 83 5.87 6.22 3.57
N ALA A 84 4.86 6.05 4.32
CA ALA A 84 3.59 6.61 3.99
C ALA A 84 2.83 7.01 5.18
N SER A 85 1.91 7.84 4.95
CA SER A 85 0.93 8.12 5.85
C SER A 85 -0.23 7.22 5.70
N ASP A 86 -0.46 6.57 6.77
CA ASP A 86 -1.58 5.78 6.97
C ASP A 86 -2.70 6.63 7.50
N PHE A 87 -3.90 6.23 7.24
CA PHE A 87 -5.10 6.93 7.56
C PHE A 87 -6.19 5.90 7.35
N SER A 88 -6.06 4.84 8.13
CA SER A 88 -6.77 3.61 8.07
C SER A 88 -8.23 3.85 8.08
N ASP A 89 -8.66 4.85 8.83
CA ASP A 89 -9.99 5.20 8.77
C ASP A 89 -10.07 6.61 9.23
N GLY A 90 -8.98 7.33 9.02
CA GLY A 90 -8.98 8.64 9.51
C GLY A 90 -7.89 8.94 10.46
N ASP A 91 -7.33 7.92 10.94
CA ASP A 91 -6.24 8.04 11.88
C ASP A 91 -4.95 8.08 11.13
N ALA A 92 -4.36 9.22 11.17
CA ALA A 92 -3.20 9.55 10.37
C ALA A 92 -1.91 9.16 11.05
N LYS A 93 -1.24 8.18 10.52
CA LYS A 93 0.00 7.72 11.05
C LYS A 93 1.04 7.67 9.97
N LEU A 94 2.17 8.22 10.18
CA LEU A 94 3.19 8.07 9.19
C LEU A 94 4.26 7.14 9.68
N GLU A 95 4.48 6.15 8.92
CA GLU A 95 5.34 5.14 9.23
C GLU A 95 6.01 4.73 8.03
N GLN A 96 7.02 4.10 8.25
CA GLN A 96 7.75 3.57 7.25
C GLN A 96 7.45 2.15 7.45
N LEU A 97 6.76 1.61 6.59
CA LEU A 97 6.31 0.29 6.79
C LEU A 97 6.35 -0.58 5.59
N ALA A 98 6.31 -1.86 5.84
CA ALA A 98 6.57 -2.83 4.83
C ALA A 98 5.38 -3.68 4.54
N ALA A 99 5.42 -4.31 3.40
CA ALA A 99 4.45 -5.29 3.03
C ALA A 99 5.17 -6.37 2.29
N LYS A 100 4.72 -7.58 2.43
CA LYS A 100 5.32 -8.65 1.81
C LYS A 100 4.31 -9.52 1.21
N PHE A 101 4.65 -9.89 0.08
CA PHE A 101 3.90 -10.81 -0.71
C PHE A 101 4.58 -12.15 -0.68
N LYS A 102 3.79 -13.20 -0.88
CA LYS A 102 4.19 -14.61 -0.78
C LYS A 102 5.54 -14.93 -1.45
N THR A 103 5.68 -14.50 -2.68
CA THR A 103 6.84 -14.80 -3.48
C THR A 103 7.39 -13.53 -4.03
N PRO A 104 8.66 -13.48 -4.51
CA PRO A 104 9.20 -12.27 -5.12
C PRO A 104 8.54 -11.96 -6.43
N GLU A 105 7.70 -12.78 -6.88
CA GLU A 105 6.92 -12.44 -8.04
C GLU A 105 5.91 -11.41 -7.66
N LEU A 106 5.18 -11.73 -6.60
CA LEU A 106 4.12 -10.90 -6.13
C LEU A 106 4.70 -9.72 -5.47
N ALA A 107 5.73 -9.99 -4.74
CA ALA A 107 6.43 -9.01 -4.01
C ALA A 107 7.28 -8.13 -4.93
N GLU A 108 8.06 -8.74 -5.84
CA GLU A 108 8.95 -7.87 -6.67
C GLU A 108 8.15 -7.08 -7.70
N GLU A 109 7.25 -7.75 -8.38
CA GLU A 109 6.46 -7.11 -9.42
C GLU A 109 5.54 -6.04 -8.90
N PHE A 110 5.04 -6.22 -7.69
CA PHE A 110 4.23 -5.20 -7.08
C PHE A 110 5.09 -3.97 -6.87
N LYS A 111 6.26 -4.19 -6.32
CA LYS A 111 7.26 -3.15 -5.99
C LYS A 111 7.61 -2.36 -7.24
N GLN A 112 7.97 -3.07 -8.25
CA GLN A 112 8.35 -2.49 -9.56
C GLN A 112 7.26 -1.60 -10.11
N LYS A 113 6.05 -2.14 -10.14
CA LYS A 113 4.93 -1.46 -10.68
C LYS A 113 4.57 -0.30 -9.78
N PHE A 114 4.85 -0.48 -8.53
CA PHE A 114 4.53 0.49 -7.46
C PHE A 114 5.30 1.80 -7.70
N GLU A 115 6.61 1.69 -7.86
CA GLU A 115 7.48 2.87 -8.11
C GLU A 115 7.06 3.51 -9.42
N GLU A 116 6.80 2.69 -10.43
CA GLU A 116 6.47 3.18 -11.73
C GLU A 116 5.21 4.01 -11.67
N CYS A 117 4.20 3.51 -10.97
CA CYS A 117 3.00 4.19 -10.79
C CYS A 117 3.22 5.51 -10.08
N GLN A 118 4.18 5.52 -9.15
CA GLN A 118 4.50 6.73 -8.43
C GLN A 118 4.90 7.81 -9.42
N ARG A 119 5.83 7.52 -10.33
CA ARG A 119 6.24 8.54 -11.31
C ARG A 119 5.21 8.80 -12.38
N LEU A 120 4.77 7.76 -12.88
CA LEU A 120 3.95 7.72 -14.06
C LEU A 120 2.51 8.13 -13.91
N LEU A 121 1.81 7.61 -12.90
CA LEU A 121 0.31 7.68 -12.80
C LEU A 121 -0.16 9.12 -12.71
N LEU A 122 0.75 9.88 -12.34
CA LEU A 122 0.67 11.28 -12.18
C LEU A 122 0.39 12.03 -13.48
N ASP A 123 1.02 11.61 -14.53
CA ASP A 123 0.93 12.31 -15.78
C ASP A 123 0.05 11.57 -16.71
N ILE A 124 0.16 10.29 -16.65
CA ILE A 124 -0.51 9.43 -17.52
C ILE A 124 -1.91 9.10 -17.00
N PRO A 125 -2.87 8.94 -17.89
CA PRO A 125 -4.21 8.52 -17.51
C PRO A 125 -4.21 7.07 -17.00
N LEU A 126 -5.05 6.81 -16.02
CA LEU A 126 -5.22 5.48 -15.46
C LEU A 126 -5.82 4.55 -16.50
N GLN A 127 -6.63 5.12 -17.35
CA GLN A 127 -7.24 4.44 -18.45
C GLN A 127 -6.51 4.81 -19.72
N THR A 128 -7.02 4.40 -20.84
CA THR A 128 -6.47 4.79 -22.09
C THR A 128 -7.04 6.17 -22.46
N PRO A 129 -6.19 7.14 -22.85
CA PRO A 129 -6.64 8.48 -23.20
C PRO A 129 -7.58 8.46 -24.40
N LYS A 130 -8.55 9.32 -24.36
CA LYS A 130 -9.55 9.39 -25.38
C LYS A 130 -9.33 10.61 -26.23
N GLY A 1 -16.50 14.52 4.73
CA GLY A 1 -15.82 14.45 3.44
C GLY A 1 -16.75 13.97 2.39
N SER A 2 -16.92 14.76 1.34
CA SER A 2 -17.78 14.41 0.25
C SER A 2 -17.08 13.36 -0.61
N GLY A 3 -17.28 12.13 -0.24
CA GLY A 3 -16.61 11.06 -0.90
C GLY A 3 -15.83 10.23 0.08
N GLU A 4 -16.54 9.48 0.91
CA GLU A 4 -15.90 8.57 1.88
C GLU A 4 -15.37 7.34 1.16
N GLU A 5 -15.69 7.32 -0.11
CA GLU A 5 -15.18 6.55 -1.05
C GLU A 5 -15.28 7.42 -2.26
N ASP A 6 -14.24 7.49 -2.92
CA ASP A 6 -14.09 8.32 -4.08
C ASP A 6 -12.97 7.77 -4.90
N GLU A 7 -12.64 6.58 -4.62
CA GLU A 7 -11.58 5.91 -5.23
C GLU A 7 -12.01 4.57 -5.63
N LYS A 8 -11.53 4.21 -6.74
CA LYS A 8 -11.97 3.07 -7.42
C LYS A 8 -10.95 1.94 -7.39
N VAL A 9 -11.43 0.74 -7.60
CA VAL A 9 -10.64 -0.45 -7.48
C VAL A 9 -9.86 -0.72 -8.73
N LEU A 10 -8.59 -0.74 -8.57
CA LEU A 10 -7.67 -1.17 -9.60
C LEU A 10 -7.46 -2.66 -9.49
N TYR A 11 -6.84 -3.06 -8.41
CA TYR A 11 -6.56 -4.46 -8.14
C TYR A 11 -6.50 -4.72 -6.65
N SER A 12 -6.88 -5.92 -6.27
CA SER A 12 -6.90 -6.36 -4.92
C SER A 12 -6.18 -7.71 -4.76
N GLN A 13 -5.20 -7.80 -3.86
CA GLN A 13 -4.51 -9.07 -3.61
C GLN A 13 -4.04 -9.20 -2.17
N ARG A 14 -3.92 -10.43 -1.68
CA ARG A 14 -3.60 -10.68 -0.30
C ARG A 14 -2.11 -10.48 -0.05
N VAL A 15 -1.86 -9.59 0.86
CA VAL A 15 -0.56 -9.16 1.25
C VAL A 15 -0.49 -9.24 2.80
N LYS A 16 0.65 -9.01 3.36
CA LYS A 16 0.80 -8.95 4.81
C LYS A 16 1.30 -7.56 5.15
N LEU A 17 0.68 -6.86 6.11
CA LEU A 17 1.07 -5.52 6.38
C LEU A 17 1.81 -5.52 7.68
N PHE A 18 2.76 -4.66 7.77
CA PHE A 18 3.63 -4.51 8.90
C PHE A 18 3.84 -3.02 9.19
N ARG A 19 4.12 -2.70 10.43
CA ARG A 19 4.52 -1.43 10.86
C ARG A 19 5.89 -1.51 11.39
N PHE A 20 6.53 -0.47 11.23
CA PHE A 20 7.87 -0.32 11.64
C PHE A 20 7.84 0.31 12.98
N ASP A 21 8.31 -0.38 13.91
CA ASP A 21 8.52 0.21 15.19
C ASP A 21 9.87 0.73 15.15
N ALA A 22 9.96 1.94 15.28
CA ALA A 22 11.20 2.64 15.30
C ALA A 22 11.96 2.30 16.58
N GLU A 23 11.21 2.18 17.65
CA GLU A 23 11.75 1.86 18.94
C GLU A 23 12.04 0.39 19.06
N VAL A 24 11.34 -0.43 18.28
CA VAL A 24 11.70 -1.85 18.30
C VAL A 24 12.65 -2.08 17.20
N SER A 25 12.76 -1.05 16.38
CA SER A 25 13.42 -1.10 15.11
C SER A 25 12.88 -2.23 14.34
N GLN A 26 11.60 -2.52 14.52
CA GLN A 26 11.19 -3.72 13.91
C GLN A 26 9.92 -3.60 13.10
N TRP A 27 9.85 -4.35 12.01
CA TRP A 27 8.73 -4.47 11.22
C TRP A 27 7.81 -5.56 11.82
N LYS A 28 6.73 -5.11 12.39
CA LYS A 28 5.76 -5.98 13.04
C LYS A 28 4.46 -5.85 12.36
N GLU A 29 3.82 -6.98 12.18
CA GLU A 29 2.64 -7.10 11.47
C GLU A 29 1.58 -6.16 11.95
N ARG A 30 0.91 -5.64 11.02
CA ARG A 30 -0.21 -4.78 11.27
C ARG A 30 -1.46 -5.58 11.04
N GLY A 31 -1.37 -6.43 10.02
CA GLY A 31 -2.46 -7.25 9.64
C GLY A 31 -2.23 -7.82 8.28
N LEU A 32 -2.78 -8.95 8.03
CA LEU A 32 -2.67 -9.65 6.77
C LEU A 32 -4.02 -9.60 6.05
N GLY A 33 -4.01 -9.42 4.75
CA GLY A 33 -5.25 -9.38 4.03
C GLY A 33 -5.10 -8.84 2.63
N ASN A 34 -6.18 -8.46 2.05
CA ASN A 34 -6.28 -8.00 0.70
C ASN A 34 -6.01 -6.57 0.60
N LEU A 35 -5.02 -6.33 -0.15
CA LEU A 35 -4.62 -5.05 -0.48
C LEU A 35 -5.34 -4.59 -1.71
N LYS A 36 -6.05 -3.50 -1.58
CA LYS A 36 -6.67 -2.94 -2.71
C LYS A 36 -5.95 -1.67 -3.06
N ILE A 37 -5.93 -1.37 -4.30
CA ILE A 37 -5.44 -0.11 -4.74
C ILE A 37 -6.61 0.62 -5.18
N LEU A 38 -6.88 1.69 -4.53
CA LEU A 38 -7.93 2.50 -4.97
C LEU A 38 -7.35 3.79 -5.45
N LYS A 39 -7.77 4.25 -6.57
CA LYS A 39 -7.34 5.55 -7.02
C LYS A 39 -8.56 6.43 -7.15
N ASN A 40 -8.45 7.66 -6.71
CA ASN A 40 -9.58 8.60 -6.72
C ASN A 40 -10.09 8.91 -8.10
N GLU A 41 -11.38 9.10 -8.18
CA GLU A 41 -12.07 9.52 -9.32
C GLU A 41 -11.62 10.94 -9.67
N VAL A 42 -11.21 11.65 -8.65
CA VAL A 42 -10.66 12.93 -8.74
C VAL A 42 -9.19 12.80 -9.20
N ASN A 43 -8.62 11.62 -8.91
CA ASN A 43 -7.23 11.27 -9.10
C ASN A 43 -6.38 12.15 -8.19
N GLY A 44 -7.01 12.52 -7.07
CA GLY A 44 -6.37 13.36 -6.09
C GLY A 44 -5.33 12.59 -5.35
N LYS A 45 -5.73 11.50 -4.74
CA LYS A 45 -4.83 10.63 -4.07
C LYS A 45 -5.08 9.25 -4.59
N LEU A 46 -4.06 8.47 -4.66
CA LEU A 46 -4.17 7.15 -5.01
C LEU A 46 -3.70 6.39 -3.82
N ARG A 47 -4.25 5.30 -3.59
CA ARG A 47 -4.02 4.55 -2.35
C ARG A 47 -3.93 3.06 -2.53
N MET A 48 -3.22 2.49 -1.62
CA MET A 48 -3.12 1.11 -1.37
C MET A 48 -3.65 0.96 0.02
N LEU A 49 -4.66 0.25 0.18
CA LEU A 49 -5.11 -0.08 1.50
C LEU A 49 -5.30 -1.54 1.62
N MET A 50 -5.13 -2.04 2.78
CA MET A 50 -5.20 -3.35 3.01
C MET A 50 -6.00 -3.56 4.20
N ARG A 51 -6.88 -4.32 3.99
CA ARG A 51 -7.83 -4.81 4.94
C ARG A 51 -7.46 -6.19 5.28
N ARG A 52 -7.75 -6.51 6.45
CA ARG A 52 -7.48 -7.72 6.99
C ARG A 52 -8.68 -8.50 6.66
N GLU A 53 -8.45 -9.57 6.01
CA GLU A 53 -9.50 -10.39 5.40
C GLU A 53 -10.43 -10.99 6.31
N GLN A 54 -9.98 -11.74 7.21
CA GLN A 54 -10.91 -12.35 8.06
C GLN A 54 -11.32 -11.38 9.17
N VAL A 55 -10.62 -10.28 9.20
CA VAL A 55 -10.79 -9.27 10.17
C VAL A 55 -11.70 -8.11 9.63
N LEU A 56 -12.07 -8.19 8.33
CA LEU A 56 -12.95 -7.30 7.59
C LEU A 56 -12.56 -5.78 7.73
N LYS A 57 -11.45 -5.56 8.24
CA LYS A 57 -11.03 -4.24 8.54
C LYS A 57 -9.68 -3.80 7.92
N VAL A 58 -9.75 -2.96 6.86
CA VAL A 58 -8.64 -2.02 6.48
C VAL A 58 -7.77 -1.65 7.67
N CYS A 59 -6.52 -1.76 7.46
CA CYS A 59 -5.56 -1.48 8.43
C CYS A 59 -4.73 -0.28 8.03
N ALA A 60 -4.38 -0.15 6.73
CA ALA A 60 -3.49 0.86 6.33
C ALA A 60 -3.87 1.41 5.08
N ASN A 61 -3.73 2.63 5.04
CA ASN A 61 -3.77 3.37 3.86
C ASN A 61 -2.41 3.93 3.53
N HIS A 62 -1.88 3.43 2.52
CA HIS A 62 -0.68 3.96 1.88
C HIS A 62 -1.08 4.62 0.58
N TRP A 63 -0.65 5.79 0.32
CA TRP A 63 -0.87 6.39 -0.96
C TRP A 63 0.22 5.97 -1.89
N ILE A 64 -0.13 5.61 -3.08
CA ILE A 64 0.78 5.13 -4.01
C ILE A 64 1.20 6.31 -4.89
N THR A 65 2.28 6.89 -4.51
CA THR A 65 2.83 8.00 -5.19
C THR A 65 4.34 7.95 -5.18
N THR A 66 4.93 8.73 -6.04
CA THR A 66 6.36 8.96 -6.13
C THR A 66 6.82 9.89 -4.99
N THR A 67 5.85 10.36 -4.23
CA THR A 67 6.05 11.29 -3.13
C THR A 67 6.49 10.47 -1.90
N MET A 68 6.57 9.21 -2.15
CA MET A 68 6.86 8.25 -1.24
C MET A 68 7.73 7.28 -2.02
N ASN A 69 8.39 6.49 -1.33
CA ASN A 69 9.31 5.56 -1.89
C ASN A 69 9.22 4.24 -1.16
N LEU A 70 9.40 3.16 -1.89
CA LEU A 70 9.46 1.92 -1.37
C LEU A 70 10.89 1.56 -1.01
N LYS A 71 11.00 1.15 0.14
CA LYS A 71 12.25 0.85 0.79
C LYS A 71 12.24 -0.61 1.25
N PRO A 72 13.22 -1.42 0.88
CA PRO A 72 13.27 -2.83 1.27
C PRO A 72 13.72 -3.02 2.73
N LEU A 73 13.27 -4.11 3.34
CA LEU A 73 13.60 -4.46 4.67
C LEU A 73 14.97 -5.18 4.70
N SER A 74 15.27 -5.77 5.82
CA SER A 74 16.35 -6.70 5.92
C SER A 74 15.79 -8.05 5.81
N GLY A 75 16.54 -8.96 5.28
CA GLY A 75 16.07 -10.29 5.25
C GLY A 75 15.14 -10.53 4.06
N SER A 76 14.18 -9.66 3.89
CA SER A 76 13.35 -9.62 2.80
C SER A 76 14.08 -8.91 1.70
N ASP A 77 14.00 -9.47 0.55
CA ASP A 77 14.67 -9.00 -0.56
C ASP A 77 13.74 -8.19 -1.30
N ARG A 78 12.56 -8.70 -1.39
CA ARG A 78 11.64 -8.13 -2.22
C ARG A 78 10.36 -7.71 -1.55
N ALA A 79 10.46 -7.53 -0.28
CA ALA A 79 9.37 -7.00 0.49
C ALA A 79 9.78 -5.59 0.84
N TRP A 80 8.84 -4.72 0.87
CA TRP A 80 9.10 -3.32 0.88
C TRP A 80 8.26 -2.61 1.88
N MET A 81 8.70 -1.47 2.19
CA MET A 81 8.14 -0.62 3.10
C MET A 81 7.97 0.63 2.42
N TRP A 82 7.08 1.31 2.85
CA TRP A 82 6.72 2.52 2.28
C TRP A 82 6.57 3.43 3.44
N LEU A 83 6.81 4.67 3.30
CA LEU A 83 6.47 5.49 4.40
C LEU A 83 5.20 6.22 4.07
N ALA A 84 4.24 6.07 4.90
CA ALA A 84 2.94 6.65 4.66
C ALA A 84 2.30 7.09 5.90
N SER A 85 1.36 7.93 5.77
CA SER A 85 0.50 8.19 6.78
C SER A 85 -0.70 7.39 6.67
N ASP A 86 -0.77 6.45 7.53
CA ASP A 86 -1.85 5.60 7.56
C ASP A 86 -2.73 5.99 8.68
N PHE A 87 -3.97 6.31 8.38
CA PHE A 87 -4.88 6.74 9.34
C PHE A 87 -6.28 6.48 8.92
N SER A 88 -6.40 5.56 8.01
CA SER A 88 -7.72 5.17 7.54
C SER A 88 -8.39 4.46 8.64
N ASP A 89 -7.55 3.73 9.34
CA ASP A 89 -7.93 3.05 10.50
C ASP A 89 -6.64 2.83 11.27
N GLY A 90 -5.63 3.67 10.98
CA GLY A 90 -4.39 3.47 11.62
C GLY A 90 -4.08 4.59 12.50
N ASP A 91 -4.97 5.60 12.42
CA ASP A 91 -4.89 6.85 13.22
C ASP A 91 -3.77 7.72 12.66
N ALA A 92 -3.85 9.04 12.78
CA ALA A 92 -2.93 9.85 11.99
C ALA A 92 -1.53 9.80 12.51
N LYS A 93 -0.78 8.95 11.85
CA LYS A 93 0.57 8.72 12.05
C LYS A 93 1.25 8.63 10.73
N LEU A 94 2.47 9.11 10.61
CA LEU A 94 3.25 8.73 9.47
C LEU A 94 4.27 7.75 9.95
N GLU A 95 4.25 6.61 9.39
CA GLU A 95 4.95 5.55 9.84
C GLU A 95 5.38 4.80 8.66
N GLN A 96 6.27 4.01 8.87
CA GLN A 96 6.78 3.27 7.89
C GLN A 96 6.15 1.94 8.06
N LEU A 97 5.41 1.61 7.12
CA LEU A 97 4.70 0.41 7.10
C LEU A 97 5.18 -0.44 5.94
N ALA A 98 5.28 -1.70 6.16
CA ALA A 98 5.80 -2.61 5.18
C ALA A 98 4.75 -3.57 4.77
N ALA A 99 4.97 -4.19 3.66
CA ALA A 99 4.11 -5.18 3.15
C ALA A 99 4.96 -6.19 2.43
N LYS A 100 4.61 -7.42 2.53
CA LYS A 100 5.30 -8.43 1.93
C LYS A 100 4.37 -9.40 1.37
N PHE A 101 4.78 -9.87 0.31
CA PHE A 101 4.12 -10.92 -0.36
C PHE A 101 4.72 -12.25 0.00
N LYS A 102 4.03 -13.26 -0.42
CA LYS A 102 4.32 -14.66 -0.14
C LYS A 102 5.74 -15.06 -0.51
N THR A 103 6.16 -14.73 -1.70
CA THR A 103 7.46 -15.12 -2.21
C THR A 103 8.05 -13.92 -2.92
N PRO A 104 9.38 -13.92 -3.24
CA PRO A 104 10.00 -12.88 -4.07
C PRO A 104 9.39 -12.80 -5.44
N GLU A 105 8.59 -13.70 -5.78
CA GLU A 105 7.87 -13.69 -7.03
C GLU A 105 6.84 -12.60 -6.94
N LEU A 106 6.03 -12.70 -5.89
CA LEU A 106 4.95 -11.79 -5.67
C LEU A 106 5.51 -10.49 -5.21
N ALA A 107 6.53 -10.60 -4.43
CA ALA A 107 7.24 -9.49 -3.91
C ALA A 107 8.05 -8.79 -5.01
N GLU A 108 8.78 -9.55 -5.86
CA GLU A 108 9.65 -8.89 -6.88
C GLU A 108 8.80 -8.25 -7.99
N GLU A 109 7.86 -9.02 -8.51
CA GLU A 109 6.97 -8.56 -9.58
C GLU A 109 6.19 -7.32 -9.17
N PHE A 110 5.69 -7.31 -7.96
CA PHE A 110 4.97 -6.22 -7.45
C PHE A 110 5.84 -5.01 -7.15
N LYS A 111 7.10 -5.22 -6.76
CA LYS A 111 8.04 -4.10 -6.48
C LYS A 111 8.10 -3.22 -7.70
N GLN A 112 8.34 -3.88 -8.80
CA GLN A 112 8.40 -3.25 -10.12
C GLN A 112 7.12 -2.49 -10.42
N LYS A 113 6.02 -3.19 -10.23
CA LYS A 113 4.70 -2.70 -10.56
C LYS A 113 4.40 -1.52 -9.72
N PHE A 114 4.78 -1.64 -8.49
CA PHE A 114 4.53 -0.59 -7.50
C PHE A 114 5.24 0.70 -7.81
N GLU A 115 6.55 0.65 -8.04
CA GLU A 115 7.27 1.88 -8.35
C GLU A 115 6.83 2.43 -9.71
N GLU A 116 6.48 1.53 -10.64
CA GLU A 116 6.04 1.93 -11.94
C GLU A 116 4.76 2.70 -11.81
N CYS A 117 3.82 2.16 -11.04
CA CYS A 117 2.60 2.75 -10.77
C CYS A 117 2.78 4.09 -10.10
N GLN A 118 3.82 4.23 -9.29
CA GLN A 118 4.09 5.50 -8.64
C GLN A 118 4.24 6.58 -9.68
N ARG A 119 5.05 6.34 -10.71
CA ARG A 119 5.18 7.32 -11.79
C ARG A 119 3.96 7.36 -12.72
N LEU A 120 3.62 6.24 -13.10
CA LEU A 120 2.64 5.99 -14.13
C LEU A 120 1.18 6.15 -13.82
N LEU A 121 0.72 5.58 -12.69
CA LEU A 121 -0.75 5.39 -12.39
C LEU A 121 -1.45 6.72 -12.31
N LEU A 122 -0.65 7.68 -12.08
CA LEU A 122 -0.97 9.05 -11.94
C LEU A 122 -1.53 9.71 -13.19
N ASP A 123 -0.93 9.40 -14.30
CA ASP A 123 -1.14 10.14 -15.52
C ASP A 123 -2.07 9.40 -16.41
N ILE A 124 -1.83 8.14 -16.42
CA ILE A 124 -2.47 7.24 -17.29
C ILE A 124 -3.84 6.80 -16.76
N PRO A 125 -4.90 6.88 -17.58
CA PRO A 125 -6.18 6.32 -17.22
C PRO A 125 -6.07 4.81 -17.24
N LEU A 126 -6.55 4.17 -16.24
CA LEU A 126 -6.45 2.74 -16.17
C LEU A 126 -7.73 2.21 -15.61
N GLN A 127 -8.46 1.51 -16.41
CA GLN A 127 -9.69 0.91 -16.00
C GLN A 127 -9.50 -0.59 -16.07
N THR A 128 -10.36 -1.32 -15.46
CA THR A 128 -10.25 -2.75 -15.49
C THR A 128 -10.81 -3.29 -16.81
N PRO A 129 -10.15 -4.31 -17.38
CA PRO A 129 -10.59 -4.89 -18.63
C PRO A 129 -11.89 -5.66 -18.47
N LYS A 130 -12.63 -5.75 -19.52
CA LYS A 130 -13.88 -6.40 -19.49
C LYS A 130 -13.96 -7.39 -20.64
N GLY A 1 -24.15 13.12 2.47
CA GLY A 1 -23.26 12.02 2.14
C GLY A 1 -21.83 12.41 2.36
N SER A 2 -20.98 12.04 1.41
CA SER A 2 -19.56 12.33 1.43
C SER A 2 -18.84 11.69 2.62
N GLY A 3 -18.54 10.43 2.47
CA GLY A 3 -17.84 9.71 3.50
C GLY A 3 -16.54 9.21 2.96
N GLU A 4 -15.93 10.04 2.12
CA GLU A 4 -14.72 9.73 1.41
C GLU A 4 -14.96 8.56 0.49
N GLU A 5 -15.50 8.88 -0.64
CA GLU A 5 -15.81 7.98 -1.62
C GLU A 5 -15.66 8.72 -2.90
N ASP A 6 -15.08 8.04 -3.80
CA ASP A 6 -14.79 8.47 -5.21
C ASP A 6 -13.72 7.60 -5.84
N GLU A 7 -13.15 6.81 -5.06
CA GLU A 7 -12.10 5.99 -5.46
C GLU A 7 -12.60 4.62 -5.72
N LYS A 8 -12.05 4.10 -6.74
CA LYS A 8 -12.47 2.87 -7.29
C LYS A 8 -11.39 1.78 -7.19
N VAL A 9 -11.81 0.52 -7.24
CA VAL A 9 -10.94 -0.60 -7.05
C VAL A 9 -10.29 -1.01 -8.35
N LEU A 10 -9.00 -0.95 -8.35
CA LEU A 10 -8.22 -1.44 -9.48
C LEU A 10 -7.98 -2.93 -9.37
N TYR A 11 -7.45 -3.34 -8.24
CA TYR A 11 -7.16 -4.74 -7.99
C TYR A 11 -7.05 -4.99 -6.48
N SER A 12 -7.38 -6.21 -6.08
CA SER A 12 -7.32 -6.62 -4.74
C SER A 12 -6.56 -7.95 -4.63
N GLN A 13 -5.50 -7.98 -3.81
CA GLN A 13 -4.70 -9.21 -3.59
C GLN A 13 -4.08 -9.32 -2.23
N ARG A 14 -3.78 -10.51 -1.86
CA ARG A 14 -3.37 -10.84 -0.52
C ARG A 14 -1.94 -10.49 -0.22
N VAL A 15 -1.81 -9.67 0.79
CA VAL A 15 -0.59 -9.09 1.23
C VAL A 15 -0.51 -9.26 2.76
N LYS A 16 0.61 -8.91 3.31
CA LYS A 16 0.80 -8.84 4.73
C LYS A 16 1.26 -7.43 5.03
N LEU A 17 0.69 -6.76 6.01
CA LEU A 17 1.10 -5.41 6.26
C LEU A 17 1.97 -5.41 7.47
N PHE A 18 2.92 -4.56 7.49
CA PHE A 18 3.87 -4.46 8.57
C PHE A 18 4.03 -3.04 9.03
N ARG A 19 4.15 -2.85 10.31
CA ARG A 19 4.44 -1.60 10.89
C ARG A 19 5.70 -1.71 11.60
N PHE A 20 6.31 -0.67 11.60
CA PHE A 20 7.60 -0.54 12.15
C PHE A 20 7.44 -0.07 13.56
N ASP A 21 7.85 -0.88 14.42
CA ASP A 21 7.88 -0.51 15.80
C ASP A 21 9.20 0.01 16.01
N ALA A 22 9.25 1.21 16.18
CA ALA A 22 10.46 1.96 16.44
C ALA A 22 11.00 1.57 17.80
N GLU A 23 10.09 1.20 18.69
CA GLU A 23 10.46 0.73 19.99
C GLU A 23 10.98 -0.68 19.92
N VAL A 24 10.56 -1.42 18.87
CA VAL A 24 11.12 -2.76 18.69
C VAL A 24 12.25 -2.67 17.72
N SER A 25 12.30 -1.51 17.13
CA SER A 25 13.06 -1.24 15.96
C SER A 25 12.74 -2.24 14.92
N GLN A 26 11.50 -2.72 14.89
CA GLN A 26 11.33 -3.76 13.97
C GLN A 26 10.04 -3.66 13.19
N TRP A 27 10.05 -4.23 12.04
CA TRP A 27 8.95 -4.42 11.23
C TRP A 27 8.13 -5.59 11.80
N LYS A 28 6.94 -5.32 12.19
CA LYS A 28 6.05 -6.33 12.74
C LYS A 28 4.79 -6.25 11.98
N GLU A 29 4.22 -7.39 11.68
CA GLU A 29 3.10 -7.42 10.90
C GLU A 29 1.95 -6.78 11.60
N ARG A 30 1.23 -6.09 10.85
CA ARG A 30 0.06 -5.42 11.33
C ARG A 30 -1.07 -6.39 11.18
N GLY A 31 -0.91 -7.22 10.19
CA GLY A 31 -1.82 -8.21 9.89
C GLY A 31 -1.50 -8.79 8.56
N LEU A 32 -2.46 -9.42 8.03
CA LEU A 32 -2.40 -10.17 6.81
C LEU A 32 -3.73 -9.89 6.15
N GLY A 33 -3.79 -9.81 4.85
CA GLY A 33 -5.07 -9.57 4.26
C GLY A 33 -5.03 -9.32 2.80
N ASN A 34 -5.97 -8.56 2.33
CA ASN A 34 -6.15 -8.20 0.96
C ASN A 34 -5.90 -6.79 0.80
N LEU A 35 -5.04 -6.55 -0.08
CA LEU A 35 -4.68 -5.27 -0.43
C LEU A 35 -5.49 -4.88 -1.58
N LYS A 36 -6.22 -3.85 -1.42
CA LYS A 36 -6.98 -3.37 -2.47
C LYS A 36 -6.49 -1.99 -2.80
N ILE A 37 -6.63 -1.64 -4.01
CA ILE A 37 -6.20 -0.36 -4.46
C ILE A 37 -7.37 0.43 -4.80
N LEU A 38 -7.49 1.56 -4.17
CA LEU A 38 -8.50 2.44 -4.58
C LEU A 38 -7.82 3.60 -5.22
N LYS A 39 -8.29 4.00 -6.32
CA LYS A 39 -7.76 5.16 -6.93
C LYS A 39 -8.91 6.04 -7.24
N ASN A 40 -8.77 7.27 -6.92
CA ASN A 40 -9.84 8.23 -7.07
C ASN A 40 -10.27 8.45 -8.50
N GLU A 41 -11.54 8.70 -8.63
CA GLU A 41 -12.24 9.00 -9.87
C GLU A 41 -11.68 10.33 -10.38
N VAL A 42 -11.26 11.15 -9.43
CA VAL A 42 -10.62 12.40 -9.64
C VAL A 42 -9.17 12.12 -10.09
N ASN A 43 -8.72 10.94 -9.69
CA ASN A 43 -7.39 10.41 -9.85
C ASN A 43 -6.41 11.36 -9.19
N GLY A 44 -6.88 11.92 -8.09
CA GLY A 44 -6.07 12.83 -7.32
C GLY A 44 -5.37 12.11 -6.22
N LYS A 45 -6.14 11.36 -5.48
CA LYS A 45 -5.63 10.54 -4.41
C LYS A 45 -5.64 9.10 -4.86
N LEU A 46 -4.55 8.43 -4.70
CA LEU A 46 -4.46 7.08 -5.00
C LEU A 46 -4.14 6.40 -3.70
N ARG A 47 -4.51 5.19 -3.57
CA ARG A 47 -4.26 4.42 -2.34
C ARG A 47 -4.08 2.93 -2.55
N MET A 48 -3.33 2.41 -1.65
CA MET A 48 -3.19 1.03 -1.37
C MET A 48 -3.70 0.92 0.05
N LEU A 49 -4.69 0.17 0.23
CA LEU A 49 -5.23 -0.10 1.52
C LEU A 49 -5.39 -1.57 1.69
N MET A 50 -5.32 -2.02 2.88
CA MET A 50 -5.39 -3.33 3.14
C MET A 50 -6.08 -3.53 4.41
N ARG A 51 -6.88 -4.39 4.29
CA ARG A 51 -7.73 -4.91 5.32
C ARG A 51 -7.17 -6.20 5.72
N ARG A 52 -7.35 -6.47 6.94
CA ARG A 52 -6.97 -7.65 7.47
C ARG A 52 -8.14 -8.48 7.24
N GLU A 53 -7.92 -9.53 6.55
CA GLU A 53 -8.98 -10.34 5.96
C GLU A 53 -9.89 -10.98 6.87
N GLN A 54 -9.40 -11.76 7.74
CA GLN A 54 -10.28 -12.35 8.63
C GLN A 54 -10.60 -11.40 9.78
N VAL A 55 -9.87 -10.30 9.81
CA VAL A 55 -10.03 -9.29 10.81
C VAL A 55 -11.03 -8.20 10.33
N LEU A 56 -11.49 -8.34 9.08
CA LEU A 56 -12.46 -7.55 8.38
C LEU A 56 -12.19 -6.02 8.41
N LYS A 57 -11.08 -5.64 8.86
CA LYS A 57 -10.80 -4.25 8.95
C LYS A 57 -9.51 -3.72 8.29
N VAL A 58 -9.66 -3.06 7.15
CA VAL A 58 -8.66 -2.09 6.67
C VAL A 58 -8.32 -1.03 7.72
N CYS A 59 -7.06 -0.72 7.80
CA CYS A 59 -6.61 0.34 8.65
C CYS A 59 -5.54 1.17 7.95
N ALA A 60 -5.10 0.73 6.76
CA ALA A 60 -4.02 1.33 6.16
C ALA A 60 -4.45 1.89 4.94
N ASN A 61 -4.26 3.08 4.83
CA ASN A 61 -4.44 3.77 3.61
C ASN A 61 -3.17 4.46 3.27
N HIS A 62 -2.46 3.83 2.47
CA HIS A 62 -1.22 4.32 1.95
C HIS A 62 -1.46 4.86 0.55
N TRP A 63 -1.11 6.07 0.30
CA TRP A 63 -1.19 6.65 -1.01
C TRP A 63 0.08 6.28 -1.75
N ILE A 64 -0.03 5.95 -2.99
CA ILE A 64 1.07 5.57 -3.77
C ILE A 64 1.49 6.80 -4.57
N THR A 65 2.62 7.35 -4.21
CA THR A 65 3.10 8.54 -4.83
C THR A 65 4.61 8.56 -4.98
N THR A 66 5.06 9.42 -5.87
CA THR A 66 6.48 9.65 -6.13
C THR A 66 7.08 10.52 -5.02
N THR A 67 6.21 10.94 -4.12
CA THR A 67 6.53 11.78 -2.97
C THR A 67 7.05 10.87 -1.84
N MET A 68 7.18 9.64 -2.19
CA MET A 68 7.51 8.63 -1.34
C MET A 68 8.40 7.71 -2.12
N ASN A 69 9.04 6.89 -1.43
CA ASN A 69 9.96 5.95 -1.96
C ASN A 69 9.81 4.63 -1.22
N LEU A 70 9.99 3.55 -1.94
CA LEU A 70 10.05 2.30 -1.43
C LEU A 70 11.48 1.89 -1.16
N LYS A 71 11.63 1.41 -0.05
CA LYS A 71 12.88 1.10 0.58
C LYS A 71 12.92 -0.37 0.87
N PRO A 72 14.03 -1.05 0.61
CA PRO A 72 14.12 -2.48 0.84
C PRO A 72 14.14 -2.84 2.32
N LEU A 73 13.85 -4.08 2.60
CA LEU A 73 13.78 -4.59 3.94
C LEU A 73 15.09 -5.27 4.29
N SER A 74 15.32 -5.40 5.55
CA SER A 74 16.41 -6.19 6.01
C SER A 74 16.01 -7.61 5.95
N GLY A 75 16.87 -8.43 5.43
CA GLY A 75 16.61 -9.81 5.50
C GLY A 75 15.61 -10.34 4.45
N SER A 76 14.83 -9.44 3.85
CA SER A 76 13.88 -9.78 2.84
C SER A 76 14.54 -9.97 1.53
N ASP A 77 13.80 -10.59 0.72
CA ASP A 77 14.11 -10.92 -0.56
C ASP A 77 13.50 -9.86 -1.36
N ARG A 78 12.23 -9.67 -1.16
CA ARG A 78 11.47 -8.78 -1.97
C ARG A 78 10.28 -8.08 -1.29
N ALA A 79 10.36 -7.90 -0.02
CA ALA A 79 9.37 -7.14 0.68
C ALA A 79 10.04 -5.81 0.96
N TRP A 80 9.34 -4.74 0.74
CA TRP A 80 9.91 -3.41 0.80
C TRP A 80 8.93 -2.58 1.56
N MET A 81 9.38 -1.48 2.01
CA MET A 81 8.65 -0.65 2.83
C MET A 81 8.64 0.64 2.20
N TRP A 82 7.68 1.32 2.49
CA TRP A 82 7.52 2.59 2.00
C TRP A 82 7.11 3.40 3.14
N LEU A 83 7.39 4.62 3.13
CA LEU A 83 6.99 5.37 4.25
C LEU A 83 5.74 6.12 3.92
N ALA A 84 4.76 5.93 4.70
CA ALA A 84 3.47 6.50 4.43
C ALA A 84 2.78 6.90 5.66
N SER A 85 1.93 7.85 5.54
CA SER A 85 1.04 8.13 6.53
C SER A 85 -0.15 7.29 6.32
N ASP A 86 -0.21 6.37 7.15
CA ASP A 86 -1.18 5.38 7.09
C ASP A 86 -2.30 5.73 8.02
N PHE A 87 -3.46 5.87 7.46
CA PHE A 87 -4.67 6.18 8.17
C PHE A 87 -5.80 5.94 7.23
N SER A 88 -6.35 4.76 7.27
CA SER A 88 -7.55 4.53 6.46
C SER A 88 -8.63 5.38 7.07
N ASP A 89 -8.53 5.42 8.37
CA ASP A 89 -9.30 6.18 9.31
C ASP A 89 -8.90 5.60 10.63
N GLY A 90 -7.61 5.22 10.71
CA GLY A 90 -7.22 4.43 11.81
C GLY A 90 -6.49 5.19 12.77
N ASP A 91 -5.34 5.47 12.38
CA ASP A 91 -4.37 6.16 13.22
C ASP A 91 -3.37 6.83 12.38
N ALA A 92 -3.39 8.13 12.42
CA ALA A 92 -2.55 8.92 11.53
C ALA A 92 -1.16 9.09 12.08
N LYS A 93 -0.29 8.30 11.57
CA LYS A 93 1.08 8.36 11.82
C LYS A 93 1.81 8.18 10.51
N LEU A 94 2.94 8.79 10.36
CA LEU A 94 3.78 8.44 9.23
C LEU A 94 4.75 7.44 9.72
N GLU A 95 4.76 6.36 9.08
CA GLU A 95 5.38 5.22 9.47
C GLU A 95 6.04 4.71 8.30
N GLN A 96 6.91 3.91 8.56
CA GLN A 96 7.58 3.26 7.59
C GLN A 96 7.04 1.89 7.72
N LEU A 97 6.40 1.52 6.76
CA LEU A 97 5.67 0.31 6.77
C LEU A 97 5.94 -0.55 5.60
N ALA A 98 5.90 -1.81 5.84
CA ALA A 98 6.30 -2.77 4.87
C ALA A 98 5.18 -3.67 4.49
N ALA A 99 5.34 -4.33 3.39
CA ALA A 99 4.40 -5.31 2.96
C ALA A 99 5.13 -6.42 2.30
N LYS A 100 4.88 -7.59 2.77
CA LYS A 100 5.50 -8.76 2.36
C LYS A 100 4.47 -9.54 1.68
N PHE A 101 4.91 -10.14 0.75
CA PHE A 101 4.16 -11.00 -0.09
C PHE A 101 4.61 -12.42 0.08
N LYS A 102 3.88 -13.34 -0.49
CA LYS A 102 4.15 -14.76 -0.33
C LYS A 102 5.52 -15.16 -0.88
N THR A 103 5.80 -14.76 -2.08
CA THR A 103 7.03 -15.11 -2.75
C THR A 103 7.62 -13.85 -3.34
N PRO A 104 8.89 -13.83 -3.84
CA PRO A 104 9.46 -12.67 -4.50
C PRO A 104 8.77 -12.40 -5.81
N GLU A 105 7.91 -13.24 -6.19
CA GLU A 105 7.12 -13.03 -7.36
C GLU A 105 6.14 -11.93 -7.04
N LEU A 106 5.41 -12.15 -5.97
CA LEU A 106 4.37 -11.24 -5.54
C LEU A 106 5.00 -10.05 -4.95
N ALA A 107 6.05 -10.31 -4.25
CA ALA A 107 6.81 -9.31 -3.62
C ALA A 107 7.55 -8.50 -4.65
N GLU A 108 8.24 -9.14 -5.61
CA GLU A 108 9.03 -8.34 -6.57
C GLU A 108 8.15 -7.59 -7.56
N GLU A 109 7.19 -8.31 -8.13
CA GLU A 109 6.26 -7.73 -9.12
C GLU A 109 5.52 -6.55 -8.56
N PHE A 110 5.16 -6.62 -7.29
CA PHE A 110 4.45 -5.54 -6.69
C PHE A 110 5.31 -4.34 -6.55
N LYS A 111 6.50 -4.52 -6.02
CA LYS A 111 7.40 -3.37 -5.72
C LYS A 111 7.84 -2.62 -6.97
N GLN A 112 8.17 -3.34 -8.00
CA GLN A 112 8.57 -2.74 -9.26
C GLN A 112 7.40 -2.00 -9.87
N LYS A 113 6.25 -2.64 -9.84
CA LYS A 113 5.03 -2.09 -10.40
C LYS A 113 4.62 -0.91 -9.56
N PHE A 114 5.02 -0.97 -8.33
CA PHE A 114 4.66 0.05 -7.32
C PHE A 114 5.32 1.37 -7.69
N GLU A 115 6.63 1.35 -7.86
CA GLU A 115 7.37 2.54 -8.22
C GLU A 115 7.00 2.98 -9.65
N GLU A 116 6.65 1.98 -10.50
CA GLU A 116 6.22 2.21 -11.86
C GLU A 116 4.98 3.07 -11.83
N CYS A 117 3.98 2.62 -11.09
CA CYS A 117 2.78 3.26 -10.92
C CYS A 117 2.96 4.63 -10.35
N GLN A 118 3.97 4.78 -9.47
CA GLN A 118 4.23 6.08 -8.89
C GLN A 118 4.49 7.06 -10.00
N ARG A 119 5.39 6.69 -10.91
CA ARG A 119 5.76 7.56 -12.00
C ARG A 119 4.69 7.71 -13.04
N LEU A 120 4.23 6.61 -13.38
CA LEU A 120 3.33 6.41 -14.48
C LEU A 120 1.88 6.82 -14.30
N LEU A 121 1.25 6.41 -13.16
CA LEU A 121 -0.24 6.51 -12.94
C LEU A 121 -0.72 7.95 -13.01
N LEU A 122 0.20 8.76 -12.81
CA LEU A 122 0.11 10.17 -12.82
C LEU A 122 -0.21 10.80 -14.19
N ASP A 123 0.42 10.31 -15.22
CA ASP A 123 0.42 11.01 -16.51
C ASP A 123 -0.37 10.25 -17.51
N ILE A 124 -0.40 8.99 -17.30
CA ILE A 124 -1.01 8.06 -18.14
C ILE A 124 -2.53 8.19 -18.09
N PRO A 125 -3.21 7.92 -19.20
CA PRO A 125 -4.66 7.94 -19.26
C PRO A 125 -5.23 7.07 -18.14
N LEU A 126 -6.19 7.63 -17.45
CA LEU A 126 -6.71 7.16 -16.16
C LEU A 126 -7.63 5.94 -16.32
N GLN A 127 -7.22 4.98 -17.17
CA GLN A 127 -7.99 3.80 -17.52
C GLN A 127 -9.23 4.20 -18.31
N THR A 128 -9.14 5.35 -18.90
CA THR A 128 -10.14 5.90 -19.76
C THR A 128 -9.94 5.22 -21.14
N PRO A 129 -11.01 5.03 -21.98
CA PRO A 129 -10.89 4.34 -23.27
C PRO A 129 -9.77 4.92 -24.14
N LYS A 130 -8.98 4.03 -24.62
CA LYS A 130 -7.80 4.35 -25.35
C LYS A 130 -7.58 3.29 -26.42
N GLY A 1 -14.42 12.51 9.70
CA GLY A 1 -15.32 12.35 8.55
C GLY A 1 -14.96 11.15 7.76
N SER A 2 -15.85 10.69 6.90
CA SER A 2 -15.58 9.53 6.11
C SER A 2 -16.23 9.63 4.73
N GLY A 3 -15.71 10.52 3.95
CA GLY A 3 -16.19 10.71 2.61
C GLY A 3 -15.07 10.40 1.67
N GLU A 4 -14.68 9.16 1.66
CA GLU A 4 -13.58 8.72 0.87
C GLU A 4 -13.98 7.66 -0.09
N GLU A 5 -14.87 8.03 -0.94
CA GLU A 5 -15.24 7.29 -2.04
C GLU A 5 -14.75 8.09 -3.18
N ASP A 6 -15.37 7.99 -4.31
CA ASP A 6 -14.89 8.64 -5.57
C ASP A 6 -13.74 7.88 -6.16
N GLU A 7 -13.21 7.05 -5.40
CA GLU A 7 -12.10 6.33 -5.71
C GLU A 7 -12.50 4.95 -5.99
N LYS A 8 -11.88 4.46 -6.94
CA LYS A 8 -12.26 3.25 -7.51
C LYS A 8 -11.25 2.15 -7.28
N VAL A 9 -11.74 0.95 -7.20
CA VAL A 9 -10.96 -0.21 -6.96
C VAL A 9 -10.37 -0.65 -8.28
N LEU A 10 -9.09 -0.67 -8.30
CA LEU A 10 -8.36 -1.13 -9.47
C LEU A 10 -8.00 -2.61 -9.37
N TYR A 11 -7.50 -3.00 -8.22
CA TYR A 11 -7.14 -4.40 -7.97
C TYR A 11 -7.02 -4.65 -6.48
N SER A 12 -7.32 -5.87 -6.07
CA SER A 12 -7.24 -6.30 -4.73
C SER A 12 -6.45 -7.64 -4.65
N GLN A 13 -5.50 -7.76 -3.70
CA GLN A 13 -4.73 -9.02 -3.56
C GLN A 13 -4.30 -9.34 -2.12
N ARG A 14 -4.05 -10.60 -1.83
CA ARG A 14 -3.70 -11.04 -0.50
C ARG A 14 -2.25 -10.69 -0.22
N VAL A 15 -2.06 -9.92 0.79
CA VAL A 15 -0.77 -9.44 1.21
C VAL A 15 -0.66 -9.59 2.73
N LYS A 16 0.51 -9.36 3.26
CA LYS A 16 0.75 -9.32 4.70
C LYS A 16 1.16 -7.89 5.01
N LEU A 17 0.56 -7.24 6.03
CA LEU A 17 0.90 -5.89 6.34
C LEU A 17 1.76 -5.92 7.55
N PHE A 18 2.73 -5.11 7.57
CA PHE A 18 3.69 -5.02 8.64
C PHE A 18 3.89 -3.58 9.06
N ARG A 19 4.08 -3.37 10.33
CA ARG A 19 4.45 -2.15 10.82
C ARG A 19 5.79 -2.20 11.43
N PHE A 20 6.42 -1.14 11.30
CA PHE A 20 7.76 -0.96 11.72
C PHE A 20 7.75 -0.23 13.02
N ASP A 21 8.36 -0.81 13.93
CA ASP A 21 8.66 -0.14 15.15
C ASP A 21 9.98 0.42 14.96
N ALA A 22 10.05 1.63 15.03
CA ALA A 22 11.29 2.36 14.94
C ALA A 22 12.12 2.08 16.16
N GLU A 23 11.45 1.96 17.28
CA GLU A 23 12.08 1.76 18.54
C GLU A 23 12.47 0.30 18.69
N VAL A 24 11.78 -0.59 17.99
CA VAL A 24 12.21 -1.98 18.03
C VAL A 24 13.05 -2.25 16.83
N SER A 25 13.03 -1.26 15.96
CA SER A 25 13.52 -1.38 14.62
C SER A 25 12.93 -2.58 14.00
N GLN A 26 11.68 -2.87 14.33
CA GLN A 26 11.25 -4.10 13.83
C GLN A 26 9.97 -4.00 13.02
N TRP A 27 9.89 -4.81 12.02
CA TRP A 27 8.78 -4.94 11.21
C TRP A 27 7.95 -6.14 11.69
N LYS A 28 6.81 -5.86 12.24
CA LYS A 28 5.95 -6.90 12.73
C LYS A 28 4.65 -6.79 12.00
N GLU A 29 4.01 -7.91 11.76
CA GLU A 29 2.90 -7.91 10.98
C GLU A 29 1.78 -7.29 11.71
N ARG A 30 1.03 -6.58 11.00
CA ARG A 30 -0.13 -5.97 11.56
C ARG A 30 -1.23 -6.95 11.40
N GLY A 31 -1.19 -7.60 10.27
CA GLY A 31 -2.12 -8.56 9.90
C GLY A 31 -1.85 -8.96 8.48
N LEU A 32 -2.82 -9.50 7.87
CA LEU A 32 -2.79 -9.99 6.52
C LEU A 32 -4.12 -9.64 5.92
N GLY A 33 -4.20 -9.58 4.64
CA GLY A 33 -5.44 -9.30 4.03
C GLY A 33 -5.33 -8.97 2.59
N ASN A 34 -6.28 -8.24 2.14
CA ASN A 34 -6.39 -7.81 0.78
C ASN A 34 -5.95 -6.43 0.66
N LEU A 35 -5.02 -6.30 -0.17
CA LEU A 35 -4.50 -5.07 -0.53
C LEU A 35 -5.33 -4.59 -1.66
N LYS A 36 -5.92 -3.49 -1.48
CA LYS A 36 -6.77 -2.97 -2.44
C LYS A 36 -6.29 -1.57 -2.82
N ILE A 37 -6.45 -1.24 -4.04
CA ILE A 37 -6.07 0.05 -4.53
C ILE A 37 -7.28 0.81 -4.85
N LEU A 38 -7.42 1.94 -4.21
CA LEU A 38 -8.43 2.84 -4.64
C LEU A 38 -7.77 4.05 -5.24
N LYS A 39 -8.24 4.41 -6.38
CA LYS A 39 -7.74 5.56 -7.08
C LYS A 39 -8.84 6.53 -7.24
N ASN A 40 -8.62 7.76 -6.86
CA ASN A 40 -9.64 8.80 -7.01
C ASN A 40 -10.01 9.03 -8.44
N GLU A 41 -11.29 9.35 -8.64
CA GLU A 41 -11.87 9.65 -9.93
C GLU A 41 -11.26 10.96 -10.42
N VAL A 42 -10.85 11.74 -9.43
CA VAL A 42 -10.21 12.98 -9.57
C VAL A 42 -8.79 12.75 -10.09
N ASN A 43 -8.31 11.50 -9.89
CA ASN A 43 -6.96 11.04 -10.26
C ASN A 43 -5.98 11.77 -9.35
N GLY A 44 -6.51 12.24 -8.23
CA GLY A 44 -5.73 13.04 -7.34
C GLY A 44 -4.91 12.21 -6.42
N LYS A 45 -5.56 11.56 -5.51
CA LYS A 45 -4.86 10.70 -4.61
C LYS A 45 -5.11 9.26 -4.96
N LEU A 46 -4.10 8.46 -4.76
CA LEU A 46 -4.17 7.10 -5.01
C LEU A 46 -3.90 6.45 -3.69
N ARG A 47 -4.40 5.30 -3.50
CA ARG A 47 -4.09 4.54 -2.27
C ARG A 47 -4.01 3.05 -2.48
N MET A 48 -3.24 2.45 -1.62
CA MET A 48 -3.20 1.07 -1.35
C MET A 48 -3.65 0.94 0.07
N LEU A 49 -4.68 0.27 0.26
CA LEU A 49 -5.10 -0.05 1.58
C LEU A 49 -5.27 -1.49 1.72
N MET A 50 -5.11 -1.96 2.88
CA MET A 50 -5.26 -3.26 3.13
C MET A 50 -6.05 -3.41 4.33
N ARG A 51 -6.96 -4.12 4.12
CA ARG A 51 -7.96 -4.52 5.06
C ARG A 51 -7.65 -5.91 5.40
N ARG A 52 -7.80 -6.17 6.63
CA ARG A 52 -7.54 -7.41 7.13
C ARG A 52 -8.78 -8.13 6.87
N GLU A 53 -8.63 -9.17 6.17
CA GLU A 53 -9.73 -9.91 5.56
C GLU A 53 -10.76 -10.39 6.47
N GLN A 54 -10.43 -11.28 7.31
CA GLN A 54 -11.44 -11.75 8.17
C GLN A 54 -11.65 -10.80 9.35
N VAL A 55 -10.77 -9.83 9.43
CA VAL A 55 -10.81 -8.81 10.43
C VAL A 55 -11.68 -7.62 9.94
N LEU A 56 -12.13 -7.70 8.67
CA LEU A 56 -12.99 -6.80 7.95
C LEU A 56 -12.54 -5.30 8.01
N LYS A 57 -11.41 -5.07 8.48
CA LYS A 57 -10.97 -3.73 8.66
C LYS A 57 -9.62 -3.32 8.02
N VAL A 58 -9.71 -2.55 6.94
CA VAL A 58 -8.63 -1.65 6.49
C VAL A 58 -7.81 -1.10 7.65
N CYS A 59 -6.55 -1.42 7.62
CA CYS A 59 -5.65 -1.01 8.65
C CYS A 59 -4.72 0.09 8.14
N ALA A 60 -4.36 0.05 6.85
CA ALA A 60 -3.45 0.96 6.35
C ALA A 60 -3.90 1.47 5.08
N ASN A 61 -3.89 2.70 5.01
CA ASN A 61 -4.17 3.44 3.83
C ASN A 61 -2.96 4.21 3.43
N HIS A 62 -2.27 3.65 2.56
CA HIS A 62 -1.07 4.25 1.99
C HIS A 62 -1.35 4.85 0.63
N TRP A 63 -1.02 6.07 0.45
CA TRP A 63 -1.09 6.70 -0.84
C TRP A 63 0.18 6.36 -1.53
N ILE A 64 0.07 5.79 -2.67
CA ILE A 64 1.20 5.37 -3.36
C ILE A 64 1.47 6.35 -4.50
N THR A 65 2.50 7.04 -4.34
CA THR A 65 2.87 8.10 -5.21
C THR A 65 4.37 8.19 -5.34
N THR A 66 4.80 8.95 -6.31
CA THR A 66 6.18 9.28 -6.51
C THR A 66 6.62 10.35 -5.52
N THR A 67 5.68 10.83 -4.76
CA THR A 67 5.88 11.89 -3.82
C THR A 67 6.30 11.27 -2.48
N MET A 68 6.46 9.96 -2.51
CA MET A 68 6.73 9.22 -1.43
C MET A 68 7.51 8.02 -1.97
N ASN A 69 8.01 7.19 -1.13
CA ASN A 69 9.01 6.21 -1.51
C ASN A 69 8.85 4.83 -0.86
N LEU A 70 9.28 3.82 -1.60
CA LEU A 70 9.41 2.52 -1.19
C LEU A 70 10.83 2.22 -0.88
N LYS A 71 10.98 1.63 0.18
CA LYS A 71 12.24 1.21 0.72
C LYS A 71 12.23 -0.30 0.85
N PRO A 72 13.37 -0.97 0.63
CA PRO A 72 13.46 -2.41 0.88
C PRO A 72 13.39 -2.70 2.38
N LEU A 73 12.96 -3.87 2.72
CA LEU A 73 12.78 -4.29 4.10
C LEU A 73 14.11 -4.72 4.68
N SER A 74 14.17 -4.87 5.98
CA SER A 74 15.30 -5.47 6.60
C SER A 74 15.36 -6.89 6.20
N GLY A 75 16.37 -7.24 5.50
CA GLY A 75 16.52 -8.60 5.22
C GLY A 75 15.78 -9.05 3.96
N SER A 76 14.82 -8.27 3.49
CA SER A 76 14.15 -8.58 2.28
C SER A 76 14.33 -7.47 1.30
N ASP A 77 14.62 -7.82 0.10
CA ASP A 77 14.86 -6.93 -0.94
C ASP A 77 13.62 -6.84 -1.73
N ARG A 78 12.89 -7.92 -1.67
CA ARG A 78 11.81 -8.13 -2.51
C ARG A 78 10.48 -7.75 -1.88
N ALA A 79 10.49 -7.52 -0.61
CA ALA A 79 9.34 -7.03 0.11
C ALA A 79 9.67 -5.59 0.40
N TRP A 80 8.69 -4.76 0.49
CA TRP A 80 8.90 -3.38 0.52
C TRP A 80 8.27 -2.77 1.70
N MET A 81 8.72 -1.63 2.02
CA MET A 81 8.21 -0.86 3.04
C MET A 81 8.06 0.47 2.52
N TRP A 82 7.09 1.07 2.93
CA TRP A 82 6.70 2.28 2.46
C TRP A 82 6.43 3.10 3.65
N LEU A 83 6.83 4.27 3.62
CA LEU A 83 6.55 5.06 4.75
C LEU A 83 5.44 5.98 4.40
N ALA A 84 4.42 5.94 5.17
CA ALA A 84 3.25 6.72 4.90
C ALA A 84 2.62 7.14 6.15
N SER A 85 1.81 8.12 6.05
CA SER A 85 0.96 8.44 7.07
C SER A 85 -0.23 7.64 6.93
N ASP A 86 -0.25 6.70 7.75
CA ASP A 86 -1.23 5.75 7.77
C ASP A 86 -1.86 5.57 9.11
N PHE A 87 -3.20 5.48 9.08
CA PHE A 87 -4.02 4.90 10.05
C PHE A 87 -5.49 5.11 9.73
N SER A 88 -6.01 4.21 9.02
CA SER A 88 -7.39 4.10 8.70
C SER A 88 -8.13 3.71 9.95
N ASP A 89 -7.39 3.06 10.84
CA ASP A 89 -7.97 2.51 11.98
C ASP A 89 -7.28 3.14 13.15
N GLY A 90 -6.87 4.35 12.93
CA GLY A 90 -6.14 5.01 13.93
C GLY A 90 -5.87 6.44 13.69
N ASP A 91 -6.10 6.86 12.47
CA ASP A 91 -5.89 8.27 12.01
C ASP A 91 -4.46 8.47 11.59
N ALA A 92 -4.27 9.04 10.43
CA ALA A 92 -3.01 8.93 9.72
C ALA A 92 -1.85 9.70 10.32
N LYS A 93 -0.86 8.94 10.73
CA LYS A 93 0.41 9.42 11.22
C LYS A 93 1.42 8.53 10.53
N LEU A 94 2.63 8.91 10.48
CA LEU A 94 3.58 8.15 9.71
C LEU A 94 4.34 7.16 10.51
N GLU A 95 4.32 6.00 9.97
CA GLU A 95 4.93 4.88 10.43
C GLU A 95 5.36 4.24 9.17
N GLN A 96 6.21 3.38 9.29
CA GLN A 96 6.78 2.82 8.22
C GLN A 96 6.20 1.46 8.18
N LEU A 97 5.52 1.21 7.20
CA LEU A 97 4.83 -0.02 7.05
C LEU A 97 5.37 -0.79 5.90
N ALA A 98 5.35 -2.07 6.04
CA ALA A 98 5.83 -2.94 5.04
C ALA A 98 4.76 -3.88 4.61
N ALA A 99 4.94 -4.45 3.48
CA ALA A 99 4.07 -5.44 2.99
C ALA A 99 4.87 -6.40 2.20
N LYS A 100 4.63 -7.66 2.39
CA LYS A 100 5.32 -8.63 1.74
C LYS A 100 4.36 -9.57 1.18
N PHE A 101 4.74 -10.02 0.12
CA PHE A 101 4.01 -11.01 -0.59
C PHE A 101 4.51 -12.39 -0.24
N LYS A 102 3.78 -13.39 -0.70
CA LYS A 102 4.02 -14.81 -0.42
C LYS A 102 5.50 -15.20 -0.51
N THR A 103 6.13 -14.84 -1.59
CA THR A 103 7.52 -15.15 -1.82
C THR A 103 8.10 -13.96 -2.52
N PRO A 104 9.45 -13.82 -2.64
CA PRO A 104 10.08 -12.79 -3.47
C PRO A 104 9.63 -12.81 -4.92
N GLU A 105 8.95 -13.81 -5.29
CA GLU A 105 8.40 -13.92 -6.63
C GLU A 105 7.27 -12.90 -6.75
N LEU A 106 6.36 -13.00 -5.81
CA LEU A 106 5.19 -12.18 -5.75
C LEU A 106 5.61 -10.82 -5.30
N ALA A 107 6.53 -10.84 -4.37
CA ALA A 107 7.08 -9.67 -3.79
C ALA A 107 7.93 -8.93 -4.80
N GLU A 108 8.83 -9.63 -5.50
CA GLU A 108 9.78 -8.90 -6.37
C GLU A 108 9.09 -8.25 -7.54
N GLU A 109 8.31 -9.03 -8.23
CA GLU A 109 7.66 -8.56 -9.43
C GLU A 109 6.65 -7.46 -9.12
N PHE A 110 6.02 -7.55 -7.96
CA PHE A 110 5.09 -6.53 -7.54
C PHE A 110 5.86 -5.26 -7.20
N LYS A 111 6.94 -5.41 -6.45
CA LYS A 111 7.75 -4.25 -5.96
C LYS A 111 8.23 -3.41 -7.11
N GLN A 112 8.76 -4.07 -8.08
CA GLN A 112 9.27 -3.43 -9.31
C GLN A 112 8.16 -2.64 -9.97
N LYS A 113 7.03 -3.31 -10.17
CA LYS A 113 5.86 -2.72 -10.81
C LYS A 113 5.39 -1.59 -9.98
N PHE A 114 5.55 -1.76 -8.73
CA PHE A 114 5.08 -0.82 -7.71
C PHE A 114 5.73 0.58 -7.82
N GLU A 115 7.06 0.66 -7.85
CA GLU A 115 7.72 1.95 -8.06
C GLU A 115 7.39 2.48 -9.44
N GLU A 116 7.15 1.60 -10.40
CA GLU A 116 6.75 2.04 -11.70
C GLU A 116 5.33 2.64 -11.65
N CYS A 117 4.44 1.99 -10.88
CA CYS A 117 3.13 2.40 -10.66
C CYS A 117 3.09 3.75 -10.04
N GLN A 118 4.08 4.05 -9.23
CA GLN A 118 4.18 5.35 -8.64
C GLN A 118 4.15 6.41 -9.74
N ARG A 119 4.96 6.21 -10.78
CA ARG A 119 4.98 7.13 -11.94
C ARG A 119 3.75 6.96 -12.80
N LEU A 120 3.54 5.76 -13.07
CA LEU A 120 2.60 5.30 -14.02
C LEU A 120 1.14 5.38 -13.68
N LEU A 121 0.75 4.94 -12.47
CA LEU A 121 -0.68 4.75 -12.05
C LEU A 121 -1.43 6.10 -12.13
N LEU A 122 -0.65 7.10 -12.05
CA LEU A 122 -1.02 8.49 -12.15
C LEU A 122 -1.48 8.93 -13.53
N ASP A 123 -0.77 8.48 -14.53
CA ASP A 123 -0.90 9.02 -15.88
C ASP A 123 -1.76 8.15 -16.69
N ILE A 124 -1.71 6.92 -16.36
CA ILE A 124 -2.34 5.91 -17.07
C ILE A 124 -3.86 5.96 -16.94
N PRO A 125 -4.58 5.89 -18.06
CA PRO A 125 -6.01 5.76 -18.05
C PRO A 125 -6.39 4.38 -17.56
N LEU A 126 -7.55 4.26 -16.97
CA LEU A 126 -8.00 2.97 -16.52
C LEU A 126 -8.47 2.22 -17.75
N GLN A 127 -7.64 1.38 -18.27
CA GLN A 127 -8.03 0.58 -19.37
C GLN A 127 -8.90 -0.52 -18.85
N THR A 128 -10.15 -0.47 -19.17
CA THR A 128 -11.07 -1.43 -18.70
C THR A 128 -10.90 -2.71 -19.50
N PRO A 129 -11.09 -3.87 -18.86
CA PRO A 129 -10.90 -5.15 -19.49
C PRO A 129 -11.85 -5.35 -20.64
N LYS A 130 -11.31 -5.73 -21.72
CA LYS A 130 -12.04 -5.89 -22.93
C LYS A 130 -12.61 -7.28 -22.99
N GLY A 1 -14.21 18.60 1.63
CA GLY A 1 -13.26 18.01 0.71
C GLY A 1 -13.95 17.56 -0.55
N SER A 2 -13.25 17.56 -1.65
CA SER A 2 -13.84 17.15 -2.88
C SER A 2 -13.43 15.73 -3.23
N GLY A 3 -14.27 14.78 -2.87
CA GLY A 3 -14.00 13.42 -3.21
C GLY A 3 -13.35 12.65 -2.10
N GLU A 4 -14.17 12.08 -1.24
CA GLU A 4 -13.68 11.22 -0.18
C GLU A 4 -13.32 9.86 -0.74
N GLU A 5 -14.09 9.44 -1.73
CA GLU A 5 -13.87 8.24 -2.42
C GLU A 5 -13.30 8.49 -3.78
N ASP A 6 -13.97 8.02 -4.80
CA ASP A 6 -13.57 8.21 -6.23
C ASP A 6 -12.44 7.28 -6.59
N GLU A 7 -12.08 6.51 -5.66
CA GLU A 7 -11.03 5.63 -5.80
C GLU A 7 -11.60 4.28 -5.82
N LYS A 8 -11.06 3.52 -6.67
CA LYS A 8 -11.56 2.23 -6.90
C LYS A 8 -10.50 1.18 -6.78
N VAL A 9 -10.93 -0.06 -6.59
CA VAL A 9 -10.07 -1.17 -6.45
C VAL A 9 -9.44 -1.47 -7.78
N LEU A 10 -8.17 -1.37 -7.80
CA LEU A 10 -7.37 -1.74 -8.95
C LEU A 10 -7.16 -3.23 -8.93
N TYR A 11 -6.74 -3.70 -7.79
CA TYR A 11 -6.48 -5.09 -7.58
C TYR A 11 -6.45 -5.35 -6.10
N SER A 12 -6.84 -6.53 -5.71
CA SER A 12 -6.83 -6.95 -4.38
C SER A 12 -5.98 -8.22 -4.27
N GLN A 13 -5.04 -8.26 -3.33
CA GLN A 13 -4.21 -9.46 -3.17
C GLN A 13 -3.77 -9.70 -1.75
N ARG A 14 -3.49 -10.95 -1.40
CA ARG A 14 -3.18 -11.32 -0.06
C ARG A 14 -1.77 -10.93 0.28
N VAL A 15 -1.67 -10.12 1.28
CA VAL A 15 -0.46 -9.53 1.69
C VAL A 15 -0.33 -9.66 3.20
N LYS A 16 0.81 -9.38 3.72
CA LYS A 16 1.06 -9.32 5.13
C LYS A 16 1.45 -7.88 5.42
N LEU A 17 0.85 -7.23 6.44
CA LEU A 17 1.17 -5.86 6.72
C LEU A 17 2.03 -5.85 7.93
N PHE A 18 2.98 -5.00 7.93
CA PHE A 18 3.91 -4.87 9.00
C PHE A 18 4.04 -3.43 9.37
N ARG A 19 4.36 -3.18 10.60
CA ARG A 19 4.72 -1.95 11.04
C ARG A 19 6.10 -1.97 11.47
N PHE A 20 6.67 -0.89 11.25
CA PHE A 20 8.01 -0.65 11.54
C PHE A 20 8.00 -0.06 12.88
N ASP A 21 8.69 -0.67 13.72
CA ASP A 21 8.84 -0.16 15.02
C ASP A 21 9.97 0.72 15.04
N ALA A 22 9.70 1.86 15.36
CA ALA A 22 10.68 2.89 15.56
C ALA A 22 11.46 2.59 16.82
N GLU A 23 10.74 2.05 17.79
CA GLU A 23 11.30 1.74 19.07
C GLU A 23 12.11 0.46 18.97
N VAL A 24 11.68 -0.44 18.09
CA VAL A 24 12.37 -1.73 17.98
C VAL A 24 13.24 -1.76 16.77
N SER A 25 13.09 -0.73 15.98
CA SER A 25 13.63 -0.66 14.65
C SER A 25 13.21 -1.85 13.88
N GLN A 26 12.00 -2.33 14.15
CA GLN A 26 11.76 -3.59 13.53
C GLN A 26 10.43 -3.68 12.77
N TRP A 27 10.43 -4.41 11.67
CA TRP A 27 9.27 -4.66 10.93
C TRP A 27 8.53 -5.87 11.53
N LYS A 28 7.38 -5.61 12.08
CA LYS A 28 6.57 -6.64 12.75
C LYS A 28 5.19 -6.56 12.21
N GLU A 29 4.55 -7.70 12.00
CA GLU A 29 3.35 -7.72 11.33
C GLU A 29 2.27 -7.07 12.11
N ARG A 30 1.45 -6.44 11.38
CA ARG A 30 0.31 -5.78 11.92
C ARG A 30 -0.86 -6.70 11.80
N GLY A 31 -0.86 -7.36 10.68
CA GLY A 31 -1.87 -8.25 10.33
C GLY A 31 -1.59 -8.74 8.97
N LEU A 32 -2.42 -9.55 8.49
CA LEU A 32 -2.29 -10.20 7.21
C LEU A 32 -3.66 -10.07 6.56
N GLY A 33 -3.72 -9.98 5.25
CA GLY A 33 -5.02 -9.87 4.62
C GLY A 33 -4.94 -9.72 3.14
N ASN A 34 -5.70 -8.78 2.64
CA ASN A 34 -5.87 -8.49 1.24
C ASN A 34 -5.66 -7.06 1.06
N LEU A 35 -4.79 -6.79 0.20
CA LEU A 35 -4.43 -5.51 -0.10
C LEU A 35 -5.24 -5.03 -1.25
N LYS A 36 -5.95 -4.00 -1.01
CA LYS A 36 -6.68 -3.39 -2.03
C LYS A 36 -5.98 -2.12 -2.41
N ILE A 37 -6.00 -1.81 -3.63
CA ILE A 37 -5.49 -0.57 -4.09
C ILE A 37 -6.64 0.22 -4.50
N LEU A 38 -6.75 1.38 -3.96
CA LEU A 38 -7.77 2.24 -4.43
C LEU A 38 -7.09 3.34 -5.16
N LYS A 39 -7.58 3.60 -6.31
CA LYS A 39 -7.03 4.62 -7.13
C LYS A 39 -8.11 5.54 -7.58
N ASN A 40 -7.86 6.80 -7.40
CA ASN A 40 -8.81 7.85 -7.82
C ASN A 40 -8.99 7.88 -9.32
N GLU A 41 -10.21 8.18 -9.73
CA GLU A 41 -10.56 8.34 -11.05
C GLU A 41 -10.21 9.76 -11.47
N VAL A 42 -10.02 10.61 -10.48
CA VAL A 42 -9.52 11.92 -10.64
C VAL A 42 -8.02 11.79 -10.87
N ASN A 43 -7.54 10.60 -10.46
CA ASN A 43 -6.15 10.19 -10.51
C ASN A 43 -5.37 11.15 -9.66
N GLY A 44 -5.98 11.50 -8.54
CA GLY A 44 -5.36 12.37 -7.60
C GLY A 44 -4.17 11.68 -7.01
N LYS A 45 -4.44 10.68 -6.23
CA LYS A 45 -3.41 9.88 -5.67
C LYS A 45 -3.94 8.47 -5.60
N LEU A 46 -3.09 7.52 -5.39
CA LEU A 46 -3.49 6.19 -5.30
C LEU A 46 -3.16 5.73 -3.90
N ARG A 47 -3.86 4.76 -3.44
CA ARG A 47 -3.61 4.17 -2.10
C ARG A 47 -3.45 2.69 -2.19
N MET A 48 -2.79 2.18 -1.22
CA MET A 48 -2.66 0.79 -0.94
C MET A 48 -3.24 0.64 0.44
N LEU A 49 -4.24 -0.10 0.59
CA LEU A 49 -4.72 -0.43 1.89
C LEU A 49 -4.86 -1.88 2.05
N MET A 50 -4.73 -2.33 3.23
CA MET A 50 -4.81 -3.64 3.48
C MET A 50 -5.60 -3.84 4.69
N ARG A 51 -6.50 -4.59 4.45
CA ARG A 51 -7.50 -5.05 5.36
C ARG A 51 -7.23 -6.47 5.60
N ARG A 52 -7.55 -6.84 6.74
CA ARG A 52 -7.41 -8.11 7.19
C ARG A 52 -8.72 -8.71 6.89
N GLU A 53 -8.67 -9.77 6.17
CA GLU A 53 -9.83 -10.40 5.54
C GLU A 53 -10.79 -10.86 6.49
N GLN A 54 -10.43 -11.83 7.20
CA GLN A 54 -11.37 -12.33 8.13
C GLN A 54 -11.47 -11.43 9.36
N VAL A 55 -10.59 -10.47 9.44
CA VAL A 55 -10.54 -9.52 10.49
C VAL A 55 -11.35 -8.24 10.12
N LEU A 56 -11.88 -8.22 8.87
CA LEU A 56 -12.72 -7.21 8.26
C LEU A 56 -12.16 -5.76 8.34
N LYS A 57 -10.97 -5.64 8.74
CA LYS A 57 -10.43 -4.34 8.99
C LYS A 57 -9.10 -3.93 8.30
N VAL A 58 -9.21 -3.09 7.27
CA VAL A 58 -8.10 -2.22 6.83
C VAL A 58 -7.30 -1.64 8.00
N CYS A 59 -6.02 -1.88 7.99
CA CYS A 59 -5.16 -1.41 9.04
C CYS A 59 -4.19 -0.33 8.54
N ALA A 60 -3.97 -0.23 7.22
CA ALA A 60 -3.12 0.79 6.72
C ALA A 60 -3.65 1.24 5.46
N ASN A 61 -3.90 2.45 5.42
CA ASN A 61 -4.16 3.11 4.17
C ASN A 61 -2.99 3.96 3.83
N HIS A 62 -2.24 3.46 2.95
CA HIS A 62 -1.04 4.09 2.42
C HIS A 62 -1.37 4.76 1.11
N TRP A 63 -1.10 6.00 0.99
CA TRP A 63 -1.14 6.65 -0.28
C TRP A 63 0.21 6.43 -0.92
N ILE A 64 0.20 6.09 -2.16
CA ILE A 64 1.37 5.84 -2.89
C ILE A 64 1.62 7.02 -3.80
N THR A 65 2.69 7.69 -3.52
CA THR A 65 3.05 8.90 -4.17
C THR A 65 4.54 8.98 -4.33
N THR A 66 4.96 9.88 -5.18
CA THR A 66 6.36 10.17 -5.40
C THR A 66 6.93 10.99 -4.24
N THR A 67 6.05 11.34 -3.32
CA THR A 67 6.36 12.11 -2.14
C THR A 67 6.92 11.13 -1.09
N MET A 68 6.87 9.89 -1.44
CA MET A 68 7.25 8.84 -0.69
C MET A 68 8.07 7.93 -1.57
N ASN A 69 8.74 7.10 -0.96
CA ASN A 69 9.63 6.18 -1.56
C ASN A 69 9.52 4.85 -0.83
N LEU A 70 9.52 3.78 -1.60
CA LEU A 70 9.57 2.51 -1.13
C LEU A 70 10.99 2.07 -0.95
N LYS A 71 11.19 1.48 0.11
CA LYS A 71 12.52 1.09 0.57
C LYS A 71 12.43 -0.35 1.05
N PRO A 72 13.41 -1.20 0.78
CA PRO A 72 13.33 -2.61 1.17
C PRO A 72 13.85 -2.89 2.58
N LEU A 73 13.37 -3.98 3.15
CA LEU A 73 13.83 -4.48 4.38
C LEU A 73 14.89 -5.52 4.14
N SER A 74 15.59 -5.87 5.17
CA SER A 74 16.49 -6.98 5.11
C SER A 74 15.73 -8.24 5.10
N GLY A 75 16.25 -9.21 4.41
CA GLY A 75 15.67 -10.49 4.45
C GLY A 75 14.35 -10.56 3.67
N SER A 76 14.12 -9.54 2.87
CA SER A 76 12.98 -9.43 2.04
C SER A 76 13.13 -10.28 0.80
N ASP A 77 12.02 -10.84 0.43
CA ASP A 77 11.86 -11.59 -0.75
C ASP A 77 11.77 -10.56 -1.79
N ARG A 78 10.82 -9.69 -1.53
CA ARG A 78 10.60 -8.52 -2.29
C ARG A 78 9.51 -7.70 -1.62
N ALA A 79 9.73 -7.52 -0.40
CA ALA A 79 8.88 -6.81 0.46
C ALA A 79 9.55 -5.49 0.73
N TRP A 80 8.79 -4.44 0.74
CA TRP A 80 9.31 -3.09 0.82
C TRP A 80 8.41 -2.38 1.77
N MET A 81 8.87 -1.31 2.25
CA MET A 81 8.21 -0.54 3.17
C MET A 81 8.13 0.79 2.62
N TRP A 82 7.20 1.46 3.04
CA TRP A 82 6.93 2.72 2.57
C TRP A 82 6.72 3.50 3.79
N LEU A 83 7.08 4.71 3.80
CA LEU A 83 6.66 5.45 4.90
C LEU A 83 5.49 6.24 4.43
N ALA A 84 4.43 6.10 5.08
CA ALA A 84 3.23 6.69 4.61
C ALA A 84 2.46 7.16 5.72
N SER A 85 1.61 8.05 5.47
CA SER A 85 0.66 8.29 6.40
C SER A 85 -0.44 7.42 6.16
N ASP A 86 -0.75 6.79 7.15
CA ASP A 86 -1.82 5.95 7.21
C ASP A 86 -2.96 6.61 7.93
N PHE A 87 -4.12 6.40 7.42
CA PHE A 87 -5.38 6.72 8.03
C PHE A 87 -6.32 5.87 7.31
N SER A 88 -6.33 4.66 7.71
CA SER A 88 -7.20 3.67 7.17
C SER A 88 -8.61 4.06 7.53
N ASP A 89 -8.70 4.61 8.72
CA ASP A 89 -9.82 5.32 9.28
C ASP A 89 -9.44 5.53 10.71
N GLY A 90 -8.13 5.63 10.94
CA GLY A 90 -7.72 5.49 12.28
C GLY A 90 -7.23 6.70 12.81
N ASP A 91 -6.15 7.03 12.31
CA ASP A 91 -5.41 8.18 12.76
C ASP A 91 -4.39 8.49 11.76
N ALA A 92 -4.32 9.72 11.37
CA ALA A 92 -3.39 10.12 10.35
C ALA A 92 -2.02 10.25 10.95
N LYS A 93 -1.26 9.23 10.77
CA LYS A 93 0.07 9.18 11.29
C LYS A 93 0.94 8.64 10.23
N LEU A 94 2.18 8.96 10.26
CA LEU A 94 3.09 8.37 9.35
C LEU A 94 3.94 7.37 10.03
N GLU A 95 3.93 6.22 9.48
CA GLU A 95 4.55 5.14 9.99
C GLU A 95 5.06 4.46 8.82
N GLN A 96 5.92 3.63 9.06
CA GLN A 96 6.51 2.97 8.08
C GLN A 96 5.93 1.62 8.18
N LEU A 97 5.27 1.27 7.20
CA LEU A 97 4.64 0.05 7.10
C LEU A 97 5.26 -0.73 5.98
N ALA A 98 5.43 -1.99 6.19
CA ALA A 98 5.99 -2.86 5.21
C ALA A 98 4.95 -3.86 4.82
N ALA A 99 5.08 -4.42 3.65
CA ALA A 99 4.16 -5.42 3.22
C ALA A 99 4.85 -6.39 2.28
N LYS A 100 4.60 -7.66 2.48
CA LYS A 100 5.15 -8.64 1.71
C LYS A 100 4.10 -9.49 1.21
N PHE A 101 4.35 -9.90 0.10
CA PHE A 101 3.53 -10.86 -0.57
C PHE A 101 4.16 -12.22 -0.42
N LYS A 102 3.40 -13.24 -0.68
CA LYS A 102 3.78 -14.64 -0.45
C LYS A 102 5.11 -15.04 -1.12
N THR A 103 5.37 -14.51 -2.28
CA THR A 103 6.58 -14.82 -3.02
C THR A 103 7.11 -13.53 -3.61
N PRO A 104 8.41 -13.45 -4.01
CA PRO A 104 8.94 -12.27 -4.71
C PRO A 104 8.26 -12.03 -6.02
N GLU A 105 7.53 -12.95 -6.46
CA GLU A 105 6.78 -12.81 -7.68
C GLU A 105 5.67 -11.82 -7.45
N LEU A 106 4.98 -12.06 -6.36
CA LEU A 106 3.85 -11.29 -5.97
C LEU A 106 4.33 -9.99 -5.43
N ALA A 107 5.32 -10.15 -4.59
CA ALA A 107 5.97 -9.07 -3.95
C ALA A 107 6.67 -8.21 -4.97
N GLU A 108 7.42 -8.80 -5.92
CA GLU A 108 8.22 -7.94 -6.83
C GLU A 108 7.37 -7.19 -7.81
N GLU A 109 6.49 -7.90 -8.48
CA GLU A 109 5.65 -7.31 -9.52
C GLU A 109 4.81 -6.17 -8.98
N PHE A 110 4.30 -6.34 -7.78
CA PHE A 110 3.51 -5.32 -7.13
C PHE A 110 4.34 -4.05 -6.93
N LYS A 111 5.50 -4.22 -6.35
CA LYS A 111 6.35 -3.08 -5.98
C LYS A 111 6.83 -2.33 -7.20
N GLN A 112 7.21 -3.07 -8.22
CA GLN A 112 7.68 -2.51 -9.48
C GLN A 112 6.65 -1.67 -10.12
N LYS A 113 5.46 -2.23 -10.25
CA LYS A 113 4.38 -1.57 -10.91
C LYS A 113 4.04 -0.35 -10.14
N PHE A 114 4.14 -0.48 -8.86
CA PHE A 114 3.79 0.61 -7.96
C PHE A 114 4.72 1.82 -7.88
N GLU A 115 6.03 1.62 -7.77
CA GLU A 115 6.96 2.76 -7.84
C GLU A 115 6.93 3.34 -9.27
N GLU A 116 6.64 2.46 -10.24
CA GLU A 116 6.36 2.87 -11.58
C GLU A 116 5.15 3.79 -11.59
N CYS A 117 4.05 3.38 -10.92
CA CYS A 117 2.89 4.15 -10.84
C CYS A 117 3.16 5.46 -10.20
N GLN A 118 4.09 5.51 -9.24
CA GLN A 118 4.38 6.77 -8.60
C GLN A 118 4.84 7.74 -9.65
N ARG A 119 5.82 7.36 -10.42
CA ARG A 119 6.34 8.22 -11.47
C ARG A 119 5.46 8.38 -12.69
N LEU A 120 5.02 7.30 -13.12
CA LEU A 120 4.28 7.18 -14.33
C LEU A 120 2.81 7.60 -14.30
N LEU A 121 2.07 7.17 -13.27
CA LEU A 121 0.56 7.31 -13.17
C LEU A 121 0.11 8.76 -13.18
N LEU A 122 1.04 9.58 -12.91
CA LEU A 122 0.91 10.98 -12.73
C LEU A 122 0.43 11.75 -13.96
N ASP A 123 0.93 11.42 -15.11
CA ASP A 123 0.66 12.25 -16.29
C ASP A 123 -0.18 11.52 -17.27
N ILE A 124 -0.32 10.27 -17.03
CA ILE A 124 -0.94 9.39 -17.92
C ILE A 124 -2.31 8.93 -17.41
N PRO A 125 -3.25 8.69 -18.33
CA PRO A 125 -4.59 8.19 -17.97
C PRO A 125 -4.51 6.84 -17.28
N LEU A 126 -5.51 6.53 -16.46
CA LEU A 126 -5.56 5.27 -15.71
C LEU A 126 -5.61 4.10 -16.68
N GLN A 127 -6.52 4.20 -17.62
CA GLN A 127 -6.69 3.24 -18.68
C GLN A 127 -6.96 3.98 -19.97
N THR A 128 -6.96 3.27 -21.06
CA THR A 128 -7.20 3.86 -22.35
C THR A 128 -8.71 4.10 -22.55
N PRO A 129 -9.11 5.35 -22.84
CA PRO A 129 -10.51 5.71 -23.03
C PRO A 129 -11.09 5.15 -24.32
N LYS A 130 -12.20 4.53 -24.20
CA LYS A 130 -12.94 3.97 -25.30
C LYS A 130 -14.29 3.55 -24.78
#